data_6GN4
#
_entry.id   6GN4
#
loop_
_entity.id
_entity.type
_entity.pdbx_description
1 polymer "Tc-DNA (5'-D(*(TCJ)P*(TTK)P*(TCJ)P*(TCS)P*(TCS)P*(TCJ)P*(TTK)P*(TTK)P*(TCY)P*(TCJ))-3')"
2 polymer "Tc-DNA (5'-D(*(TCS)P*(TTK)P*(TCY)P*(TCY)P*(TCS)P*(TCJ)P*(TCJ)P*(TCS)P*(TCY)P*(TCS))-3')"
#
loop_
_entity_poly.entity_id
_entity_poly.type
_entity_poly.pdbx_seq_one_letter_code
_entity_poly.pdbx_strand_id
1 'polydeoxyribonucleotide' (F7H)(EAN)(TCJ)(F4Q)(F4Q)(TCJ)(EAN)(EAN)(TCY)(TCJ) A
2 'polydeoxyribonucleotide' (F7K)(EAN)(TCY)(TCY)(F4Q)(TCJ)(TCJ)(F4Q)(TCY)(F4Q) B
#
loop_
_chem_comp.id
_chem_comp.type
_chem_comp.name
_chem_comp.formula
EAN DNA linking '[(1~{S},2~{R},4~{R},6~{S},8~{R})-8-[5-methyl-2,4-bis(oxidanylidene)pyrimidin-1-yl]-6-oxidanyl-9-oxatricyclo[4.3.0.0^{2,4}]nonan-2-yl] dihydrogen phosphate' 'C13 H17 N2 O8 P'
F4Q DNA linking '[(1~{S},2~{R},4~{R},6~{S},8~{R})-8-(2-azanyl-6-oxidanylidene-1~{H}-purin-9-yl)-6-oxidanyl-9-oxatricyclo[4.3.0.0^{2,4}]nonan-2-yl] dihydrogen phosphate' 'C13 H16 N5 O7 P'
F7H DNA linking 4-azanyl-1-[(1~{S},2~{R},4~{S},6~{S},8~{R})-2,6-bis(oxidanyl)-9-oxatricyclo[4.3.0.0^{2,4}]nonan-8-yl]-5-methyl-pyrimidin-2-one 'C13 H17 N3 O4'
F7K DNA linking 2-azanyl-9-[(1~{S},2~{R},4~{S},6~{S},8~{R})-2,6-bis(oxidanyl)-9-oxatricyclo[4.3.0.0^{2,4}]nonan-8-yl]-1~{H}-purin-6-one 'C13 H15 N5 O4'
TCJ DNA linking '[(1~{S},2~{R},4~{R},6~{S},8~{R})-8-(4-azanyl-5-methyl-2-oxidanylidene-pyrimidin-1-yl)-6-oxidanyl-9-oxatricyclo[4.3.0.0^{2,4}]nonan-2-yl] dihydrogen phosphate' 'C13 H18 N3 O7 P'
TCY DNA linking '(2R,3aS,4aR,5aR,5bS)-2-(6-amino-9H-purin-9-yl)-3a-hydroxyhexahydrocyclopropa[4,5]cyclopenta[1,2-b]furan-5a(4H)-yl dihydrogen phosphate' 'C13 H16 N5 O6 P'
#
# COMPACT_ATOMS: atom_id res chain seq x y z
O5' F7H A 1 13.58 -4.99 9.32
C5' F7H A 1 12.54 -4.32 9.98
C4' F7H A 1 12.78 -2.89 10.44
O4' F7H A 1 13.67 -2.23 9.54
C1' F7H A 1 13.18 -0.90 9.28
N1 F7H A 1 13.21 -0.63 7.81
C6 F7H A 1 13.18 -1.65 6.87
C5 F7H A 1 13.21 -1.40 5.53
C7 F7H A 1 13.17 -2.50 4.50
C4 F7H A 1 13.26 0.00 5.13
N4 F7H A 1 13.28 0.34 3.83
N3 F7H A 1 13.28 0.99 6.05
C2 F7H A 1 13.26 0.72 7.40
O2 F7H A 1 13.28 1.62 8.22
C3' F7H A 1 11.44 -2.17 10.43
C2' F7H A 1 11.76 -0.79 9.84
C7' F7H A 1 10.51 -3.04 9.55
C6' F7H A 1 11.14 -4.41 9.42
C8' F7H A 1 11.49 -5.11 10.71
O3' F7H A 1 10.94 -2.07 11.74
HO5' F7H A 1 13.34 -5.15 8.40
H4' F7H A 1 13.19 -2.90 11.45
H1' F7H A 1 13.82 -0.18 9.79
H6 F7H A 1 13.14 -2.68 7.20
H71 F7H A 1 12.56 -2.19 3.65
H72 F7H A 1 12.74 -3.41 4.93
H73 F7H A 1 14.19 -2.71 4.16
H41 F7H A 1 13.33 1.31 3.56
H42 F7H A 1 13.26 -0.39 3.13
H2' F7H A 1 11.05 -0.51 9.06
H2'' F7H A 1 11.74 -0.03 10.62
H7' F7H A 1 10.39 -2.60 8.55
H7'' F7H A 1 9.52 -3.13 10.01
H6' F7H A 1 10.96 -5.00 8.54
H8' F7H A 1 11.12 -4.67 11.65
H8'' F7H A 1 11.59 -6.19 10.69
C7 EAN A 2 9.46 -0.82 5.59
C6 EAN A 2 9.53 1.10 7.21
C5 EAN A 2 9.60 0.66 5.91
C4 EAN A 2 9.83 1.60 4.82
C2 EAN A 2 9.87 3.41 6.53
P EAN A 2 9.62 -1.21 12.12
O1P EAN A 2 10.05 0.02 12.84
O2P EAN A 2 8.65 -2.14 12.77
O5' EAN A 2 9.00 -0.77 10.70
C5' EAN A 2 8.07 0.30 10.67
C4' EAN A 2 8.61 1.73 10.69
O4' EAN A 2 9.77 1.82 9.86
C1' EAN A 2 9.64 2.93 8.95
N1 EAN A 2 9.68 2.45 7.54
O4 EAN A 2 9.94 1.30 3.63
N3 EAN A 2 9.94 2.94 5.22
O2 EAN A 2 9.99 4.61 6.79
C3' EAN A 2 7.55 2.63 10.12
C2' EAN A 2 8.32 3.63 9.26
C7' EAN A 2 6.60 1.71 9.30
C6' EAN A 2 6.88 0.29 9.77
C8' EAN A 2 6.70 0.05 11.23
O3' EAN A 2 6.86 3.27 11.20
H73 EAN A 2 10.11 -1.08 4.76
H71 EAN A 2 8.42 -1.02 5.32
H72 EAN A 2 9.73 -1.43 6.46
H6 EAN A 2 9.34 0.39 8.00
H4' EAN A 2 8.85 2.02 11.71
H1' EAN A 2 10.47 3.63 9.12
H3 EAN A 2 10.08 3.63 4.50
H2' EAN A 2 7.77 3.88 8.35
H2'' EAN A 2 8.53 4.54 9.83
H7' EAN A 2 6.82 1.79 8.23
H7'' EAN A 2 5.57 1.97 9.49
H6' EAN A 2 6.74 -0.54 9.06
H8' EAN A 2 6.28 0.85 11.85
H8'' EAN A 2 6.50 -0.97 11.57
P TCJ A 3 5.90 4.58 11.02
O1P TCJ A 3 6.76 5.78 11.05
O2P TCJ A 3 4.78 4.46 11.97
O5' TCJ A 3 5.33 4.41 9.53
C5' TCJ A 3 4.60 5.46 8.94
C4' TCJ A 3 5.35 6.64 8.37
O4' TCJ A 3 6.61 6.18 7.85
C1' TCJ A 3 6.74 6.56 6.48
N1 TCJ A 3 6.73 5.35 5.60
C6 TCJ A 3 6.27 4.11 6.05
C5 TCJ A 3 6.27 3.01 5.23
C7 TCJ A 3 5.77 1.66 5.70
C4 TCJ A 3 6.74 3.20 3.87
N4 TCJ A 3 6.76 2.18 3.01
N3 TCJ A 3 7.20 4.41 3.45
C2 TCJ A 3 7.20 5.50 4.28
O2 TCJ A 3 7.62 6.59 3.89
C3' TCJ A 3 4.54 7.23 7.23
C2' TCJ A 3 5.57 7.47 6.13
C7' TCJ A 3 3.50 6.13 6.86
C6' TCJ A 3 3.47 5.14 8.01
C8' TCJ A 3 3.18 5.69 9.37
O3' TCJ A 3 3.89 8.44 7.64
H4' TCJ A 3 5.51 7.40 9.14
H1' TCJ A 3 7.68 7.10 6.34
H6 TCJ A 3 5.90 4.02 7.05
H73 TCJ A 3 6.62 1.05 5.98
H71 TCJ A 3 5.22 1.17 4.91
H72 TCJ A 3 5.12 1.78 6.57
H41 TCJ A 3 7.09 2.31 2.06
H42 TCJ A 3 6.43 1.27 3.31
H2' TCJ A 3 5.17 7.26 5.15
H2'' TCJ A 3 5.91 8.51 6.17
H7' TCJ A 3 3.78 5.61 5.95
H7'' TCJ A 3 2.51 6.56 6.76
H6' TCJ A 3 3.23 4.09 7.80
H8' TCJ A 3 2.86 6.74 9.44
H8'' TCJ A 3 2.79 5.02 10.13
C8 F4Q A 4 3.59 6.28 3.14
C2 F4Q A 4 4.63 5.23 -1.00
C4 F4Q A 4 4.14 6.08 1.05
C5 F4Q A 4 3.97 4.84 1.64
C6 F4Q A 4 4.16 3.65 0.86
P F4Q A 4 3.18 9.48 6.60
O1P F4Q A 4 4.24 10.31 5.97
O2P F4Q A 4 2.06 10.14 7.31
O5' F4Q A 4 2.57 8.52 5.47
C5' F4Q A 4 1.80 9.01 4.40
C4' F4Q A 4 2.52 9.68 3.24
O4' F4Q A 4 3.83 9.11 3.11
C1' F4Q A 4 3.97 8.48 1.84
N9 F4Q A 4 3.90 7.01 2.03
N7 F4Q A 4 3.62 4.99 2.98
O6 F4Q A 4 4.09 2.48 1.23
N1 F4Q A 4 4.49 3.95 -0.48
N2 F4Q A 4 4.92 5.32 -2.31
N3 F4Q A 4 4.48 6.35 -0.25
C3' F4Q A 4 1.74 9.39 1.96
C2' F4Q A 4 2.81 8.94 0.97
C7' F4Q A 4 0.72 8.28 2.33
C6' F4Q A 4 0.70 8.15 3.84
C8' F4Q A 4 0.37 9.39 4.61
O3' F4Q A 4 1.07 10.57 1.52
H8 F4Q A 4 3.33 6.74 4.08
H4' F4Q A 4 2.59 10.76 3.41
H1' F4Q A 4 4.92 8.75 1.38
H1 F4Q A 4 4.61 3.16 -1.10
H22 F4Q A 4 5.04 6.23 -2.72
H21 F4Q A 4 5.03 4.49 -2.86
H2' F4Q A 4 2.44 8.15 0.32
H2'' F4Q A 4 3.14 9.79 0.37
H7' F4Q A 4 1.02 7.32 1.91
H7'' F4Q A 4 -0.28 8.54 1.98
H6' F4Q A 4 0.51 7.18 4.29
H8' F4Q A 4 0.01 10.27 4.06
H8'' F4Q A 4 -0.02 9.27 5.63
C8 F4Q A 5 1.04 5.71 -0.69
C2 F4Q A 5 1.95 2.38 -3.44
C4 F4Q A 5 1.55 4.29 -2.27
C5 F4Q A 5 1.23 3.64 -1.09
C6 F4Q A 5 1.26 2.20 -1.06
P F4Q A 5 0.42 10.73 0.03
O1P F4Q A 5 1.49 11.14 -0.90
O2P F4Q A 5 -0.81 11.55 0.15
O5' F4Q A 5 -0.04 9.23 -0.36
C5' F4Q A 5 -0.57 8.97 -1.65
C4' F4Q A 5 0.39 8.68 -2.79
O4' F4Q A 5 1.54 7.98 -2.29
C1' F4Q A 5 1.69 6.73 -2.97
N9 F4Q A 5 1.44 5.63 -2.00
N7 F4Q A 5 0.90 4.55 -0.11
O6 F4Q A 5 1.01 1.46 -0.10
N1 F4Q A 5 1.64 1.64 -2.29
N2 F4Q A 5 2.28 1.69 -4.53
N3 F4Q A 5 1.93 3.73 -3.46
C3' F4Q A 5 -0.33 7.78 -3.80
C2' F4Q A 5 0.69 6.69 -4.12
C7' F4Q A 5 -1.60 7.26 -3.08
C6' F4Q A 5 -1.77 8.08 -1.80
C8' F4Q A 5 -1.90 9.56 -2.00
O3' F4Q A 5 -0.66 8.55 -4.95
H8 F4Q A 5 0.85 6.64 -0.20
H4' F4Q A 5 0.70 9.61 -3.27
H1' F4Q A 5 2.71 6.64 -3.35
H1 F4Q A 5 1.68 0.64 -2.36
H22 F4Q A 5 2.53 2.18 -5.38
H21 F4Q A 5 2.30 0.68 -4.51
H2' F4Q A 5 0.21 5.71 -4.19
H2'' F4Q A 5 1.21 6.91 -5.04
H7' F4Q A 5 -1.51 6.21 -2.81
H7'' F4Q A 5 -2.47 7.41 -3.71
H6' F4Q A 5 -2.21 7.62 -0.92
H8' F4Q A 5 -2.00 9.94 -3.02
H8'' F4Q A 5 -2.40 10.14 -1.22
P TCJ A 6 -1.14 7.89 -6.35
O1P TCJ A 6 0.07 7.61 -7.17
O2P TCJ A 6 -2.21 8.75 -6.91
O5' TCJ A 6 -1.79 6.49 -5.91
C5' TCJ A 6 -2.30 5.60 -6.89
C4' TCJ A 6 -1.36 4.59 -7.51
O4' TCJ A 6 -0.43 4.10 -6.54
C1' TCJ A 6 -0.45 2.67 -6.48
N1 TCJ A 6 -0.90 2.21 -5.11
C6 TCJ A 6 -1.47 3.08 -4.19
C5 TCJ A 6 -1.87 2.65 -2.96
C7 TCJ A 6 -2.49 3.59 -1.95
C4 TCJ A 6 -1.66 1.25 -2.65
N4 TCJ A 6 -2.00 0.74 -1.46
N3 TCJ A 6 -1.11 0.40 -3.56
C2 TCJ A 6 -0.72 0.84 -4.81
O2 TCJ A 6 -0.24 0.08 -5.63
C3' TCJ A 6 -2.19 3.40 -7.99
C2' TCJ A 6 -1.40 2.18 -7.57
C7' TCJ A 6 -3.56 3.54 -7.27
C6' TCJ A 6 -3.63 4.96 -6.70
C8' TCJ A 6 -3.48 6.06 -7.70
O3' TCJ A 6 -2.35 3.48 -9.41
H4' TCJ A 6 -0.82 5.02 -8.35
H1' TCJ A 6 0.55 2.28 -6.67
H6 TCJ A 6 -1.61 4.12 -4.45
H73 TCJ A 6 -3.01 4.40 -2.47
H71 TCJ A 6 -1.71 4.02 -1.32
H72 TCJ A 6 -3.21 3.06 -1.33
H41 TCJ A 6 -1.86 -0.23 -1.25
H42 TCJ A 6 -2.43 1.36 -0.77
H2' TCJ A 6 -2.05 1.39 -7.20
H2'' TCJ A 6 -0.82 1.80 -8.40
H7' TCJ A 6 -3.65 2.83 -6.45
H7'' TCJ A 6 -4.39 3.40 -7.98
H6' TCJ A 6 -4.21 5.13 -5.79
H8' TCJ A 6 -3.46 5.79 -8.77
H8'' TCJ A 6 -3.90 7.03 -7.46
C7 EAN A 7 -5.20 1.37 -4.69
C6 EAN A 7 -4.05 -0.39 -6.05
C5 EAN A 7 -4.62 -0.02 -4.87
C4 EAN A 7 -4.67 -0.97 -3.74
C2 EAN A 7 -3.53 -2.62 -5.22
P EAN A 7 -2.91 2.27 -10.31
O1P EAN A 7 -1.76 1.41 -10.70
O2P EAN A 7 -3.80 2.84 -11.35
O5' EAN A 7 -3.83 1.43 -9.29
C5' EAN A 7 -4.35 0.20 -9.68
C4' EAN A 7 -3.49 -1.04 -9.56
O4' EAN A 7 -2.67 -0.93 -8.38
C1' EAN A 7 -2.86 -2.07 -7.54
N1 EAN A 7 -3.50 -1.66 -6.24
O4 EAN A 7 -5.15 -0.73 -2.64
N3 EAN A 7 -4.12 -2.22 -4.01
O2 EAN A 7 -3.06 -3.75 -5.36
C3' EAN A 7 -4.39 -2.25 -9.40
C2' EAN A 7 -3.73 -3.07 -8.29
C7' EAN A 7 -5.79 -1.68 -9.01
C6' EAN A 7 -5.75 -0.19 -9.31
C8' EAN A 7 -5.44 0.18 -10.72
O3' EAN A 7 -4.42 -2.95 -10.65
H73 EAN A 7 -4.41 2.05 -4.34
H71 EAN A 7 -6.00 1.34 -3.95
H72 EAN A 7 -5.60 1.73 -5.63
H6 EAN A 7 -4.04 0.32 -6.86
H4' EAN A 7 -2.85 -1.14 -10.43
H1' EAN A 7 -1.89 -2.52 -7.32
H3 EAN A 7 -4.15 -2.90 -3.27
H2' EAN A 7 -4.48 -3.53 -7.63
H2'' EAN A 7 -3.09 -3.84 -8.72
H7' EAN A 7 -5.99 -1.84 -7.96
H7'' EAN A 7 -6.57 -2.13 -9.62
H6' EAN A 7 -6.35 0.49 -8.69
H8' EAN A 7 -5.39 -0.61 -11.47
H8'' EAN A 7 -5.77 1.16 -11.08
C7 EAN A 8 -7.91 -1.63 -6.06
C6 EAN A 8 -7.05 -3.98 -6.19
C5 EAN A 8 -7.51 -2.95 -5.42
C4 EAN A 8 -7.61 -3.10 -3.97
C2 EAN A 8 -6.74 -5.41 -4.24
P EAN A 8 -5.03 -4.47 -10.83
O1P EAN A 8 -4.13 -5.43 -10.16
O2P EAN A 8 -5.35 -4.65 -12.26
O5' EAN A 8 -6.41 -4.42 -10.02
C5' EAN A 8 -7.11 -5.61 -9.75
C4' EAN A 8 -6.52 -6.60 -8.77
O4' EAN A 8 -5.79 -5.90 -7.76
C1' EAN A 8 -6.18 -6.35 -6.46
N1 EAN A 8 -6.67 -5.20 -5.63
O4 EAN A 8 -8.01 -2.22 -3.20
N3 EAN A 8 -7.22 -4.34 -3.48
O2 EAN A 8 -6.41 -6.48 -3.70
C3' EAN A 8 -7.66 -7.36 -8.12
C2' EAN A 8 -7.28 -7.40 -6.63
C7' EAN A 8 -8.93 -6.53 -8.43
C6' EAN A 8 -8.59 -5.55 -9.53
C8' EAN A 8 -8.05 -6.14 -10.79
O3' EAN A 8 -7.75 -8.67 -8.67
H73 EAN A 8 -7.07 -0.95 -6.04
H71 EAN A 8 -8.74 -1.20 -5.50
H72 EAN A 8 -8.22 -1.79 -7.09
H6 EAN A 8 -6.98 -3.86 -7.26
H4' EAN A 8 -5.85 -7.29 -9.29
H1' EAN A 8 -5.32 -6.81 -5.96
H3 EAN A 8 -7.27 -4.48 -2.48
H2' EAN A 8 -8.15 -7.19 -6.00
H2'' EAN A 8 -6.88 -8.38 -6.38
H7' EAN A 8 -9.28 -5.97 -7.55
H7'' EAN A 8 -9.74 -7.18 -8.77
H6' EAN A 8 -9.10 -4.58 -9.56
H8' EAN A 8 -8.08 -7.23 -10.91
H8'' EAN A 8 -8.14 -5.56 -11.72
O1P TCY A 9 -7.91 -10.65 -7.12
P TCY A 9 -8.72 -9.81 -8.03
O2P TCY A 9 -9.47 -10.44 -9.14
C8' TCY A 9 -12.02 -9.97 -7.59
O5' TCY A 9 -9.75 -8.95 -7.13
C5' TCY A 9 -10.95 -9.50 -6.63
C6' TCY A 9 -12.23 -8.71 -6.80
C4' TCY A 9 -10.96 -10.09 -5.24
C3' TCY A 9 -12.34 -9.88 -4.63
C7' TCY A 9 -13.05 -8.84 -5.53
O3' TCY A 9 -13.06 -11.11 -4.62
C2' TCY A 9 -12.06 -9.39 -3.21
C1' TCY A 9 -10.62 -8.88 -3.26
O4' TCY A 9 -10.00 -9.41 -4.43
N9 TCY A 9 -10.61 -7.40 -3.33
C4 TCY A 9 -10.77 -6.54 -2.27
N3 TCY A 9 -10.97 -6.89 -0.97
C2 TCY A 9 -11.11 -5.81 -0.19
N1 TCY A 9 -11.05 -4.52 -0.55
C6 TCY A 9 -10.85 -4.20 -1.86
N6 TCY A 9 -10.82 -2.91 -2.21
C5 TCY A 9 -10.69 -5.27 -2.79
N7 TCY A 9 -10.47 -5.31 -4.16
C8 TCY A 9 -10.43 -6.59 -4.43
H8' TCY A 9 -12.58 -10.86 -7.29
H8'A TCY A 9 -11.80 -9.87 -8.65
H6' TCY A 9 -12.19 -7.75 -7.31
H4' TCY A 9 -10.72 -11.16 -5.28
H7' TCY A 9 -13.10 -7.87 -5.04
H7'A TCY A 9 -14.06 -9.17 -5.79
H2' TCY A 9 -12.76 -8.60 -2.92
H2'A TCY A 9 -12.13 -10.22 -2.50
H1' TCY A 9 -10.08 -9.20 -2.37
H2 TCY A 9 -11.30 -5.99 0.85
HN6 TCY A 9 -10.93 -2.19 -1.52
HN6A TCY A 9 -10.67 -2.65 -3.17
H8 TCY A 9 -10.28 -6.97 -5.43
P TCJ A 10 -14.44 -11.32 -3.79
O1P TCJ A 10 -14.09 -11.79 -2.42
O2P TCJ A 10 -15.37 -12.11 -4.62
O5' TCJ A 10 -15.04 -9.83 -3.66
C5' TCJ A 10 -16.11 -9.56 -2.78
C4' TCJ A 10 -15.81 -9.35 -1.32
O4' TCJ A 10 -14.56 -8.66 -1.16
C1' TCJ A 10 -14.75 -7.47 -0.38
N1 TCJ A 10 -14.53 -6.25 -1.22
C6 TCJ A 10 -14.53 -6.29 -2.61
C5 TCJ A 10 -14.37 -5.16 -3.35
C7 TCJ A 10 -14.37 -5.18 -4.87
C4 TCJ A 10 -14.22 -3.91 -2.63
N4 TCJ A 10 -14.08 -2.75 -3.30
N3 TCJ A 10 -14.21 -3.87 -1.28
C2 TCJ A 10 -14.35 -5.03 -0.54
O2 TCJ A 10 -14.30 -5.00 0.69
C3' TCJ A 10 -16.91 -8.47 -0.73
C2' TCJ A 10 -16.18 -7.49 0.17
C7' TCJ A 10 -17.60 -7.80 -1.95
C6' TCJ A 10 -17.19 -8.59 -3.19
C8' TCJ A 10 -17.48 -10.06 -3.16
O3' TCJ A 10 -17.84 -9.25 0.01
H4' TCJ A 10 -15.78 -10.31 -0.79
H1' TCJ A 10 -14.04 -7.47 0.46
H6 TCJ A 10 -14.65 -7.24 -3.11
H73 TCJ A 10 -15.02 -4.40 -5.25
H71 TCJ A 10 -14.72 -6.16 -5.23
H72 TCJ A 10 -13.35 -5.02 -5.23
H41 TCJ A 10 -13.97 -1.89 -2.79
H42 TCJ A 10 -14.08 -2.75 -4.31
H2' TCJ A 10 -16.63 -6.49 0.13
H2'' TCJ A 10 -16.17 -7.85 1.20
H7' TCJ A 10 -17.28 -6.76 -2.07
H7'' TCJ A 10 -18.69 -7.84 -1.83
H6' TCJ A 10 -17.12 -8.07 -4.15
H8' TCJ A 10 -18.09 -10.45 -2.34
H8'' TCJ A 10 -17.56 -10.58 -4.11
H3T TCJ A 10 -18.51 -8.67 0.38
C8 F7K B 1 -15.10 2.87 1.22
C2 F7K B 1 -15.00 -1.52 1.62
C4 F7K B 1 -15.19 0.74 1.71
C5 F7K B 1 -14.62 0.94 0.47
C6 F7K B 1 -14.18 -0.19 -0.31
O5' F7K B 1 -15.11 6.12 3.16
C5' F7K B 1 -14.60 5.30 4.18
C4' F7K B 1 -15.47 4.17 4.71
O4' F7K B 1 -16.31 3.67 3.65
C1' F7K B 1 -16.13 2.26 3.51
N9 F7K B 1 -15.50 1.99 2.19
N7 F7K B 1 -14.57 2.31 0.17
O6 F7K B 1 -13.66 -0.18 -1.42
N1 F7K B 1 -14.42 -1.40 0.36
N2 F7K B 1 -15.15 -2.76 2.12
N3 F7K B 1 -15.42 -0.45 2.34
C3' F7K B 1 -14.57 3.05 5.18
C2' F7K B 1 -15.23 1.78 4.65
C7' F7K B 1 -13.18 3.34 4.55
C6' F7K B 1 -13.19 4.77 4.06
C8' F7K B 1 -13.52 5.81 5.08
O3' F7K B 1 -14.50 3.07 6.61
H8 F7K B 1 -15.22 3.94 1.32
HO5' F7K B 1 -15.84 6.64 3.51
H4' F7K B 1 -16.08 4.53 5.54
H1' F7K B 1 -17.09 1.76 3.57
H1 F7K B 1 -14.14 -2.25 -0.11
H21 F7K B 1 -14.84 -3.55 1.58
H22 F7K B 1 -15.57 -2.90 3.02
H2'' F7K B 1 -15.84 1.32 5.43
H2' F7K B 1 -14.49 1.06 4.31
H7'' F7K B 1 -12.39 3.22 5.29
H7' F7K B 1 -12.98 2.67 3.70
H6' F7K B 1 -12.59 5.04 3.20
H8'' F7K B 1 -13.19 6.84 4.90
H8' F7K B 1 -13.58 5.51 6.12
C7 EAN B 2 -11.12 1.13 2.22
C6 EAN B 2 -11.96 -0.78 3.59
C5 EAN B 2 -11.42 -0.34 2.42
C4 EAN B 2 -11.14 -1.27 1.33
C2 EAN B 2 -12.02 -3.08 2.81
P EAN B 2 -13.90 1.84 7.49
O1P EAN B 2 -13.18 2.41 8.64
O2P EAN B 2 -14.98 0.86 7.73
O5' EAN B 2 -12.82 1.15 6.51
C5' EAN B 2 -11.98 0.14 7.01
C4' EAN B 2 -12.50 -1.29 7.02
O4' EAN B 2 -13.33 -1.52 5.88
C1' EAN B 2 -12.82 -2.62 5.10
N1 EAN B 2 -12.25 -2.13 3.81
O4 EAN B 2 -10.67 -0.97 0.24
N3 EAN B 2 -11.47 -2.60 1.61
O2 EAN B 2 -12.27 -4.28 2.96
C3' EAN B 2 -11.30 -2.23 6.95
C2' EAN B 2 -11.73 -3.29 5.94
C7' EAN B 2 -10.11 -1.37 6.47
C6' EAN B 2 -10.52 0.10 6.62
C8' EAN B 2 -10.92 0.51 8.00
O3' EAN B 2 -11.06 -2.79 8.23
H73 EAN B 2 -10.92 1.62 3.19
H71 EAN B 2 -11.96 1.63 1.72
H72 EAN B 2 -10.22 1.23 1.59
H6 EAN B 2 -12.14 -0.06 4.38
H4' EAN B 2 -13.06 -1.47 7.94
H1' EAN B 2 -13.62 -3.33 4.90
H3 EAN B 2 -11.30 -3.28 0.89
H2' EAN B 2 -10.90 -3.61 5.32
H2'' EAN B 2 -12.15 -4.16 6.46
H7' EAN B 2 -9.87 -1.56 5.42
H7'' EAN B 2 -9.23 -1.55 7.08
H6' EAN B 2 -10.13 0.84 5.93
H8' EAN B 2 -10.76 -0.20 8.82
H8'' EAN B 2 -10.86 1.56 8.26
O1P TCY B 3 -9.27 -3.76 9.70
P TCY B 3 -10.05 -4.03 8.47
O2P TCY B 3 -10.83 -5.29 8.36
C8' TCY B 3 -6.87 -4.83 8.04
O5' TCY B 3 -9.05 -3.96 7.21
C5' TCY B 3 -8.02 -4.91 7.08
C6' TCY B 3 -6.66 -4.48 6.60
C4' TCY B 3 -8.35 -6.25 6.47
C3' TCY B 3 -7.08 -6.79 5.80
C7' TCY B 3 -6.10 -5.60 5.72
O3' TCY B 3 -6.56 -7.86 6.59
C2' TCY B 3 -7.57 -7.27 4.44
C1' TCY B 3 -8.87 -6.51 4.19
O4' TCY B 3 -9.36 -6.09 5.47
N9 TCY B 3 -8.62 -5.30 3.35
C4 TCY B 3 -8.37 -5.31 2.00
N3 TCY B 3 -8.29 -6.40 1.19
C2 TCY B 3 -8.00 -6.04 -0.07
N1 TCY B 3 -7.84 -4.80 -0.58
C6 TCY B 3 -7.98 -3.73 0.26
N6 TCY B 3 -7.89 -2.49 -0.26
C5 TCY B 3 -8.23 -3.98 1.64
N7 TCY B 3 -8.38 -3.16 2.74
C8 TCY B 3 -8.61 -3.97 3.72
H8' TCY B 3 -6.48 -5.79 8.39
H8'A TCY B 3 -6.89 -4.03 8.77
H6' TCY B 3 -6.49 -3.44 6.32
H4' TCY B 3 -8.70 -6.94 7.23
H7' TCY B 3 -6.00 -5.22 4.70
H7'A TCY B 3 -5.12 -5.88 6.11
H2' TCY B 3 -6.84 -7.07 3.65
H2'A TCY B 3 -7.78 -8.34 4.46
H1' TCY B 3 -9.60 -7.15 3.71
H2 TCY B 3 -7.88 -6.85 -0.78
HN6 TCY B 3 -7.71 -2.37 -1.24
HN6A TCY B 3 -7.99 -1.68 0.34
H8 TCY B 3 -8.77 -3.64 4.74
O1P TCY B 4 -4.55 -9.22 7.22
P TCY B 4 -5.41 -8.86 6.06
O2P TCY B 4 -6.06 -9.95 5.28
C8' TCY B 4 -2.19 -8.70 5.33
O5' TCY B 4 -4.56 -7.96 5.05
C5' TCY B 4 -3.40 -8.49 4.47
C6' TCY B 4 -2.18 -7.62 4.30
C4' TCY B 4 -3.54 -9.35 3.24
C3' TCY B 4 -2.29 -9.18 2.38
C7' TCY B 4 -1.53 -7.95 2.98
O3' TCY B 4 -1.51 -10.36 2.47
C2' TCY B 4 -2.82 -8.95 0.98
C1' TCY B 4 -4.27 -8.49 1.18
O4' TCY B 4 -4.67 -8.93 2.47
N9 TCY B 4 -4.39 -7.01 1.12
C4 TCY B 4 -4.28 -6.24 -0.01
N3 TCY B 4 -4.03 -6.68 -1.29
C2 TCY B 4 -3.96 -5.65 -2.15
N1 TCY B 4 -4.14 -4.34 -1.90
C6 TCY B 4 -4.42 -3.95 -0.64
N6 TCY B 4 -4.66 -2.64 -0.40
C5 TCY B 4 -4.47 -4.93 0.38
N7 TCY B 4 -4.70 -4.87 1.75
C8 TCY B 4 -4.64 -6.12 2.14
H8' TCY B 4 -1.61 -9.60 5.13
H8'A TCY B 4 -2.29 -8.42 6.38
H6' TCY B 4 -2.22 -6.57 4.63
H4' TCY B 4 -3.66 -10.39 3.53
H7' TCY B 4 -1.59 -7.09 2.31
H7'A TCY B 4 -0.48 -8.21 3.14
H2' TCY B 4 -2.25 -8.19 0.44
H2'A TCY B 4 -2.81 -9.88 0.41
H1' TCY B 4 -4.92 -8.94 0.42
H2 TCY B 4 -3.74 -5.91 -3.18
HN6 TCY B 4 -4.61 -1.97 -1.16
HN6A TCY B 4 -4.88 -2.32 0.53
H8 TCY B 4 -4.77 -6.42 3.16
C8 F4Q B 5 -0.50 -6.12 -0.33
C2 F4Q B 5 -0.59 -3.27 -3.68
C4 F4Q B 5 -0.52 -4.97 -2.18
C5 F4Q B 5 -0.67 -4.14 -1.08
C6 F4Q B 5 -0.82 -2.73 -1.27
P F4Q B 5 -0.23 -10.65 1.54
O1P F4Q B 5 0.86 -11.16 2.41
O2P F4Q B 5 -0.67 -11.45 0.37
O5' F4Q B 5 0.21 -9.20 1.00
C5' F4Q B 5 1.25 -9.07 0.08
C4' F4Q B 5 0.93 -9.17 -1.40
O4' F4Q B 5 -0.36 -8.62 -1.65
C1' F4Q B 5 -0.26 -7.48 -2.50
N9 F4Q B 5 -0.43 -6.26 -1.69
N7 F4Q B 5 -0.66 -4.89 0.09
O6 F4Q B 5 -0.98 -1.87 -0.41
N1 F4Q B 5 -0.74 -2.37 -2.62
N2 F4Q B 5 -0.53 -2.75 -4.91
N3 F4Q B 5 -0.50 -4.61 -3.50
C3' F4Q B 5 1.96 -8.35 -2.17
C2' F4Q B 5 1.12 -7.52 -3.14
C7' F4Q B 5 2.70 -7.49 -1.10
C6' F4Q B 5 2.30 -8.02 0.26
C8' F4Q B 5 2.64 -9.46 0.51
O3' F4Q B 5 2.86 -9.22 -2.85
H8 F4Q B 5 -0.44 -6.96 0.35
H4' F4Q B 5 0.96 -10.22 -1.72
H1' F4Q B 5 -1.03 -7.51 -3.27
H1 F4Q B 5 -0.81 -1.38 -2.84
H22 F4Q B 5 -0.42 -3.36 -5.70
H21 F4Q B 5 -0.59 -1.75 -5.04
H2' F4Q B 5 1.53 -6.52 -3.27
H2'' F4Q B 5 1.06 -8.02 -4.10
H7' F4Q B 5 2.41 -6.44 -1.18
H7'' F4Q B 5 3.78 -7.58 -1.22
H6' F4Q B 5 2.23 -7.34 1.10
H8' F4Q B 5 3.25 -9.98 -0.22
H8'' F4Q B 5 2.75 -9.78 1.55
P TCJ B 6 3.88 -8.71 -3.99
O1P TCJ B 6 5.14 -9.46 -3.84
O2P TCJ B 6 3.17 -8.71 -5.29
O5' TCJ B 6 4.15 -7.16 -3.58
C5' TCJ B 6 4.97 -6.36 -4.39
C4' TCJ B 6 4.33 -5.59 -5.53
O4' TCJ B 6 3.01 -5.16 -5.15
C1' TCJ B 6 2.92 -3.73 -5.26
N1 TCJ B 6 2.83 -3.10 -3.89
C6 TCJ B 6 3.07 -3.83 -2.73
C5 TCJ B 6 2.98 -3.25 -1.50
C7 TCJ B 6 3.23 -4.04 -0.23
C4 TCJ B 6 2.64 -1.83 -1.46
N4 TCJ B 6 2.53 -1.19 -0.29
N3 TCJ B 6 2.42 -1.14 -2.60
C2 TCJ B 6 2.51 -1.73 -3.83
O2 TCJ B 6 2.32 -1.09 -4.86
C3' TCJ B 6 5.18 -4.37 -5.82
C2' TCJ B 6 4.16 -3.24 -6.00
C7' TCJ B 6 6.08 -4.19 -4.57
C6' TCJ B 6 6.02 -5.48 -3.77
C8' TCJ B 6 6.42 -6.71 -4.51
O3' TCJ B 6 5.95 -4.60 -6.99
H4' TCJ B 6 4.27 -6.23 -6.41
H1' TCJ B 6 2.02 -3.47 -5.84
H6 TCJ B 6 3.31 -4.88 -2.80
H73 TCJ B 6 3.64 -3.38 0.54
H71 TCJ B 6 3.94 -4.83 -0.42
H72 TCJ B 6 2.29 -4.47 0.12
H41 TCJ B 6 2.29 -0.21 -0.27
H42 TCJ B 6 2.69 -1.69 0.57
H2' TCJ B 6 4.54 -2.30 -5.58
H2'' TCJ B 6 3.94 -3.11 -7.05
H7' TCJ B 6 5.73 -3.37 -3.94
H7'' TCJ B 6 7.12 -4.01 -4.86
H6' TCJ B 6 6.11 -5.44 -2.69
H8' TCJ B 6 6.87 -6.59 -5.50
H8'' TCJ B 6 6.77 -7.56 -3.93
P TCJ B 7 6.72 -3.43 -7.80
O1P TCJ B 7 7.98 -4.00 -8.34
O2P TCJ B 7 5.75 -2.80 -8.73
O5' TCJ B 7 7.10 -2.35 -6.67
C5' TCJ B 7 7.73 -1.16 -7.02
C4' TCJ B 7 6.86 0.02 -7.45
O4' TCJ B 7 5.63 -0.01 -6.71
C1' TCJ B 7 5.45 1.21 -5.99
N1 TCJ B 7 5.56 0.96 -4.50
C6 TCJ B 7 6.06 -0.21 -3.97
C5 TCJ B 7 6.13 -0.42 -2.62
C7 TCJ B 7 6.69 -1.70 -2.03
C4 TCJ B 7 5.64 0.65 -1.76
N4 TCJ B 7 5.66 0.51 -0.44
N3 TCJ B 7 5.15 1.79 -2.29
C2 TCJ B 7 5.10 1.99 -3.65
O2 TCJ B 7 4.66 3.04 -4.12
C3' TCJ B 7 7.60 1.30 -7.11
C2' TCJ B 7 6.55 2.18 -6.45
C7' TCJ B 7 8.77 0.89 -6.16
C6' TCJ B 7 8.87 -0.63 -6.20
C8' TCJ B 7 9.12 -1.21 -7.56
O3' TCJ B 7 8.10 1.89 -8.31
H4' TCJ B 7 6.66 -0.03 -8.51
H1' TCJ B 7 4.48 1.63 -6.22
H6 TCJ B 7 6.41 -0.98 -4.64
H73 TCJ B 7 5.87 -2.38 -1.80
H71 TCJ B 7 7.23 -1.48 -1.12
H72 TCJ B 7 7.37 -2.18 -2.74
H41 TCJ B 7 5.32 1.26 0.15
H42 TCJ B 7 6.03 -0.33 -0.03
H2' TCJ B 7 6.96 2.74 -5.60
H2'' TCJ B 7 6.13 2.88 -7.17
H7' TCJ B 7 8.58 1.20 -5.13
H7'' TCJ B 7 9.71 1.31 -6.51
H6' TCJ B 7 9.18 -1.17 -5.32
H8' TCJ B 7 9.35 -0.53 -8.38
H8'' TCJ B 7 9.58 -2.21 -7.61
C8 F4Q B 8 8.57 3.82 -3.61
C2 F4Q B 8 7.76 6.06 0.10
C4 F4Q B 8 8.13 5.19 -1.97
C5 F4Q B 8 8.30 3.90 -1.50
C6 F4Q B 8 8.15 3.62 -0.10
P F4Q B 8 8.69 3.40 -8.39
O1P F4Q B 8 9.84 3.39 -9.33
O2P F4Q B 8 7.57 4.33 -8.61
O5' F4Q B 8 9.26 3.63 -6.90
C5' F4Q B 8 10.10 4.72 -6.61
C4' F4Q B 8 9.47 6.06 -6.24
O4' F4Q B 8 8.21 5.81 -5.60
C1' F4Q B 8 8.23 6.29 -4.25
N9 F4Q B 8 8.31 5.14 -3.33
N7 F4Q B 8 8.58 3.03 -2.56
O6 F4Q B 8 8.23 2.53 0.47
N1 F4Q B 8 7.89 4.79 0.64
N2 F4Q B 8 7.52 7.07 0.95
N3 F4Q B 8 7.85 6.31 -1.23
C3' F4Q B 8 10.39 6.76 -5.24
C2' F4Q B 8 9.46 7.20 -4.11
C7' F4Q B 8 11.46 5.72 -4.81
C6' F4Q B 8 11.30 4.51 -5.73
C8' F4Q B 8 11.48 4.76 -7.19
O3' F4Q B 8 11.00 7.88 -5.87
H8 F4Q B 8 8.78 3.47 -4.59
H4' F4Q B 8 9.33 6.67 -7.13
H1' F4Q B 8 7.33 6.87 -4.06
H1 F4Q B 8 7.81 4.69 1.63
H22 F4Q B 8 7.41 8.01 0.61
H21 F4Q B 8 7.45 6.88 1.94
H2' F4Q B 8 9.92 7.07 -3.14
H2'' F4Q B 8 9.16 8.23 -4.25
H7' F4Q B 8 11.30 5.40 -3.78
H7'' F4Q B 8 12.46 6.12 -4.93
H6' F4Q B 8 11.50 3.50 -5.33
H8' F4Q B 8 11.85 5.74 -7.51
H8'' F4Q B 8 11.76 3.92 -7.82
O1P TCY B 9 12.99 9.42 -5.87
P TCY B 9 11.81 9.03 -5.06
O2P TCY B 9 10.84 10.06 -4.62
C8' TCY B 9 14.52 9.29 -3.06
O5' TCY B 9 12.34 8.26 -3.75
C5' TCY B 9 13.09 8.95 -2.77
C6' TCY B 9 14.19 8.26 -2.03
C4' TCY B 9 12.34 9.83 -1.78
C3' TCY B 9 13.14 9.88 -0.49
C7' TCY B 9 14.18 8.73 -0.58
O3' TCY B 9 13.79 11.15 -0.36
C2' TCY B 9 12.09 9.65 0.60
C1' TCY B 9 10.97 8.92 -0.12
O4' TCY B 9 11.06 9.26 -1.50
N9 TCY B 9 11.12 7.45 0.02
C4 TCY B 9 10.91 6.73 1.17
N3 TCY B 9 10.50 7.22 2.39
C2 TCY B 9 10.41 6.23 3.29
N1 TCY B 9 10.62 4.92 3.12
C6 TCY B 9 11.00 4.46 1.90
N6 TCY B 9 11.20 3.14 1.73
C5 TCY B 9 11.17 5.41 0.85
N7 TCY B 9 11.54 5.30 -0.47
C8 TCY B 9 11.50 6.52 -0.92
H8' TCY B 9 14.86 10.27 -2.71
H8'A TCY B 9 14.91 8.96 -4.02
H6' TCY B 9 14.41 7.21 -2.25
H4' TCY B 9 12.23 10.83 -2.19
H7' TCY B 9 13.90 7.89 0.05
H7'A TCY B 9 15.17 9.08 -0.31
H2' TCY B 9 12.48 9.07 1.43
H2'A TCY B 9 11.72 10.61 0.96
H1' TCY B 9 10.00 9.23 0.28
H2 TCY B 9 10.12 6.54 4.29
HN6 TCY B 9 11.07 2.51 2.50
HN6A TCY B 9 11.48 2.79 0.83
H8 TCY B 9 11.76 6.79 -1.93
C8 F4Q B 10 14.14 7.41 2.90
C2 F4Q B 10 13.05 4.76 6.24
C4 F4Q B 10 13.49 6.36 4.71
C5 F4Q B 10 13.98 5.48 3.76
C6 F4Q B 10 14.00 4.08 4.05
P F4Q B 10 14.42 11.73 1.02
O1P F4Q B 10 15.54 12.64 0.65
O2P F4Q B 10 13.32 12.24 1.88
O5' F4Q B 10 15.07 10.44 1.74
C5' F4Q B 10 15.55 10.54 3.06
C4' F4Q B 10 14.56 10.68 4.20
O4' F4Q B 10 13.37 9.95 3.87
C1' F4Q B 10 13.17 8.88 4.80
N9 F4Q B 10 13.59 7.62 4.15
N7 F4Q B 10 14.39 6.16 2.63
O6 F4Q B 10 14.37 3.16 3.33
N1 F4Q B 10 13.52 3.80 5.35
N2 F4Q B 10 12.64 4.31 7.44
N3 F4Q B 10 12.99 6.08 5.95
C3' F4Q B 10 15.17 10.04 5.44
C2' F4Q B 10 14.05 9.17 6.00
C7' F4Q B 10 16.41 9.23 4.96
C6' F4Q B 10 16.68 9.65 3.52
C8' F4Q B 10 16.93 11.10 3.28
O3' F4Q B 10 15.55 11.04 6.38
H8 F4Q B 10 14.35 8.21 2.23
H4' F4Q B 10 14.33 11.73 4.37
H1' F4Q B 10 12.12 8.83 5.10
H1 F4Q B 10 13.53 2.84 5.65
H22 F4Q B 10 12.28 4.97 8.13
H21 F4Q B 10 12.69 3.33 7.65
H2' F4Q B 10 14.45 8.25 6.44
H2'' F4Q B 10 13.48 9.71 6.76
H7' F4Q B 10 16.21 8.16 5.00
H7'' F4Q B 10 17.27 9.46 5.59
H6' F4Q B 10 17.09 8.91 2.83
H8' F4Q B 10 17.05 11.76 4.15
H8'' F4Q B 10 17.49 11.40 2.39
H4 F4Q B 10 15.71 10.62 7.23
O5' F7H A 1 13.47 -4.83 9.20
C5' F7H A 1 12.32 -4.25 9.80
C4' F7H A 1 12.49 -2.95 10.56
O4' F7H A 1 13.51 -2.16 9.96
C1' F7H A 1 13.02 -0.83 9.68
N1 F7H A 1 13.02 -0.60 8.20
C6 F7H A 1 13.03 -1.64 7.28
C5 F7H A 1 13.02 -1.39 5.94
C7 F7H A 1 13.03 -2.53 4.92
C4 F7H A 1 13.02 -0.01 5.51
N4 F7H A 1 13.01 0.31 4.21
N3 F7H A 1 13.01 1.00 6.42
C2 F7H A 1 13.02 0.75 7.77
O2 F7H A 1 13.01 1.67 8.59
C3' F7H A 1 11.18 -2.19 10.48
C2' F7H A 1 11.60 -0.74 10.24
C7' F7H A 1 10.40 -2.83 9.30
C6' F7H A 1 11.05 -4.17 9.02
C8' F7H A 1 11.16 -5.12 10.18
O3' F7H A 1 10.46 -2.35 11.71
HO5' F7H A 1 13.32 -4.96 8.26
H4' F7H A 1 12.74 -3.15 11.61
H1' F7H A 1 13.65 -0.11 10.17
H6 F7H A 1 13.03 -2.65 7.63
H71 F7H A 1 14.06 -2.74 4.62
H72 F7H A 1 12.45 -2.24 4.04
H73 F7H A 1 12.58 -3.42 5.36
H41 F7H A 1 13.00 1.28 3.93
H42 F7H A 1 13.01 -0.41 3.51
H2' F7H A 1 10.93 -0.25 9.53
H2'' F7H A 1 11.61 -0.20 11.17
H7' F7H A 1 10.47 -2.21 8.41
H7'' F7H A 1 9.35 -2.97 9.57
H6' F7H A 1 11.01 -4.58 8.01
H8' F7H A 1 10.65 -4.86 11.10
H8'' F7H A 1 11.28 -6.19 9.96
C7 EAN A 2 9.13 -1.11 5.91
C6 EAN A 2 9.21 0.86 7.45
C5 EAN A 2 9.23 0.39 6.17
C4 EAN A 2 9.34 1.30 5.03
C2 EAN A 2 9.40 3.17 6.67
P EAN A 2 9.21 -1.41 12.15
O1P EAN A 2 9.75 -0.23 12.87
O2P EAN A 2 8.22 -2.27 12.82
O5' EAN A 2 8.57 -0.88 10.77
C5' EAN A 2 7.67 0.21 10.81
C4' EAN A 2 8.23 1.63 10.87
O4' EAN A 2 9.42 1.71 10.07
C1' EAN A 2 9.31 2.78 9.12
N1 EAN A 2 9.31 2.23 7.71
O4 EAN A 2 9.39 0.96 3.85
N3 EAN A 2 9.41 2.65 5.38
O2 EAN A 2 9.47 4.38 6.87
C3' EAN A 2 7.20 2.59 10.29
C2' EAN A 2 8.02 3.53 9.41
C7' EAN A 2 6.21 1.69 9.50
C6' EAN A 2 6.44 0.25 9.94
C8' EAN A 2 6.31 -0.01 11.40
O3' EAN A 2 6.55 3.27 11.36
H73 EAN A 2 8.69 -1.28 4.94
H71 EAN A 2 8.52 -1.58 6.68
H72 EAN A 2 10.14 -1.54 5.92
H6 EAN A 2 9.11 0.17 8.26
H4' EAN A 2 8.46 1.89 11.90
H1' EAN A 2 10.16 3.45 9.23
H3 EAN A 2 9.49 3.31 4.62
H2' EAN A 2 7.49 3.78 8.50
H2'' EAN A 2 8.25 4.44 9.96
H7' EAN A 2 6.40 1.77 8.42
H7'' EAN A 2 5.19 1.98 9.72
H6' EAN A 2 6.26 -0.56 9.23
H8' EAN A 2 5.92 0.79 12.04
H8'' EAN A 2 6.08 -1.02 11.73
P TCJ A 3 5.65 4.61 11.14
O1P TCJ A 3 6.56 5.78 11.24
O2P TCJ A 3 4.47 4.53 12.02
O5' TCJ A 3 5.16 4.48 9.62
C5' TCJ A 3 4.36 5.50 9.04
C4' TCJ A 3 5.05 6.70 8.42
O4' TCJ A 3 6.30 6.31 7.87
C1' TCJ A 3 6.36 6.63 6.48
N1 TCJ A 3 6.33 5.38 5.65
C6 TCJ A 3 5.87 4.16 6.15
C5 TCJ A 3 5.84 3.04 5.38
C7 TCJ A 3 5.33 1.72 5.91
C4 TCJ A 3 6.33 3.16 4.01
N4 TCJ A 3 6.34 2.10 3.20
N3 TCJ A 3 6.79 4.35 3.53
C2 TCJ A 3 6.79 5.47 4.32
O2 TCJ A 3 7.19 6.56 3.87
C3' TCJ A 3 4.16 7.22 7.30
C2' TCJ A 3 5.14 7.50 6.15
C7' TCJ A 3 3.15 6.09 7.00
C6' TCJ A 3 3.21 5.11 8.16
C8' TCJ A 3 2.95 5.68 9.52
O3' TCJ A 3 3.49 8.41 7.70
H4' TCJ A 3 5.19 7.48 9.17
H1' TCJ A 3 7.26 7.19 6.26
H6 TCJ A 3 5.52 4.11 7.16
H73 TCJ A 3 6.18 1.08 6.18
H71 TCJ A 3 4.75 1.22 5.13
H72 TCJ A 3 4.70 1.88 6.78
H41 TCJ A 3 6.68 2.18 2.26
H42 TCJ A 3 6.01 1.20 3.54
H2' TCJ A 3 4.71 7.25 5.19
H2'' TCJ A 3 5.43 8.54 6.16
H7' TCJ A 3 3.40 5.57 6.08
H7'' TCJ A 3 2.14 6.49 6.94
H6' TCJ A 3 3.01 4.06 7.98
H8' TCJ A 3 2.60 6.71 9.60
H8'' TCJ A 3 2.62 5.00 10.31
C8 F4Q A 4 3.36 6.09 3.07
C2 F4Q A 4 4.55 5.11 -1.06
C4 F4Q A 4 3.99 5.92 0.98
C5 F4Q A 4 3.79 4.68 1.54
C6 F4Q A 4 4.01 3.49 0.74
P F4Q A 4 2.68 9.36 6.67
O1P F4Q A 4 3.61 10.39 6.15
O2P F4Q A 4 1.41 9.79 7.32
O5' F4Q A 4 2.29 8.38 5.44
C5' F4Q A 4 1.56 8.84 4.34
C4' F4Q A 4 2.31 9.50 3.19
O4' F4Q A 4 3.62 8.92 3.10
C1' F4Q A 4 3.79 8.30 1.81
N9 F4Q A 4 3.71 6.83 1.97
N7 F4Q A 4 3.39 4.80 2.87
O6 F4Q A 4 3.93 2.32 1.08
N1 F4Q A 4 4.38 3.81 -0.58
N2 F4Q A 4 4.87 5.23 -2.35
N3 F4Q A 4 4.38 6.21 -0.29
C3' F4Q A 4 1.56 9.22 1.89
C2' F4Q A 4 2.66 8.80 0.92
C7' F4Q A 4 0.55 8.08 2.23
C6' F4Q A 4 0.49 7.97 3.74
C8' F4Q A 4 0.11 9.21 4.50
O3' F4Q A 4 0.88 10.38 1.45
H8 F4Q A 4 3.06 6.52 4.00
H4' F4Q A 4 2.39 10.57 3.35
H1' F4Q A 4 4.75 8.58 1.39
H1 F4Q A 4 4.53 3.04 -1.21
H22 F4Q A 4 5.01 6.15 -2.75
H21 F4Q A 4 5.00 4.41 -2.93
H2' F4Q A 4 2.32 8.02 0.25
H2'' F4Q A 4 3.00 9.66 0.35
H7' F4Q A 4 0.89 7.13 1.82
H7'' F4Q A 4 -0.44 8.32 1.85
H6' F4Q A 4 0.29 6.99 4.19
H8' F4Q A 4 -0.23 10.07 3.93
H8'' F4Q A 4 -0.30 9.09 5.50
C8 F4Q A 5 0.98 5.65 -0.83
C2 F4Q A 5 2.00 2.34 -3.56
C4 F4Q A 5 1.58 4.25 -2.39
C5 F4Q A 5 1.16 3.58 -1.25
C6 F4Q A 5 1.18 2.14 -1.22
P F4Q A 5 0.27 10.55 -0.06
O1P F4Q A 5 1.35 11.02 -0.95
O2P F4Q A 5 -0.99 11.33 0.04
O5' F4Q A 5 -0.12 9.04 -0.49
C5' F4Q A 5 -0.60 8.77 -1.79
C4' F4Q A 5 0.40 8.57 -2.92
O4' F4Q A 5 1.58 7.94 -2.40
C1' F4Q A 5 1.81 6.69 -3.05
N9 F4Q A 5 1.46 5.59 -2.11
N7 F4Q A 5 0.78 4.48 -0.28
O6 F4Q A 5 0.89 1.40 -0.30
N1 F4Q A 5 1.59 1.60 -2.46
N2 F4Q A 5 2.33 1.67 -4.66
N3 F4Q A 5 2.03 3.69 -3.55
C3' F4Q A 5 -0.22 7.63 -3.96
C2' F4Q A 5 0.89 6.64 -4.27
C7' F4Q A 5 -1.45 6.99 -3.26
C6' F4Q A 5 -1.71 7.78 -1.98
C8' F4Q A 5 -1.97 9.24 -2.17
O3' F4Q A 5 -0.62 8.37 -5.11
H8 F4Q A 5 0.77 6.58 -0.33
H4' F4Q A 5 0.66 9.52 -3.38
H1' F4Q A 5 2.85 6.60 -3.35
H1 F4Q A 5 1.59 0.59 -2.53
H22 F4Q A 5 2.63 2.16 -5.50
H21 F4Q A 5 2.29 0.66 -4.67
H2' F4Q A 5 0.50 5.64 -4.45
H2'' F4Q A 5 1.46 6.98 -5.14
H7' F4Q A 5 -1.24 5.95 -2.99
H7'' F4Q A 5 -2.32 7.03 -3.90
H6' F4Q A 5 -2.13 7.28 -1.12
H8' F4Q A 5 -2.09 9.62 -3.19
H8'' F4Q A 5 -2.53 9.77 -1.39
P TCJ A 6 -1.00 7.68 -6.54
O1P TCJ A 6 0.25 7.33 -7.25
O2P TCJ A 6 -1.99 8.55 -7.22
O5' TCJ A 6 -1.74 6.31 -6.13
C5' TCJ A 6 -2.25 5.45 -7.13
C4' TCJ A 6 -1.33 4.43 -7.77
O4' TCJ A 6 -0.38 3.96 -6.79
C1' TCJ A 6 -0.43 2.53 -6.70
N1 TCJ A 6 -0.92 2.10 -5.35
C6 TCJ A 6 -1.49 2.99 -4.44
C5 TCJ A 6 -1.93 2.58 -3.22
C7 TCJ A 6 -2.56 3.55 -2.23
C4 TCJ A 6 -1.76 1.18 -2.89
N4 TCJ A 6 -2.16 0.71 -1.70
N3 TCJ A 6 -1.21 0.32 -3.78
C2 TCJ A 6 -0.78 0.74 -5.01
O2 TCJ A 6 -0.29 -0.06 -5.82
C3' TCJ A 6 -2.16 3.25 -8.24
C2' TCJ A 6 -1.36 2.03 -7.80
C7' TCJ A 6 -3.52 3.39 -7.51
C6' TCJ A 6 -3.60 4.81 -6.95
C8' TCJ A 6 -3.42 5.92 -7.94
O3' TCJ A 6 -2.32 3.31 -9.64
H4' TCJ A 6 -0.79 4.87 -8.61
H1' TCJ A 6 0.57 2.13 -6.87
H6 TCJ A 6 -1.60 4.04 -4.72
H73 TCJ A 6 -3.34 3.03 -1.67
H71 TCJ A 6 -3.00 4.40 -2.77
H72 TCJ A 6 -1.80 3.91 -1.54
H41 TCJ A 6 -2.03 -0.28 -1.48
H42 TCJ A 6 -2.58 1.32 -1.03
H2' TCJ A 6 -2.00 1.22 -7.44
H2'' TCJ A 6 -0.76 1.66 -8.64
H7' TCJ A 6 -3.62 2.68 -6.69
H7'' TCJ A 6 -4.35 3.24 -8.21
H6' TCJ A 6 -4.16 4.99 -6.04
H8' TCJ A 6 -3.41 5.66 -9.00
H8'' TCJ A 6 -3.83 6.89 -7.70
C7 EAN A 7 -5.32 1.46 -4.92
C6 EAN A 7 -4.12 -0.35 -6.16
C5 EAN A 7 -4.74 0.06 -5.02
C4 EAN A 7 -4.87 -0.85 -3.87
C2 EAN A 7 -3.66 -2.55 -5.22
P EAN A 7 -2.87 2.08 -10.54
O1P EAN A 7 -1.73 1.21 -10.89
O2P EAN A 7 -3.73 2.64 -11.61
O5' EAN A 7 -3.82 1.26 -9.53
C5' EAN A 7 -4.30 -0.01 -9.89
C4' EAN A 7 -3.40 -1.21 -9.65
O4' EAN A 7 -2.68 -1.00 -8.43
C1' EAN A 7 -2.87 -2.09 -7.52
N1 EAN A 7 -3.57 -1.63 -6.28
O4 EAN A 7 -5.41 -0.57 -2.81
N3 EAN A 7 -4.31 -2.10 -4.07
O2 EAN A 7 -3.20 -3.69 -5.29
C3' EAN A 7 -4.28 -2.45 -9.47
C2' EAN A 7 -3.70 -3.16 -8.25
C7' EAN A 7 -5.73 -1.90 -9.25
C6' EAN A 7 -5.70 -0.42 -9.59
C8' EAN A 7 -5.30 -0.10 -11.01
O3' EAN A 7 -4.20 -3.26 -10.64
H73 EAN A 7 -5.67 1.80 -5.89
H71 EAN A 7 -4.55 2.15 -4.54
H72 EAN A 7 -6.16 1.46 -4.23
H6 EAN A 7 -4.05 0.33 -6.99
H4' EAN A 7 -2.72 -1.35 -10.48
H1' EAN A 7 -1.91 -2.52 -7.26
H3 EAN A 7 -4.38 -2.76 -3.30
H2' EAN A 7 -4.48 -3.56 -7.60
H2'' EAN A 7 -3.03 -3.96 -8.57
H7' EAN A 7 -6.04 -2.02 -8.21
H7'' EAN A 7 -6.43 -2.40 -9.91
H6' EAN A 7 -6.35 0.26 -9.06
H8' EAN A 7 -5.19 -0.93 -11.71
H8'' EAN A 7 -5.64 0.84 -11.42
C7 EAN A 8 -7.91 -1.85 -6.28
C6 EAN A 8 -7.00 -4.18 -6.17
C5 EAN A 8 -7.50 -3.09 -5.52
C4 EAN A 8 -7.64 -3.10 -4.07
C2 EAN A 8 -6.73 -5.42 -4.10
P EAN A 8 -4.80 -4.78 -10.71
O1P EAN A 8 -3.81 -5.70 -10.12
O2P EAN A 8 -5.28 -5.02 -12.10
O5' EAN A 8 -6.06 -4.71 -9.74
C5' EAN A 8 -6.87 -5.83 -9.49
C4' EAN A 8 -6.37 -6.87 -8.50
O4' EAN A 8 -5.60 -6.20 -7.49
C1' EAN A 8 -6.09 -6.55 -6.20
N1 EAN A 8 -6.61 -5.34 -5.50
O4 EAN A 8 -8.08 -2.17 -3.39
N3 EAN A 8 -7.23 -4.28 -3.45
O2 EAN A 8 -6.40 -6.42 -3.46
C3' EAN A 8 -7.57 -7.51 -7.85
C2' EAN A 8 -7.20 -7.59 -6.37
C7' EAN A 8 -8.77 -6.57 -8.15
C6' EAN A 8 -8.33 -5.63 -9.27
C8' EAN A 8 -7.85 -6.28 -10.53
O3' EAN A 8 -7.81 -8.81 -8.39
H73 EAN A 8 -7.08 -1.14 -6.30
H71 EAN A 8 -8.76 -1.38 -5.78
H72 EAN A 8 -8.19 -2.11 -7.30
H6 EAN A 8 -6.90 -4.16 -7.25
H4' EAN A 8 -5.76 -7.61 -9.01
H1' EAN A 8 -5.28 -6.98 -5.60
H3 EAN A 8 -7.31 -4.33 -2.45
H2' EAN A 8 -8.06 -7.37 -5.73
H2'' EAN A 8 -6.81 -8.58 -6.14
H7' EAN A 8 -9.03 -5.97 -7.28
H7'' EAN A 8 -9.63 -7.13 -8.49
H6' EAN A 8 -8.75 -4.63 -9.31
H8' EAN A 8 -7.98 -7.36 -10.64
H8'' EAN A 8 -7.88 -5.70 -11.45
O1P TCY A 9 -8.12 -10.65 -6.70
P TCY A 9 -8.86 -9.87 -7.72
O2P TCY A 9 -9.58 -10.57 -8.81
C8' TCY A 9 -12.24 -9.66 -7.48
O5' TCY A 9 -9.90 -8.91 -6.95
C5' TCY A 9 -11.15 -9.36 -6.50
C6' TCY A 9 -12.32 -8.44 -6.63
C4' TCY A 9 -11.23 -10.05 -5.15
C3' TCY A 9 -12.57 -9.72 -4.52
C7' TCY A 9 -13.14 -8.54 -5.34
O3' TCY A 9 -13.45 -10.84 -4.57
C2' TCY A 9 -12.21 -9.34 -3.08
C1' TCY A 9 -10.73 -8.98 -3.13
O4' TCY A 9 -10.18 -9.55 -4.32
N9 TCY A 9 -10.57 -7.51 -3.17
C4 TCY A 9 -10.69 -6.67 -2.09
N3 TCY A 9 -10.95 -7.04 -0.80
C2 TCY A 9 -11.01 -5.96 -0.01
N1 TCY A 9 -10.82 -4.68 -0.32
C6 TCY A 9 -10.59 -4.35 -1.62
N6 TCY A 9 -10.47 -3.05 -1.95
C5 TCY A 9 -10.50 -5.40 -2.58
N7 TCY A 9 -10.26 -5.42 -3.95
C8 TCY A 9 -10.31 -6.69 -4.25
H8' TCY A 9 -12.89 -10.51 -7.24
H8'A TCY A 9 -11.99 -9.54 -8.54
H6' TCY A 9 -12.18 -7.46 -7.09
H4' TCY A 9 -11.13 -11.13 -5.27
H7' TCY A 9 -13.06 -7.59 -4.80
H7'A TCY A 9 -14.19 -8.72 -5.61
H2' TCY A 9 -12.81 -8.51 -2.72
H2'A TCY A 9 -12.34 -10.21 -2.43
H1' TCY A 9 -10.22 -9.39 -2.26
H2 TCY A 9 -11.23 -6.17 1.03
HN6 TCY A 9 -10.54 -2.34 -1.23
HN6A TCY A 9 -10.29 -2.78 -2.91
H8 TCY A 9 -10.19 -7.06 -5.26
P TCJ A 10 -14.84 -10.92 -3.71
O1P TCJ A 10 -14.51 -11.46 -2.37
O2P TCJ A 10 -15.85 -11.61 -4.54
O5' TCJ A 10 -15.29 -9.39 -3.52
C5' TCJ A 10 -16.30 -9.05 -2.59
C4' TCJ A 10 -15.92 -8.90 -1.13
O4' TCJ A 10 -14.60 -8.34 -1.02
C1' TCJ A 10 -14.63 -7.14 -0.24
N1 TCJ A 10 -14.36 -5.94 -1.09
C6 TCJ A 10 -14.36 -5.99 -2.48
C5 TCJ A 10 -14.14 -4.88 -3.24
C7 TCJ A 10 -14.13 -4.92 -4.76
C4 TCJ A 10 -13.93 -3.62 -2.53
N4 TCJ A 10 -13.73 -2.48 -3.21
N3 TCJ A 10 -13.93 -3.58 -1.18
C2 TCJ A 10 -14.13 -4.71 -0.43
O2 TCJ A 10 -14.12 -4.67 0.81
C3' TCJ A 10 -16.89 -7.94 -0.47
C2' TCJ A 10 -16.03 -7.04 0.40
C7' TCJ A 10 -17.60 -7.20 -1.63
C6' TCJ A 10 -17.31 -7.98 -2.90
C8' TCJ A 10 -17.72 -9.42 -2.90
O3' TCJ A 10 -17.84 -8.65 0.33
H4' TCJ A 10 -15.94 -9.88 -0.63
H1' TCJ A 10 -13.88 -7.20 0.55
H6 TCJ A 10 -14.52 -6.94 -2.98
H73 TCJ A 10 -14.59 -5.85 -5.11
H71 TCJ A 10 -13.10 -4.87 -5.11
H72 TCJ A 10 -14.69 -4.08 -5.15
H41 TCJ A 10 -13.58 -1.63 -2.71
H42 TCJ A 10 -13.72 -2.49 -4.22
H2' TCJ A 10 -16.39 -6.01 0.39
H2'' TCJ A 10 -15.98 -7.41 1.42
H7' TCJ A 10 -17.21 -6.18 -1.74
H7'' TCJ A 10 -18.68 -7.15 -1.46
H6' TCJ A 10 -17.25 -7.45 -3.86
H8' TCJ A 10 -18.32 -9.78 -2.06
H8'' TCJ A 10 -17.89 -9.92 -3.86
H3T TCJ A 10 -17.36 -9.14 1.00
C8 F7K B 1 -13.96 3.28 1.29
C2 F7K B 1 -14.78 -1.05 1.30
C4 F7K B 1 -14.50 1.18 1.59
C5 F7K B 1 -13.85 1.36 0.39
C6 F7K B 1 -13.61 0.23 -0.46
O5' F7K B 1 -14.02 6.61 3.76
C5' F7K B 1 -13.66 5.63 4.70
C4' F7K B 1 -14.60 4.45 4.92
O4' F7K B 1 -15.25 4.12 3.70
C1' F7K B 1 -15.20 2.71 3.49
N9 F7K B 1 -14.58 2.43 2.18
N7 F7K B 1 -13.51 2.71 0.22
O6 F7K B 1 -13.03 0.21 -1.55
N1 F7K B 1 -14.12 -0.96 0.08
N2 F7K B 1 -15.21 -2.26 1.68
N3 F7K B 1 -14.99 0.02 2.11
C3' F7K B 1 -13.77 3.27 5.37
C2' F7K B 1 -14.36 2.08 4.62
C7' F7K B 1 -12.31 3.60 4.97
C6' F7K B 1 -12.25 5.11 4.71
C8' F7K B 1 -12.72 5.98 5.83
O3' F7K B 1 -13.87 3.11 6.79
H8 F7K B 1 -13.86 4.34 1.49
HO5' F7K B 1 -14.74 6.28 3.21
H4' F7K B 1 -15.35 4.71 5.68
H1' F7K B 1 -16.20 2.29 3.52
H1 F7K B 1 -13.99 -1.81 -0.46
H21 F7K B 1 -15.05 -3.06 1.08
H22 F7K B 1 -15.69 -2.38 2.56
H2'' F7K B 1 -15.03 1.52 5.27
H2' F7K B 1 -13.59 1.42 4.23
H7'' F7K B 1 -11.62 3.35 5.77
H7' F7K B 1 -12.03 3.08 4.05
H6' F7K B 1 -11.52 5.50 4.00
H8'' F7K B 1 -12.38 7.02 5.85
H8' F7K B 1 -12.95 5.53 6.79
C7 EAN B 2 -10.83 1.02 2.30
C6 EAN B 2 -11.71 -0.83 3.71
C5 EAN B 2 -11.22 -0.43 2.51
C4 EAN B 2 -11.06 -1.39 1.42
C2 EAN B 2 -11.96 -3.13 2.95
P EAN B 2 -13.38 1.78 7.58
O1P EAN B 2 -12.72 2.21 8.83
O2P EAN B 2 -14.53 0.83 7.64
O5' EAN B 2 -12.27 1.14 6.62
C5' EAN B 2 -11.45 0.09 7.08
C4' EAN B 2 -12.05 -1.31 7.16
O4' EAN B 2 -12.99 -1.49 6.09
C1' EAN B 2 -12.60 -2.62 5.29
N1 EAN B 2 -12.07 -2.15 3.95
O4 EAN B 2 -10.62 -1.12 0.30
N3 EAN B 2 -11.46 -2.69 1.72
O2 EAN B 2 -12.29 -4.31 3.12
C3' EAN B 2 -10.92 -2.32 7.00
C2' EAN B 2 -11.50 -3.36 6.04
C7' EAN B 2 -9.73 -1.52 6.42
C6' EAN B 2 -10.04 -0.04 6.58
C8' EAN B 2 -10.30 0.41 7.99
O3' EAN B 2 -10.60 -2.90 8.27
H73 EAN B 2 -10.29 1.39 3.17
H71 EAN B 2 -11.72 1.62 2.15
H72 EAN B 2 -10.19 1.10 1.42
H6 EAN B 2 -11.81 -0.11 4.51
H4' EAN B 2 -12.55 -1.45 8.12
H1' EAN B 2 -13.45 -3.27 5.14
H3 EAN B 2 -11.38 -3.39 0.99
H2' EAN B 2 -10.74 -3.75 5.37
H2'' EAN B 2 -11.95 -4.18 6.61
H7' EAN B 2 -9.59 -1.74 5.35
H7'' EAN B 2 -8.81 -1.75 6.96
H6' EAN B 2 -9.66 0.67 5.85
H8' EAN B 2 -10.11 -0.30 8.80
H8'' EAN B 2 -10.15 1.46 8.22
O1P TCY B 3 -8.86 -4.07 9.66
P TCY B 3 -9.66 -4.22 8.42
O2P TCY B 3 -10.52 -5.42 8.23
C8' TCY B 3 -6.44 -4.98 7.95
O5' TCY B 3 -8.67 -4.12 7.17
C5' TCY B 3 -7.61 -5.04 7.01
C6' TCY B 3 -6.28 -4.56 6.52
C4' TCY B 3 -7.91 -6.37 6.36
C3' TCY B 3 -6.66 -6.84 5.62
C7' TCY B 3 -5.71 -5.61 5.58
O3' TCY B 3 -6.08 -7.93 6.36
C2' TCY B 3 -7.16 -7.27 4.25
C1' TCY B 3 -8.50 -6.55 4.09
O4' TCY B 3 -8.96 -6.21 5.40
N9 TCY B 3 -8.34 -5.30 3.30
C4 TCY B 3 -8.07 -5.25 1.95
N3 TCY B 3 -7.87 -6.31 1.11
C2 TCY B 3 -7.60 -5.89 -0.13
N1 TCY B 3 -7.52 -4.63 -0.59
C6 TCY B 3 -7.78 -3.60 0.26
N6 TCY B 3 -7.80 -2.35 -0.22
C5 TCY B 3 -8.02 -3.91 1.62
N7 TCY B 3 -8.27 -3.13 2.75
C8 TCY B 3 -8.44 -4.00 3.70
H8' TCY B 3 -6.02 -5.94 8.26
H8'A TCY B 3 -6.48 -4.21 8.72
H6' TCY B 3 -6.14 -3.51 6.30
H4' TCY B 3 -8.21 -7.11 7.11
H7' TCY B 3 -5.65 -5.19 4.58
H7'A TCY B 3 -4.71 -5.88 5.93
H2' TCY B 3 -6.47 -7.00 3.46
H2'A TCY B 3 -7.34 -8.34 4.24
H1' TCY B 3 -9.22 -7.21 3.61
H2 TCY B 3 -7.41 -6.66 -0.85
HN6 TCY B 3 -7.61 -2.18 -1.20
HN6A TCY B 3 -8.00 -1.58 0.39
H8 TCY B 3 -8.64 -3.72 4.73
O1P TCY B 4 -4.09 -9.36 6.91
P TCY B 4 -4.91 -8.89 5.77
O2P TCY B 4 -5.53 -9.88 4.86
C8' TCY B 4 -1.62 -8.63 4.83
O5' TCY B 4 -4.01 -7.91 4.89
C5' TCY B 4 -2.94 -8.42 4.14
C6' TCY B 4 -1.76 -7.54 3.81
C4' TCY B 4 -3.25 -9.28 2.95
C3' TCY B 4 -2.13 -9.13 1.93
C7' TCY B 4 -1.30 -7.90 2.41
O3' TCY B 4 -1.34 -10.32 1.93
C2' TCY B 4 -2.84 -8.91 0.60
C1' TCY B 4 -4.22 -8.38 1.00
O4' TCY B 4 -4.48 -8.84 2.34
N9 TCY B 4 -4.24 -6.89 0.99
C4 TCY B 4 -4.18 -6.09 -0.13
N3 TCY B 4 -4.08 -6.51 -1.43
C2 TCY B 4 -4.03 -5.46 -2.25
N1 TCY B 4 -4.08 -4.15 -1.97
C6 TCY B 4 -4.21 -3.77 -0.66
N6 TCY B 4 -4.30 -2.46 -0.37
C5 TCY B 4 -4.23 -4.79 0.33
N7 TCY B 4 -4.33 -4.76 1.72
C8 TCY B 4 -4.33 -6.02 2.06
H8' TCY B 4 -1.07 -9.53 4.55
H8'A TCY B 4 -1.57 -8.34 5.88
H6' TCY B 4 -1.76 -6.51 4.12
H4' TCY B 4 -3.35 -10.32 3.25
H7' TCY B 4 -1.46 -7.04 1.75
H7'A TCY B 4 -0.24 -8.14 2.44
H2' TCY B 4 -2.32 -8.21 -0.03
H2'A TCY B 4 -2.97 -9.86 0.09
H1' TCY B 4 -4.98 -8.76 0.33
H2 TCY B 4 -3.94 -5.69 -3.30
HN6 TCY B 4 -4.27 -1.78 -1.11
HN6A TCY B 4 -4.41 -2.17 0.59
H8 TCY B 4 -4.38 -6.35 3.08
C8 F4Q B 5 -0.56 -6.26 -0.99
C2 F4Q B 5 -0.42 -3.38 -4.31
C4 F4Q B 5 -0.47 -5.10 -2.83
C5 F4Q B 5 -0.67 -4.28 -1.74
C6 F4Q B 5 -0.81 -2.87 -1.92
P F4Q B 5 -0.23 -10.65 0.79
O1P F4Q B 5 0.89 -11.37 1.43
O2P F4Q B 5 -0.92 -11.25 -0.37
O5' F4Q B 5 0.29 -9.19 0.37
C5' F4Q B 5 1.35 -9.06 -0.55
C4' F4Q B 5 1.06 -9.22 -2.03
O4' F4Q B 5 -0.27 -8.75 -2.30
C1' F4Q B 5 -0.20 -7.60 -3.16
N9 F4Q B 5 -0.40 -6.39 -2.35
N7 F4Q B 5 -0.73 -5.04 -0.57
O6 F4Q B 5 -1.05 -2.00 -1.07
N1 F4Q B 5 -0.65 -2.49 -3.27
N2 F4Q B 5 -0.26 -2.85 -5.53
N3 F4Q B 5 -0.36 -4.72 -4.14
C3' F4Q B 5 2.04 -8.36 -2.80
C2' F4Q B 5 1.17 -7.61 -3.80
C7' F4Q B 5 2.72 -7.42 -1.75
C6' F4Q B 5 2.33 -7.93 -0.38
C8' F4Q B 5 2.75 -9.33 -0.07
O3' F4Q B 5 3.00 -9.21 -3.44
H8 F4Q B 5 -0.53 -7.09 -0.32
H4' F4Q B 5 1.15 -10.27 -2.32
H1' F4Q B 5 -0.98 -7.68 -3.93
H1 F4Q B 5 -0.69 -1.50 -3.47
H22 F4Q B 5 -0.08 -3.45 -6.32
H21 F4Q B 5 -0.30 -1.85 -5.65
H2' F4Q B 5 1.54 -6.60 -3.99
H2'' F4Q B 5 1.13 -8.17 -4.74
H7' F4Q B 5 2.36 -6.40 -1.86
H7'' F4Q B 5 3.79 -7.46 -1.84
H6' F4Q B 5 2.19 -7.22 0.43
H8' F4Q B 5 3.41 -9.84 -0.77
H8'' F4Q B 5 2.85 -9.61 0.98
P TCJ B 6 4.03 -8.72 -4.61
O1P TCJ B 6 5.17 -9.66 -4.63
O2P TCJ B 6 3.27 -8.47 -5.84
O5' TCJ B 6 4.55 -7.31 -4.06
C5' TCJ B 6 5.31 -6.47 -4.89
C4' TCJ B 6 4.58 -5.57 -5.86
O4' TCJ B 6 3.34 -5.14 -5.31
C1' TCJ B 6 3.21 -3.71 -5.40
N1 TCJ B 6 3.02 -3.11 -4.04
C6 TCJ B 6 3.28 -3.84 -2.88
C5 TCJ B 6 3.07 -3.30 -1.64
C7 TCJ B 6 3.34 -4.08 -0.37
C4 TCJ B 6 2.57 -1.94 -1.59
N4 TCJ B 6 2.34 -1.35 -0.40
N3 TCJ B 6 2.34 -1.24 -2.72
C2 TCJ B 6 2.55 -1.79 -3.96
O2 TCJ B 6 2.36 -1.14 -5.00
C3' TCJ B 6 5.44 -4.35 -6.11
C2' TCJ B 6 4.47 -3.17 -6.09
C7' TCJ B 6 6.47 -4.33 -4.96
C6' TCJ B 6 6.47 -5.71 -4.31
C8' TCJ B 6 6.71 -6.86 -5.24
O3' TCJ B 6 6.08 -4.49 -7.38
H4' TCJ B 6 4.40 -6.10 -6.81
H1' TCJ B 6 2.34 -3.47 -6.02
H6 TCJ B 6 3.66 -4.85 -2.95
H73 TCJ B 6 4.02 -4.92 -0.58
H71 TCJ B 6 2.40 -4.48 0.02
H72 TCJ B 6 3.80 -3.43 0.38
H41 TCJ B 6 1.99 -0.40 -0.37
H42 TCJ B 6 2.52 -1.85 0.45
H2' TCJ B 6 4.89 -2.32 -5.55
H2'' TCJ B 6 4.23 -2.87 -7.10
H7' TCJ B 6 6.21 -3.59 -4.20
H7'' TCJ B 6 7.48 -4.13 -5.34
H6' TCJ B 6 6.70 -5.81 -3.26
H8' TCJ B 6 7.04 -6.65 -6.26
H8'' TCJ B 6 7.08 -7.80 -4.81
P TCJ B 7 6.98 -3.34 -8.05
O1P TCJ B 7 8.28 -3.93 -8.42
O2P TCJ B 7 6.17 -2.66 -9.09
O5' TCJ B 7 7.23 -2.29 -6.87
C5' TCJ B 7 7.96 -1.12 -7.10
C4' TCJ B 7 7.19 0.11 -7.57
O4' TCJ B 7 5.89 0.14 -6.95
C1' TCJ B 7 5.72 1.35 -6.22
N1 TCJ B 7 5.70 1.07 -4.75
C6 TCJ B 7 6.22 -0.12 -4.21
C5 TCJ B 7 6.17 -0.36 -2.86
C7 TCJ B 7 6.74 -1.64 -2.27
C4 TCJ B 7 5.57 0.66 -2.02
N4 TCJ B 7 5.48 0.47 -0.69
N3 TCJ B 7 5.09 1.80 -2.55
C2 TCJ B 7 5.14 2.05 -3.90
O2 TCJ B 7 4.71 3.11 -4.37
C3' TCJ B 7 7.95 1.35 -7.13
C2' TCJ B 7 6.88 2.27 -6.59
C7' TCJ B 7 8.96 0.85 -6.05
C6' TCJ B 7 9.01 -0.66 -6.14
C8' TCJ B 7 9.41 -1.21 -7.47
O3' TCJ B 7 8.63 1.90 -8.25
H4' TCJ B 7 7.09 0.10 -8.66
H1' TCJ B 7 4.77 1.81 -6.51
H6 TCJ B 7 6.64 -0.85 -4.86
H73 TCJ B 7 5.92 -2.36 -2.13
H71 TCJ B 7 7.20 -1.42 -1.31
H72 TCJ B 7 7.49 -2.06 -2.94
H41 TCJ B 7 5.06 1.19 -0.11
H42 TCJ B 7 5.84 -0.37 -0.28
H2' TCJ B 7 7.23 2.83 -5.72
H2'' TCJ B 7 6.55 2.97 -7.37
H7' TCJ B 7 8.64 1.15 -5.05
H7'' TCJ B 7 9.95 1.25 -6.24
H6' TCJ B 7 9.20 -1.25 -5.24
H8' TCJ B 7 9.77 -0.53 -8.24
H8'' TCJ B 7 9.83 -2.22 -7.51
C8 F4Q B 8 8.47 3.76 -3.35
C2 F4Q B 8 7.46 6.16 0.20
C4 F4Q B 8 7.92 5.20 -1.80
C5 F4Q B 8 8.10 3.94 -1.27
C6 F4Q B 8 7.90 3.73 0.14
P F4Q B 8 9.35 3.36 -8.22
O1P F4Q B 8 10.65 3.24 -8.92
O2P F4Q B 8 8.35 4.37 -8.66
O5' F4Q B 8 9.63 3.60 -6.66
C5' F4Q B 8 10.33 4.73 -6.23
C4' F4Q B 8 9.54 6.00 -5.94
O4' F4Q B 8 8.24 5.64 -5.45
C1' F4Q B 8 8.06 6.19 -4.14
N9 F4Q B 8 8.15 5.09 -3.15
N7 F4Q B 8 8.45 3.04 -2.26
O6 F4Q B 8 7.95 2.67 0.76
N1 F4Q B 8 7.60 4.93 0.81
N2 F4Q B 8 7.20 7.20 1.00
N3 F4Q B 8 7.57 6.35 -1.13
C3' F4Q B 8 10.27 6.79 -4.86
C2' F4Q B 8 9.16 7.21 -3.91
C7' F4Q B 8 11.28 5.78 -4.23
C6' F4Q B 8 11.38 4.59 -5.17
C8' F4Q B 8 11.78 4.90 -6.59
O3' F4Q B 8 10.93 7.91 -5.46
H8 F4Q B 8 8.73 3.36 -4.32
H4' F4Q B 8 9.44 6.59 -6.85
H1' F4Q B 8 7.09 6.67 -4.06
H1 F4Q B 8 7.50 4.87 1.82
H22 F4Q B 8 7.08 8.13 0.61
H21 F4Q B 8 7.11 7.07 2.00
H2' F4Q B 8 9.50 7.21 -2.87
H2'' F4Q B 8 8.79 8.19 -4.18
H7' F4Q B 8 10.92 5.43 -3.27
H7'' F4Q B 8 12.26 6.24 -4.13
H6' F4Q B 8 11.59 3.61 -4.77
H8' F4Q B 8 12.10 5.91 -6.83
H8'' F4Q B 8 12.22 4.09 -7.17
O1P TCY B 9 12.48 9.88 -5.51
P TCY B 9 11.56 9.16 -4.62
O2P TCY B 9 10.47 9.90 -3.96
C8' TCY B 9 14.35 9.74 -2.57
O5' TCY B 9 12.42 8.44 -3.49
C5' TCY B 9 12.97 9.18 -2.42
C6' TCY B 9 14.11 8.59 -1.65
C4' TCY B 9 12.04 9.86 -1.43
C3' TCY B 9 12.73 9.93 -0.10
C7' TCY B 9 13.89 8.90 -0.18
O3' TCY B 9 13.24 11.25 0.10
C2' TCY B 9 11.65 9.56 0.91
C1' TCY B 9 10.64 8.75 0.10
O4' TCY B 9 10.84 9.09 -1.29
N9 TCY B 9 10.86 7.29 0.27
C4 TCY B 9 10.58 6.55 1.39
N3 TCY B 9 10.05 7.01 2.56
C2 TCY B 9 9.92 6.01 3.45
N1 TCY B 9 10.21 4.71 3.29
C6 TCY B 9 10.69 4.27 2.10
N6 TCY B 9 10.91 2.96 1.93
C5 TCY B 9 10.91 5.24 1.09
N7 TCY B 9 11.41 5.16 -0.21
C8 TCY B 9 11.37 6.39 -0.65
H8' TCY B 9 14.51 10.73 -2.12
H8'A TCY B 9 14.85 9.57 -3.51
H6' TCY B 9 14.50 7.60 -1.93
H4' TCY B 9 11.79 10.86 -1.79
H7' TCY B 9 13.64 7.98 0.35
H7'A TCY B 9 14.81 9.32 0.23
H2' TCY B 9 12.05 8.98 1.74
H2'A TCY B 9 11.17 10.46 1.29
H1' TCY B 9 9.63 9.01 0.40
H2 TCY B 9 9.55 6.30 4.42
HN6 TCY B 9 10.73 2.32 2.68
HN6A TCY B 9 11.26 2.62 1.04
H8 TCY B 9 11.70 6.68 -1.63
C8 F4Q B 10 13.71 7.43 3.17
C2 F4Q B 10 12.55 4.56 6.30
C4 F4Q B 10 12.98 6.26 4.86
C5 F4Q B 10 13.60 5.46 3.93
C6 F4Q B 10 13.67 4.04 4.16
P F4Q B 10 13.75 11.85 1.53
O1P F4Q B 10 14.78 12.87 1.24
O2P F4Q B 10 12.56 12.22 2.32
O5' F4Q B 10 14.47 10.60 2.24
C5' F4Q B 10 14.84 10.70 3.60
C4' F4Q B 10 13.75 10.68 4.64
O4' F4Q B 10 12.66 9.87 4.17
C1' F4Q B 10 12.48 8.73 5.03
N9 F4Q B 10 13.04 7.54 4.36
N7 F4Q B 10 14.05 6.21 2.86
O6 F4Q B 10 14.11 3.18 3.40
N1 F4Q B 10 13.14 3.68 5.41
N2 F4Q B 10 12.13 4.06 7.47
N3 F4Q B 10 12.41 5.88 6.04
C3' F4Q B 10 14.30 10.04 5.91
C2' F4Q B 10 13.25 9.03 6.32
C7' F4Q B 10 15.65 9.40 5.52
C6' F4Q B 10 16.00 9.90 4.12
C8' F4Q B 10 16.12 11.39 3.96
O3' F4Q B 10 14.47 11.02 6.92
H8 F4Q B 10 13.94 8.28 2.54
H4' F4Q B 10 13.40 11.69 4.84
H1' F4Q B 10 11.43 8.59 5.25
H1 F4Q B 10 13.21 2.71 5.67
H22 F4Q B 10 11.69 4.66 8.15
H21 F4Q B 10 12.24 3.07 7.66
H2' F4Q B 10 13.69 8.12 6.74
H2'' F4Q B 10 12.56 9.47 7.05
H7' F4Q B 10 15.58 8.32 5.49
H7'' F4Q B 10 16.44 9.70 6.22
H6' F4Q B 10 16.55 9.25 3.44
H8' F4Q B 10 16.09 12.00 4.86
H8'' F4Q B 10 16.71 11.77 3.13
H4 F4Q B 10 13.61 11.33 7.20
O5' F7H A 1 14.54 -4.31 8.78
C5' F7H A 1 13.45 -3.72 9.45
C4' F7H A 1 13.67 -2.42 10.21
O4' F7H A 1 14.64 -1.62 9.53
C1' F7H A 1 14.12 -0.29 9.30
N1 F7H A 1 14.00 -0.03 7.83
C6 F7H A 1 14.06 -1.04 6.88
C5 F7H A 1 13.95 -0.79 5.54
C7 F7H A 1 14.03 -1.89 4.50
C4 F7H A 1 13.75 0.60 5.15
N4 F7H A 1 13.63 0.93 3.86
N3 F7H A 1 13.69 1.58 6.09
C2 F7H A 1 13.81 1.31 7.42
O2 F7H A 1 13.74 2.22 8.26
C3' F7H A 1 12.35 -1.66 10.23
C2' F7H A 1 12.76 -0.21 9.97
C7' F7H A 1 11.50 -2.28 9.10
C6' F7H A 1 12.11 -3.64 8.77
C8' F7H A 1 12.30 -4.58 9.92
O3' F7H A 1 11.73 -1.83 11.50
HO5' F7H A 1 15.07 -3.63 8.36
H4' F7H A 1 14.01 -2.62 11.22
H1' F7H A 1 14.79 0.44 9.74
H6 F7H A 1 14.22 -2.06 7.20
H71 F7H A 1 14.96 -1.81 3.96
H72 F7H A 1 13.19 -1.78 3.81
H73 F7H A 1 13.96 -2.87 4.98
H41 F7H A 1 13.49 1.89 3.60
H42 F7H A 1 13.67 0.22 3.15
H2' F7H A 1 12.03 0.30 9.34
H2'' F7H A 1 12.85 0.32 10.93
H7' F7H A 1 11.52 -1.65 8.21
H7'' F7H A 1 10.48 -2.42 9.44
H6' F7H A 1 12.00 -4.03 7.76
H8' F7H A 1 11.85 -4.32 10.88
H8'' F7H A 1 12.38 -5.64 9.70
C7 EAN A 2 10.06 -0.51 6.06
C6 EAN A 2 10.09 1.49 7.57
C5 EAN A 2 10.10 0.99 6.30
C4 EAN A 2 10.17 1.88 5.15
C2 EAN A 2 10.19 3.78 6.76
P EAN A 2 10.48 -0.93 12.01
O1P EAN A 2 11.03 0.20 12.79
O2P EAN A 2 9.49 -1.84 12.63
O5' EAN A 2 9.83 -0.34 10.66
C5' EAN A 2 8.81 0.64 10.76
C4' EAN A 2 9.22 2.10 10.92
O4' EAN A 2 10.40 2.38 10.16
C1' EAN A 2 10.15 3.43 9.22
N1 EAN A 2 10.14 2.86 7.82
O4 EAN A 2 10.20 1.53 3.98
N3 EAN A 2 10.20 3.24 5.48
O2 EAN A 2 10.23 5.00 6.94
C3' EAN A 2 8.09 2.96 10.38
C2' EAN A 2 8.80 4.04 9.56
C7' EAN A 2 7.21 2.01 9.52
C6' EAN A 2 7.60 0.59 9.88
C8' EAN A 2 7.49 0.23 11.32
O3' EAN A 2 7.35 3.50 11.48
H73 EAN A 2 9.59 -1.01 6.91
H71 EAN A 2 11.08 -0.89 5.95
H72 EAN A 2 9.50 -0.72 5.16
H6 EAN A 2 10.03 0.80 8.41
H4' EAN A 2 9.40 2.33 11.98
H1' EAN A 2 10.93 4.18 9.30
H3 EAN A 2 10.24 3.90 4.70
H2' EAN A 2 8.23 4.29 8.66
H2'' EAN A 2 8.94 4.93 10.17
H7' EAN A 2 7.39 2.17 8.46
H7'' EAN A 2 6.15 2.17 9.75
H6' EAN A 2 7.52 -0.20 9.12
H8' EAN A 2 7.01 0.93 12.00
H8'' EAN A 2 7.39 -0.83 11.58
P TCJ A 3 6.32 4.76 11.34
O1P TCJ A 3 7.10 6.00 11.46
O2P TCJ A 3 5.18 4.50 12.26
O5' TCJ A 3 5.78 4.63 9.83
C5' TCJ A 3 4.93 5.62 9.31
C4' TCJ A 3 5.55 6.84 8.64
O4' TCJ A 3 6.78 6.46 8.03
C1' TCJ A 3 6.76 6.76 6.63
N1 TCJ A 3 6.78 5.50 5.82
C6 TCJ A 3 6.35 4.28 6.35
C5 TCJ A 3 6.34 3.14 5.60
C7 TCJ A 3 5.86 1.81 6.15
C4 TCJ A 3 6.81 3.25 4.23
N4 TCJ A 3 6.83 2.18 3.43
N3 TCJ A 3 7.23 4.44 3.73
C2 TCJ A 3 7.23 5.58 4.48
O2 TCJ A 3 7.61 6.65 4.02
C3' TCJ A 3 4.59 7.31 7.54
C2' TCJ A 3 5.51 7.57 6.35
C7' TCJ A 3 3.59 6.15 7.33
C6' TCJ A 3 3.73 5.19 8.50
C8' TCJ A 3 3.55 5.78 9.88
O3' TCJ A 3 3.91 8.50 7.96
H4' TCJ A 3 5.70 7.62 9.37
H1' TCJ A 3 7.65 7.35 6.38
H6 TCJ A 3 6.01 4.24 7.37
H73 TCJ A 3 6.70 1.12 6.20
H71 TCJ A 3 5.10 1.40 5.50
H72 TCJ A 3 5.44 1.95 7.15
H41 TCJ A 3 7.16 2.26 2.48
H42 TCJ A 3 6.52 1.28 3.78
H2' TCJ A 3 5.04 7.27 5.41
H2'' TCJ A 3 5.76 8.63 6.30
H7' TCJ A 3 3.79 5.61 6.41
H7'' TCJ A 3 2.57 6.52 7.31
H6' TCJ A 3 3.54 4.13 8.35
H8' TCJ A 3 3.17 6.80 9.95
H8'' TCJ A 3 3.28 5.11 10.69
C8 F4Q A 4 3.56 6.05 3.42
C2 F4Q A 4 4.48 4.97 -0.75
C4 F4Q A 4 4.03 5.84 1.29
C5 F4Q A 4 3.96 4.60 1.91
C6 F4Q A 4 4.20 3.41 1.15
P F4Q A 4 3.04 9.42 6.93
O1P F4Q A 4 3.97 10.39 6.28
O2P F4Q A 4 1.86 9.92 7.65
O5' F4Q A 4 2.54 8.37 5.80
C5' F4Q A 4 1.71 8.78 4.75
C4' F4Q A 4 2.35 9.42 3.52
O4' F4Q A 4 3.67 8.88 3.33
C1' F4Q A 4 3.76 8.24 2.06
N9 F4Q A 4 3.77 6.77 2.27
N7 F4Q A 4 3.67 4.76 3.26
O6 F4Q A 4 4.23 2.25 1.55
N1 F4Q A 4 4.44 3.68 -0.21
N2 F4Q A 4 4.70 5.05 -2.08
N3 F4Q A 4 4.31 6.09 -0.03
C3' F4Q A 4 1.51 9.06 2.30
C2' F4Q A 4 2.54 8.66 1.25
C7' F4Q A 4 0.58 7.90 2.75
C6' F4Q A 4 0.62 7.84 4.27
C8' F4Q A 4 0.28 9.12 5.00
O3' F4Q A 4 0.74 10.20 1.90
H8 F4Q A 4 3.32 6.51 4.36
H4' F4Q A 4 2.40 10.50 3.64
H1' F4Q A 4 4.67 8.56 1.55
H1 F4Q A 4 4.58 2.90 -0.82
H22 F4Q A 4 4.74 5.95 -2.52
H21 F4Q A 4 4.83 4.21 -2.62
H2' F4Q A 4 2.18 7.84 0.62
H2'' F4Q A 4 2.79 9.52 0.63
H7' F4Q A 4 0.94 6.95 2.36
H7'' F4Q A 4 -0.44 8.07 2.42
H6' F4Q A 4 0.49 6.89 4.77
H8' F4Q A 4 -0.14 9.94 4.43
H8'' F4Q A 4 -0.05 9.03 6.04
C8 F4Q A 5 0.76 5.62 -0.35
C2 F4Q A 5 1.88 2.31 -3.06
C4 F4Q A 5 1.41 4.22 -1.90
C5 F4Q A 5 1.02 3.55 -0.76
C6 F4Q A 5 1.10 2.12 -0.72
P F4Q A 5 0.02 10.35 0.46
O1P F4Q A 5 1.03 10.83 -0.52
O2P F4Q A 5 -1.22 11.14 0.65
O5' F4Q A 5 -0.42 8.85 0.03
C5' F4Q A 5 -0.89 8.61 -1.27
C4' F4Q A 5 0.10 8.49 -2.41
O4' F4Q A 5 1.32 7.91 -1.93
C1' F4Q A 5 1.55 6.67 -2.58
N9 F4Q A 5 1.24 5.55 -1.63
N7 F4Q A 5 0.61 4.45 0.21
O6 F4Q A 5 0.84 1.37 0.23
N1 F4Q A 5 1.52 1.56 -1.94
N2 F4Q A 5 2.24 1.63 -4.15
N3 F4Q A 5 1.87 3.67 -3.07
C3' F4Q A 5 -0.48 7.58 -3.48
C2' F4Q A 5 0.65 6.60 -3.80
C7' F4Q A 5 -1.72 6.90 -2.82
C6' F4Q A 5 -2.00 7.62 -1.52
C8' F4Q A 5 -2.28 9.09 -1.63
O3' F4Q A 5 -0.86 8.35 -4.62
H8 F4Q A 5 0.52 6.55 0.14
H4' F4Q A 5 0.31 9.48 -2.83
H1' F4Q A 5 2.60 6.61 -2.89
H1 F4Q A 5 1.56 0.56 -2.01
H22 F4Q A 5 2.50 2.13 -4.98
H21 F4Q A 5 2.24 0.62 -4.14
H2' F4Q A 5 0.27 5.59 -3.97
H2'' F4Q A 5 1.20 6.95 -4.68
H7' F4Q A 5 -1.53 5.85 -2.62
H7'' F4Q A 5 -2.59 6.99 -3.48
H6' F4Q A 5 -2.41 7.07 -0.68
H8' F4Q A 5 -2.40 9.52 -2.63
H8'' F4Q A 5 -2.84 9.57 -0.83
P TCJ A 6 -1.22 7.69 -6.06
O1P TCJ A 6 0.04 7.53 -6.82
O2P TCJ A 6 -2.33 8.45 -6.65
O5' TCJ A 6 -1.76 6.22 -5.67
C5' TCJ A 6 -2.23 5.35 -6.68
C4' TCJ A 6 -1.25 4.42 -7.37
O4' TCJ A 6 -0.26 3.98 -6.44
C1' TCJ A 6 -0.26 2.55 -6.35
N1 TCJ A 6 -0.84 2.12 -5.03
C6 TCJ A 6 -1.53 2.98 -4.19
C5 TCJ A 6 -2.05 2.56 -3.00
C7 TCJ A 6 -2.82 3.51 -2.09
C4 TCJ A 6 -1.84 1.17 -2.64
N4 TCJ A 6 -2.31 0.69 -1.48
N3 TCJ A 6 -1.17 0.33 -3.47
C2 TCJ A 6 -0.66 0.76 -4.67
O2 TCJ A 6 -0.08 -0.02 -5.42
C3' TCJ A 6 -2.01 3.19 -7.87
C2' TCJ A 6 -1.11 2.02 -7.50
C7' TCJ A 6 -3.36 3.21 -7.11
C6' TCJ A 6 -3.50 4.58 -6.46
C8' TCJ A 6 -3.49 5.74 -7.41
O3' TCJ A 6 -2.21 3.30 -9.28
H4' TCJ A 6 -0.78 4.94 -8.22
H1' TCJ A 6 0.76 2.17 -6.44
H6 TCJ A 6 -1.66 4.01 -4.48
H73 TCJ A 6 -3.59 2.96 -1.57
H71 TCJ A 6 -3.28 4.30 -2.68
H72 TCJ A 6 -2.13 3.95 -1.37
H41 TCJ A 6 -2.16 -0.28 -1.23
H42 TCJ A 6 -2.81 1.30 -0.86
H2' TCJ A 6 -1.69 1.15 -7.21
H2'' TCJ A 6 -0.46 1.77 -8.34
H7' TCJ A 6 -3.38 2.45 -6.32
H7'' TCJ A 6 -4.19 3.05 -7.79
H6' TCJ A 6 -4.04 4.67 -5.52
H8' TCJ A 6 -3.50 5.52 -8.48
H8'' TCJ A 6 -3.98 6.65 -7.11
C7 EAN A 7 -5.17 1.10 -4.66
C6 EAN A 7 -3.95 -0.62 -6.03
C5 EAN A 7 -4.58 -0.29 -4.86
C4 EAN A 7 -4.69 -1.27 -3.77
C2 EAN A 7 -3.48 -2.87 -5.23
P EAN A 7 -2.71 2.05 -10.20
O1P EAN A 7 -1.54 1.18 -10.48
O2P EAN A 7 -3.49 2.60 -11.33
O5' EAN A 7 -3.72 1.25 -9.24
C5' EAN A 7 -4.22 0.01 -9.65
C4' EAN A 7 -3.33 -1.21 -9.52
O4' EAN A 7 -2.52 -1.11 -8.34
C1' EAN A 7 -2.71 -2.26 -7.51
N1 EAN A 7 -3.41 -1.88 -6.23
O4 EAN A 7 -5.24 -1.06 -2.68
N3 EAN A 7 -4.12 -2.50 -4.05
O2 EAN A 7 -3.00 -4.00 -5.37
C3' EAN A 7 -4.21 -2.44 -9.39
C2' EAN A 7 -3.54 -3.27 -8.30
C7' EAN A 7 -5.60 -1.90 -8.98
C6' EAN A 7 -5.61 -0.41 -9.26
C8' EAN A 7 -5.31 -0.02 -10.67
O3' EAN A 7 -4.24 -3.12 -10.65
H73 EAN A 7 -4.43 1.75 -4.19
H71 EAN A 7 -6.05 1.04 -4.02
H72 EAN A 7 -5.46 1.52 -5.63
H6 EAN A 7 -3.89 0.12 -6.81
H4' EAN A 7 -2.68 -1.30 -10.40
H1' EAN A 7 -1.73 -2.70 -7.27
H3 EAN A 7 -4.19 -3.21 -3.33
H2' EAN A 7 -4.27 -3.77 -7.66
H2'' EAN A 7 -2.87 -4.01 -8.75
H7' EAN A 7 -5.80 -2.07 -7.92
H7'' EAN A 7 -6.38 -2.38 -9.58
H6' EAN A 7 -6.21 0.25 -8.64
H8' EAN A 7 -5.25 -0.80 -11.43
H8'' EAN A 7 -5.67 0.95 -11.03
C7 EAN A 8 -7.94 -1.83 -6.32
C6 EAN A 8 -7.04 -4.17 -6.21
C5 EAN A 8 -7.54 -3.08 -5.55
C4 EAN A 8 -7.69 -3.09 -4.10
C2 EAN A 8 -6.79 -5.40 -4.13
P EAN A 8 -4.81 -4.62 -10.84
O1P EAN A 8 -3.76 -5.59 -10.44
O2P EAN A 8 -5.41 -4.72 -12.19
O5' EAN A 8 -5.99 -4.69 -9.77
C5' EAN A 8 -6.74 -5.87 -9.59
C4' EAN A 8 -6.27 -6.87 -8.54
O4' EAN A 8 -5.59 -6.17 -7.50
C1' EAN A 8 -6.13 -6.54 -6.22
N1 EAN A 8 -6.67 -5.33 -5.52
O4 EAN A 8 -8.13 -2.16 -3.43
N3 EAN A 8 -7.30 -4.28 -3.48
O2 EAN A 8 -6.47 -6.41 -3.49
C3' EAN A 8 -7.50 -7.55 -7.95
C2' EAN A 8 -7.24 -7.57 -6.46
C7' EAN A 8 -8.71 -6.67 -8.38
C6' EAN A 8 -8.23 -5.75 -9.49
C8' EAN A 8 -7.60 -6.39 -10.69
O3' EAN A 8 -7.62 -8.87 -8.48
H73 EAN A 8 -7.14 -1.09 -6.24
H71 EAN A 8 -8.85 -1.41 -5.87
H72 EAN A 8 -8.12 -2.07 -7.36
H6 EAN A 8 -6.94 -4.15 -7.28
H4' EAN A 8 -5.61 -7.60 -9.00
H1' EAN A 8 -5.34 -6.99 -5.62
H3 EAN A 8 -7.38 -4.32 -2.49
H2' EAN A 8 -8.14 -7.32 -5.89
H2'' EAN A 8 -6.88 -8.56 -6.16
H7' EAN A 8 -9.07 -6.07 -7.55
H7'' EAN A 8 -9.52 -7.28 -8.77
H6' EAN A 8 -8.69 -4.77 -9.60
H8' EAN A 8 -7.66 -7.48 -10.79
H8'' EAN A 8 -7.58 -5.83 -11.62
O1P TCY A 9 -8.10 -10.88 -7.05
P TCY A 9 -8.75 -9.91 -7.96
O2P TCY A 9 -9.48 -10.42 -9.15
C8' TCY A 9 -12.08 -9.88 -7.62
O5' TCY A 9 -9.77 -9.00 -7.09
C5' TCY A 9 -11.01 -9.51 -6.64
C6' TCY A 9 -12.24 -8.65 -6.78
C4' TCY A 9 -11.06 -10.17 -5.28
C3' TCY A 9 -12.43 -9.91 -4.66
C7' TCY A 9 -13.08 -8.80 -5.52
O3' TCY A 9 -13.23 -11.10 -4.70
C2' TCY A 9 -12.12 -9.50 -3.23
C1' TCY A 9 -10.69 -9.00 -3.28
O4' TCY A 9 -10.07 -9.59 -4.43
N9 TCY A 9 -10.66 -7.53 -3.41
C4 TCY A 9 -10.87 -6.64 -2.39
N3 TCY A 9 -11.12 -6.96 -1.08
C2 TCY A 9 -11.30 -5.85 -0.35
N1 TCY A 9 -11.22 -4.57 -0.74
C6 TCY A 9 -10.99 -4.30 -2.05
N6 TCY A 9 -10.95 -3.01 -2.44
C5 TCY A 9 -10.78 -5.39 -2.94
N7 TCY A 9 -10.52 -5.47 -4.30
C8 TCY A 9 -10.46 -6.75 -4.53
H8' TCY A 9 -12.68 -10.76 -7.38
H8'A TCY A 9 -11.83 -9.75 -8.68
H6' TCY A 9 -12.15 -7.67 -7.25
H4' TCY A 9 -10.89 -11.24 -5.38
H7' TCY A 9 -13.08 -7.84 -4.99
H7'A TCY A 9 -14.10 -9.06 -5.79
H2' TCY A 9 -12.79 -8.72 -2.88
H2'A TCY A 9 -12.19 -10.36 -2.57
H1' TCY A 9 -10.15 -9.31 -2.38
H2 TCY A 9 -11.56 -6.02 0.69
HN6 TCY A 9 -11.11 -2.28 -1.77
HN6A TCY A 9 -10.79 -2.79 -3.41
H8 TCY A 9 -10.28 -7.17 -5.51
P TCJ A 10 -14.61 -11.27 -3.84
O1P TCJ A 10 -14.25 -11.77 -2.49
O2P TCJ A 10 -15.57 -12.03 -4.67
O5' TCJ A 10 -15.16 -9.76 -3.69
C5' TCJ A 10 -16.23 -9.48 -2.80
C4' TCJ A 10 -15.91 -9.14 -1.35
O4' TCJ A 10 -14.68 -8.40 -1.27
C1' TCJ A 10 -14.88 -7.18 -0.57
N1 TCJ A 10 -14.66 -6.00 -1.48
C6 TCJ A 10 -14.59 -6.14 -2.87
C5 TCJ A 10 -14.39 -5.07 -3.68
C7 TCJ A 10 -14.30 -5.22 -5.20
C4 TCJ A 10 -14.26 -3.76 -3.04
N4 TCJ A 10 -14.07 -2.66 -3.78
N3 TCJ A 10 -14.34 -3.64 -1.70
C2 TCJ A 10 -14.53 -4.73 -0.89
O2 TCJ A 10 -14.59 -4.60 0.34
C3' TCJ A 10 -17.03 -8.25 -0.82
C2' TCJ A 10 -16.31 -7.16 -0.03
C7' TCJ A 10 -17.77 -7.72 -2.07
C6' TCJ A 10 -17.37 -8.60 -3.25
C8' TCJ A 10 -17.58 -10.07 -3.08
O3' TCJ A 10 -17.89 -8.99 0.02
H4' TCJ A 10 -15.84 -10.05 -0.75
H1' TCJ A 10 -14.18 -7.11 0.26
H6 TCJ A 10 -14.68 -7.12 -3.31
H73 TCJ A 10 -13.26 -5.38 -5.48
H71 TCJ A 10 -14.67 -4.32 -5.68
H72 TCJ A 10 -14.90 -6.07 -5.51
H41 TCJ A 10 -13.99 -1.76 -3.33
H42 TCJ A 10 -14.01 -2.73 -4.79
H2' TCJ A 10 -16.78 -6.18 -0.17
H2'' TCJ A 10 -16.29 -7.42 1.03
H7' TCJ A 10 -17.50 -6.68 -2.28
H7'' TCJ A 10 -18.86 -7.79 -1.92
H6' TCJ A 10 -17.35 -8.16 -4.24
H8' TCJ A 10 -18.15 -10.42 -2.22
H8'' TCJ A 10 -17.66 -10.68 -3.99
H3T TCJ A 10 -18.53 -8.39 0.41
C8 F7K B 1 -14.43 3.36 0.78
C2 F7K B 1 -15.20 -0.99 0.89
C4 F7K B 1 -14.96 1.25 1.12
C5 F7K B 1 -14.30 1.42 -0.09
C6 F7K B 1 -14.05 0.27 -0.92
O5' F7K B 1 -14.25 6.59 2.83
C5' F7K B 1 -13.88 5.68 3.84
C4' F7K B 1 -14.89 4.63 4.27
O4' F7K B 1 -15.70 4.24 3.15
C1' F7K B 1 -15.68 2.82 2.98
N9 F7K B 1 -15.04 2.51 1.67
N7 F7K B 1 -13.97 2.75 -0.29
O6 F7K B 1 -13.49 0.22 -2.00
N1 F7K B 1 -14.54 -0.92 -0.34
N2 F7K B 1 -15.61 -2.20 1.28
N3 F7K B 1 -15.43 0.10 1.66
C3' F7K B 1 -14.13 3.40 4.74
C2' F7K B 1 -14.87 2.23 4.13
C7' F7K B 1 -12.69 3.58 4.20
C6' F7K B 1 -12.53 5.03 3.80
C8' F7K B 1 -12.83 6.06 4.84
O3' F7K B 1 -14.14 3.37 6.17
H8 F7K B 1 -14.34 4.42 0.94
HO5' F7K B 1 -13.54 7.22 2.68
H4' F7K B 1 -15.52 5.02 5.07
H1' F7K B 1 -16.69 2.44 2.99
H1 F7K B 1 -14.40 -1.78 -0.86
H21 F7K B 1 -15.43 -3.01 0.71
H22 F7K B 1 -16.09 -2.30 2.17
H2'' F7K B 1 -15.56 1.80 4.87
H2' F7K B 1 -14.19 1.45 3.78
H7'' F7K B 1 -11.95 3.35 4.98
H7' F7K B 1 -12.52 2.95 3.33
H6' F7K B 1 -11.85 5.29 2.98
H8'' F7K B 1 -12.40 7.05 4.73
H8' F7K B 1 -12.99 5.72 5.87
C7 EAN B 2 -11.22 0.97 1.80
C6 EAN B 2 -12.15 -0.82 3.30
C5 EAN B 2 -11.65 -0.47 2.08
C4 EAN B 2 -11.52 -1.47 1.02
C2 EAN B 2 -12.45 -3.13 2.62
P EAN B 2 -13.72 2.07 7.05
O1P EAN B 2 -12.99 2.53 8.24
O2P EAN B 2 -14.91 1.21 7.20
O5' EAN B 2 -12.67 1.28 6.10
C5' EAN B 2 -11.89 0.22 6.63
C4' EAN B 2 -12.52 -1.15 6.77
O4' EAN B 2 -13.45 -1.36 5.69
C1' EAN B 2 -13.08 -2.52 4.93
N1 EAN B 2 -12.54 -2.12 3.59
O4 EAN B 2 -11.07 -1.25 -0.11
N3 EAN B 2 -11.95 -2.74 1.37
O2 EAN B 2 -12.81 -4.29 2.83
C3' EAN B 2 -11.42 -2.19 6.66
C2' EAN B 2 -12.01 -3.26 5.74
C7' EAN B 2 -10.20 -1.44 6.05
C6' EAN B 2 -10.48 0.05 6.18
C8' EAN B 2 -10.76 0.55 7.56
O3' EAN B 2 -11.12 -2.70 7.95
H73 EAN B 2 -10.44 0.97 1.04
H71 EAN B 2 -10.81 1.41 2.72
H72 EAN B 2 -12.07 1.55 1.47
H6 EAN B 2 -12.23 -0.06 4.07
H4' EAN B 2 -13.04 -1.24 7.71
H1' EAN B 2 -13.95 -3.16 4.81
H3 EAN B 2 -11.88 -3.46 0.67
H2' EAN B 2 -11.25 -3.69 5.08
H2'' EAN B 2 -12.47 -4.05 6.33
H7' EAN B 2 -10.08 -1.70 5.00
H7'' EAN B 2 -9.29 -1.69 6.60
H6' EAN B 2 -10.06 0.73 5.43
H8' EAN B 2 -10.62 -0.13 8.40
H8'' EAN B 2 -10.60 1.61 7.76
O1P TCY B 3 -9.41 -3.83 9.41
P TCY B 3 -10.23 -4.04 8.20
O2P TCY B 3 -11.13 -5.21 8.12
C8' TCY B 3 -7.14 -5.18 7.79
O5' TCY B 3 -9.24 -4.10 6.94
C5' TCY B 3 -8.28 -5.13 6.82
C6' TCY B 3 -6.89 -4.80 6.36
C4' TCY B 3 -8.70 -6.44 6.17
C3' TCY B 3 -7.48 -7.04 5.46
C7' TCY B 3 -6.38 -5.93 5.48
O3' TCY B 3 -7.05 -8.20 6.19
C2' TCY B 3 -7.98 -7.39 4.07
C1' TCY B 3 -9.22 -6.53 3.88
O4' TCY B 3 -9.71 -6.18 5.19
N9 TCY B 3 -8.91 -5.28 3.14
C4 TCY B 3 -8.57 -5.19 1.81
N3 TCY B 3 -8.43 -6.24 0.94
C2 TCY B 3 -8.05 -5.80 -0.27
N1 TCY B 3 -7.85 -4.53 -0.67
C6 TCY B 3 -8.06 -3.52 0.20
N6 TCY B 3 -7.96 -2.25 -0.22
C5 TCY B 3 -8.39 -3.85 1.54
N7 TCY B 3 -8.61 -3.09 2.68
C8 TCY B 3 -8.91 -3.98 3.60
H8' TCY B 3 -6.84 -6.17 8.13
H8'A TCY B 3 -7.12 -4.39 8.55
H6' TCY B 3 -6.63 -3.77 6.12
H4' TCY B 3 -9.07 -7.12 6.93
H7' TCY B 3 -6.22 -5.53 4.47
H7'A TCY B 3 -5.45 -6.30 5.88
H2' TCY B 3 -7.23 -7.18 3.30
H2'A TCY B 3 -8.27 -8.44 4.02
H1' TCY B 3 -9.99 -7.09 3.35
H2 TCY B 3 -7.88 -6.56 -1.01
HN6 TCY B 3 -7.71 -2.07 -1.19
HN6A TCY B 3 -8.11 -1.49 0.42
H8 TCY B 3 -9.13 -3.71 4.61
O1P TCY B 4 -5.28 -9.89 6.79
P TCY B 4 -5.98 -9.29 5.63
O2P TCY B 4 -6.67 -10.17 4.65
C8' TCY B 4 -2.60 -9.26 5.17
O5' TCY B 4 -4.93 -8.39 4.82
C5' TCY B 4 -3.76 -8.96 4.28
C6' TCY B 4 -2.53 -8.11 4.21
C4' TCY B 4 -3.87 -9.76 2.99
C3' TCY B 4 -2.59 -9.56 2.20
C7' TCY B 4 -1.85 -8.37 2.88
O3' TCY B 4 -1.81 -10.75 2.26
C2' TCY B 4 -3.07 -9.26 0.78
C1' TCY B 4 -4.51 -8.79 0.96
O4' TCY B 4 -4.97 -9.28 2.22
N9 TCY B 4 -4.59 -7.31 0.96
C4 TCY B 4 -4.41 -6.49 -0.13
N3 TCY B 4 -4.12 -6.87 -1.40
C2 TCY B 4 -4.00 -5.82 -2.22
N1 TCY B 4 -4.14 -4.52 -1.91
C6 TCY B 4 -4.44 -4.16 -0.64
N6 TCY B 4 -4.61 -2.87 -0.34
C5 TCY B 4 -4.58 -5.20 0.33
N7 TCY B 4 -4.87 -5.19 1.69
C8 TCY B 4 -4.85 -6.46 2.01
H8' TCY B 4 -2.03 -10.17 4.93
H8'A TCY B 4 -2.72 -9.05 6.23
H6' TCY B 4 -2.54 -7.10 4.60
H4' TCY B 4 -4.01 -10.81 3.22
H7' TCY B 4 -1.93 -7.47 2.27
H7'A TCY B 4 -0.81 -8.61 3.05
H2' TCY B 4 -2.45 -8.50 0.30
H2'A TCY B 4 -3.05 -10.17 0.19
H1' TCY B 4 -5.13 -9.20 0.15
H2 TCY B 4 -3.77 -6.03 -3.24
HN6 TCY B 4 -4.50 -2.17 -1.07
HN6A TCY B 4 -4.84 -2.59 0.59
H8 TCY B 4 -5.04 -6.82 3.01
C8 F4Q B 5 -0.82 -6.17 -0.31
C2 F4Q B 5 -0.59 -3.36 -3.70
C4 F4Q B 5 -0.69 -5.05 -2.18
C5 F4Q B 5 -0.85 -4.20 -1.10
C6 F4Q B 5 -0.92 -2.78 -1.32
P F4Q B 5 -0.51 -11.00 1.32
O1P F4Q B 5 0.52 -11.69 2.13
O2P F4Q B 5 -0.97 -11.61 0.05
O5' F4Q B 5 0.02 -9.52 0.99
C5' F4Q B 5 1.03 -9.35 0.03
C4' F4Q B 5 0.64 -9.32 -1.43
O4' F4Q B 5 -0.64 -8.69 -1.58
C1' F4Q B 5 -0.53 -7.57 -2.46
N9 F4Q B 5 -0.67 -6.32 -1.66
N7 F4Q B 5 -0.93 -4.93 0.08
O6 F4Q B 5 -1.08 -1.89 -0.48
N1 F4Q B 5 -0.75 -2.44 -2.67
N2 F4Q B 5 -0.44 -2.88 -4.93
N3 F4Q B 5 -0.57 -4.70 -3.49
C3' F4Q B 5 1.67 -8.50 -2.19
C2' F4Q B 5 0.84 -7.62 -3.12
C7' F4Q B 5 2.44 -7.70 -1.11
C6' F4Q B 5 2.11 -8.31 0.23
C8' F4Q B 5 2.43 -9.76 0.38
O3' F4Q B 5 2.54 -9.39 -2.91
H8 F4Q B 5 -0.84 -7.00 0.38
H4' F4Q B 5 0.60 -10.34 -1.82
H1' F4Q B 5 -1.32 -7.62 -3.21
H1 F4Q B 5 -0.76 -1.47 -2.90
H22 F4Q B 5 -0.32 -3.51 -5.72
H21 F4Q B 5 -0.46 -1.88 -5.09
H2' F4Q B 5 1.27 -6.63 -3.24
H2'' F4Q B 5 0.74 -8.10 -4.09
H7' F4Q B 5 2.15 -6.64 -1.11
H7'' F4Q B 5 3.52 -7.77 -1.27
H6' F4Q B 5 2.08 -7.67 1.12
H8' F4Q B 5 3.01 -10.25 -0.42
H8'' F4Q B 5 2.58 -10.16 1.38
P TCJ B 6 3.55 -8.91 -4.08
O1P TCJ B 6 4.69 -9.85 -4.12
O2P TCJ B 6 2.78 -8.67 -5.32
O5' TCJ B 6 4.09 -7.49 -3.56
C5' TCJ B 6 4.90 -6.70 -4.38
C4' TCJ B 6 4.23 -5.77 -5.37
O4' TCJ B 6 3.01 -5.27 -4.84
C1' TCJ B 6 2.97 -3.84 -4.94
N1 TCJ B 6 2.85 -3.23 -3.56
C6 TCJ B 6 2.98 -3.98 -2.40
C5 TCJ B 6 2.82 -3.42 -1.17
C7 TCJ B 6 2.95 -4.25 0.10
C4 TCJ B 6 2.50 -2.00 -1.12
N4 TCJ B 6 2.31 -1.40 0.06
N3 TCJ B 6 2.39 -1.28 -2.25
C2 TCJ B 6 2.57 -1.85 -3.50
O2 TCJ B 6 2.50 -1.16 -4.52
C3' TCJ B 6 5.16 -4.61 -5.62
C2' TCJ B 6 4.26 -3.38 -5.64
C7' TCJ B 6 6.19 -4.62 -4.45
C6' TCJ B 6 6.09 -5.99 -3.80
C8' TCJ B 6 6.29 -7.17 -4.70
O3' TCJ B 6 5.83 -4.82 -6.87
H4' TCJ B 6 4.03 -6.30 -6.30
H1' TCJ B 6 2.12 -3.53 -5.54
H6 TCJ B 6 3.21 -5.03 -2.48
H73 TCJ B 6 3.37 -3.63 0.90
H71 TCJ B 6 3.62 -5.09 -0.07
H72 TCJ B 6 1.98 -4.61 0.40
H41 TCJ B 6 2.09 -0.40 0.09
H42 TCJ B 6 2.39 -1.91 0.92
H2' TCJ B 6 4.72 -2.54 -5.12
H2'' TCJ B 6 4.03 -3.10 -6.67
H7' TCJ B 6 5.95 -3.85 -3.71
H7'' TCJ B 6 7.20 -4.47 -4.81
H6' TCJ B 6 6.30 -6.08 -2.73
H8' TCJ B 6 6.63 -6.99 -5.72
H8'' TCJ B 6 6.59 -8.11 -4.25
P TCJ B 7 6.65 -3.68 -7.66
O1P TCJ B 7 7.85 -4.30 -8.23
O2P TCJ B 7 5.71 -2.94 -8.53
O5' TCJ B 7 7.12 -2.68 -6.49
C5' TCJ B 7 7.69 -1.45 -6.83
C4' TCJ B 7 6.77 -0.31 -7.21
O4' TCJ B 7 5.58 -0.35 -6.42
C1' TCJ B 7 5.39 0.88 -5.72
N1 TCJ B 7 5.53 0.68 -4.23
C6 TCJ B 7 6.05 -0.50 -3.70
C5 TCJ B 7 6.11 -0.69 -2.35
C7 TCJ B 7 6.66 -1.98 -1.75
C4 TCJ B 7 5.60 0.37 -1.50
N4 TCJ B 7 5.61 0.25 -0.16
N3 TCJ B 7 5.12 1.52 -2.03
C2 TCJ B 7 5.11 1.73 -3.40
O2 TCJ B 7 4.73 2.80 -3.87
C3' TCJ B 7 7.49 1.00 -6.91
C2' TCJ B 7 6.43 1.87 -6.25
C7' TCJ B 7 8.66 0.61 -5.97
C6' TCJ B 7 8.84 -0.89 -6.05
C8' TCJ B 7 9.08 -1.45 -7.42
O3' TCJ B 7 7.96 1.56 -8.14
H4' TCJ B 7 6.51 -0.36 -8.27
H1' TCJ B 7 4.39 1.27 -5.94
H6 TCJ B 7 6.42 -1.26 -4.35
H73 TCJ B 7 7.20 -1.75 -0.82
H71 TCJ B 7 7.35 -2.44 -2.46
H72 TCJ B 7 5.84 -2.66 -1.54
H41 TCJ B 7 5.26 0.98 0.42
H42 TCJ B 7 5.96 -0.61 0.25
H2' TCJ B 7 6.85 2.47 -5.44
H2'' TCJ B 7 5.97 2.53 -6.99
H7' TCJ B 7 8.46 0.90 -4.94
H7'' TCJ B 7 9.59 1.08 -6.30
H6' TCJ B 7 9.19 -1.44 -5.17
H8' TCJ B 7 9.25 -0.75 -8.23
H8'' TCJ B 7 9.56 -2.42 -7.50
C8 F4Q B 8 8.37 3.64 -3.42
C2 F4Q B 8 7.52 5.99 0.21
C4 F4Q B 8 7.89 5.06 -1.83
C5 F4Q B 8 8.11 3.80 -1.32
C6 F4Q B 8 7.99 3.56 0.09
P F4Q B 8 8.56 3.06 -8.25
O1P F4Q B 8 9.72 3.02 -9.15
O2P F4Q B 8 7.43 3.98 -8.52
O5' F4Q B 8 9.07 3.35 -6.75
C5' F4Q B 8 9.84 4.48 -6.47
C4' F4Q B 8 9.15 5.77 -6.15
O4' F4Q B 8 7.89 5.50 -5.50
C1' F4Q B 8 7.90 6.06 -4.18
N9 F4Q B 8 8.05 4.95 -3.19
N7 F4Q B 8 8.42 2.90 -2.35
O6 F4Q B 8 8.11 2.50 0.70
N1 F4Q B 8 7.71 4.75 0.80
N2 F4Q B 8 7.27 7.01 1.03
N3 F4Q B 8 7.56 6.19 -1.13
C3' F4Q B 8 10.02 6.57 -5.19
C2' F4Q B 8 9.05 7.04 -4.10
C7' F4Q B 8 11.10 5.57 -4.67
C6' F4Q B 8 11.03 4.34 -5.56
C8' F4Q B 8 11.24 4.57 -7.02
O3' F4Q B 8 10.62 7.65 -5.90
H8 F4Q B 8 8.58 3.24 -4.40
H4' F4Q B 8 8.96 6.34 -7.06
H1' F4Q B 8 6.95 6.57 -4.00
H1 F4Q B 8 7.65 4.68 1.80
H22 F4Q B 8 7.12 7.94 0.65
H21 F4Q B 8 7.24 6.87 2.02
H2' F4Q B 8 9.51 7.03 -3.12
H2'' F4Q B 8 8.70 8.04 -4.34
H7' F4Q B 8 10.90 5.27 -3.63
H7'' F4Q B 8 12.09 6.00 -4.74
H6' F4Q B 8 11.27 3.36 -5.13
H8' F4Q B 8 11.57 5.55 -7.35
H8'' F4Q B 8 11.58 3.73 -7.62
O1P TCY B 9 12.57 9.22 -5.99
P TCY B 9 11.38 8.87 -5.17
O2P TCY B 9 10.38 9.91 -4.84
C8' TCY B 9 14.04 9.38 -3.23
O5' TCY B 9 11.90 8.22 -3.80
C5' TCY B 9 12.63 8.99 -2.89
C6' TCY B 9 13.78 8.38 -2.15
C4' TCY B 9 11.88 9.89 -1.93
C3' TCY B 9 12.70 10.04 -0.66
C7' TCY B 9 13.78 8.93 -0.72
O3' TCY B 9 13.30 11.34 -0.65
C2' TCY B 9 11.69 9.84 0.46
C1' TCY B 9 10.59 9.01 -0.18
O4' TCY B 9 10.62 9.30 -1.59
N9 TCY B 9 10.82 7.55 0.01
C4 TCY B 9 10.72 6.88 1.20
N3 TCY B 9 10.39 7.40 2.42
C2 TCY B 9 10.42 6.45 3.37
N1 TCY B 9 10.66 5.14 3.24
C6 TCY B 9 10.93 4.64 2.01
N6 TCY B 9 11.11 3.32 1.86
C5 TCY B 9 11.00 5.55 0.92
N7 TCY B 9 11.27 5.39 -0.43
C8 TCY B 9 11.16 6.60 -0.92
H8' TCY B 9 14.35 10.37 -2.95
H8'A TCY B 9 14.42 9.01 -4.18
H6' TCY B 9 14.03 7.33 -2.31
H4' TCY B 9 11.71 10.87 -2.40
H7' TCY B 9 13.55 8.11 -0.03
H7'A TCY B 9 14.77 9.33 -0.50
H2' TCY B 9 12.12 9.33 1.31
H2'A TCY B 9 11.29 10.80 0.77
H1' TCY B 9 9.62 9.29 0.23
H2 TCY B 9 10.22 6.78 4.38
HN6 TCY B 9 11.05 2.71 2.66
HN6A TCY B 9 11.30 2.93 0.94
H8 TCY B 9 11.33 6.83 -1.96
C8 F4Q B 10 13.94 7.94 2.77
C2 F4Q B 10 13.28 5.41 6.34
C4 F4Q B 10 13.52 6.97 4.69
C5 F4Q B 10 13.91 6.05 3.74
C6 F4Q B 10 13.97 4.66 4.08
P F4Q B 10 13.96 12.05 0.66
O1P F4Q B 10 14.95 13.03 0.19
O2P F4Q B 10 12.87 12.49 1.56
O5' F4Q B 10 14.74 10.86 1.40
C5' F4Q B 10 15.35 11.08 2.65
C4' F4Q B 10 14.45 11.27 3.87
O4' F4Q B 10 13.25 10.52 3.70
C1' F4Q B 10 13.17 9.49 4.69
N9 F4Q B 10 13.53 8.19 4.06
N7 F4Q B 10 14.18 6.68 2.53
O6 F4Q B 10 14.26 3.71 3.35
N1 F4Q B 10 13.66 4.43 5.43
N2 F4Q B 10 13.03 5.03 7.58
N3 F4Q B 10 13.17 6.72 5.99
C3' F4Q B 10 15.18 10.74 5.09
C2' F4Q B 10 14.17 9.85 5.79
C7' F4Q B 10 16.42 9.96 4.55
C6' F4Q B 10 16.54 10.25 3.07
C8' F4Q B 10 16.72 11.69 2.70
O3' F4Q B 10 15.59 11.80 5.94
H8 F4Q B 10 14.07 8.70 2.04
H4' F4Q B 10 14.21 12.33 3.99
H1' F4Q B 10 12.17 9.44 5.10
H1 F4Q B 10 13.71 3.47 5.76
H22 F4Q B 10 12.76 5.71 8.28
H21 F4Q B 10 13.12 4.05 7.84
H2' F4Q B 10 14.63 8.96 6.22
H2'' F4Q B 10 13.65 10.41 6.57
H7' F4Q B 10 16.30 8.87 4.69
H7'' F4Q B 10 17.33 10.27 5.07
H6' F4Q B 10 16.92 9.49 2.40
H8' F4Q B 10 16.89 12.42 3.50
H8'' F4Q B 10 17.18 11.93 1.74
H4 F4Q B 10 14.86 12.41 6.02
O5' F7H A 1 14.54 -4.14 9.07
C5' F7H A 1 13.39 -3.67 9.72
C4' F7H A 1 13.47 -2.38 10.51
O4' F7H A 1 14.43 -1.50 9.90
C1' F7H A 1 13.82 -0.25 9.59
N1 F7H A 1 13.73 -0.05 8.10
C6 F7H A 1 13.93 -1.10 7.20
C5 F7H A 1 13.83 -0.91 5.86
C7 F7H A 1 14.05 -2.04 4.88
C4 F7H A 1 13.49 0.42 5.41
N4 F7H A 1 13.38 0.69 4.09
N3 F7H A 1 13.30 1.44 6.28
C2 F7H A 1 13.41 1.24 7.63
O2 F7H A 1 13.24 2.16 8.43
C3' F7H A 1 12.11 -1.71 10.47
C2' F7H A 1 12.42 -0.24 10.21
C7' F7H A 1 11.33 -2.40 9.33
C6' F7H A 1 12.07 -3.68 8.98
C8' F7H A 1 12.31 -4.64 10.12
O3' F7H A 1 11.45 -1.88 11.71
HO5' F7H A 1 15.28 -4.14 9.69
H4' F7H A 1 13.76 -2.59 11.54
H1' F7H A 1 14.40 0.56 10.03
H6 F7H A 1 14.17 -2.09 7.59
H71 F7H A 1 13.14 -2.20 4.30
H72 F7H A 1 14.31 -2.96 5.40
H73 F7H A 1 14.86 -1.78 4.19
H41 F7H A 1 13.15 1.62 3.78
H42 F7H A 1 13.52 -0.05 3.42
H2' F7H A 1 11.69 0.21 9.52
H2'' F7H A 1 12.44 0.32 11.14
H7' F7H A 1 11.28 -1.77 8.44
H7'' F7H A 1 10.32 -2.64 9.65
H6' F7H A 1 12.03 -4.07 7.96
H8' F7H A 1 11.81 -4.45 11.06
H8'' F7H A 1 12.48 -5.68 9.87
C7 EAN A 2 9.86 -0.89 5.98
C6 EAN A 2 9.88 1.17 7.39
C5 EAN A 2 9.86 0.62 6.14
C4 EAN A 2 9.87 1.47 4.95
C2 EAN A 2 9.87 3.43 6.49
P EAN A 2 10.06 -1.11 12.08
O1P EAN A 2 10.39 0.02 12.97
O2P EAN A 2 9.08 -2.13 12.53
O5' EAN A 2 9.54 -0.51 10.68
C5' EAN A 2 8.56 0.50 10.68
C4' EAN A 2 9.01 1.96 10.75
O4' EAN A 2 10.17 2.15 9.94
C1' EAN A 2 9.94 3.17 8.96
N1 EAN A 2 9.90 2.54 7.59
O4 EAN A 2 9.85 1.07 3.80
N3 EAN A 2 9.86 2.84 5.23
O2 EAN A 2 9.88 4.65 6.63
C3' EAN A 2 7.89 2.81 10.18
C2' EAN A 2 8.61 3.83 9.30
C7' EAN A 2 6.99 1.84 9.36
C6' EAN A 2 7.35 0.43 9.80
C8' EAN A 2 7.21 0.15 11.26
O3' EAN A 2 7.18 3.41 11.27
H73 EAN A 2 9.41 -1.16 5.01
H71 EAN A 2 9.28 -1.35 6.78
H72 EAN A 2 10.88 -1.26 6.00
H6 EAN A 2 9.87 0.51 8.25
H4' EAN A 2 9.21 2.23 11.78
H1' EAN A 2 10.74 3.90 9.00
H3 EAN A 2 9.84 3.47 4.43
H2' EAN A 2 8.04 4.08 8.40
H2'' EAN A 2 8.80 4.74 9.88
H7' EAN A 2 7.16 1.95 8.29
H7'' EAN A 2 5.94 2.03 9.59
H6' EAN A 2 7.27 -0.39 9.08
H8' EAN A 2 6.75 0.91 11.89
H8'' EAN A 2 7.08 -0.88 11.58
P TCJ A 3 6.18 4.68 11.11
O1P TCJ A 3 6.99 5.91 11.09
O2P TCJ A 3 5.09 4.51 12.10
O5' TCJ A 3 5.55 4.46 9.65
C5' TCJ A 3 4.69 5.42 9.12
C4' TCJ A 3 5.27 6.69 8.52
O4' TCJ A 3 6.54 6.38 7.93
C1' TCJ A 3 6.55 6.72 6.54
N1 TCJ A 3 6.58 5.48 5.70
C6 TCJ A 3 6.20 4.23 6.20
C5 TCJ A 3 6.23 3.11 5.43
C7 TCJ A 3 5.80 1.75 5.96
C4 TCJ A 3 6.70 3.26 4.06
N4 TCJ A 3 6.77 2.20 3.25
N3 TCJ A 3 7.07 4.47 3.58
C2 TCJ A 3 7.03 5.60 4.37
O2 TCJ A 3 7.35 6.70 3.92
C3' TCJ A 3 4.35 7.17 7.42
C2' TCJ A 3 5.28 7.53 6.27
C7' TCJ A 3 3.39 5.99 7.12
C6' TCJ A 3 3.55 4.98 8.25
C8' TCJ A 3 3.27 5.50 9.63
O3' TCJ A 3 3.61 8.31 7.88
H4' TCJ A 3 5.39 7.44 9.29
H1' TCJ A 3 7.42 7.33 6.31
H6 TCJ A 3 5.87 4.15 7.22
H73 TCJ A 3 6.68 1.13 6.13
H71 TCJ A 3 5.15 1.27 5.24
H72 TCJ A 3 5.26 1.87 6.90
H41 TCJ A 3 7.10 2.30 2.30
H42 TCJ A 3 6.50 1.29 3.59
H2' TCJ A 3 4.85 7.27 5.31
H2'' TCJ A 3 5.52 8.60 6.30
H7' TCJ A 3 3.65 5.50 6.18
H7'' TCJ A 3 2.36 6.32 7.08
H6' TCJ A 3 3.42 3.92 8.04
H8' TCJ A 3 2.84 6.50 9.74
H8'' TCJ A 3 3.00 4.78 10.40
C8 F4Q A 4 3.46 6.08 3.25
C2 F4Q A 4 4.46 5.09 -0.92
C4 F4Q A 4 3.98 5.92 1.15
C5 F4Q A 4 3.85 4.67 1.72
C6 F4Q A 4 4.07 3.50 0.93
P F4Q A 4 2.68 9.20 6.90
O1P F4Q A 4 3.47 10.36 6.44
O2P F4Q A 4 1.39 9.43 7.59
O5' F4Q A 4 2.41 8.24 5.64
C5' F4Q A 4 1.62 8.67 4.56
C4' F4Q A 4 2.28 9.39 3.41
O4' F4Q A 4 3.62 8.92 3.26
C1' F4Q A 4 3.77 8.31 1.97
N9 F4Q A 4 3.74 6.83 2.14
N7 F4Q A 4 3.52 4.80 3.07
O6 F4Q A 4 4.05 2.33 1.29
N1 F4Q A 4 4.35 3.80 -0.41
N2 F4Q A 4 4.71 5.21 -2.23
N3 F4Q A 4 4.31 6.20 -0.15
C3' F4Q A 4 1.51 9.10 2.14
C2' F4Q A 4 2.60 8.77 1.12
C7' F4Q A 4 0.61 7.87 2.48
C6' F4Q A 4 0.60 7.71 3.98
C8' F4Q A 4 0.15 8.89 4.78
O3' F4Q A 4 0.73 10.23 1.75
H8 F4Q A 4 3.19 6.52 4.20
H4' F4Q A 4 2.29 10.47 3.61
H1' F4Q A 4 4.71 8.62 1.52
H1 F4Q A 4 4.47 3.03 -1.04
H22 F4Q A 4 4.79 6.13 -2.64
H21 F4Q A 4 4.82 4.38 -2.79
H2' F4Q A 4 2.28 8.00 0.42
H2'' F4Q A 4 2.89 9.67 0.58
H7' F4Q A 4 1.00 6.96 2.03
H7'' F4Q A 4 -0.41 8.05 2.13
H6' F4Q A 4 0.51 6.71 4.41
H8' F4Q A 4 -0.29 9.73 4.24
H8'' F4Q A 4 -0.23 8.72 5.79
C8 F4Q A 5 0.72 5.46 -0.53
C2 F4Q A 5 1.84 2.18 -3.25
C4 F4Q A 5 1.35 4.08 -2.10
C5 F4Q A 5 0.99 3.40 -0.94
C6 F4Q A 5 1.06 1.96 -0.92
P F4Q A 5 0.06 10.40 0.28
O1P F4Q A 5 1.11 10.85 -0.66
O2P F4Q A 5 -1.18 11.19 0.44
O5' F4Q A 5 -0.36 8.91 -0.12
C5' F4Q A 5 -0.89 8.64 -1.39
C4' F4Q A 5 0.07 8.41 -2.55
O4' F4Q A 5 1.26 7.76 -2.08
C1' F4Q A 5 1.45 6.52 -2.77
N9 F4Q A 5 1.18 5.41 -1.83
N7 F4Q A 5 0.58 4.30 0.03
O6 F4Q A 5 0.79 1.21 0.02
N1 F4Q A 5 1.50 1.42 -2.13
N2 F4Q A 5 2.23 1.50 -4.34
N3 F4Q A 5 1.79 3.54 -3.27
C3' F4Q A 5 -0.61 7.49 -3.55
C2' F4Q A 5 0.47 6.48 -3.93
C7' F4Q A 5 -1.82 6.87 -2.81
C6' F4Q A 5 -2.03 7.68 -1.54
C8' F4Q A 5 -2.26 9.15 -1.73
O3' F4Q A 5 -1.03 8.26 -4.67
H8 F4Q A 5 0.48 6.39 -0.04
H4' F4Q A 5 0.33 9.36 -3.01
H1' F4Q A 5 2.48 6.45 -3.14
H1 F4Q A 5 1.56 0.42 -2.19
H22 F4Q A 5 2.49 2.01 -5.17
H21 F4Q A 5 2.26 0.50 -4.33
H2' F4Q A 5 0.05 5.48 -4.08
H2'' F4Q A 5 0.98 6.81 -4.85
H7' F4Q A 5 -1.61 5.83 -2.54
H7'' F4Q A 5 -2.71 6.91 -3.43
H6' F4Q A 5 -2.44 7.19 -0.66
H8' F4Q A 5 -2.40 9.52 -2.74
H8'' F4Q A 5 -2.78 9.69 -0.94
P TCJ A 6 -1.49 7.61 -6.08
O1P TCJ A 6 -0.28 7.45 -6.92
O2P TCJ A 6 -2.63 8.40 -6.60
O5' TCJ A 6 -2.02 6.15 -5.68
C5' TCJ A 6 -2.43 5.26 -6.68
C4' TCJ A 6 -1.41 4.33 -7.32
O4' TCJ A 6 -0.48 3.87 -6.33
C1' TCJ A 6 -0.45 2.44 -6.33
N1 TCJ A 6 -1.00 1.89 -5.03
C6 TCJ A 6 -1.63 2.72 -4.09
C5 TCJ A 6 -2.11 2.22 -2.93
C7 TCJ A 6 -2.79 3.11 -1.90
C4 TCJ A 6 -1.93 0.80 -2.69
N4 TCJ A 6 -2.35 0.25 -1.53
N3 TCJ A 6 -1.33 0.01 -3.59
C2 TCJ A 6 -0.87 0.51 -4.79
O2 TCJ A 6 -0.34 -0.22 -5.63
C3' TCJ A 6 -2.13 3.14 -7.90
C2' TCJ A 6 -1.27 1.94 -7.52
C7' TCJ A 6 -3.52 3.13 -7.21
C6' TCJ A 6 -3.72 4.49 -6.56
C8' TCJ A 6 -3.64 5.64 -7.50
O3' TCJ A 6 -2.25 3.30 -9.31
H4' TCJ A 6 -0.86 4.87 -8.10
H1' TCJ A 6 0.58 2.09 -6.43
H6 TCJ A 6 -1.75 3.77 -4.31
H73 TCJ A 6 -2.09 3.35 -1.10
H71 TCJ A 6 -3.65 2.58 -1.48
H72 TCJ A 6 -3.14 4.04 -2.37
H41 TCJ A 6 -2.23 -0.74 -1.37
H42 TCJ A 6 -2.81 0.83 -0.83
H2' TCJ A 6 -1.87 1.08 -7.26
H2'' TCJ A 6 -0.59 1.70 -8.34
H7' TCJ A 6 -3.57 2.36 -6.44
H7'' TCJ A 6 -4.32 2.96 -7.94
H6' TCJ A 6 -4.31 4.58 -5.66
H8' TCJ A 6 -3.58 5.44 -8.57
H8'' TCJ A 6 -4.15 6.57 -7.22
C7 EAN A 7 -5.26 0.97 -4.83
C6 EAN A 7 -3.98 -0.74 -6.15
C5 EAN A 7 -4.65 -0.40 -5.00
C4 EAN A 7 -4.78 -1.37 -3.91
C2 EAN A 7 -3.51 -2.98 -5.32
P EAN A 7 -2.81 2.15 -10.29
O1P EAN A 7 -1.64 1.44 -10.87
O2P EAN A 7 -3.80 2.76 -11.18
O5' EAN A 7 -3.56 1.14 -9.29
C5' EAN A 7 -4.07 -0.08 -9.77
C4' EAN A 7 -3.21 -1.33 -9.62
O4' EAN A 7 -2.45 -1.24 -8.41
C1' EAN A 7 -2.69 -2.39 -7.58
N1 EAN A 7 -3.41 -2.00 -6.33
O4 EAN A 7 -5.35 -1.17 -2.85
N3 EAN A 7 -4.19 -2.61 -4.16
O2 EAN A 7 -3.03 -4.10 -5.45
C3' EAN A 7 -4.12 -2.53 -9.52
C2' EAN A 7 -3.53 -3.38 -8.40
C7' EAN A 7 -5.53 -1.95 -9.18
C6' EAN A 7 -5.49 -0.46 -9.45
C8' EAN A 7 -5.11 -0.08 -10.85
O3' EAN A 7 -4.15 -3.23 -10.76
H73 EAN A 7 -5.58 1.36 -5.80
H71 EAN A 7 -4.51 1.66 -4.41
H72 EAN A 7 -6.11 0.93 -4.15
H6 EAN A 7 -3.90 -0.01 -6.94
H4' EAN A 7 -2.55 -1.43 -10.48
H1' EAN A 7 -1.74 -2.85 -7.32
H3 EAN A 7 -4.27 -3.31 -3.44
H2' EAN A 7 -4.30 -3.84 -7.78
H2'' EAN A 7 -2.88 -4.14 -8.82
H7' EAN A 7 -5.78 -2.11 -8.13
H7'' EAN A 7 -6.30 -2.40 -9.80
H6' EAN A 7 -6.09 0.21 -8.84
H8' EAN A 7 -5.04 -0.85 -11.60
H8'' EAN A 7 -5.44 0.90 -11.21
C7 EAN A 8 -7.82 -1.98 -6.38
C6 EAN A 8 -6.95 -4.32 -6.23
C5 EAN A 8 -7.44 -3.22 -5.60
C4 EAN A 8 -7.63 -3.22 -4.15
C2 EAN A 8 -6.76 -5.55 -4.14
P EAN A 8 -4.84 -4.70 -10.91
O1P EAN A 8 -3.80 -5.73 -10.65
O2P EAN A 8 -5.59 -4.73 -12.18
O5' EAN A 8 -5.88 -4.73 -9.68
C5' EAN A 8 -6.76 -5.80 -9.48
C4' EAN A 8 -6.33 -6.92 -8.54
O4' EAN A 8 -5.52 -6.37 -7.50
C1' EAN A 8 -6.09 -6.71 -6.22
N1 EAN A 8 -6.61 -5.48 -5.53
O4 EAN A 8 -8.07 -2.28 -3.49
N3 EAN A 8 -7.27 -4.41 -3.52
O2 EAN A 8 -6.47 -6.55 -3.48
C3' EAN A 8 -7.58 -7.52 -7.92
C2' EAN A 8 -7.21 -7.70 -6.45
C7' EAN A 8 -8.71 -6.48 -8.16
C6' EAN A 8 -8.21 -5.51 -9.20
C8' EAN A 8 -7.80 -6.10 -10.52
O3' EAN A 8 -7.89 -8.77 -8.54
H73 EAN A 8 -7.00 -1.25 -6.32
H71 EAN A 8 -8.72 -1.53 -5.94
H72 EAN A 8 -8.01 -2.22 -7.42
H6 EAN A 8 -6.82 -4.30 -7.30
H4' EAN A 8 -5.78 -7.68 -9.09
H1' EAN A 8 -5.31 -7.17 -5.60
H3 EAN A 8 -7.37 -4.44 -2.51
H2' EAN A 8 -8.06 -7.50 -5.80
H2'' EAN A 8 -6.85 -8.72 -6.28
H7' EAN A 8 -8.95 -5.93 -7.24
H7'' EAN A 8 -9.61 -6.96 -8.54
H6' EAN A 8 -8.54 -4.47 -9.17
H8' EAN A 8 -8.02 -7.16 -10.69
H8'' EAN A 8 -7.82 -5.46 -11.40
O1P TCY A 9 -8.32 -10.66 -6.93
P TCY A 9 -9.00 -9.80 -7.92
O2P TCY A 9 -9.73 -10.41 -9.05
C8' TCY A 9 -12.34 -9.55 -7.67
O5' TCY A 9 -9.99 -8.81 -7.14
C5' TCY A 9 -11.25 -9.24 -6.68
C6' TCY A 9 -12.42 -8.32 -6.83
C4' TCY A 9 -11.33 -9.90 -5.33
C3' TCY A 9 -12.67 -9.57 -4.71
C7' TCY A 9 -13.26 -8.40 -5.56
O3' TCY A 9 -13.54 -10.71 -4.76
C2' TCY A 9 -12.34 -9.18 -3.27
C1' TCY A 9 -10.86 -8.81 -3.31
O4' TCY A 9 -10.30 -9.39 -4.49
N9 TCY A 9 -10.69 -7.34 -3.37
C4 TCY A 9 -10.86 -6.49 -2.30
N3 TCY A 9 -11.19 -6.83 -1.04
C2 TCY A 9 -11.28 -5.74 -0.25
N1 TCY A 9 -11.08 -4.45 -0.57
C6 TCY A 9 -10.72 -4.14 -1.85
N6 TCY A 9 -10.51 -2.87 -2.18
C5 TCY A 9 -10.62 -5.22 -2.79
N7 TCY A 9 -10.30 -5.26 -4.14
C8 TCY A 9 -10.36 -6.53 -4.44
H8' TCY A 9 -12.99 -10.39 -7.42
H8'A TCY A 9 -12.09 -9.44 -8.72
H6' TCY A 9 -12.28 -7.34 -7.30
H4' TCY A 9 -11.23 -10.99 -5.43
H7' TCY A 9 -13.19 -7.46 -5.02
H7'A TCY A 9 -14.29 -8.60 -5.83
H2' TCY A 9 -12.95 -8.35 -2.93
H2'A TCY A 9 -12.48 -10.03 -2.61
H1' TCY A 9 -10.36 -9.21 -2.44
H2 TCY A 9 -11.57 -5.93 0.77
HN6 TCY A 9 -10.61 -2.15 -1.46
HN6A TCY A 9 -10.26 -2.62 -3.11
H8 TCY A 9 -10.17 -6.93 -5.42
P TCJ A 10 -14.93 -10.81 -3.93
O1P TCJ A 10 -14.62 -11.33 -2.57
O2P TCJ A 10 -15.92 -11.54 -4.77
O5' TCJ A 10 -15.41 -9.28 -3.78
C5' TCJ A 10 -16.47 -8.97 -2.90
C4' TCJ A 10 -16.16 -8.82 -1.42
O4' TCJ A 10 -14.87 -8.24 -1.25
C1' TCJ A 10 -14.95 -7.06 -0.43
N1 TCJ A 10 -14.61 -5.84 -1.23
C6 TCJ A 10 -14.46 -5.86 -2.62
C5 TCJ A 10 -14.13 -4.73 -3.31
C7 TCJ A 10 -13.97 -4.75 -4.83
C4 TCJ A 10 -13.94 -3.51 -2.56
N4 TCJ A 10 -13.62 -2.36 -3.18
N3 TCJ A 10 -14.10 -3.50 -1.22
C2 TCJ A 10 -14.42 -4.64 -0.52
O2 TCJ A 10 -14.55 -4.61 0.70
C3' TCJ A 10 -17.19 -7.87 -0.81
C2' TCJ A 10 -16.38 -6.96 0.09
C7' TCJ A 10 -17.84 -7.13 -2.02
C6' TCJ A 10 -17.49 -7.92 -3.28
C8' TCJ A 10 -17.87 -9.37 -3.28
O3' TCJ A 10 -18.16 -8.59 -0.07
H4' TCJ A 10 -16.21 -9.79 -0.92
H1' TCJ A 10 -14.26 -7.15 0.40
H6 TCJ A 10 -14.61 -6.79 -3.16
H73 TCJ A 10 -12.92 -4.91 -5.08
H71 TCJ A 10 -14.30 -3.81 -5.24
H72 TCJ A 10 -14.57 -5.57 -5.25
H41 TCJ A 10 -13.50 -1.52 -2.65
H42 TCJ A 10 -13.50 -2.35 -4.18
H2' TCJ A 10 -16.76 -5.93 0.06
H2'' TCJ A 10 -16.41 -7.32 1.12
H7' TCJ A 10 -17.46 -6.12 -2.11
H7'' TCJ A 10 -18.93 -7.10 -1.90
H6' TCJ A 10 -17.38 -7.39 -4.22
H8' TCJ A 10 -18.50 -9.73 -2.47
H8'' TCJ A 10 -17.98 -9.86 -4.24
H3T TCJ A 10 -17.71 -9.10 0.60
C8 F7K B 1 -14.19 3.51 1.20
C2 F7K B 1 -14.67 -0.88 1.36
C4 F7K B 1 -14.58 1.38 1.56
C5 F7K B 1 -13.91 1.57 0.37
C6 F7K B 1 -13.57 0.42 -0.44
O5' F7K B 1 -14.09 6.65 3.21
C5' F7K B 1 -13.69 5.76 4.23
C4' F7K B 1 -14.67 4.70 4.69
O4' F7K B 1 -15.51 4.32 3.59
C1' F7K B 1 -15.43 2.90 3.40
N9 F7K B 1 -14.76 2.63 2.10
N7 F7K B 1 -13.67 2.92 0.16
O6 F7K B 1 -12.99 0.41 -1.52
N1 F7K B 1 -13.99 -0.78 0.14
N2 F7K B 1 -14.99 -2.11 1.77
N3 F7K B 1 -14.99 0.19 2.11
C3' F7K B 1 -13.89 3.48 5.16
C2' F7K B 1 -14.63 2.30 4.54
C7' F7K B 1 -12.45 3.68 4.61
C6' F7K B 1 -12.33 5.12 4.15
C8' F7K B 1 -12.62 6.17 5.19
O3' F7K B 1 -13.89 3.43 6.59
H8 F7K B 1 -14.18 4.57 1.35
HO5' F7K B 1 -14.97 6.97 3.40
H4' F7K B 1 -15.28 5.09 5.50
H1' F7K B 1 -16.43 2.48 3.38
H1 F7K B 1 -13.78 -1.63 -0.35
H21 F7K B 1 -14.75 -2.91 1.22
H22 F7K B 1 -15.48 -2.22 2.65
H2'' F7K B 1 -15.32 1.87 5.27
H2' F7K B 1 -13.94 1.52 4.19
H7'' F7K B 1 -11.71 3.49 5.39
H7' F7K B 1 -12.26 3.01 3.76
H6' F7K B 1 -11.66 5.37 3.33
H8'' F7K B 1 -12.19 7.16 5.05
H8' F7K B 1 -12.75 5.84 6.22
C7 EAN B 2 -10.72 1.31 2.07
C6 EAN B 2 -11.66 -0.55 3.46
C5 EAN B 2 -11.12 -0.15 2.27
C4 EAN B 2 -10.93 -1.10 1.18
C2 EAN B 2 -11.88 -2.85 2.67
P EAN B 2 -13.42 2.11 7.43
O1P EAN B 2 -12.71 2.57 8.63
O2P EAN B 2 -14.59 1.21 7.56
O5' EAN B 2 -12.35 1.40 6.45
C5' EAN B 2 -11.57 0.33 6.92
C4' EAN B 2 -12.17 -1.07 6.91
O4' EAN B 2 -13.03 -1.23 5.78
C1' EAN B 2 -12.60 -2.34 4.99
N1 EAN B 2 -12.03 -1.87 3.68
O4 EAN B 2 -10.45 -0.84 0.08
N3 EAN B 2 -11.34 -2.41 1.48
O2 EAN B 2 -12.21 -4.02 2.83
C3' EAN B 2 -11.04 -2.07 6.80
C2' EAN B 2 -11.55 -3.10 5.79
C7' EAN B 2 -9.81 -1.26 6.29
C6' EAN B 2 -10.13 0.21 6.52
C8' EAN B 2 -10.48 0.61 7.92
O3' EAN B 2 -10.77 -2.66 8.07
H73 EAN B 2 -10.30 1.71 3.00
H71 EAN B 2 -11.59 1.88 1.78
H72 EAN B 2 -9.97 1.38 1.29
H6 EAN B 2 -11.78 0.17 4.26
H4' EAN B 2 -12.73 -1.24 7.84
H1' EAN B 2 -13.46 -3.00 4.80
H3 EAN B 2 -11.22 -3.09 0.74
H2' EAN B 2 -10.75 -3.47 5.15
H2'' EAN B 2 -12.02 -3.93 6.31
H7' EAN B 2 -9.62 -1.44 5.23
H7'' EAN B 2 -8.91 -1.52 6.87
H6' EAN B 2 -9.70 0.95 5.85
H8' EAN B 2 -10.35 -0.13 8.71
H8'' EAN B 2 -10.35 1.65 8.21
O1P TCY B 3 -9.09 -3.86 9.52
P TCY B 3 -9.87 -4.01 8.26
O2P TCY B 3 -10.74 -5.18 8.07
C8' TCY B 3 -6.65 -4.93 7.79
O5' TCY B 3 -8.82 -3.95 7.03
C5' TCY B 3 -7.86 -4.96 6.88
C6' TCY B 3 -6.50 -4.61 6.34
C4' TCY B 3 -8.27 -6.29 6.30
C3' TCY B 3 -7.08 -6.91 5.59
C7' TCY B 3 -6.04 -5.75 5.45
O3' TCY B 3 -6.55 -7.98 6.36
C2' TCY B 3 -7.65 -7.37 4.25
C1' TCY B 3 -8.89 -6.53 4.06
O4' TCY B 3 -9.32 -6.09 5.36
N9 TCY B 3 -8.59 -5.32 3.24
C4 TCY B 3 -8.34 -5.31 1.88
N3 TCY B 3 -8.30 -6.39 1.06
C2 TCY B 3 -7.99 -6.03 -0.19
N1 TCY B 3 -7.77 -4.80 -0.68
C6 TCY B 3 -7.87 -3.73 0.16
N6 TCY B 3 -7.75 -2.50 -0.34
C5 TCY B 3 -8.13 -4.00 1.54
N7 TCY B 3 -8.25 -3.17 2.66
C8 TCY B 3 -8.51 -4.00 3.62
H8' TCY B 3 -6.30 -5.91 8.14
H8'A TCY B 3 -6.60 -4.12 8.51
H6' TCY B 3 -6.28 -3.58 6.03
H4' TCY B 3 -8.61 -6.96 7.10
H7' TCY B 3 -5.96 -5.40 4.42
H7'A TCY B 3 -5.05 -6.09 5.79
H2' TCY B 3 -6.93 -7.24 3.44
H2'A TCY B 3 -7.93 -8.42 4.32
H1' TCY B 3 -9.67 -7.11 3.58
H2 TCY B 3 -7.90 -6.83 -0.91
HN6 TCY B 3 -7.57 -2.36 -1.32
HN6A TCY B 3 -7.84 -1.69 0.28
H8 TCY B 3 -8.64 -3.68 4.65
O1P TCY B 4 -4.61 -9.48 6.91
P TCY B 4 -5.48 -9.07 5.79
O2P TCY B 4 -6.22 -10.10 5.02
C8' TCY B 4 -2.22 -8.91 4.98
O5' TCY B 4 -4.61 -8.20 4.76
C5' TCY B 4 -3.46 -8.74 4.16
C6' TCY B 4 -2.27 -7.85 3.93
C4' TCY B 4 -3.62 -9.64 2.95
C3' TCY B 4 -2.40 -9.47 2.06
C7' TCY B 4 -1.67 -8.20 2.58
O3' TCY B 4 -1.57 -10.62 2.17
C2' TCY B 4 -2.98 -9.30 0.65
C1' TCY B 4 -4.41 -8.82 0.90
O4' TCY B 4 -4.78 -9.25 2.21
N9 TCY B 4 -4.47 -7.33 0.86
C4 TCY B 4 -4.31 -6.55 -0.25
N3 TCY B 4 -4.05 -6.98 -1.52
C2 TCY B 4 -3.94 -5.94 -2.37
N1 TCY B 4 -4.05 -4.63 -2.11
C6 TCY B 4 -4.35 -4.24 -0.84
N6 TCY B 4 -4.53 -2.94 -0.59
C5 TCY B 4 -4.46 -5.24 0.17
N7 TCY B 4 -4.71 -5.18 1.53
C8 TCY B 4 -4.71 -6.44 1.89
H8' TCY B 4 -1.62 -9.81 4.78
H8'A TCY B 4 -2.28 -8.61 6.03
H6' TCY B 4 -2.32 -6.81 4.23
H4' TCY B 4 -3.71 -10.68 3.27
H7' TCY B 4 -1.82 -7.35 1.91
H7'A TCY B 4 -0.61 -8.39 2.70
H2' TCY B 4 -2.42 -8.59 0.06
H2'A TCY B 4 -3.02 -10.26 0.15
H1' TCY B 4 -5.09 -9.24 0.16
H2 TCY B 4 -3.72 -6.20 -3.39
HN6 TCY B 4 -4.45 -2.27 -1.33
HN6A TCY B 4 -4.76 -2.63 0.34
H8 TCY B 4 -4.86 -6.75 2.91
C8 F4Q B 5 -0.54 -6.56 -0.57
C2 F4Q B 5 -0.46 -3.66 -3.88
C4 F4Q B 5 -0.46 -5.39 -2.40
C5 F4Q B 5 -0.70 -4.58 -1.30
C6 F4Q B 5 -0.86 -3.17 -1.49
P F4Q B 5 -0.36 -10.98 1.14
O1P F4Q B 5 0.65 -11.77 1.89
O2P F4Q B 5 -0.93 -11.55 -0.10
O5' F4Q B 5 0.29 -9.56 0.79
C5' F4Q B 5 1.36 -9.48 -0.13
C4' F4Q B 5 1.06 -9.57 -1.61
O4' F4Q B 5 -0.24 -9.03 -1.88
C1' F4Q B 5 -0.13 -7.89 -2.73
N9 F4Q B 5 -0.37 -6.67 -1.92
N7 F4Q B 5 -0.76 -5.34 -0.15
O6 F4Q B 5 -1.10 -2.31 -0.63
N1 F4Q B 5 -0.71 -2.78 -2.83
N2 F4Q B 5 -0.34 -3.12 -5.09
N3 F4Q B 5 -0.34 -5.00 -3.71
C3' F4Q B 5 2.10 -8.74 -2.36
C2' F4Q B 5 1.28 -7.89 -3.32
C7' F4Q B 5 2.85 -7.92 -1.29
C6' F4Q B 5 2.44 -8.46 0.08
C8' F4Q B 5 2.72 -9.91 0.32
O3' F4Q B 5 2.97 -9.64 -3.04
H8 F4Q B 5 -0.52 -7.42 0.10
H4' F4Q B 5 1.10 -10.62 -1.93
H1' F4Q B 5 -0.86 -7.96 -3.54
H1 F4Q B 5 -0.79 -1.79 -3.02
H22 F4Q B 5 -0.15 -3.71 -5.89
H21 F4Q B 5 -0.42 -2.12 -5.22
H2' F4Q B 5 1.69 -6.88 -3.41
H2'' F4Q B 5 1.26 -8.35 -4.31
H7' F4Q B 5 2.60 -6.86 -1.33
H7'' F4Q B 5 3.94 -8.04 -1.40
H6' F4Q B 5 2.39 -7.77 0.93
H8' F4Q B 5 3.33 -10.44 -0.40
H8'' F4Q B 5 2.81 -10.24 1.36
P TCJ B 6 4.04 -9.16 -4.17
O1P TCJ B 6 5.30 -9.90 -3.93
O2P TCJ B 6 3.38 -9.24 -5.49
O5' TCJ B 6 4.28 -7.61 -3.81
C5' TCJ B 6 5.05 -6.79 -4.66
C4' TCJ B 6 4.35 -5.84 -5.62
O4' TCJ B 6 3.11 -5.37 -5.06
C1' TCJ B 6 3.03 -3.95 -5.15
N1 TCJ B 6 2.85 -3.35 -3.77
C6 TCJ B 6 3.05 -4.10 -2.62
C5 TCJ B 6 2.86 -3.57 -1.38
C7 TCJ B 6 3.08 -4.39 -0.12
C4 TCJ B 6 2.45 -2.17 -1.32
N4 TCJ B 6 2.22 -1.57 -0.14
N3 TCJ B 6 2.26 -1.45 -2.44
C2 TCJ B 6 2.47 -2.00 -3.69
O2 TCJ B 6 2.34 -1.33 -4.72
C3' TCJ B 6 5.25 -4.64 -5.83
C2' TCJ B 6 4.31 -3.44 -5.81
C7' TCJ B 6 6.27 -4.67 -4.66
C6' TCJ B 6 6.23 -6.06 -4.07
C8' TCJ B 6 6.45 -7.19 -5.03
O3' TCJ B 6 5.91 -4.76 -7.08
H4' TCJ B 6 4.16 -6.33 -6.57
H1' TCJ B 6 2.17 -3.68 -5.76
H6 TCJ B 6 3.37 -5.13 -2.69
H73 TCJ B 6 3.39 -3.73 0.70
H71 TCJ B 6 3.87 -5.12 -0.29
H72 TCJ B 6 2.16 -4.89 0.15
H41 TCJ B 6 1.92 -0.61 -0.11
H42 TCJ B 6 2.35 -2.09 0.73
H2' TCJ B 6 4.74 -2.60 -5.25
H2'' TCJ B 6 4.09 -3.11 -6.83
H7' TCJ B 6 6.00 -3.95 -3.88
H7'' TCJ B 6 7.27 -4.45 -5.02
H6' TCJ B 6 6.47 -6.20 -3.02
H8' TCJ B 6 6.77 -6.96 -6.04
H8'' TCJ B 6 6.81 -8.14 -4.62
P TCJ B 7 6.85 -3.60 -7.71
O1P TCJ B 7 8.18 -4.20 -8.02
O2P TCJ B 7 6.10 -2.93 -8.79
O5' TCJ B 7 7.05 -2.55 -6.52
C5' TCJ B 7 7.71 -1.34 -6.79
C4' TCJ B 7 6.89 -0.16 -7.30
O4' TCJ B 7 5.61 -0.16 -6.66
C1' TCJ B 7 5.41 1.08 -5.97
N1 TCJ B 7 5.49 0.86 -4.48
C6 TCJ B 7 5.93 -0.34 -3.94
C5 TCJ B 7 5.93 -0.54 -2.58
C7 TCJ B 7 6.40 -1.85 -1.98
C4 TCJ B 7 5.47 0.55 -1.75
N4 TCJ B 7 5.41 0.42 -0.41
N3 TCJ B 7 5.06 1.72 -2.29
C2 TCJ B 7 5.07 1.92 -3.65
O2 TCJ B 7 4.74 3.00 -4.13
C3' TCJ B 7 7.62 1.12 -6.94
C2' TCJ B 7 6.50 2.03 -6.44
C7' TCJ B 7 8.62 0.73 -5.83
C6' TCJ B 7 8.75 -0.78 -5.85
C8' TCJ B 7 9.17 -1.39 -7.15
O3' TCJ B 7 8.27 1.62 -8.11
H4' TCJ B 7 6.78 -0.25 -8.38
H1' TCJ B 7 4.43 1.49 -6.23
H6 TCJ B 7 6.28 -1.13 -4.58
H73 TCJ B 7 6.87 -1.67 -1.01
H71 TCJ B 7 7.14 -2.32 -2.64
H72 TCJ B 7 5.54 -2.52 -1.84
H41 TCJ B 7 5.09 1.18 0.16
H42 TCJ B 7 5.71 -0.45 0.02
H2' TCJ B 7 6.83 2.68 -5.64
H2'' TCJ B 7 6.12 2.64 -7.26
H7' TCJ B 7 8.28 1.05 -4.84
H7'' TCJ B 7 9.60 1.17 -6.03
H6' TCJ B 7 8.96 -1.32 -4.91
H8' TCJ B 7 9.49 -0.71 -7.94
H8'' TCJ B 7 9.64 -2.36 -7.13
C8 F4Q B 8 8.36 3.61 -3.49
C2 F4Q B 8 7.45 5.91 0.16
C4 F4Q B 8 7.84 5.00 -1.89
C5 F4Q B 8 8.10 3.74 -1.39
C6 F4Q B 8 7.98 3.50 0.02
P F4Q B 8 8.84 3.14 -8.23
O1P F4Q B 8 10.02 3.10 -9.11
O2P F4Q B 8 7.71 4.04 -8.56
O5' F4Q B 8 9.32 3.47 -6.75
C5' F4Q B 8 9.99 4.67 -6.46
C4' F4Q B 8 9.16 5.90 -6.15
O4' F4Q B 8 7.92 5.50 -5.55
C1' F4Q B 8 7.82 6.03 -4.22
N9 F4Q B 8 8.01 4.92 -3.25
N7 F4Q B 8 8.43 2.87 -2.42
O6 F4Q B 8 8.12 2.44 0.62
N1 F4Q B 8 7.68 4.67 0.73
N2 F4Q B 8 7.19 6.93 0.99
N3 F4Q B 8 7.49 6.12 -1.18
C3' F4Q B 8 9.93 6.75 -5.16
C2' F4Q B 8 8.92 7.09 -4.06
C7' F4Q B 8 11.11 5.86 -4.65
C6' F4Q B 8 11.18 4.64 -5.55
C8' F4Q B 8 11.36 4.90 -7.02
O3' F4Q B 8 10.42 7.92 -5.81
H8 F4Q B 8 8.59 3.24 -4.47
H4' F4Q B 8 8.96 6.46 -7.06
H1' F4Q B 8 6.85 6.48 -4.08
H1 F4Q B 8 7.63 4.59 1.74
H22 F4Q B 8 7.02 7.85 0.61
H21 F4Q B 8 7.16 6.77 1.98
H2' F4Q B 8 9.36 7.06 -3.06
H2'' F4Q B 8 8.49 8.07 -4.25
H7' F4Q B 8 10.94 5.52 -3.63
H7'' F4Q B 8 12.06 6.39 -4.71
H6' F4Q B 8 11.51 3.69 -5.14
H8' F4Q B 8 11.59 5.92 -7.33
H8'' F4Q B 8 11.79 4.11 -7.63
O1P TCY B 9 12.15 9.73 -5.83
P TCY B 9 11.03 9.19 -5.02
O2P TCY B 9 9.91 10.08 -4.63
C8' TCY B 9 13.60 9.98 -3.10
O5' TCY B 9 11.64 8.54 -3.69
C5' TCY B 9 12.29 9.35 -2.75
C6' TCY B 9 13.56 8.86 -2.10
C4' TCY B 9 11.46 10.04 -1.69
C3' TCY B 9 12.30 10.18 -0.43
C7' TCY B 9 13.53 9.26 -0.64
O3' TCY B 9 12.69 11.54 -0.28
C2' TCY B 9 11.37 9.71 0.70
C1' TCY B 9 10.32 8.86 -0.01
O4' TCY B 9 10.30 9.25 -1.38
N9 TCY B 9 10.63 7.41 0.07
C4 TCY B 9 10.52 6.61 1.18
N3 TCY B 9 10.10 7.01 2.42
C2 TCY B 9 10.13 5.96 3.28
N1 TCY B 9 10.47 4.69 3.05
C6 TCY B 9 10.82 4.32 1.78
N6 TCY B 9 11.07 3.03 1.52
C5 TCY B 9 10.90 5.34 0.79
N7 TCY B 9 11.25 5.33 -0.55
C8 TCY B 9 11.08 6.58 -0.93
H8' TCY B 9 13.77 10.99 -2.73
H8'A TCY B 9 13.99 9.76 -4.09
H6' TCY B 9 13.96 7.88 -2.37
H4' TCY B 9 11.15 11.02 -2.05
H7' TCY B 9 13.47 8.36 -0.03
H7'A TCY B 9 14.46 9.80 -0.40
H2' TCY B 9 11.90 9.14 1.45
H2'A TCY B 9 10.89 10.56 1.16
H1' TCY B 9 9.33 9.04 0.43
H2 TCY B 9 9.83 6.19 4.30
HN6 TCY B 9 11.01 2.35 2.27
HN6A TCY B 9 11.32 2.74 0.59
H8 TCY B 9 11.29 6.92 -1.92
C8 F4Q B 10 13.77 7.87 2.89
C2 F4Q B 10 12.90 5.12 6.22
C4 F4Q B 10 13.23 6.77 4.70
C5 F4Q B 10 13.71 5.92 3.72
C6 F4Q B 10 13.77 4.50 3.99
P F4Q B 10 13.31 12.19 1.07
O1P F4Q B 10 14.18 13.33 0.67
O2P F4Q B 10 12.21 12.43 2.03
O5' F4Q B 10 14.26 11.04 1.67
C5' F4Q B 10 14.85 11.22 2.95
C4' F4Q B 10 13.95 11.21 4.16
O4' F4Q B 10 12.84 10.34 3.92
C1' F4Q B 10 12.85 9.27 4.86
N9 F4Q B 10 13.27 8.03 4.16
N7 F4Q B 10 14.05 6.63 2.58
O6 F4Q B 10 14.12 3.61 3.22
N1 F4Q B 10 13.36 4.19 5.29
N2 F4Q B 10 12.57 4.66 7.42
N3 F4Q B 10 12.79 6.44 5.95
C3' F4Q B 10 14.75 10.66 5.34
C2' F4Q B 10 13.83 9.62 5.97
C7' F4Q B 10 16.04 10.04 4.74
C6' F4Q B 10 16.13 10.51 3.28
C8' F4Q B 10 16.13 11.99 3.05
O3' F4Q B 10 15.06 11.69 6.26
H8 F4Q B 10 13.94 8.70 2.22
H4' F4Q B 10 13.60 12.22 4.38
H1' F4Q B 10 11.84 9.13 5.28
H1 F4Q B 10 13.41 3.22 5.57
H22 F4Q B 10 12.23 5.30 8.14
H21 F4Q B 10 12.64 3.67 7.64
H2' F4Q B 10 14.37 8.74 6.32
H2'' F4Q B 10 13.28 10.07 6.81
H7' F4Q B 10 16.02 8.95 4.76
H7'' F4Q B 10 16.92 10.39 5.28
H6' F4Q B 10 16.58 9.85 2.54
H8' F4Q B 10 16.24 12.64 3.92
H8'' F4Q B 10 16.55 12.36 2.12
H4 F4Q B 10 14.30 11.82 6.84
O5' F7H A 1 13.14 -4.88 8.93
C5' F7H A 1 12.06 -4.29 9.61
C4' F7H A 1 12.32 -3.04 10.46
O4' F7H A 1 13.39 -2.28 9.89
C1' F7H A 1 12.96 -0.95 9.60
N1 F7H A 1 12.92 -0.72 8.12
C6 F7H A 1 12.89 -1.77 7.22
C5 F7H A 1 12.84 -1.54 5.87
C7 F7H A 1 12.81 -2.68 4.87
C4 F7H A 1 12.83 -0.17 5.44
N4 F7H A 1 12.79 0.13 4.13
N3 F7H A 1 12.87 0.86 6.33
C2 F7H A 1 12.92 0.62 7.69
O2 F7H A 1 12.96 1.55 8.49
C3' F7H A 1 11.06 -2.19 10.45
C2' F7H A 1 11.56 -0.77 10.21
C7' F7H A 1 10.19 -2.74 9.29
C6' F7H A 1 10.75 -4.10 8.89
C8' F7H A 1 10.87 -5.12 9.98
O3' F7H A 1 10.39 -2.32 11.70
HO5' F7H A 1 13.01 -5.83 8.87
H4' F7H A 1 12.57 -3.33 11.48
H1' F7H A 1 13.64 -0.24 10.08
H6 F7H A 1 12.89 -2.78 7.59
H71 F7H A 1 11.85 -2.68 4.35
H72 F7H A 1 12.95 -3.64 5.38
H73 F7H A 1 13.60 -2.54 4.13
H41 F7H A 1 12.79 1.10 3.84
H42 F7H A 1 12.76 -0.60 3.45
H2' F7H A 1 10.91 -0.21 9.55
H2'' F7H A 1 11.65 -0.25 11.17
H7' F7H A 1 10.21 -2.08 8.42
H7'' F7H A 1 9.15 -2.86 9.62
H6' F7H A 1 10.66 -4.43 7.86
H8' F7H A 1 10.40 -4.89 10.94
H8'' F7H A 1 10.91 -6.17 9.70
C7 EAN A 2 9.11 -0.76 5.62
C6 EAN A 2 9.22 1.15 7.25
C5 EAN A 2 9.27 0.72 5.95
C4 EAN A 2 9.44 1.66 4.85
C2 EAN A 2 9.54 3.47 6.55
P EAN A 2 9.16 -1.36 12.13
O1P EAN A 2 9.72 -0.28 13.00
O2P EAN A 2 8.08 -2.22 12.65
O5' EAN A 2 8.66 -0.68 10.76
C5' EAN A 2 7.77 0.41 10.79
C4' EAN A 2 8.31 1.83 10.76
O4' EAN A 2 9.45 1.91 9.90
C1' EAN A 2 9.32 3.00 8.98
N1 EAN A 2 9.36 2.50 7.56
O4 EAN A 2 9.49 1.36 3.66
N3 EAN A 2 9.57 2.99 5.24
O2 EAN A 2 9.66 4.67 6.80
C3' EAN A 2 7.23 2.74 10.20
C2' EAN A 2 7.98 3.70 9.27
C7' EAN A 2 6.25 1.80 9.45
C6' EAN A 2 6.51 0.39 9.96
C8' EAN A 2 6.42 0.20 11.44
O3' EAN A 2 6.58 3.41 11.27
H73 EAN A 2 10.00 -1.10 5.08
H71 EAN A 2 8.23 -0.90 5.00
H72 EAN A 2 9.00 -1.34 6.54
H6 EAN A 2 9.08 0.44 8.04
H4' EAN A 2 8.58 2.15 11.76
H1' EAN A 2 10.12 3.71 9.14
H3 EAN A 2 9.70 3.68 4.51
H2' EAN A 2 7.41 3.89 8.35
H2'' EAN A 2 8.17 4.64 9.78
H7' EAN A 2 6.41 1.83 8.37
H7'' EAN A 2 5.22 2.07 9.67
H6' EAN A 2 6.33 -0.46 9.30
H8' EAN A 2 6.04 1.02 12.04
H8'' EAN A 2 6.21 -0.80 11.82
P TCJ A 3 5.61 4.70 11.05
O1P TCJ A 3 6.44 5.92 11.09
O2P TCJ A 3 4.47 4.58 11.99
O5' TCJ A 3 5.06 4.51 9.56
C5' TCJ A 3 4.22 5.49 8.98
C4' TCJ A 3 4.85 6.74 8.39
O4' TCJ A 3 6.14 6.42 7.87
C1' TCJ A 3 6.22 6.77 6.48
N1 TCJ A 3 6.29 5.53 5.64
C6 TCJ A 3 5.87 4.29 6.10
C5 TCJ A 3 5.94 3.18 5.31
C7 TCJ A 3 5.48 1.81 5.80
C4 TCJ A 3 6.48 3.35 3.97
N4 TCJ A 3 6.58 2.29 3.14
N3 TCJ A 3 6.89 4.56 3.53
C2 TCJ A 3 6.81 5.67 4.33
O2 TCJ A 3 7.18 6.77 3.92
C3' TCJ A 3 3.97 7.23 7.26
C2' TCJ A 3 4.96 7.56 6.14
C7' TCJ A 3 3.01 6.06 6.93
C6' TCJ A 3 3.11 5.06 8.06
C8' TCJ A 3 2.79 5.58 9.43
O3' TCJ A 3 3.23 8.39 7.67
H4' TCJ A 3 4.94 7.51 9.17
H1' TCJ A 3 7.10 7.39 6.31
H6 TCJ A 3 5.49 4.19 7.10
H73 TCJ A 3 6.35 1.22 6.10
H71 TCJ A 3 4.96 1.30 5.00
H72 TCJ A 3 4.81 1.93 6.65
H41 TCJ A 3 6.95 2.42 2.22
H42 TCJ A 3 6.27 1.37 3.45
H2' TCJ A 3 4.57 7.29 5.17
H2'' TCJ A 3 5.19 8.63 6.16
H7' TCJ A 3 3.30 5.56 5.99
H7'' TCJ A 3 1.98 6.41 6.86
H6' TCJ A 3 2.97 4.00 7.86
H8' TCJ A 3 2.37 6.59 9.51
H8'' TCJ A 3 2.48 4.87 10.20
C8 F4Q A 4 3.27 6.11 3.02
C2 F4Q A 4 4.54 5.18 -1.09
C4 F4Q A 4 3.93 5.97 0.95
C5 F4Q A 4 3.78 4.72 1.51
C6 F4Q A 4 4.05 3.55 0.72
P F4Q A 4 2.41 9.32 6.62
O1P F4Q A 4 3.32 10.38 6.13
O2P F4Q A 4 1.12 9.70 7.24
O5' F4Q A 4 2.10 8.32 5.39
C5' F4Q A 4 1.36 8.75 4.27
C4' F4Q A 4 2.08 9.46 3.14
O4' F4Q A 4 3.43 8.96 3.06
C1' F4Q A 4 3.64 8.34 1.78
N9 F4Q A 4 3.61 6.87 1.93
N7 F4Q A 4 3.35 4.82 2.82
O6 F4Q A 4 4.00 2.38 1.05
N1 F4Q A 4 4.41 3.88 -0.61
N2 F4Q A 4 4.88 5.32 -2.38
N3 F4Q A 4 4.33 6.27 -0.33
C3' F4Q A 4 1.37 9.14 1.83
C2' F4Q A 4 2.51 8.80 0.88
C7' F4Q A 4 0.44 7.95 2.15
C6' F4Q A 4 0.36 7.82 3.66
C8' F4Q A 4 -0.11 9.02 4.42
O3' F4Q A 4 0.63 10.27 1.39
H8 F4Q A 4 2.95 6.54 3.97
H4' F4Q A 4 2.11 10.53 3.32
H1' F4Q A 4 4.60 8.65 1.37
H1 F4Q A 4 4.59 3.12 -1.24
H22 F4Q A 4 4.98 6.24 -2.77
H21 F4Q A 4 5.04 4.50 -2.95
H2' F4Q A 4 2.23 8.02 0.17
H2'' F4Q A 4 2.82 9.69 0.33
H7' F4Q A 4 0.84 7.02 1.74
H7'' F4Q A 4 -0.56 8.12 1.75
H6' F4Q A 4 0.21 6.83 4.10
H8' F4Q A 4 -0.50 9.86 3.85
H8'' F4Q A 4 -0.53 8.88 5.41
C8 F4Q A 5 0.92 5.66 -0.95
C2 F4Q A 5 1.98 2.37 -3.69
C4 F4Q A 5 1.53 4.27 -2.52
C5 F4Q A 5 1.17 3.60 -1.36
C6 F4Q A 5 1.24 2.16 -1.34
P F4Q A 5 0.03 10.41 -0.12
O1P F4Q A 5 1.10 10.90 -1.00
O2P F4Q A 5 -1.24 11.16 -0.03
O5' F4Q A 5 -0.32 8.90 -0.55
C5' F4Q A 5 -0.81 8.63 -1.84
C4' F4Q A 5 0.17 8.53 -2.99
O4' F4Q A 5 1.39 7.96 -2.52
C1' F4Q A 5 1.65 6.72 -3.18
N9 F4Q A 5 1.37 5.61 -2.24
N7 F4Q A 5 0.78 4.49 -0.38
O6 F4Q A 5 1.01 1.41 -0.39
N1 F4Q A 5 1.63 1.62 -2.57
N2 F4Q A 5 2.30 1.70 -4.80
N3 F4Q A 5 1.97 3.73 -3.70
C3' F4Q A 5 -0.41 7.60 -4.06
C2' F4Q A 5 0.73 6.66 -4.39
C7' F4Q A 5 -1.62 6.89 -3.37
C6' F4Q A 5 -1.89 7.60 -2.06
C8' F4Q A 5 -2.22 9.05 -2.17
O3' F4Q A 5 -0.82 8.38 -5.18
H8 F4Q A 5 0.68 6.59 -0.45
H4' F4Q A 5 0.36 9.51 -3.41
H1' F4Q A 5 2.70 6.67 -3.50
H1 F4Q A 5 1.67 0.61 -2.64
H22 F4Q A 5 2.54 2.20 -5.64
H21 F4Q A 5 2.30 0.69 -4.79
H2' F4Q A 5 0.38 5.64 -4.58
H2'' F4Q A 5 1.28 7.02 -5.27
H7' F4Q A 5 -1.40 5.84 -3.18
H7'' F4Q A 5 -2.51 6.96 -4.00
H6' F4Q A 5 -2.26 7.02 -1.22
H8' F4Q A 5 -2.38 9.47 -3.16
H8'' F4Q A 5 -2.78 9.52 -1.36
P TCJ A 6 -1.20 7.74 -6.63
O1P TCJ A 6 0.06 7.45 -7.35
O2P TCJ A 6 -2.20 8.63 -7.27
O5' TCJ A 6 -1.90 6.35 -6.27
C5' TCJ A 6 -2.31 5.49 -7.29
C4' TCJ A 6 -1.33 4.45 -7.81
O4' TCJ A 6 -0.48 4.02 -6.75
C1' TCJ A 6 -0.46 2.59 -6.67
N1 TCJ A 6 -0.94 2.14 -5.32
C6 TCJ A 6 -1.57 3.00 -4.42
C5 TCJ A 6 -1.96 2.57 -3.19
C7 TCJ A 6 -2.65 3.50 -2.21
C4 TCJ A 6 -1.71 1.18 -2.86
N4 TCJ A 6 -2.07 0.70 -1.66
N3 TCJ A 6 -1.11 0.35 -3.74
C2 TCJ A 6 -0.72 0.78 -4.98
O2 TCJ A 6 -0.20 0.01 -5.78
C3' TCJ A 6 -2.11 3.26 -8.33
C2' TCJ A 6 -1.35 2.05 -7.79
C7' TCJ A 6 -3.55 3.43 -7.76
C6' TCJ A 6 -3.67 4.85 -7.25
C8' TCJ A 6 -3.40 5.93 -8.24
O3' TCJ A 6 -2.12 3.30 -9.75
H4' TCJ A 6 -0.72 4.89 -8.61
H1' TCJ A 6 0.56 2.23 -6.82
H6 TCJ A 6 -1.74 4.02 -4.71
H73 TCJ A 6 -3.15 4.31 -2.75
H71 TCJ A 6 -1.91 3.94 -1.54
H72 TCJ A 6 -3.39 2.95 -1.62
H41 TCJ A 6 -1.90 -0.28 -1.43
H42 TCJ A 6 -2.52 1.30 -0.98
H2' TCJ A 6 -2.04 1.28 -7.41
H2'' TCJ A 6 -0.73 1.62 -8.56
H7' TCJ A 6 -3.73 2.73 -6.93
H7'' TCJ A 6 -4.29 3.26 -8.54
H6' TCJ A 6 -4.33 5.05 -6.40
H8' TCJ A 6 -3.27 5.65 -9.29
H8'' TCJ A 6 -3.82 6.92 -8.06
C7 EAN A 7 -5.08 1.29 -4.99
C6 EAN A 7 -3.98 -0.54 -6.30
C5 EAN A 7 -4.52 -0.12 -5.12
C4 EAN A 7 -4.54 -1.01 -3.96
C2 EAN A 7 -3.45 -2.72 -5.39
P EAN A 7 -2.63 2.05 -10.65
O1P EAN A 7 -1.45 1.20 -10.98
O2P EAN A 7 -3.46 2.58 -11.75
O5' EAN A 7 -3.57 1.21 -9.66
C5' EAN A 7 -4.13 0.00 -10.06
C4' EAN A 7 -3.35 -1.28 -9.82
O4' EAN A 7 -2.59 -1.17 -8.62
C1' EAN A 7 -2.86 -2.29 -7.76
N1 EAN A 7 -3.45 -1.81 -6.46
O4 EAN A 7 -5.00 -0.73 -2.85
N3 EAN A 7 -4.00 -2.28 -4.20
O2 EAN A 7 -2.99 -3.87 -5.49
C3' EAN A 7 -4.34 -2.42 -9.67
C2' EAN A 7 -3.82 -3.23 -8.49
C7' EAN A 7 -5.72 -1.75 -9.42
C6' EAN A 7 -5.58 -0.28 -9.78
C8' EAN A 7 -5.13 0.00 -11.19
O3' EAN A 7 -4.36 -3.20 -10.87
H73 EAN A 7 -5.55 1.59 -5.93
H71 EAN A 7 -4.28 1.98 -4.74
H72 EAN A 7 -5.82 1.32 -4.19
H6 EAN A 7 -3.99 0.13 -7.16
H4' EAN A 7 -2.67 -1.47 -10.66
H1' EAN A 7 -1.92 -2.80 -7.55
H3 EAN A 7 -4.01 -2.92 -3.42
H2' EAN A 7 -4.63 -3.56 -7.83
H2'' EAN A 7 -3.26 -4.10 -8.84
H7' EAN A 7 -6.00 -1.83 -8.38
H7'' EAN A 7 -6.49 -2.20 -10.04
H6' EAN A 7 -6.18 0.45 -9.26
H8' EAN A 7 -5.06 -0.83 -11.89
H8'' EAN A 7 -5.37 0.98 -11.62
C7 EAN A 8 -7.65 -1.82 -6.17
C6 EAN A 8 -6.88 -4.21 -6.16
C5 EAN A 8 -7.29 -3.11 -5.45
C4 EAN A 8 -7.37 -3.16 -3.99
C2 EAN A 8 -6.60 -5.52 -4.12
P EAN A 8 -5.12 -4.63 -10.97
O1P EAN A 8 -4.12 -5.69 -10.71
O2P EAN A 8 -5.90 -4.63 -12.23
O5' EAN A 8 -6.15 -4.58 -9.74
C5' EAN A 8 -7.01 -5.66 -9.49
C4' EAN A 8 -6.55 -6.79 -8.60
O4' EAN A 8 -5.67 -6.26 -7.59
C1' EAN A 8 -6.14 -6.62 -6.28
N1 EAN A 8 -6.55 -5.40 -5.52
O4 EAN A 8 -7.73 -2.23 -3.27
N3 EAN A 8 -7.01 -4.38 -3.42
O2 EAN A 8 -6.31 -6.56 -3.53
C3' EAN A 8 -7.75 -7.41 -7.91
C2' EAN A 8 -7.31 -7.58 -6.46
C7' EAN A 8 -8.90 -6.38 -8.10
C6' EAN A 8 -8.45 -5.39 -9.17
C8' EAN A 8 -8.09 -5.98 -10.49
O3' EAN A 8 -8.08 -8.65 -8.51
H73 EAN A 8 -6.77 -1.19 -6.24
H71 EAN A 8 -8.43 -1.30 -5.62
H72 EAN A 8 -8.02 -2.04 -7.17
H6 EAN A 8 -6.83 -4.15 -7.24
H4' EAN A 8 -6.01 -7.55 -9.19
H1' EAN A 8 -5.33 -7.14 -5.74
H3 EAN A 8 -7.05 -4.45 -2.42
H2' EAN A 8 -8.12 -7.35 -5.76
H2'' EAN A 8 -6.97 -8.60 -6.29
H7' EAN A 8 -9.11 -5.84 -7.18
H7'' EAN A 8 -9.81 -6.88 -8.44
H6' EAN A 8 -8.81 -4.36 -9.11
H8' EAN A 8 -8.29 -7.04 -10.66
H8'' EAN A 8 -8.13 -5.34 -11.37
O1P TCY A 9 -8.40 -10.57 -6.91
P TCY A 9 -9.14 -9.70 -7.84
O2P TCY A 9 -9.94 -10.30 -8.94
C8' TCY A 9 -12.45 -9.61 -7.25
O5' TCY A 9 -10.11 -8.75 -6.98
C5' TCY A 9 -11.28 -9.25 -6.38
C6' TCY A 9 -12.52 -8.40 -6.37
C4' TCY A 9 -11.17 -9.96 -5.04
C3' TCY A 9 -12.46 -9.72 -4.26
C7' TCY A 9 -13.20 -8.58 -5.02
O3' TCY A 9 -13.25 -10.91 -4.23
C2' TCY A 9 -11.98 -9.32 -2.87
C1' TCY A 9 -10.55 -8.86 -3.06
O4' TCY A 9 -10.08 -9.40 -4.30
N9 TCY A 9 -10.49 -7.37 -3.13
C4 TCY A 9 -10.63 -6.53 -2.06
N3 TCY A 9 -10.81 -6.89 -0.75
C2 TCY A 9 -10.91 -5.82 0.04
N1 TCY A 9 -10.82 -4.53 -0.29
C6 TCY A 9 -10.64 -4.20 -1.61
N6 TCY A 9 -10.58 -2.91 -1.94
C5 TCY A 9 -10.53 -5.25 -2.55
N7 TCY A 9 -10.35 -5.28 -3.93
C8 TCY A 9 -10.33 -6.55 -4.22
H8' TCY A 9 -13.02 -10.49 -6.96
H8'A TCY A 9 -12.32 -9.46 -8.32
H6' TCY A 9 -12.48 -7.42 -6.82
H4' TCY A 9 -11.01 -11.03 -5.19
H7' TCY A 9 -13.15 -7.64 -4.46
H7'A TCY A 9 -14.25 -8.86 -5.19
H2' TCY A 9 -12.61 -8.54 -2.44
H2'A TCY A 9 -12.00 -10.19 -2.21
H1' TCY A 9 -9.92 -9.21 -2.25
H2 TCY A 9 -11.09 -6.02 1.09
HN6 TCY A 9 -10.66 -2.19 -1.23
HN6A TCY A 9 -10.44 -2.64 -2.90
H8 TCY A 9 -10.21 -6.93 -5.22
P TCJ A 10 -14.52 -11.10 -3.24
O1P TCJ A 10 -14.02 -11.63 -1.94
O2P TCJ A 10 -15.56 -11.87 -3.97
O5' TCJ A 10 -15.07 -9.60 -2.99
C5' TCJ A 10 -16.02 -9.36 -1.98
C4' TCJ A 10 -15.53 -9.10 -0.57
O4' TCJ A 10 -14.30 -8.37 -0.60
C1' TCJ A 10 -14.38 -7.18 0.20
N1 TCJ A 10 -14.25 -5.96 -0.67
C6 TCJ A 10 -14.28 -6.02 -2.06
C5 TCJ A 10 -14.16 -4.90 -2.82
C7 TCJ A 10 -14.20 -4.95 -4.34
C4 TCJ A 10 -13.99 -3.63 -2.11
N4 TCJ A 10 -13.86 -2.48 -2.80
N3 TCJ A 10 -13.94 -3.59 -0.76
C2 TCJ A 10 -14.07 -4.72 0.00
O2 TCJ A 10 -14.03 -4.68 1.23
C3' TCJ A 10 -16.57 -8.23 0.13
C2' TCJ A 10 -15.74 -7.19 0.90
C7' TCJ A 10 -17.44 -7.61 -0.99
C6' TCJ A 10 -17.19 -8.44 -2.24
C8' TCJ A 10 -17.41 -9.92 -2.14
O3' TCJ A 10 -17.35 -9.00 1.03
H4' TCJ A 10 -15.40 -10.04 -0.03
H1' TCJ A 10 -13.59 -7.19 0.94
H6 TCJ A 10 -14.42 -6.97 -2.55
H73 TCJ A 10 -14.73 -5.83 -4.66
H71 TCJ A 10 -13.19 -4.96 -4.72
H72 TCJ A 10 -14.71 -4.06 -4.72
H41 TCJ A 10 -13.74 -1.62 -2.30
H42 TCJ A 10 -13.88 -2.49 -3.81
H2' TCJ A 10 -16.22 -6.21 0.86
H2'' TCJ A 10 -15.61 -7.50 1.94
H7' TCJ A 10 -17.18 -6.58 -1.18
H7'' TCJ A 10 -18.50 -7.67 -0.71
H6' TCJ A 10 -17.27 -7.96 -3.22
H8' TCJ A 10 -17.88 -10.30 -1.23
H8'' TCJ A 10 -17.61 -10.48 -3.05
H3T TCJ A 10 -18.22 -9.10 0.66
C8 F7K B 1 -14.50 3.37 1.66
C2 F7K B 1 -14.89 -1.03 1.76
C4 F7K B 1 -14.81 1.23 2.02
C5 F7K B 1 -14.30 1.45 0.75
C6 F7K B 1 -14.04 0.34 -0.12
O5' F7K B 1 -14.28 6.61 4.08
C5' F7K B 1 -13.83 5.65 5.00
C4' F7K B 1 -14.75 4.47 5.34
O4' F7K B 1 -15.52 4.12 4.19
C1' F7K B 1 -15.45 2.71 3.97
N9 F7K B 1 -14.94 2.46 2.61
N7 F7K B 1 -14.11 2.81 0.54
O6 F7K B 1 -13.60 0.36 -1.26
N1 F7K B 1 -14.37 -0.90 0.48
N2 F7K B 1 -15.13 -2.27 2.18
N3 F7K B 1 -15.12 0.02 2.59
C3' F7K B 1 -13.87 3.29 5.73
C2' F7K B 1 -14.52 2.09 5.02
C7' F7K B 1 -12.44 3.63 5.20
C6' F7K B 1 -12.42 5.12 4.90
C8' F7K B 1 -12.80 6.03 6.03
O3' F7K B 1 -13.86 3.14 7.14
H8 F7K B 1 -14.49 4.43 1.82
HO5' F7K B 1 -14.79 7.28 4.54
H4' F7K B 1 -15.40 4.74 6.17
H1' F7K B 1 -16.44 2.28 4.06
H1 F7K B 1 -14.22 -1.73 -0.07
H21 F7K B 1 -14.96 -3.06 1.57
H22 F7K B 1 -15.51 -2.43 3.10
H2'' F7K B 1 -15.12 1.52 5.73
H2' F7K B 1 -13.77 1.43 4.56
H7'' F7K B 1 -11.70 3.40 5.95
H7' F7K B 1 -12.22 3.09 4.28
H6' F7K B 1 -11.77 5.50 4.11
H8'' F7K B 1 -12.46 7.06 6.01
H8' F7K B 1 -12.93 5.60 7.03
C7 EAN B 2 -11.11 1.11 2.42
C6 EAN B 2 -11.85 -0.79 3.87
C5 EAN B 2 -11.41 -0.36 2.65
C4 EAN B 2 -11.24 -1.31 1.55
C2 EAN B 2 -11.99 -3.09 3.11
P EAN B 2 -13.30 1.82 7.89
O1P EAN B 2 -12.51 2.27 9.06
O2P EAN B 2 -14.43 0.90 8.09
O5' EAN B 2 -12.29 1.16 6.83
C5' EAN B 2 -11.45 0.12 7.23
C4' EAN B 2 -12.03 -1.28 7.33
O4' EAN B 2 -12.98 -1.48 6.29
C1' EAN B 2 -12.60 -2.60 5.46
N1 EAN B 2 -12.14 -2.12 4.12
O4 EAN B 2 -10.85 -1.02 0.42
N3 EAN B 2 -11.55 -2.64 1.87
O2 EAN B 2 -12.24 -4.28 3.30
C3' EAN B 2 -10.89 -2.28 7.13
C2' EAN B 2 -11.47 -3.32 6.18
C7' EAN B 2 -9.72 -1.45 6.51
C6' EAN B 2 -10.05 0.01 6.69
C8' EAN B 2 -10.27 0.45 8.10
O3' EAN B 2 -10.52 -2.83 8.40
H73 EAN B 2 -12.04 1.66 2.25
H71 EAN B 2 -10.46 1.23 1.54
H72 EAN B 2 -10.60 1.52 3.30
H6 EAN B 2 -11.96 -0.06 4.66
H4' EAN B 2 -12.49 -1.43 8.30
H1' EAN B 2 -13.45 -3.27 5.35
H3 EAN B 2 -11.44 -3.32 1.15
H2' EAN B 2 -10.73 -3.70 5.49
H2'' EAN B 2 -11.88 -4.15 6.76
H7' EAN B 2 -9.60 -1.68 5.44
H7'' EAN B 2 -8.78 -1.67 7.03
H6' EAN B 2 -9.71 0.73 5.94
H8' EAN B 2 -10.04 -0.25 8.91
H8'' EAN B 2 -10.13 1.51 8.33
O1P TCY B 3 -8.78 -4.00 9.80
P TCY B 3 -9.58 -4.14 8.56
O2P TCY B 3 -10.42 -5.34 8.36
C8' TCY B 3 -6.38 -4.96 8.06
O5' TCY B 3 -8.57 -4.03 7.31
C5' TCY B 3 -7.55 -4.98 7.13
C6' TCY B 3 -6.20 -4.53 6.64
C4' TCY B 3 -7.89 -6.29 6.46
C3' TCY B 3 -6.66 -6.79 5.74
C7' TCY B 3 -5.68 -5.58 5.68
O3' TCY B 3 -6.09 -7.87 6.47
C2' TCY B 3 -7.18 -7.22 4.36
C1' TCY B 3 -8.50 -6.47 4.20
O4' TCY B 3 -8.93 -6.08 5.50
N9 TCY B 3 -8.33 -5.26 3.36
C4 TCY B 3 -8.05 -5.24 2.02
N3 TCY B 3 -7.86 -6.33 1.20
C2 TCY B 3 -7.59 -5.96 -0.04
N1 TCY B 3 -7.50 -4.73 -0.55
C6 TCY B 3 -7.70 -3.66 0.28
N6 TCY B 3 -7.66 -2.43 -0.24
C5 TCY B 3 -7.98 -3.93 1.65
N7 TCY B 3 -8.22 -3.10 2.74
C8 TCY B 3 -8.41 -3.93 3.72
H8' TCY B 3 -5.98 -5.94 8.36
H8'A TCY B 3 -6.37 -4.20 8.84
H6' TCY B 3 -6.04 -3.48 6.42
H4' TCY B 3 -8.22 -7.02 7.21
H7' TCY B 3 -5.63 -5.16 4.68
H7'A TCY B 3 -4.68 -5.88 6.00
H2' TCY B 3 -6.48 -6.96 3.56
H2'A TCY B 3 -7.36 -8.29 4.36
H1' TCY B 3 -9.25 -7.13 3.75
H2 TCY B 3 -7.41 -6.77 -0.75
HN6 TCY B 3 -7.45 -2.29 -1.22
HN6A TCY B 3 -7.82 -1.63 0.36
H8 TCY B 3 -8.62 -3.61 4.73
O1P TCY B 4 -4.07 -9.26 6.99
P TCY B 4 -4.96 -8.87 5.87
O2P TCY B 4 -5.61 -9.90 5.05
C8' TCY B 4 -1.72 -8.65 4.94
O5' TCY B 4 -4.11 -7.92 4.89
C5' TCY B 4 -3.01 -8.43 4.20
C6' TCY B 4 -1.81 -7.56 3.92
C4' TCY B 4 -3.26 -9.30 2.98
C3' TCY B 4 -2.08 -9.13 2.02
C7' TCY B 4 -1.28 -7.90 2.54
O3' TCY B 4 -1.29 -10.32 2.07
C2' TCY B 4 -2.74 -8.91 0.67
C1' TCY B 4 -4.14 -8.40 0.99
O4' TCY B 4 -4.45 -8.85 2.32
N9 TCY B 4 -4.19 -6.93 0.96
C4 TCY B 4 -4.09 -6.15 -0.18
N3 TCY B 4 -3.92 -6.58 -1.46
C2 TCY B 4 -3.84 -5.56 -2.31
N1 TCY B 4 -3.94 -4.26 -2.05
C6 TCY B 4 -4.14 -3.85 -0.77
N6 TCY B 4 -4.28 -2.54 -0.52
C5 TCY B 4 -4.19 -4.84 0.25
N7 TCY B 4 -4.35 -4.78 1.62
C8 TCY B 4 -4.34 -6.04 1.99
H8' TCY B 4 -1.17 -9.55 4.68
H8'A TCY B 4 -1.72 -8.37 6.00
H6' TCY B 4 -1.83 -6.52 4.25
H4' TCY B 4 -3.38 -10.34 3.27
H7' TCY B 4 -1.44 -7.04 1.89
H7'A TCY B 4 -0.23 -8.13 2.61
H2' TCY B 4 -2.19 -8.19 0.06
H2'A TCY B 4 -2.82 -9.86 0.13
H1' TCY B 4 -4.86 -8.83 0.29
H2 TCY B 4 -3.69 -5.83 -3.34
HN6 TCY B 4 -4.23 -1.87 -1.28
HN6A TCY B 4 -4.44 -2.21 0.42
H8 TCY B 4 -4.43 -6.34 3.02
C8 F4Q B 5 -0.32 -6.22 -0.66
C2 F4Q B 5 -0.40 -3.29 -3.95
C4 F4Q B 5 -0.34 -5.03 -2.49
C5 F4Q B 5 -0.48 -4.23 -1.38
C6 F4Q B 5 -0.62 -2.81 -1.54
P F4Q B 5 -0.15 -10.69 0.97
O1P F4Q B 5 0.89 -11.49 1.65
O2P F4Q B 5 -0.80 -11.22 -0.25
O5' F4Q B 5 0.48 -9.26 0.60
C5' F4Q B 5 1.51 -9.18 -0.36
C4' F4Q B 5 1.13 -9.25 -1.83
O4' F4Q B 5 -0.17 -8.68 -2.02
C1' F4Q B 5 -0.09 -7.54 -2.87
N9 F4Q B 5 -0.25 -6.33 -2.03
N7 F4Q B 5 -0.47 -5.00 -0.23
O6 F4Q B 5 -0.79 -1.96 -0.66
N1 F4Q B 5 -0.56 -2.41 -2.88
N2 F4Q B 5 -0.34 -2.75 -5.17
N3 F4Q B 5 -0.31 -4.63 -3.81
C3' F4Q B 5 2.14 -8.43 -2.63
C2' F4Q B 5 1.27 -7.57 -3.54
C7' F4Q B 5 2.93 -7.60 -1.57
C6' F4Q B 5 2.59 -8.15 -0.20
C8' F4Q B 5 2.90 -9.60 0.01
O3' F4Q B 5 2.99 -9.31 -3.34
H8 F4Q B 5 -0.26 -7.08 -0.02
H4' F4Q B 5 1.14 -10.29 -2.16
H1' F4Q B 5 -0.88 -7.58 -3.62
H1 F4Q B 5 -0.62 -1.43 -3.08
H22 F4Q B 5 -0.23 -3.34 -5.98
H21 F4Q B 5 -0.41 -1.73 -5.28
H2' F4Q B 5 1.68 -6.56 -3.66
H2'' F4Q B 5 1.18 -8.05 -4.53
H7' F4Q B 5 2.66 -6.55 -1.60
H7'' F4Q B 5 4.01 -7.69 -1.74
H6' F4Q B 5 2.57 -7.47 0.65
H8' F4Q B 5 3.47 -10.13 -0.75
H8'' F4Q B 5 3.04 -9.95 1.04
P TCJ B 6 3.97 -8.85 -4.55
O1P TCJ B 6 5.18 -9.71 -4.51
O2P TCJ B 6 3.18 -8.76 -5.79
O5' TCJ B 6 4.42 -7.36 -4.13
C5' TCJ B 6 5.08 -6.54 -5.06
C4' TCJ B 6 4.26 -5.53 -5.86
O4' TCJ B 6 3.15 -5.09 -5.09
C1' TCJ B 6 3.04 -3.66 -5.17
N1 TCJ B 6 2.93 -3.08 -3.78
C6 TCJ B 6 3.22 -3.82 -2.65
C5 TCJ B 6 3.09 -3.29 -1.39
C7 TCJ B 6 3.40 -4.09 -0.13
C4 TCJ B 6 2.63 -1.91 -1.31
N4 TCJ B 6 2.48 -1.32 -0.12
N3 TCJ B 6 2.35 -1.19 -2.43
C2 TCJ B 6 2.49 -1.74 -3.68
O2 TCJ B 6 2.24 -1.08 -4.68
C3' TCJ B 6 5.15 -4.34 -6.17
C2' TCJ B 6 4.27 -3.11 -5.88
C7' TCJ B 6 6.38 -4.47 -5.22
C6' TCJ B 6 6.37 -5.87 -4.66
C8' TCJ B 6 6.38 -6.99 -5.64
O3' TCJ B 6 5.56 -4.39 -7.53
H4' TCJ B 6 3.93 -6.00 -6.79
H1' TCJ B 6 2.15 -3.40 -5.73
H6 TCJ B 6 3.57 -4.83 -2.75
H73 TCJ B 6 3.97 -3.47 0.55
H71 TCJ B 6 3.96 -4.99 -0.39
H72 TCJ B 6 2.46 -4.37 0.34
H41 TCJ B 6 2.17 -0.36 -0.06
H42 TCJ B 6 2.68 -1.83 0.73
H2' TCJ B 6 4.78 -2.36 -5.29
H2'' TCJ B 6 3.95 -2.66 -6.83
H7' TCJ B 6 6.32 -3.74 -4.40
H7'' TCJ B 6 7.31 -4.30 -5.77
H6' TCJ B 6 6.77 -6.04 -3.65
H8' TCJ B 6 6.55 -6.74 -6.69
H8'' TCJ B 6 6.74 -7.96 -5.32
P TCJ B 7 6.32 -3.17 -8.28
O1P TCJ B 7 7.48 -3.71 -9.01
O2P TCJ B 7 5.30 -2.39 -9.01
O5' TCJ B 7 6.86 -2.25 -7.07
C5' TCJ B 7 7.62 -1.11 -7.34
C4' TCJ B 7 6.90 0.16 -7.75
O4' TCJ B 7 5.63 0.25 -7.07
C1' TCJ B 7 5.55 1.47 -6.32
N1 TCJ B 7 5.57 1.17 -4.85
C6 TCJ B 7 6.02 -0.04 -4.34
C5 TCJ B 7 6.00 -0.30 -3.01
C7 TCJ B 7 6.51 -1.62 -2.45
C4 TCJ B 7 5.49 0.74 -2.13
N4 TCJ B 7 5.43 0.54 -0.81
N3 TCJ B 7 5.05 1.92 -2.64
C2 TCJ B 7 5.10 2.18 -3.98
O2 TCJ B 7 4.71 3.27 -4.43
C3' TCJ B 7 7.74 1.35 -7.33
C2' TCJ B 7 6.75 2.33 -6.72
C7' TCJ B 7 8.78 0.78 -6.30
C6' TCJ B 7 8.75 -0.73 -6.44
C8' TCJ B 7 9.04 -1.27 -7.80
O3' TCJ B 7 8.37 1.90 -8.48
H4' TCJ B 7 6.73 0.18 -8.83
H1' TCJ B 7 4.62 1.99 -6.58
H6 TCJ B 7 6.42 -0.78 -5.02
H73 TCJ B 7 6.93 -1.47 -1.45
H71 TCJ B 7 7.29 -2.03 -3.10
H72 TCJ B 7 5.68 -2.33 -2.38
H41 TCJ B 7 5.06 1.28 -0.21
H42 TCJ B 7 5.74 -0.32 -0.41
H2' TCJ B 7 7.17 2.85 -5.86
H2'' TCJ B 7 6.44 3.07 -7.46
H7' TCJ B 7 8.50 1.06 -5.28
H7'' TCJ B 7 9.78 1.15 -6.52
H6' TCJ B 7 8.97 -1.35 -5.57
H8' TCJ B 7 9.38 -0.57 -8.58
H8'' TCJ B 7 9.41 -2.29 -7.89
C8 F4Q B 8 8.51 3.78 -3.55
C2 F4Q B 8 7.47 6.06 0.08
C4 F4Q B 8 7.95 5.17 -1.96
C5 F4Q B 8 8.13 3.89 -1.46
C6 F4Q B 8 7.94 3.63 -0.06
P F4Q B 8 9.49 3.09 -8.43
O1P F4Q B 8 10.78 2.46 -8.73
O2P F4Q B 8 8.99 4.22 -9.26
O5' F4Q B 8 9.49 3.57 -6.88
C5' F4Q B 8 10.23 4.71 -6.48
C4' F4Q B 8 9.47 6.00 -6.15
O4' F4Q B 8 8.19 5.69 -5.60
C1' F4Q B 8 8.08 6.21 -4.27
N9 F4Q B 8 8.18 5.09 -3.31
N7 F4Q B 8 8.49 3.02 -2.49
O6 F4Q B 8 8.00 2.56 0.53
N1 F4Q B 8 7.62 4.80 0.66
N2 F4Q B 8 7.19 7.07 0.91
N3 F4Q B 8 7.60 6.29 -1.24
C3' F4Q B 8 10.27 6.77 -5.11
C2' F4Q B 8 9.23 7.21 -4.08
C7' F4Q B 8 11.33 5.78 -4.55
C6' F4Q B 8 11.33 4.57 -5.46
C8' F4Q B 8 11.67 4.84 -6.89
O3' F4Q B 8 10.90 7.90 -5.75
H8 F4Q B 8 8.77 3.40 -4.52
H4' F4Q B 8 9.36 6.59 -7.06
H1' F4Q B 8 7.13 6.73 -4.15
H1 F4Q B 8 7.51 4.71 1.66
H22 F4Q B 8 7.07 8.00 0.55
H21 F4Q B 8 7.11 6.90 1.91
H2' F4Q B 8 9.63 7.16 -3.07
H2'' F4Q B 8 8.88 8.21 -4.30
H7' F4Q B 8 11.08 5.46 -3.54
H7'' F4Q B 8 12.32 6.22 -4.55
H6' F4Q B 8 11.54 3.59 -5.03
H8' F4Q B 8 12.00 5.84 -7.15
H8'' F4Q B 8 12.09 4.03 -7.47
O1P TCY B 9 12.74 9.62 -5.72
P TCY B 9 11.58 9.14 -4.93
O2P TCY B 9 10.51 10.08 -4.54
C8' TCY B 9 14.30 9.57 -3.04
O5' TCY B 9 12.13 8.44 -3.60
C5' TCY B 9 12.90 9.16 -2.67
C6' TCY B 9 14.07 8.49 -2.01
C4' TCY B 9 12.18 10.00 -1.64
C3' TCY B 9 13.02 10.01 -0.36
C7' TCY B 9 14.11 8.92 -0.56
O3' TCY B 9 13.60 11.30 -0.18
C2' TCY B 9 12.00 9.70 0.74
C1' TCY B 9 10.83 9.04 0.02
O4' TCY B 9 10.91 9.42 -1.36
N9 TCY B 9 10.91 7.56 0.12
C4 TCY B 9 10.64 6.80 1.24
N3 TCY B 9 10.27 7.28 2.47
C2 TCY B 9 10.09 6.28 3.34
N1 TCY B 9 10.24 4.96 3.13
C6 TCY B 9 10.60 4.53 1.89
N6 TCY B 9 10.73 3.20 1.69
C5 TCY B 9 10.84 5.49 0.88
N7 TCY B 9 11.22 5.40 -0.44
C8 TCY B 9 11.25 6.64 -0.86
H8' TCY B 9 14.62 10.55 -2.69
H8'A TCY B 9 14.65 9.27 -4.02
H6' TCY B 9 14.31 7.46 -2.27
H4' TCY B 9 12.04 11.02 -2.01
H7' TCY B 9 13.91 8.06 0.07
H7'A TCY B 9 15.09 9.32 -0.33
H2' TCY B 9 12.42 9.03 1.50
H2'A TCY B 9 11.66 10.62 1.21
H1' TCY B 9 9.89 9.40 0.44
H2 TCY B 9 9.79 6.57 4.33
HN6 TCY B 9 10.56 2.55 2.44
HN6A TCY B 9 10.99 2.86 0.77
H8 TCY B 9 11.52 6.92 -1.85
C8 F4Q B 10 13.87 7.20 2.98
C2 F4Q B 10 12.71 4.53 6.28
C4 F4Q B 10 13.22 6.15 4.78
C5 F4Q B 10 13.56 5.26 3.77
C6 F4Q B 10 13.44 3.85 4.01
P F4Q B 10 14.32 11.76 1.20
O1P F4Q B 10 15.49 12.60 0.85
O2P F4Q B 10 13.28 12.31 2.10
O5' F4Q B 10 14.87 10.39 1.84
C5' F4Q B 10 15.46 10.38 3.12
C4' F4Q B 10 14.57 10.45 4.34
O4' F4Q B 10 13.35 9.76 4.07
C1' F4Q B 10 13.18 8.67 4.99
N9 F4Q B 10 13.42 7.40 4.25
N7 F4Q B 10 13.96 5.95 2.64
O6 F4Q B 10 13.64 2.93 3.23
N1 F4Q B 10 13.02 3.57 5.32
N2 F4Q B 10 12.35 4.08 7.49
N3 F4Q B 10 12.78 5.86 6.03
C3' F4Q B 10 15.27 9.73 5.49
C2' F4Q B 10 14.20 8.85 6.10
C7' F4Q B 10 16.44 8.94 4.84
C6' F4Q B 10 16.61 9.45 3.41
C8' F4Q B 10 16.86 10.92 3.27
O3' F4Q B 10 15.77 10.66 6.43
H8 F4Q B 10 14.14 8.01 2.32
H4' F4Q B 10 14.37 11.49 4.61
H1' F4Q B 10 12.17 8.68 5.39
H1 F4Q B 10 12.95 2.60 5.59
H22 F4Q B 10 12.12 4.75 8.21
H21 F4Q B 10 12.31 3.09 7.67
H2' F4Q B 10 14.61 7.88 6.43
H2'' F4Q B 10 13.73 9.35 6.94
H7' F4Q B 10 16.22 7.86 4.80
H7'' F4Q B 10 17.37 9.09 5.40
H6' F4Q B 10 16.95 8.77 2.63
H8' F4Q B 10 17.07 11.50 4.17
H8'' F4Q B 10 17.35 11.26 2.35
H4 F4Q B 10 15.02 11.06 6.89
O5' F7H A 1 13.82 -4.59 8.99
C5' F7H A 1 12.73 -4.00 9.66
C4' F7H A 1 12.99 -2.80 10.55
O4' F7H A 1 14.09 -2.03 10.04
C1' F7H A 1 13.68 -0.68 9.77
N1 F7H A 1 13.63 -0.45 8.29
C6 F7H A 1 13.80 -1.47 7.36
C5 F7H A 1 13.72 -1.24 6.01
C7 F7H A 1 13.92 -2.35 5.00
C4 F7H A 1 13.44 0.12 5.59
N4 F7H A 1 13.34 0.41 4.30
N3 F7H A 1 13.27 1.11 6.51
C2 F7H A 1 13.37 0.87 7.85
O2 F7H A 1 13.24 1.79 8.66
C3' F7H A 1 11.76 -1.92 10.55
C2' F7H A 1 12.29 -0.50 10.39
C7' F7H A 1 10.89 -2.40 9.34
C6' F7H A 1 11.45 -3.74 8.90
C8' F7H A 1 11.50 -4.81 9.94
O3' F7H A 1 11.04 -2.07 11.78
HO5' F7H A 1 14.20 -5.28 9.53
H4' F7H A 1 13.22 -3.13 11.57
H1' F7H A 1 14.38 0.02 10.23
H6 F7H A 1 14.00 -2.48 7.71
H71 F7H A 1 13.02 -2.45 4.39
H72 F7H A 1 14.11 -3.29 5.51
H73 F7H A 1 14.76 -2.11 4.36
H41 F7H A 1 13.15 1.36 4.01
H42 F7H A 1 13.46 -0.30 3.60
H2' F7H A 1 11.64 0.11 9.76
H2'' F7H A 1 12.39 -0.02 11.37
H7' F7H A 1 10.95 -1.69 8.52
H7'' F7H A 1 9.85 -2.53 9.64
H6' F7H A 1 11.39 -4.01 7.85
H8' F7H A 1 11.01 -4.62 10.89
H8'' F7H A 1 11.52 -5.84 9.61
C7 EAN A 2 9.81 -0.65 5.92
C6 EAN A 2 9.88 1.33 7.46
C5 EAN A 2 9.89 0.84 6.18
C4 EAN A 2 9.97 1.76 5.03
C2 EAN A 2 10.03 3.63 6.68
P EAN A 2 9.82 -1.11 12.22
O1P EAN A 2 10.38 -0.02 13.06
O2P EAN A 2 8.73 -1.95 12.74
O5' EAN A 2 9.33 -0.45 10.82
C5' EAN A 2 8.40 0.61 10.84
C4' EAN A 2 8.91 2.03 10.88
O4' EAN A 2 10.09 2.17 10.07
C1' EAN A 2 9.93 3.23 9.13
N1 EAN A 2 9.95 2.69 7.72
O4 EAN A 2 9.97 1.43 3.85
N3 EAN A 2 10.03 3.11 5.39
O2 EAN A 2 10.09 4.85 6.87
C3' EAN A 2 7.84 2.93 10.29
C2' EAN A 2 8.60 3.93 9.42
C7' EAN A 2 6.91 1.99 9.47
C6' EAN A 2 7.20 0.57 9.92
C8' EAN A 2 7.03 0.33 11.39
O3' EAN A 2 7.13 3.57 11.35
H73 EAN A 2 10.82 -1.06 5.86
H71 EAN A 2 9.30 -0.83 4.97
H72 EAN A 2 9.26 -1.14 6.72
H6 EAN A 2 9.81 0.62 8.28
H4' EAN A 2 9.13 2.32 11.91
H1' EAN A 2 10.75 3.95 9.25
H3 EAN A 2 10.09 3.77 4.63
H2' EAN A 2 8.06 4.17 8.51
H2'' EAN A 2 8.79 4.84 9.99
H7' EAN A 2 7.12 2.06 8.40
H7'' EAN A 2 5.86 2.22 9.65
H6' EAN A 2 7.08 -0.25 9.23
H8' EAN A 2 6.59 1.11 12.00
H8'' EAN A 2 6.84 -0.69 11.72
P TCJ A 3 6.15 4.83 11.15
O1P TCJ A 3 6.96 6.06 11.16
O2P TCJ A 3 5.01 4.69 12.09
O5' TCJ A 3 5.59 4.62 9.66
C5' TCJ A 3 4.79 5.62 9.07
C4' TCJ A 3 5.46 6.82 8.44
O4' TCJ A 3 6.72 6.41 7.87
C1' TCJ A 3 6.76 6.71 6.47
N1 TCJ A 3 6.74 5.44 5.66
C6 TCJ A 3 6.31 4.23 6.18
C5 TCJ A 3 6.29 3.10 5.42
C7 TCJ A 3 5.82 1.77 5.99
C4 TCJ A 3 6.71 3.22 4.04
N4 TCJ A 3 6.70 2.15 3.24
N3 TCJ A 3 7.12 4.40 3.53
C2 TCJ A 3 7.15 5.54 4.31
O2 TCJ A 3 7.53 6.62 3.84
C3' TCJ A 3 4.58 7.33 7.32
C2' TCJ A 3 5.54 7.58 6.16
C7' TCJ A 3 3.55 6.19 7.03
C6' TCJ A 3 3.63 5.22 8.20
C8' TCJ A 3 3.38 5.80 9.56
O3' TCJ A 3 3.92 8.53 7.72
H4' TCJ A 3 5.63 7.59 9.18
H1' TCJ A 3 7.67 7.27 6.25
H6 TCJ A 3 6.00 4.18 7.22
H73 TCJ A 3 6.69 1.14 6.19
H71 TCJ A 3 5.18 1.27 5.27
H72 TCJ A 3 5.27 1.93 6.92
H41 TCJ A 3 7.00 2.24 2.27
H42 TCJ A 3 6.40 1.25 3.59
H2' TCJ A 3 5.11 7.32 5.20
H2'' TCJ A 3 5.84 8.63 6.14
H7' TCJ A 3 3.79 5.66 6.11
H7'' TCJ A 3 2.54 6.59 6.97
H6' TCJ A 3 3.43 4.16 8.03
H8' TCJ A 3 3.01 6.82 9.61
H8'' TCJ A 3 3.05 5.12 10.35
C8 F4Q A 4 3.60 6.24 3.11
C2 F4Q A 4 4.56 5.23 -1.08
C4 F4Q A 4 4.08 6.06 0.98
C5 F4Q A 4 4.01 4.82 1.57
C6 F4Q A 4 4.26 3.65 0.79
P F4Q A 4 3.08 9.47 6.69
O1P F4Q A 4 4.01 10.47 6.14
O2P F4Q A 4 1.84 9.90 7.38
O5' F4Q A 4 2.68 8.45 5.51
C5' F4Q A 4 1.79 8.84 4.49
C4' F4Q A 4 2.35 9.54 3.27
O4' F4Q A 4 3.69 9.09 3.04
C1' F4Q A 4 3.78 8.44 1.77
N9 F4Q A 4 3.81 6.98 1.97
N7 F4Q A 4 3.71 4.95 2.93
O6 F4Q A 4 4.26 2.47 1.16
N1 F4Q A 4 4.52 3.94 -0.56
N2 F4Q A 4 4.81 5.34 -2.39
N3 F4Q A 4 4.36 6.34 -0.33
C3' F4Q A 4 1.50 9.16 2.06
C2' F4Q A 4 2.52 8.83 0.99
C7' F4Q A 4 0.66 7.93 2.51
C6' F4Q A 4 0.76 7.84 4.03
C8' F4Q A 4 0.34 9.06 4.80
O3' F4Q A 4 0.67 10.25 1.69
H8 F4Q A 4 3.36 6.68 4.06
H4' F4Q A 4 2.34 10.62 3.42
H1' F4Q A 4 4.67 8.77 1.24
H1 F4Q A 4 4.67 3.16 -1.17
H22 F4Q A 4 4.85 6.25 -2.81
H21 F4Q A 4 4.95 4.51 -2.95
H2' F4Q A 4 2.19 8.01 0.35
H2'' F4Q A 4 2.74 9.70 0.39
H7' F4Q A 4 1.04 7.01 2.08
H7'' F4Q A 4 -0.38 8.06 2.23
H6' F4Q A 4 0.71 6.87 4.50
H8' F4Q A 4 -0.16 9.87 4.27
H8'' F4Q A 4 0.05 8.92 5.84
C8 F4Q A 5 0.81 5.57 -0.51
C2 F4Q A 5 1.94 2.29 -3.24
C4 F4Q A 5 1.46 4.18 -2.07
C5 F4Q A 5 1.04 3.50 -0.95
C6 F4Q A 5 1.08 2.06 -0.93
P F4Q A 5 -0.11 10.34 0.25
O1P F4Q A 5 0.86 10.86 -0.76
O2P F4Q A 5 -1.38 11.07 0.46
O5' F4Q A 5 -0.45 8.82 -0.13
C5' F4Q A 5 -0.89 8.51 -1.44
C4' F4Q A 5 0.13 8.43 -2.56
O4' F4Q A 5 1.35 7.88 -2.03
C1' F4Q A 5 1.65 6.64 -2.70
N9 F4Q A 5 1.32 5.52 -1.78
N7 F4Q A 5 0.63 4.39 0.03
O6 F4Q A 5 0.79 1.31 -0.03
N1 F4Q A 5 1.54 1.53 -2.16
N2 F4Q A 5 2.31 1.62 -4.34
N3 F4Q A 5 1.95 3.65 -3.24
C3' F4Q A 5 -0.40 7.48 -3.63
C2' F4Q A 5 0.79 6.58 -3.95
C7' F4Q A 5 -1.59 6.71 -2.96
C6' F4Q A 5 -1.92 7.43 -1.67
C8' F4Q A 5 -2.31 8.87 -1.81
O3' F4Q A 5 -0.83 8.24 -4.77
H8 F4Q A 5 0.58 6.50 0.00
H4' F4Q A 5 0.31 9.42 -2.97
H1' F4Q A 5 2.70 6.60 -2.96
H1 F4Q A 5 1.55 0.52 -2.24
H22 F4Q A 5 2.62 2.14 -5.15
H21 F4Q A 5 2.31 0.61 -4.35
H2' F4Q A 5 0.48 5.57 -4.19
H2'' F4Q A 5 1.36 7.01 -4.78
H7' F4Q A 5 -1.31 5.68 -2.74
H7'' F4Q A 5 -2.46 6.73 -3.61
H6' F4Q A 5 -2.29 6.85 -0.83
H8' F4Q A 5 -2.46 9.27 -2.81
H8'' F4Q A 5 -2.91 9.31 -1.02
P TCJ A 6 -1.13 7.61 -6.24
O1P TCJ A 6 0.14 7.16 -6.85
O2P TCJ A 6 -1.97 8.57 -6.98
O5' TCJ A 6 -2.01 6.31 -5.93
C5' TCJ A 6 -2.42 5.47 -6.98
C4' TCJ A 6 -1.42 4.48 -7.57
O4' TCJ A 6 -0.53 4.03 -6.55
C1' TCJ A 6 -0.53 2.60 -6.48
N1 TCJ A 6 -1.06 2.14 -5.15
C6 TCJ A 6 -1.70 3.02 -4.27
C5 TCJ A 6 -2.15 2.59 -3.05
C7 TCJ A 6 -2.86 3.53 -2.09
C4 TCJ A 6 -1.93 1.20 -2.71
N4 TCJ A 6 -2.34 0.71 -1.53
N3 TCJ A 6 -1.31 0.36 -3.58
C2 TCJ A 6 -0.86 0.79 -4.81
O2 TCJ A 6 -0.33 0.01 -5.59
C3' TCJ A 6 -2.21 3.29 -8.10
C2' TCJ A 6 -1.40 2.08 -7.62
C7' TCJ A 6 -3.62 3.39 -7.46
C6' TCJ A 6 -3.76 4.79 -6.90
C8' TCJ A 6 -3.54 5.91 -7.87
O3' TCJ A 6 -2.25 3.36 -9.52
H4' TCJ A 6 -0.87 4.96 -8.37
H1' TCJ A 6 0.49 2.23 -6.61
H6 TCJ A 6 -1.85 4.04 -4.55
H73 TCJ A 6 -2.13 3.90 -1.35
H71 TCJ A 6 -3.66 2.99 -1.57
H72 TCJ A 6 -3.28 4.37 -2.64
H41 TCJ A 6 -2.17 -0.25 -1.31
H42 TCJ A 6 -2.80 1.32 -0.87
H2' TCJ A 6 -2.06 1.27 -7.29
H2'' TCJ A 6 -0.77 1.72 -8.43
H7' TCJ A 6 -3.73 2.67 -6.64
H7'' TCJ A 6 -4.40 3.22 -8.20
H6' TCJ A 6 -4.39 4.96 -6.02
H8' TCJ A 6 -3.45 5.67 -8.93
H8'' TCJ A 6 -3.99 6.88 -7.63
C7 EAN A 7 -5.31 1.18 -5.00
C6 EAN A 7 -4.03 -0.59 -6.23
C5 EAN A 7 -4.66 -0.19 -5.09
C4 EAN A 7 -4.73 -1.08 -3.92
C2 EAN A 7 -3.45 -2.74 -5.25
P EAN A 7 -3.03 2.26 -10.43
O1P EAN A 7 -2.02 1.58 -11.28
O2P EAN A 7 -4.17 2.96 -11.07
O5' EAN A 7 -3.60 1.20 -9.36
C5' EAN A 7 -4.13 -0.03 -9.79
C4' EAN A 7 -3.29 -1.28 -9.64
O4' EAN A 7 -2.49 -1.18 -8.45
C1' EAN A 7 -2.73 -2.30 -7.58
N1 EAN A 7 -3.43 -1.84 -6.33
O4 EAN A 7 -5.27 -0.81 -2.85
N3 EAN A 7 -4.10 -2.30 -4.10
O2 EAN A 7 -2.93 -3.85 -5.30
C3' EAN A 7 -4.22 -2.48 -9.48
C2' EAN A 7 -3.61 -3.28 -8.34
C7' EAN A 7 -5.62 -1.87 -9.15
C6' EAN A 7 -5.54 -0.39 -9.44
C8' EAN A 7 -5.20 -0.04 -10.85
O3' EAN A 7 -4.25 -3.22 -10.70
H73 EAN A 7 -5.65 1.50 -5.99
H71 EAN A 7 -4.60 1.90 -4.61
H72 EAN A 7 -6.18 1.13 -4.34
H6 EAN A 7 -4.01 0.08 -7.08
H4' EAN A 7 -2.64 -1.41 -10.51
H1' EAN A 7 -1.80 -2.78 -7.32
H3 EAN A 7 -4.13 -2.94 -3.32
H2' EAN A 7 -4.38 -3.72 -7.69
H2'' EAN A 7 -2.99 -4.09 -8.74
H7' EAN A 7 -5.88 -2.03 -8.10
H7'' EAN A 7 -6.39 -2.32 -9.78
H6' EAN A 7 -6.14 0.29 -8.83
H8' EAN A 7 -5.15 -0.83 -11.59
H8'' EAN A 7 -5.53 0.93 -11.22
C7 EAN A 8 -7.79 -1.87 -6.06
C6 EAN A 8 -6.88 -4.20 -6.01
C5 EAN A 8 -7.39 -3.14 -5.32
C4 EAN A 8 -7.56 -3.19 -3.87
C2 EAN A 8 -6.63 -5.49 -3.96
P EAN A 8 -4.94 -4.69 -10.80
O1P EAN A 8 -3.93 -5.70 -10.42
O2P EAN A 8 -5.62 -4.80 -12.11
O5' EAN A 8 -6.06 -4.64 -9.65
C5' EAN A 8 -6.84 -5.75 -9.37
C4' EAN A 8 -6.29 -6.81 -8.41
O4' EAN A 8 -5.49 -6.16 -7.40
C1' EAN A 8 -5.95 -6.56 -6.10
N1 EAN A 8 -6.50 -5.37 -5.36
O4 EAN A 8 -8.01 -2.30 -3.17
N3 EAN A 8 -7.16 -4.40 -3.29
O2 EAN A 8 -6.31 -6.51 -3.35
C3' EAN A 8 -7.46 -7.49 -7.74
C2' EAN A 8 -7.01 -7.63 -6.28
C7' EAN A 8 -8.67 -6.55 -7.94
C6' EAN A 8 -8.30 -5.57 -9.04
C8' EAN A 8 -7.89 -6.18 -10.34
O3' EAN A 8 -7.67 -8.77 -8.35
H73 EAN A 8 -8.17 -2.12 -7.06
H71 EAN A 8 -6.93 -1.21 -6.16
H72 EAN A 8 -8.58 -1.35 -5.50
H6 EAN A 8 -6.76 -4.13 -7.08
H4' EAN A 8 -5.67 -7.52 -8.96
H1' EAN A 8 -5.11 -6.97 -5.54
H3 EAN A 8 -7.26 -4.48 -2.30
H2' EAN A 8 -7.85 -7.47 -5.60
H2'' EAN A 8 -6.58 -8.61 -6.11
H7' EAN A 8 -8.90 -5.99 -7.03
H7'' EAN A 8 -9.55 -7.11 -8.26
H6' EAN A 8 -8.72 -4.56 -9.02
H8' EAN A 8 -8.03 -7.26 -10.48
H8'' EAN A 8 -7.98 -5.57 -11.24
O1P TCY A 9 -7.88 -10.74 -6.81
P TCY A 9 -8.67 -9.88 -7.72
O2P TCY A 9 -9.44 -10.49 -8.83
C8' TCY A 9 -11.98 -9.66 -7.56
O5' TCY A 9 -9.67 -8.99 -6.82
C5' TCY A 9 -10.95 -9.43 -6.49
C6' TCY A 9 -12.11 -8.48 -6.65
C4' TCY A 9 -11.14 -10.17 -5.18
C3' TCY A 9 -12.51 -9.82 -4.62
C7' TCY A 9 -13.03 -8.63 -5.45
O3' TCY A 9 -13.38 -10.96 -4.76
C2' TCY A 9 -12.25 -9.49 -3.15
C1' TCY A 9 -10.77 -9.12 -3.10
O4' TCY A 9 -10.15 -9.71 -4.24
N9 TCY A 9 -10.60 -7.66 -3.16
C4 TCY A 9 -10.79 -6.79 -2.10
N3 TCY A 9 -11.15 -7.13 -0.83
C2 TCY A 9 -11.25 -6.05 -0.06
N1 TCY A 9 -11.03 -4.76 -0.39
C6 TCY A 9 -10.70 -4.46 -1.67
N6 TCY A 9 -10.53 -3.17 -2.01
C5 TCY A 9 -10.54 -5.53 -2.59
N7 TCY A 9 -10.20 -5.59 -3.94
C8 TCY A 9 -10.25 -6.87 -4.22
H8' TCY A 9 -12.67 -10.50 -7.40
H8'A TCY A 9 -11.67 -9.48 -8.58
H6' TCY A 9 -11.92 -7.48 -7.05
H4' TCY A 9 -11.05 -11.25 -5.33
H7' TCY A 9 -13.03 -7.71 -4.88
H7'A TCY A 9 -14.05 -8.82 -5.81
H2' TCY A 9 -12.87 -8.66 -2.81
H2'A TCY A 9 -12.44 -10.37 -2.53
H1' TCY A 9 -10.33 -9.53 -2.19
H2 TCY A 9 -11.55 -6.22 0.96
HN6 TCY A 9 -10.64 -2.45 -1.32
HN6A TCY A 9 -10.29 -2.93 -2.96
H8 TCY A 9 -10.04 -7.25 -5.20
P TCJ A 10 -14.82 -11.06 -4.01
O1P TCJ A 10 -14.60 -11.63 -2.66
O2P TCJ A 10 -15.77 -11.72 -4.94
O5' TCJ A 10 -15.27 -9.52 -3.83
C5' TCJ A 10 -16.36 -9.21 -2.99
C4' TCJ A 10 -16.13 -9.12 -1.49
O4' TCJ A 10 -14.83 -8.57 -1.24
C1' TCJ A 10 -14.94 -7.38 -0.43
N1 TCJ A 10 -14.63 -6.16 -1.25
C6 TCJ A 10 -14.54 -6.19 -2.64
C5 TCJ A 10 -14.31 -5.06 -3.35
C7 TCJ A 10 -14.21 -5.07 -4.87
C4 TCJ A 10 -14.15 -3.82 -2.61
N4 TCJ A 10 -13.94 -2.67 -3.25
N3 TCJ A 10 -14.22 -3.80 -1.26
C2 TCJ A 10 -14.43 -4.96 -0.54
O2 TCJ A 10 -14.45 -4.94 0.68
C3' TCJ A 10 -17.16 -8.18 -0.91
C2' TCJ A 10 -16.38 -7.31 0.07
C7' TCJ A 10 -17.73 -7.37 -2.11
C6' TCJ A 10 -17.33 -8.12 -3.37
C8' TCJ A 10 -17.75 -9.56 -3.46
O3' TCJ A 10 -18.19 -8.89 -0.24
H4' TCJ A 10 -16.20 -10.11 -1.04
H1' TCJ A 10 -14.26 -7.45 0.42
H6 TCJ A 10 -14.67 -7.12 -3.16
H73 TCJ A 10 -14.63 -6.00 -5.26
H71 TCJ A 10 -13.16 -5.00 -5.17
H72 TCJ A 10 -14.76 -4.23 -5.29
H41 TCJ A 10 -13.84 -1.81 -2.73
H42 TCJ A 10 -13.89 -2.65 -4.27
H2' TCJ A 10 -16.75 -6.29 0.09
H2'' TCJ A 10 -16.44 -7.74 1.07
H7' TCJ A 10 -17.32 -6.35 -2.14
H7'' TCJ A 10 -18.82 -7.31 -2.04
H6' TCJ A 10 -17.16 -7.55 -4.29
H8' TCJ A 10 -18.44 -9.93 -2.70
H8'' TCJ A 10 -17.83 -10.01 -4.44
H3T TCJ A 10 -18.94 -8.96 -0.84
C8 F7K B 1 -15.03 2.98 1.16
C2 F7K B 1 -15.18 -1.42 1.49
C4 F7K B 1 -15.26 0.85 1.61
C5 F7K B 1 -14.62 1.04 0.41
C6 F7K B 1 -14.19 -0.10 -0.36
O5' F7K B 1 -14.82 5.98 2.73
C5' F7K B 1 -14.36 5.21 3.82
C4' F7K B 1 -15.35 4.27 4.50
O4' F7K B 1 -16.31 3.82 3.55
C1' F7K B 1 -16.22 2.40 3.39
N9 F7K B 1 -15.53 2.10 2.10
N7 F7K B 1 -14.48 2.39 0.14
O6 F7K B 1 -13.62 -0.12 -1.45
N1 F7K B 1 -14.52 -1.32 0.27
N2 F7K B 1 -15.40 -2.66 1.95
N3 F7K B 1 -15.58 -0.35 2.20
C3' F7K B 1 -14.57 3.07 5.04
C2' F7K B 1 -15.39 1.87 4.56
C7' F7K B 1 -13.16 3.15 4.39
C6' F7K B 1 -13.03 4.50 3.73
C8' F7K B 1 -13.19 5.69 4.62
O3' F7K B 1 -14.49 3.12 6.45
H8 F7K B 1 -15.11 4.05 1.26
HO5' F7K B 1 -15.59 6.48 2.99
H4' F7K B 1 -15.85 4.79 5.32
H1' F7K B 1 -17.20 1.95 3.39
H1 F7K B 1 -14.24 -2.17 -0.20
H21 F7K B 1 -15.10 -3.46 1.42
H22 F7K B 1 -15.87 -2.78 2.83
H2'' F7K B 1 -16.07 1.55 5.35
H2' F7K B 1 -14.75 1.04 4.26
H7'' F7K B 1 -12.38 3.07 5.16
H7' F7K B 1 -13.02 2.37 3.64
H6' F7K B 1 -12.44 4.60 2.82
H8'' F7K B 1 -12.74 6.63 4.31
H8' F7K B 1 -13.24 5.52 5.70
C7 EAN B 2 -11.23 0.95 2.12
C6 EAN B 2 -12.24 -0.88 3.52
C5 EAN B 2 -11.64 -0.50 2.35
C4 EAN B 2 -11.37 -1.48 1.30
C2 EAN B 2 -12.40 -3.19 2.78
P EAN B 2 -13.99 1.87 7.36
O1P EAN B 2 -13.22 2.40 8.50
O2P EAN B 2 -15.15 0.98 7.61
O5' EAN B 2 -12.97 1.10 6.39
C5' EAN B 2 -12.19 0.05 6.88
C4' EAN B 2 -12.79 -1.34 6.94
O4' EAN B 2 -13.67 -1.52 5.82
C1' EAN B 2 -13.25 -2.64 5.04
N1 EAN B 2 -12.61 -2.20 3.75
O4 EAN B 2 -10.82 -1.24 0.23
N3 EAN B 2 -11.79 -2.77 1.59
O2 EAN B 2 -12.72 -4.37 2.93
C3' EAN B 2 -11.68 -2.37 6.83
C2' EAN B 2 -12.23 -3.42 5.87
C7' EAN B 2 -10.46 -1.60 6.28
C6' EAN B 2 -10.76 -0.11 6.41
C8' EAN B 2 -11.04 0.36 7.81
O3' EAN B 2 -11.41 -2.93 8.12
H73 EAN B 2 -10.38 0.99 1.45
H71 EAN B 2 -10.96 1.41 3.08
H72 EAN B 2 -12.06 1.49 1.68
H6 EAN B 2 -12.42 -0.14 4.28
H4' EAN B 2 -13.35 -1.47 7.87
H1' EAN B 2 -14.11 -3.28 4.83
H3 EAN B 2 -11.62 -3.48 0.90
H2' EAN B 2 -11.45 -3.84 5.25
H2'' EAN B 2 -12.74 -4.20 6.42
H7' EAN B 2 -10.28 -1.83 5.24
H7'' EAN B 2 -9.56 -1.81 6.86
H6' EAN B 2 -10.36 0.58 5.69
H8' EAN B 2 -10.89 -0.33 8.64
H8'' EAN B 2 -10.89 1.41 8.03
O1P TCY B 3 -9.74 -4.12 9.58
P TCY B 3 -10.49 -4.26 8.32
O2P TCY B 3 -11.35 -5.45 8.10
C8' TCY B 3 -7.18 -4.69 8.02
O5' TCY B 3 -9.46 -4.16 7.09
C5' TCY B 3 -8.30 -4.96 7.04
C6' TCY B 3 -7.02 -4.36 6.56
C4' TCY B 3 -8.41 -6.36 6.48
C3' TCY B 3 -7.08 -6.72 5.83
C7' TCY B 3 -6.29 -5.38 5.71
O3' TCY B 3 -6.40 -7.65 6.66
C2' TCY B 3 -7.48 -7.32 4.48
C1' TCY B 3 -8.86 -6.73 4.20
O4' TCY B 3 -9.43 -6.38 5.47
N9 TCY B 3 -8.75 -5.49 3.38
C4 TCY B 3 -8.37 -5.44 2.06
N3 TCY B 3 -8.02 -6.49 1.27
C2 TCY B 3 -7.70 -6.08 0.04
N1 TCY B 3 -7.70 -4.83 -0.45
C6 TCY B 3 -8.05 -3.80 0.36
N6 TCY B 3 -8.03 -2.56 -0.12
C5 TCY B 3 -8.40 -4.11 1.71
N7 TCY B 3 -8.80 -3.33 2.78
C8 TCY B 3 -8.98 -4.19 3.75
H8' TCY B 3 -6.66 -5.56 8.40
H8'A TCY B 3 -7.33 -3.87 8.71
H6' TCY B 3 -7.00 -3.31 6.26
H4' TCY B 3 -8.66 -7.07 7.28
H7' TCY B 3 -6.27 -5.03 4.67
H7'A TCY B 3 -5.27 -5.50 6.08
H2' TCY B 3 -6.77 -7.06 3.70
H2'A TCY B 3 -7.56 -8.40 4.57
H1' TCY B 3 -9.49 -7.46 3.70
H2 TCY B 3 -7.40 -6.85 -0.66
HN6 TCY B 3 -7.78 -2.39 -1.09
HN6A TCY B 3 -8.30 -1.79 0.47
H8 TCY B 3 -9.29 -3.90 4.73
O1P TCY B 4 -4.22 -8.70 7.33
P TCY B 4 -5.11 -8.51 6.17
O2P TCY B 4 -5.60 -9.70 5.43
C8' TCY B 4 -1.94 -8.15 5.16
O5' TCY B 4 -4.36 -7.56 5.12
C5' TCY B 4 -3.25 -8.05 4.42
C6' TCY B 4 -2.09 -7.15 4.06
C4' TCY B 4 -3.48 -9.00 3.27
C3' TCY B 4 -2.32 -8.87 2.30
C7' TCY B 4 -1.56 -7.58 2.71
O3' TCY B 4 -1.49 -10.03 2.42
C2' TCY B 4 -3.00 -8.77 0.93
C1' TCY B 4 -4.40 -8.25 1.25
O4' TCY B 4 -4.69 -8.66 2.60
N9 TCY B 4 -4.45 -6.77 1.18
C4 TCY B 4 -4.30 -6.01 0.05
N3 TCY B 4 -4.05 -6.47 -1.22
C2 TCY B 4 -3.93 -5.46 -2.08
N1 TCY B 4 -4.05 -4.14 -1.85
C6 TCY B 4 -4.34 -3.72 -0.60
N6 TCY B 4 -4.52 -2.41 -0.36
C5 TCY B 4 -4.44 -4.69 0.43
N7 TCY B 4 -4.68 -4.62 1.79
C8 TCY B 4 -4.68 -5.86 2.19
H8' TCY B 4 -1.35 -9.04 4.97
H8'A TCY B 4 -1.95 -7.78 6.19
H6' TCY B 4 -2.15 -6.09 4.30
H4' TCY B 4 -3.55 -10.03 3.65
H7' TCY B 4 -1.74 -6.77 1.99
H7'A TCY B 4 -0.49 -7.77 2.79
H2' TCY B 4 -2.46 -8.09 0.27
H2'A TCY B 4 -3.07 -9.75 0.47
H1' TCY B 4 -5.13 -8.70 0.56
H2 TCY B 4 -3.72 -5.72 -3.11
HN6 TCY B 4 -4.45 -1.75 -1.12
HN6A TCY B 4 -4.75 -2.09 0.57
H8 TCY B 4 -4.83 -6.16 3.22
C8 F4Q B 5 -0.59 -6.13 -0.62
C2 F4Q B 5 -0.47 -3.32 -4.02
C4 F4Q B 5 -0.49 -5.01 -2.50
C5 F4Q B 5 -0.72 -4.17 -1.42
C6 F4Q B 5 -0.86 -2.76 -1.65
P F4Q B 5 -0.37 -10.46 1.34
O1P F4Q B 5 0.71 -11.16 2.06
O2P F4Q B 5 -1.05 -11.15 0.21
O5' F4Q B 5 0.21 -9.07 0.81
C5' F4Q B 5 1.28 -9.05 -0.10
C4' F4Q B 5 0.99 -9.19 -1.58
O4' F4Q B 5 -0.31 -8.64 -1.88
C1' F4Q B 5 -0.17 -7.52 -2.76
N9 F4Q B 5 -0.40 -6.29 -1.98
N7 F4Q B 5 -0.78 -4.90 -0.24
O6 F4Q B 5 -1.09 -1.89 -0.82
N1 F4Q B 5 -0.71 -2.42 -2.99
N2 F4Q B 5 -0.34 -2.82 -5.25
N3 F4Q B 5 -0.36 -4.65 -3.82
C3' F4Q B 5 2.03 -8.40 -2.35
C2' F4Q B 5 1.24 -7.55 -3.34
C7' F4Q B 5 2.82 -7.57 -1.30
C6' F4Q B 5 2.38 -8.05 0.08
C8' F4Q B 5 2.63 -9.50 0.37
O3' F4Q B 5 2.90 -9.32 -3.03
H8 F4Q B 5 -0.57 -6.96 0.07
H4' F4Q B 5 1.01 -10.25 -1.87
H1' F4Q B 5 -0.91 -7.59 -3.55
H1 F4Q B 5 -0.77 -1.44 -3.22
H22 F4Q B 5 -0.17 -3.44 -6.02
H21 F4Q B 5 -0.42 -1.83 -5.40
H2' F4Q B 5 1.65 -6.55 -3.44
H2'' F4Q B 5 1.21 -8.04 -4.32
H7' F4Q B 5 2.60 -6.50 -1.39
H7'' F4Q B 5 3.90 -7.72 -1.40
H6' F4Q B 5 2.33 -7.33 0.89
H8' F4Q B 5 3.23 -10.07 -0.34
H8'' F4Q B 5 2.71 -9.79 1.42
P TCJ B 6 3.96 -8.87 -4.15
O1P TCJ B 6 5.20 -9.66 -3.97
O2P TCJ B 6 3.28 -8.87 -5.47
O5' TCJ B 6 4.28 -7.34 -3.77
C5' TCJ B 6 5.07 -6.53 -4.60
C4' TCJ B 6 4.38 -5.62 -5.61
O4' TCJ B 6 3.14 -5.16 -5.08
C1' TCJ B 6 3.06 -3.72 -5.17
N1 TCJ B 6 2.90 -3.14 -3.78
C6 TCJ B 6 3.19 -3.87 -2.64
C5 TCJ B 6 3.01 -3.33 -1.39
C7 TCJ B 6 3.34 -4.12 -0.14
C4 TCJ B 6 2.49 -1.98 -1.32
N4 TCJ B 6 2.28 -1.40 -0.14
N3 TCJ B 6 2.22 -1.28 -2.44
C2 TCJ B 6 2.41 -1.81 -3.69
O2 TCJ B 6 2.17 -1.17 -4.72
C3' TCJ B 6 5.28 -4.42 -5.85
C2' TCJ B 6 4.33 -3.21 -5.83
C7' TCJ B 6 6.31 -4.41 -4.68
C6' TCJ B 6 6.24 -5.78 -4.02
C8' TCJ B 6 6.48 -6.95 -4.92
O3' TCJ B 6 5.94 -4.57 -7.10
H4' TCJ B 6 4.21 -6.16 -6.55
H1' TCJ B 6 2.20 -3.44 -5.77
H6 TCJ B 6 3.58 -4.87 -2.73
H73 TCJ B 6 4.03 -4.92 -0.37
H71 TCJ B 6 2.42 -4.53 0.28
H72 TCJ B 6 3.80 -3.45 0.60
H41 TCJ B 6 1.92 -0.45 -0.09
H42 TCJ B 6 2.49 -1.90 0.72
H2' TCJ B 6 4.76 -2.37 -5.29
H2'' TCJ B 6 4.10 -2.91 -6.86
H7' TCJ B 6 6.05 -3.65 -3.94
H7'' TCJ B 6 7.32 -4.24 -5.04
H6' TCJ B 6 6.44 -5.87 -2.96
H8' TCJ B 6 6.82 -6.76 -5.94
H8'' TCJ B 6 6.82 -7.88 -4.47
P TCJ B 7 6.75 -3.39 -7.86
O1P TCJ B 7 7.94 -3.99 -8.50
O2P TCJ B 7 5.79 -2.62 -8.68
O5' TCJ B 7 7.25 -2.44 -6.66
C5' TCJ B 7 7.94 -1.26 -6.98
C4' TCJ B 7 7.15 -0.07 -7.47
O4' TCJ B 7 5.87 -0.04 -6.83
C1' TCJ B 7 5.69 1.20 -6.14
N1 TCJ B 7 5.69 0.98 -4.65
C6 TCJ B 7 6.14 -0.21 -4.08
C5 TCJ B 7 6.10 -0.40 -2.73
C7 TCJ B 7 6.61 -1.69 -2.10
C4 TCJ B 7 5.55 0.67 -1.92
N4 TCJ B 7 5.46 0.54 -0.59
N3 TCJ B 7 5.12 1.81 -2.49
C2 TCJ B 7 5.18 2.02 -3.85
O2 TCJ B 7 4.81 3.08 -4.34
C3' TCJ B 7 7.91 1.20 -7.09
C2' TCJ B 7 6.83 2.13 -6.55
C7' TCJ B 7 8.95 0.76 -6.02
C6' TCJ B 7 9.03 -0.76 -6.06
C8' TCJ B 7 9.38 -1.36 -7.38
O3' TCJ B 7 8.55 1.73 -8.25
H4' TCJ B 7 7.02 -0.12 -8.56
H1' TCJ B 7 4.73 1.64 -6.44
H6 TCJ B 7 6.55 -0.98 -4.71
H73 TCJ B 7 7.06 -1.47 -1.12
H71 TCJ B 7 7.37 -2.14 -2.74
H72 TCJ B 7 5.78 -2.38 -1.97
H41 TCJ B 7 5.08 1.28 -0.03
H42 TCJ B 7 5.78 -0.32 -0.14
H2' TCJ B 7 7.18 2.72 -5.72
H2'' TCJ B 7 6.48 2.80 -7.35
H7' TCJ B 7 8.64 1.08 -5.02
H7'' TCJ B 7 9.94 1.17 -6.24
H6' TCJ B 7 9.25 -1.30 -5.15
H8' TCJ B 7 9.70 -0.69 -8.18
H8'' TCJ B 7 9.81 -2.36 -7.40
C8 F4Q B 8 8.61 3.64 -3.55
C2 F4Q B 8 7.47 5.92 0.05
C4 F4Q B 8 7.96 5.01 -1.98
C5 F4Q B 8 8.28 3.78 -1.47
C6 F4Q B 8 8.14 3.55 -0.04
P F4Q B 8 9.18 3.22 -8.33
O1P F4Q B 8 10.40 3.16 -9.17
O2P F4Q B 8 8.09 4.16 -8.67
O5' F4Q B 8 9.63 3.52 -6.81
C5' F4Q B 8 10.23 4.75 -6.49
C4' F4Q B 8 9.34 5.94 -6.21
O4' F4Q B 8 8.10 5.49 -5.64
C1' F4Q B 8 7.94 6.01 -4.32
N9 F4Q B 8 8.17 4.92 -3.34
N7 F4Q B 8 8.69 2.91 -2.47
O6 F4Q B 8 8.31 2.50 0.57
N1 F4Q B 8 7.75 4.70 0.64
N2 F4Q B 8 7.14 6.93 0.85
N3 F4Q B 8 7.53 6.11 -1.30
C3' F4Q B 8 10.03 6.84 -5.20
C2' F4Q B 8 8.96 7.12 -4.14
C7' F4Q B 8 11.24 6.01 -4.65
C6' F4Q B 8 11.38 4.78 -5.52
C8' F4Q B 8 11.62 5.03 -6.97
O3' F4Q B 8 10.47 8.04 -5.83
H8 F4Q B 8 8.88 3.26 -4.52
H4' F4Q B 8 9.14 6.49 -7.13
H1' F4Q B 8 6.93 6.40 -4.20
H1 F4Q B 8 7.68 4.63 1.66
H22 F4Q B 8 6.93 7.83 0.45
H21 F4Q B 8 7.09 6.80 1.84
H2' F4Q B 8 9.37 7.13 -3.13
H2'' F4Q B 8 8.48 8.08 -4.35
H7' F4Q B 8 11.08 5.70 -3.61
H7'' F4Q B 8 12.16 6.60 -4.71
H6' F4Q B 8 11.73 3.85 -5.07
H8' F4Q B 8 11.82 6.05 -7.30
H8'' F4Q B 8 12.09 4.25 -7.56
O1P TCY B 9 12.14 9.93 -5.74
P TCY B 9 10.99 9.34 -5.00
O2P TCY B 9 9.83 10.17 -4.66
C8' TCY B 9 13.83 9.70 -3.29
O5' TCY B 9 11.56 8.67 -3.64
C5' TCY B 9 12.45 9.35 -2.79
C6' TCY B 9 13.65 8.61 -2.26
C4' TCY B 9 11.89 10.19 -1.66
C3' TCY B 9 12.87 10.14 -0.49
C7' TCY B 9 13.86 9.00 -0.82
O3' TCY B 9 13.54 11.39 -0.39
C2' TCY B 9 11.98 9.86 0.72
C1' TCY B 9 10.73 9.21 0.14
O4' TCY B 9 10.64 9.63 -1.23
N9 TCY B 9 10.82 7.73 0.20
C4 TCY B 9 10.70 6.95 1.32
N3 TCY B 9 10.48 7.39 2.60
C2 TCY B 9 10.42 6.36 3.45
N1 TCY B 9 10.54 5.06 3.20
C6 TCY B 9 10.76 4.66 1.92
N6 TCY B 9 10.86 3.34 1.66
C5 TCY B 9 10.86 5.65 0.91
N7 TCY B 9 11.08 5.59 -0.46
C8 TCY B 9 11.05 6.84 -0.83
H8' TCY B 9 14.23 10.66 -2.95
H8'A TCY B 9 14.07 9.42 -4.30
H6' TCY B 9 13.81 7.58 -2.57
H4' TCY B 9 11.74 11.21 -1.99
H7' TCY B 9 13.69 8.12 -0.18
H7'A TCY B 9 14.89 9.33 -0.69
H2' TCY B 9 12.48 9.21 1.44
H2'A TCY B 9 11.72 10.80 1.21
H1' TCY B 9 9.85 9.56 0.69
H2 TCY B 9 10.25 6.63 4.49
HN6 TCY B 9 10.79 2.67 2.41
HN6A TCY B 9 11.02 3.04 0.71
H8 TCY B 9 11.18 7.15 -1.85
C8 F4Q B 10 14.01 7.31 2.78
C2 F4Q B 10 13.18 4.73 6.26
C4 F4Q B 10 13.54 6.31 4.67
C5 F4Q B 10 13.78 5.40 3.67
C6 F4Q B 10 13.69 3.99 3.96
P F4Q B 10 14.46 11.81 0.89
O1P F4Q B 10 15.63 12.56 0.39
O2P F4Q B 10 13.57 12.44 1.90
O5' F4Q B 10 14.98 10.41 1.49
C5' F4Q B 10 15.69 10.39 2.71
C4' F4Q B 10 14.91 10.54 4.00
O4' F4Q B 10 13.63 9.91 3.87
C1' F4Q B 10 13.51 8.84 4.81
N9 F4Q B 10 13.68 7.55 4.09
N7 F4Q B 10 14.08 6.06 2.47
O6 F4Q B 10 13.85 3.05 3.19
N1 F4Q B 10 13.40 3.75 5.32
N2 F4Q B 10 12.94 4.33 7.50
N3 F4Q B 10 13.22 6.06 5.98
C3' F4Q B 10 15.67 9.82 5.10
C2' F4Q B 10 14.61 9.02 5.84
C7' F4Q B 10 16.73 8.93 4.38
C6' F4Q B 10 16.79 9.40 2.94
C8' F4Q B 10 17.12 10.84 2.72
O3' F4Q B 10 16.31 10.75 5.98
H8 F4Q B 10 14.21 8.10 2.06
H4' F4Q B 10 14.78 11.59 4.25
H1' F4Q B 10 12.53 8.87 5.29
H1 F4Q B 10 13.36 2.78 5.60
H22 F4Q B 10 12.77 5.02 8.22
H21 F4Q B 10 12.91 3.35 7.74
H2' F4Q B 10 15.00 8.05 6.19
H2'' F4Q B 10 14.23 9.59 6.68
H7' F4Q B 10 16.43 7.87 4.41
H7'' F4Q B 10 17.71 9.04 4.85
H6' F4Q B 10 17.02 8.67 2.15
H8' F4Q B 10 17.44 11.43 3.58
H8'' F4Q B 10 17.54 11.14 1.76
H4 F4Q B 10 17.19 10.42 6.19
O5' F7H A 1 13.10 -4.70 8.65
C5' F7H A 1 12.00 -4.16 9.34
C4' F7H A 1 12.22 -2.93 10.21
O4' F7H A 1 13.27 -2.13 9.66
C1' F7H A 1 12.80 -0.82 9.39
N1 F7H A 1 12.75 -0.56 7.90
C6 F7H A 1 12.89 -1.59 6.98
C5 F7H A 1 12.86 -1.36 5.64
C7 F7H A 1 13.00 -2.46 4.62
C4 F7H A 1 12.66 0.02 5.21
N4 F7H A 1 12.61 0.33 3.92
N3 F7H A 1 12.53 1.02 6.12
C2 F7H A 1 12.57 0.76 7.47
O2 F7H A 1 12.43 1.68 8.29
C3' F7H A 1 10.93 -2.11 10.22
C2' F7H A 1 11.41 -0.68 10.00
C7' F7H A 1 10.07 -2.67 9.06
C6' F7H A 1 10.68 -4.00 8.62
C8' F7H A 1 10.83 -5.04 9.68
O3' F7H A 1 10.27 -2.28 11.47
HO5' F7H A 1 13.83 -4.84 9.26
H4' F7H A 1 12.47 -3.24 11.22
H1' F7H A 1 13.47 -0.09 9.85
H6 F7H A 1 13.03 -2.61 7.33
H71 F7H A 1 13.83 -2.24 3.94
H72 F7H A 1 12.08 -2.55 4.03
H73 F7H A 1 13.20 -3.42 5.11
H41 F7H A 1 12.48 1.29 3.63
H42 F7H A 1 12.72 -0.39 3.22
H2' F7H A 1 10.73 -0.13 9.34
H2'' F7H A 1 11.48 -0.16 10.96
H7' F7H A 1 10.06 -1.99 8.20
H7'' F7H A 1 9.04 -2.84 9.39
H6' F7H A 1 10.60 -4.31 7.57
H8' F7H A 1 10.36 -4.86 10.65
H8'' F7H A 1 10.90 -6.08 9.37
C7 EAN A 2 8.92 -1.03 5.78
C6 EAN A 2 9.00 0.95 7.32
C5 EAN A 2 9.06 0.46 6.05
C4 EAN A 2 9.28 1.37 4.91
C2 EAN A 2 9.35 3.24 6.55
P EAN A 2 9.06 -1.32 11.98
O1P EAN A 2 9.66 -0.16 12.67
O2P EAN A 2 8.08 -2.17 12.70
O5' EAN A 2 8.36 -0.79 10.63
C5' EAN A 2 7.47 0.29 10.68
C4' EAN A 2 8.01 1.70 10.73
O4' EAN A 2 9.21 1.78 9.94
C1' EAN A 2 9.10 2.85 8.99
N1 EAN A 2 9.14 2.31 7.59
O4 EAN A 2 9.35 1.02 3.74
N3 EAN A 2 9.40 2.71 5.26
O2 EAN A 2 9.46 4.45 6.76
C3' EAN A 2 6.98 2.64 10.14
C2' EAN A 2 7.79 3.58 9.26
C7' EAN A 2 5.99 1.73 9.37
C6' EAN A 2 6.23 0.31 9.82
C8' EAN A 2 6.11 0.06 11.30
O3' EAN A 2 6.32 3.33 11.21
H73 EAN A 2 9.90 -1.50 5.80
H71 EAN A 2 8.46 -1.18 4.80
H72 EAN A 2 8.28 -1.48 6.55
H6 EAN A 2 8.83 0.26 8.13
H4' EAN A 2 8.24 1.98 11.76
H1' EAN A 2 9.93 3.54 9.14
H3 EAN A 2 9.54 3.37 4.51
H2' EAN A 2 7.26 3.80 8.32
H2'' EAN A 2 7.99 4.51 9.78
H7' EAN A 2 6.17 1.79 8.29
H7'' EAN A 2 4.96 2.02 9.58
H6' EAN A 2 6.05 -0.52 9.13
H8' EAN A 2 5.72 0.87 11.93
H8'' EAN A 2 5.89 -0.95 11.64
P TCJ A 3 5.41 4.66 10.99
O1P TCJ A 3 6.30 5.84 11.08
O2P TCJ A 3 4.24 4.56 11.87
O5' TCJ A 3 4.91 4.52 9.47
C5' TCJ A 3 4.17 5.56 8.88
C4' TCJ A 3 4.91 6.74 8.27
O4' TCJ A 3 6.16 6.30 7.73
C1' TCJ A 3 6.26 6.67 6.35
N1 TCJ A 3 6.28 5.44 5.49
C6 TCJ A 3 5.78 4.22 5.93
C5 TCJ A 3 5.82 3.11 5.15
C7 TCJ A 3 5.27 1.77 5.62
C4 TCJ A 3 6.40 3.25 3.82
N4 TCJ A 3 6.47 2.19 3.00
N3 TCJ A 3 6.88 4.44 3.40
C2 TCJ A 3 6.83 5.56 4.20
O2 TCJ A 3 7.25 6.64 3.79
C3' TCJ A 3 4.07 7.30 7.15
C2' TCJ A 3 5.06 7.56 6.02
C7' TCJ A 3 3.02 6.20 6.82
C6' TCJ A 3 3.01 5.23 7.98
C8' TCJ A 3 2.77 5.82 9.34
O3' TCJ A 3 3.43 8.51 7.55
H4' TCJ A 3 5.08 7.51 9.03
H1' TCJ A 3 7.18 7.23 6.20
H6 TCJ A 3 5.36 4.16 6.92
H73 TCJ A 3 6.10 1.12 5.88
H71 TCJ A 3 4.69 1.31 4.82
H72 TCJ A 3 4.63 1.91 6.50
H41 TCJ A 3 6.88 2.30 2.08
H42 TCJ A 3 6.12 1.30 3.29
H2' TCJ A 3 4.65 7.31 5.05
H2'' TCJ A 3 5.37 8.60 6.02
H7' TCJ A 3 3.28 5.66 5.91
H7'' TCJ A 3 2.03 6.64 6.72
H6' TCJ A 3 2.76 4.18 7.81
H8' TCJ A 3 2.46 6.86 9.41
H8'' TCJ A 3 2.39 5.16 10.13
C8 F4Q A 4 3.36 6.23 2.90
C2 F4Q A 4 4.60 5.22 -1.20
C4 F4Q A 4 4.03 6.04 0.83
C5 F4Q A 4 3.81 4.80 1.39
C6 F4Q A 4 4.05 3.61 0.61
P F4Q A 4 2.56 9.44 6.54
O1P F4Q A 4 3.41 10.58 6.13
O2P F4Q A 4 1.25 9.69 7.17
O5' F4Q A 4 2.33 8.49 5.26
C5' F4Q A 4 1.60 8.95 4.14
C4' F4Q A 4 2.35 9.62 3.01
O4' F4Q A 4 3.67 9.06 2.92
C1' F4Q A 4 3.84 8.43 1.64
N9 F4Q A 4 3.74 6.96 1.81
N7 F4Q A 4 3.39 4.93 2.71
O6 F4Q A 4 3.96 2.44 0.96
N1 F4Q A 4 4.42 3.92 -0.71
N2 F4Q A 4 4.94 5.32 -2.49
N3 F4Q A 4 4.45 6.32 -0.44
C3' F4Q A 4 1.62 9.33 1.70
C2' F4Q A 4 2.73 8.92 0.74
C7' F4Q A 4 0.62 8.18 2.02
C6' F4Q A 4 0.57 8.05 3.54
C8' F4Q A 4 0.14 9.26 4.29
O3' F4Q A 4 0.93 10.49 1.25
H8 F4Q A 4 3.05 6.67 3.83
H4' F4Q A 4 2.41 10.69 3.18
H1' F4Q A 4 4.81 8.70 1.23
H1 F4Q A 4 4.55 3.14 -1.35
H22 F4Q A 4 5.08 6.24 -2.90
H21 F4Q A 4 5.05 4.50 -3.06
H2' F4Q A 4 2.40 8.15 0.04
H2'' F4Q A 4 3.08 9.79 0.18
H7' F4Q A 4 0.96 7.23 1.60
H7'' F4Q A 4 -0.37 8.42 1.65
H6' F4Q A 4 0.39 7.06 3.98
H8' F4Q A 4 -0.23 10.12 3.72
H8'' F4Q A 4 -0.28 9.13 5.28
C8 F4Q A 5 1.07 5.74 -1.04
C2 F4Q A 5 2.05 2.41 -3.77
C4 F4Q A 5 1.63 4.32 -2.61
C5 F4Q A 5 1.28 3.66 -1.45
C6 F4Q A 5 1.33 2.22 -1.41
P F4Q A 5 0.31 10.61 -0.26
O1P F4Q A 5 1.39 11.07 -1.16
O2P F4Q A 5 -0.96 11.36 -0.17
O5' F4Q A 5 -0.04 9.08 -0.62
C5' F4Q A 5 -0.61 8.77 -1.87
C4' F4Q A 5 0.31 8.59 -3.07
O4' F4Q A 5 1.55 8.01 -2.64
C1' F4Q A 5 1.75 6.77 -3.30
N9 F4Q A 5 1.49 5.66 -2.34
N7 F4Q A 5 0.93 4.57 -0.46
O6 F4Q A 5 1.08 1.48 -0.46
N1 F4Q A 5 1.72 1.67 -2.64
N2 F4Q A 5 2.38 1.72 -4.87
N3 F4Q A 5 2.03 3.77 -3.80
C3' F4Q A 5 -0.35 7.64 -4.04
C2' F4Q A 5 0.77 6.70 -4.47
C7' F4Q A 5 -1.48 6.93 -3.24
C6' F4Q A 5 -1.68 7.71 -1.96
C8' F4Q A 5 -2.03 9.15 -2.13
O3' F4Q A 5 -0.88 8.38 -5.15
H8 F4Q A 5 0.86 6.67 -0.55
H4' F4Q A 5 0.49 9.56 -3.54
H1' F4Q A 5 2.78 6.70 -3.68
H1 F4Q A 5 1.75 0.66 -2.71
H22 F4Q A 5 2.62 2.22 -5.72
H21 F4Q A 5 2.40 0.71 -4.85
H2' F4Q A 5 0.41 5.69 -4.64
H2'' F4Q A 5 1.26 7.08 -5.36
H7' F4Q A 5 -1.19 5.91 -2.99
H7'' F4Q A 5 -2.41 6.93 -3.80
H6' F4Q A 5 -1.98 7.18 -1.06
H8' F4Q A 5 -2.27 9.51 -3.13
H8'' F4Q A 5 -2.56 9.65 -1.31
P TCJ A 6 -1.37 7.69 -6.53
O1P TCJ A 6 -0.18 7.31 -7.33
O2P TCJ A 6 -2.41 8.56 -7.13
O5' TCJ A 6 -2.08 6.34 -6.04
C5' TCJ A 6 -2.50 5.38 -6.99
C4' TCJ A 6 -1.48 4.43 -7.55
O4' TCJ A 6 -0.55 4.05 -6.52
C1' TCJ A 6 -0.46 2.62 -6.45
N1 TCJ A 6 -0.93 2.14 -5.11
C6 TCJ A 6 -1.51 2.98 -4.17
C5 TCJ A 6 -1.91 2.50 -2.95
C7 TCJ A 6 -2.55 3.41 -1.91
C4 TCJ A 6 -1.67 1.11 -2.67
N4 TCJ A 6 -2.01 0.58 -1.47
N3 TCJ A 6 -1.11 0.29 -3.59
C2 TCJ A 6 -0.73 0.76 -4.83
O2 TCJ A 6 -0.24 0.01 -5.66
C3' TCJ A 6 -2.20 3.18 -8.03
C2' TCJ A 6 -1.30 2.03 -7.58
C7' TCJ A 6 -3.57 3.20 -7.29
C6' TCJ A 6 -3.78 4.62 -6.78
C8' TCJ A 6 -3.72 5.69 -7.82
O3' TCJ A 6 -2.36 3.25 -9.44
H4' TCJ A 6 -0.94 4.89 -8.38
H1' TCJ A 6 0.59 2.33 -6.59
H6 TCJ A 6 -1.67 4.01 -4.41
H73 TCJ A 6 -2.84 4.36 -2.36
H71 TCJ A 6 -1.85 3.59 -1.09
H72 TCJ A 6 -3.45 2.93 -1.52
H41 TCJ A 6 -1.85 -0.39 -1.29
H42 TCJ A 6 -2.44 1.17 -0.77
H2' TCJ A 6 -1.87 1.18 -7.25
H2'' TCJ A 6 -0.64 1.75 -8.39
H7' TCJ A 6 -3.58 2.51 -6.44
H7'' TCJ A 6 -4.37 2.95 -7.97
H6' TCJ A 6 -4.37 4.78 -5.88
H8' TCJ A 6 -3.68 5.40 -8.86
H8'' TCJ A 6 -4.22 6.64 -7.61
C7 EAN A 7 -5.35 1.40 -4.65
C6 EAN A 7 -4.19 -0.37 -6.00
C5 EAN A 7 -4.75 0.01 -4.81
C4 EAN A 7 -4.78 -0.91 -3.67
C2 EAN A 7 -3.64 -2.58 -5.11
P EAN A 7 -2.78 2.01 -10.40
O1P EAN A 7 -1.63 1.07 -10.50
O2P EAN A 7 -3.37 2.57 -11.62
O5' EAN A 7 -3.93 1.27 -9.57
C5' EAN A 7 -4.36 0.00 -9.95
C4' EAN A 7 -3.49 -1.19 -9.59
O4' EAN A 7 -2.84 -0.95 -8.34
C1' EAN A 7 -3.01 -2.07 -7.46
N1 EAN A 7 -3.64 -1.64 -6.16
O4 EAN A 7 -5.26 -0.64 -2.56
N3 EAN A 7 -4.22 -2.16 -3.92
O2 EAN A 7 -3.16 -3.71 -5.24
C3' EAN A 7 -4.38 -2.40 -9.44
C2' EAN A 7 -3.88 -3.11 -8.18
C7' EAN A 7 -5.83 -1.84 -9.31
C6' EAN A 7 -5.80 -0.40 -9.76
C8' EAN A 7 -5.27 -0.15 -11.13
O3' EAN A 7 -4.25 -3.22 -10.61
H73 EAN A 7 -6.21 1.35 -3.97
H71 EAN A 7 -5.67 1.79 -5.61
H72 EAN A 7 -4.60 2.07 -4.22
H6 EAN A 7 -4.19 0.32 -6.83
H4' EAN A 7 -2.75 -1.35 -10.36
H1' EAN A 7 -2.03 -2.51 -7.25
H3 EAN A 7 -4.22 -2.82 -3.15
H2' EAN A 7 -4.71 -3.45 -7.55
H2'' EAN A 7 -3.26 -3.96 -8.46
H7' EAN A 7 -6.17 -1.88 -8.27
H7'' EAN A 7 -6.52 -2.39 -9.94
H6' EAN A 7 -6.49 0.32 -9.31
H8' EAN A 7 -5.09 -1.01 -11.78
H8'' EAN A 7 -5.56 0.78 -11.64
C7 EAN A 8 -7.98 -1.84 -6.22
C6 EAN A 8 -7.08 -4.19 -6.09
C5 EAN A 8 -7.54 -3.08 -5.44
C4 EAN A 8 -7.61 -3.04 -3.98
C2 EAN A 8 -6.71 -5.36 -4.00
P EAN A 8 -4.84 -4.73 -10.71
O1P EAN A 8 -3.80 -5.66 -10.21
O2P EAN A 8 -5.40 -4.92 -12.07
O5' EAN A 8 -6.04 -4.72 -9.67
C5' EAN A 8 -6.84 -5.85 -9.46
C4' EAN A 8 -6.38 -6.87 -8.43
O4' EAN A 8 -5.65 -6.20 -7.39
C1' EAN A 8 -6.18 -6.55 -6.11
N1 EAN A 8 -6.67 -5.32 -5.40
O4 EAN A 8 -8.02 -2.10 -3.31
N3 EAN A 8 -7.17 -4.22 -3.35
O2 EAN A 8 -6.35 -6.35 -3.36
C3' EAN A 8 -7.62 -7.50 -7.82
C2' EAN A 8 -7.32 -7.54 -6.31
C7' EAN A 8 -8.80 -6.58 -8.21
C6' EAN A 8 -8.31 -5.68 -9.33
C8' EAN A 8 -7.74 -6.36 -10.55
O3' EAN A 8 -7.81 -8.81 -8.34
H73 EAN A 8 -8.27 -2.12 -7.23
H71 EAN A 8 -7.17 -1.12 -6.25
H72 EAN A 8 -8.84 -1.39 -5.71
H6 EAN A 8 -7.04 -4.18 -7.17
H4' EAN A 8 -5.74 -7.62 -8.89
H1' EAN A 8 -5.39 -7.01 -5.51
H3 EAN A 8 -7.21 -4.23 -2.34
H2' EAN A 8 -8.20 -7.27 -5.73
H2'' EAN A 8 -6.99 -8.53 -6.03
H7' EAN A 8 -9.12 -5.96 -7.37
H7'' EAN A 8 -9.64 -7.17 -8.58
H6' EAN A 8 -8.74 -4.69 -9.44
H8' EAN A 8 -7.84 -7.44 -10.64
H8'' EAN A 8 -7.72 -5.80 -11.49
O1P TCY A 9 -8.27 -10.73 -6.77
P TCY A 9 -8.93 -9.84 -7.76
O2P TCY A 9 -9.65 -10.43 -8.91
C8' TCY A 9 -12.29 -9.73 -7.28
O5' TCY A 9 -9.95 -8.87 -6.96
C5' TCY A 9 -11.13 -9.36 -6.39
C6' TCY A 9 -12.37 -8.51 -6.41
C4' TCY A 9 -11.05 -10.05 -5.04
C3' TCY A 9 -12.37 -9.83 -4.31
C7' TCY A 9 -13.08 -8.68 -5.07
O3' TCY A 9 -13.15 -11.01 -4.32
C2' TCY A 9 -11.94 -9.44 -2.90
C1' TCY A 9 -10.52 -8.92 -3.07
O4' TCY A 9 -10.00 -9.46 -4.28
N9 TCY A 9 -10.52 -7.45 -3.14
C4 TCY A 9 -10.65 -6.59 -2.08
N3 TCY A 9 -10.79 -6.94 -0.76
C2 TCY A 9 -10.91 -5.87 0.02
N1 TCY A 9 -10.88 -4.57 -0.34
C6 TCY A 9 -10.76 -4.25 -1.66
N6 TCY A 9 -10.79 -2.96 -2.02
C5 TCY A 9 -10.62 -5.32 -2.59
N7 TCY A 9 -10.48 -5.36 -3.97
C8 TCY A 9 -10.43 -6.64 -4.25
H8' TCY A 9 -12.86 -10.60 -6.99
H8'A TCY A 9 -12.14 -9.59 -8.35
H6' TCY A 9 -12.33 -7.52 -6.87
H4' TCY A 9 -10.88 -11.12 -5.17
H7' TCY A 9 -13.02 -7.74 -4.52
H7'A TCY A 9 -14.13 -8.93 -5.24
H2' TCY A 9 -12.59 -8.68 -2.48
H2'A TCY A 9 -11.93 -10.33 -2.26
H1' TCY A 9 -9.90 -9.25 -2.22
H2 TCY A 9 -11.06 -6.06 1.07
HN6 TCY A 9 -10.89 -2.24 -1.31
HN6A TCY A 9 -10.71 -2.70 -2.99
H8 TCY A 9 -10.32 -7.01 -5.25
P TCJ A 10 -14.44 -11.23 -3.35
O1P TCJ A 10 -13.95 -11.83 -2.08
O2P TCJ A 10 -15.48 -11.94 -4.14
O5' TCJ A 10 -14.97 -9.75 -3.03
C5' TCJ A 10 -15.91 -9.54 -2.00
C4' TCJ A 10 -15.42 -9.21 -0.59
O4' TCJ A 10 -14.22 -8.42 -0.68
C1' TCJ A 10 -14.38 -7.19 0.05
N1 TCJ A 10 -14.31 -6.02 -0.88
C6 TCJ A 10 -14.40 -6.15 -2.25
C5 TCJ A 10 -14.33 -5.06 -3.08
C7 TCJ A 10 -14.42 -5.19 -4.60
C4 TCJ A 10 -14.18 -3.77 -2.45
N4 TCJ A 10 -14.09 -2.65 -3.20
N3 TCJ A 10 -14.10 -3.64 -1.11
C2 TCJ A 10 -14.16 -4.74 -0.28
O2 TCJ A 10 -14.09 -4.63 0.94
C3' TCJ A 10 -16.48 -8.39 0.10
C2' TCJ A 10 -15.72 -7.24 0.78
C7' TCJ A 10 -17.46 -7.93 -1.00
C6' TCJ A 10 -17.17 -8.75 -2.25
C8' TCJ A 10 -17.24 -10.23 -2.10
O3' TCJ A 10 -17.15 -9.18 1.08
H4' TCJ A 10 -15.21 -10.13 -0.04
H1' TCJ A 10 -13.58 -7.12 0.79
H6 TCJ A 10 -14.51 -7.14 -2.69
H73 TCJ A 10 -14.90 -6.14 -4.86
H71 TCJ A 10 -13.41 -5.18 -5.01
H72 TCJ A 10 -15.01 -4.36 -4.99
H41 TCJ A 10 -13.98 -1.75 -2.76
H42 TCJ A 10 -14.16 -2.72 -4.21
H2' TCJ A 10 -16.26 -6.30 0.69
H2'' TCJ A 10 -15.55 -7.48 1.83
H7' TCJ A 10 -17.33 -6.86 -1.22
H7'' TCJ A 10 -18.50 -8.11 -0.68
H6' TCJ A 10 -17.33 -8.30 -3.23
H8' TCJ A 10 -17.65 -10.64 -1.16
H8'' TCJ A 10 -17.42 -10.84 -2.99
H3T TCJ A 10 -16.55 -9.37 1.80
C8 F7K B 1 -14.14 3.23 1.39
C2 F7K B 1 -14.83 -1.11 1.66
C4 F7K B 1 -14.60 1.14 1.82
C5 F7K B 1 -14.10 1.28 0.55
C6 F7K B 1 -13.96 0.12 -0.30
O5' F7K B 1 -14.14 6.75 3.85
C5' F7K B 1 -13.70 5.82 4.83
C4' F7K B 1 -14.55 4.58 5.08
O4' F7K B 1 -15.17 4.15 3.87
C1' F7K B 1 -15.08 2.73 3.74
N9 F7K B 1 -14.62 2.40 2.37
N7 F7K B 1 -13.83 2.62 0.28
O6 F7K B 1 -13.55 0.08 -1.46
N1 F7K B 1 -14.34 -1.06 0.36
N2 F7K B 1 -15.15 -2.33 2.13
N3 F7K B 1 -14.98 -0.03 2.44
C3' F7K B 1 -13.62 3.47 5.54
C2' F7K B 1 -14.11 2.21 4.81
C7' F7K B 1 -12.20 3.93 5.15
C6' F7K B 1 -12.26 5.43 4.88
C8' F7K B 1 -12.83 6.29 5.96
O3' F7K B 1 -13.73 3.33 6.96
H8 F7K B 1 -14.05 4.30 1.52
HO5' F7K B 1 -14.88 6.36 3.36
H4' F7K B 1 -15.30 4.79 5.84
H1' F7K B 1 -16.07 2.29 3.91
H1 F7K B 1 -14.26 -1.92 -0.16
H21 F7K B 1 -15.04 -3.14 1.54
H22 F7K B 1 -15.51 -2.43 3.07
H2'' F7K B 1 -14.64 1.56 5.49
H2' F7K B 1 -13.28 1.67 4.35
H7'' F7K B 1 -11.50 3.73 5.97
H7' F7K B 1 -11.85 3.42 4.26
H6' F7K B 1 -11.56 5.85 4.16
H8'' F7K B 1 -12.57 7.34 5.96
H8' F7K B 1 -13.01 5.83 6.93
C7 EAN B 2 -10.82 1.04 2.09
C6 EAN B 2 -11.65 -0.72 3.67
C5 EAN B 2 -11.25 -0.38 2.41
C4 EAN B 2 -11.23 -1.38 1.34
C2 EAN B 2 -12.06 -3.03 3.00
P EAN B 2 -13.07 2.11 7.80
O1P EAN B 2 -12.24 2.70 8.87
O2P EAN B 2 -14.14 1.16 8.14
O5' EAN B 2 -12.07 1.40 6.75
C5' EAN B 2 -11.29 0.31 7.18
C4' EAN B 2 -11.92 -1.08 7.21
O4' EAN B 2 -12.83 -1.24 6.12
C1' EAN B 2 -12.50 -2.41 5.36
N1 EAN B 2 -12.05 -2.02 3.97
O4 EAN B 2 -10.87 -1.15 0.18
N3 EAN B 2 -11.64 -2.65 1.72
O2 EAN B 2 -12.41 -4.19 3.24
C3' EAN B 2 -10.81 -2.12 7.06
C2' EAN B 2 -11.39 -3.14 6.10
C7' EAN B 2 -9.60 -1.32 6.48
C6' EAN B 2 -9.88 0.15 6.71
C8' EAN B 2 -10.16 0.56 8.11
O3' EAN B 2 -10.50 -2.68 8.34
H73 EAN B 2 -9.74 1.13 2.20
H71 EAN B 2 -11.30 1.74 2.78
H72 EAN B 2 -11.09 1.29 1.07
H6 EAN B 2 -11.65 0.03 4.44
H4' EAN B 2 -12.45 -1.23 8.16
H1' EAN B 2 -13.38 -3.04 5.28
H3 EAN B 2 -11.63 -3.37 1.01
H2' EAN B 2 -10.64 -3.52 5.41
H2'' EAN B 2 -11.83 -3.97 6.65
H7' EAN B 2 -9.48 -1.52 5.42
H7'' EAN B 2 -8.68 -1.59 7.01
H6' EAN B 2 -9.47 0.89 6.01
H8' EAN B 2 -10.00 -0.18 8.91
H8'' EAN B 2 -9.98 1.60 8.40
O1P TCY B 3 -8.89 -3.92 9.83
P TCY B 3 -9.59 -4.03 8.53
O2P TCY B 3 -10.43 -5.22 8.25
C8' TCY B 3 -6.34 -4.95 8.16
O5' TCY B 3 -8.48 -3.92 7.36
C5' TCY B 3 -7.50 -4.91 7.21
C6' TCY B 3 -6.13 -4.52 6.74
C4' TCY B 3 -7.88 -6.21 6.53
C3' TCY B 3 -6.66 -6.74 5.80
C7' TCY B 3 -5.63 -5.59 5.78
O3' TCY B 3 -6.15 -7.88 6.50
C2' TCY B 3 -7.18 -7.12 4.40
C1' TCY B 3 -8.49 -6.35 4.26
O4' TCY B 3 -8.91 -5.96 5.57
N9 TCY B 3 -8.31 -5.12 3.43
C4 TCY B 3 -8.08 -5.11 2.08
N3 TCY B 3 -7.95 -6.18 1.25
C2 TCY B 3 -7.69 -5.80 0.00
N1 TCY B 3 -7.60 -4.56 -0.50
C6 TCY B 3 -7.80 -3.50 0.34
N6 TCY B 3 -7.80 -2.26 -0.17
C5 TCY B 3 -8.01 -3.77 1.72
N7 TCY B 3 -8.20 -2.96 2.83
C8 TCY B 3 -8.37 -3.81 3.81
H8' TCY B 3 -5.99 -5.95 8.45
H8'A TCY B 3 -6.33 -4.19 8.93
H6' TCY B 3 -5.91 -3.47 6.53
H4' TCY B 3 -8.23 -6.93 7.26
H7' TCY B 3 -5.53 -5.14 4.79
H7'A TCY B 3 -4.65 -5.94 6.12
H2' TCY B 3 -6.48 -6.84 3.62
H2'A TCY B 3 -7.38 -8.19 4.36
H1' TCY B 3 -9.25 -6.99 3.81
H2 TCY B 3 -7.53 -6.60 -0.71
HN6 TCY B 3 -7.64 -2.13 -1.16
HN6A TCY B 3 -7.96 -1.47 0.43
H8 TCY B 3 -8.53 -3.50 4.84
O1P TCY B 4 -4.16 -9.33 6.98
P TCY B 4 -5.05 -8.90 5.88
O2P TCY B 4 -5.76 -9.92 5.08
C8' TCY B 4 -1.79 -8.67 5.06
O5' TCY B 4 -4.20 -7.98 4.88
C5' TCY B 4 -3.04 -8.49 4.25
C6' TCY B 4 -1.86 -7.60 4.01
C4' TCY B 4 -3.21 -9.38 3.03
C3' TCY B 4 -2.00 -9.19 2.12
C7' TCY B 4 -1.26 -7.93 2.66
O3' TCY B 4 -1.17 -10.35 2.21
C2' TCY B 4 -2.60 -9.00 0.73
C1' TCY B 4 -4.03 -8.53 1.00
O4' TCY B 4 -4.38 -8.99 2.31
N9 TCY B 4 -4.11 -7.04 0.99
C4 TCY B 4 -4.04 -6.24 -0.12
N3 TCY B 4 -3.87 -6.64 -1.42
C2 TCY B 4 -3.82 -5.59 -2.25
N1 TCY B 4 -3.95 -4.28 -1.95
C6 TCY B 4 -4.15 -3.92 -0.65
N6 TCY B 4 -4.34 -2.63 -0.37
C5 TCY B 4 -4.18 -4.95 0.33
N7 TCY B 4 -4.33 -4.92 1.71
C8 TCY B 4 -4.29 -6.18 2.05
H8' TCY B 4 -1.19 -9.56 4.84
H8'A TCY B 4 -1.85 -8.38 6.10
H6' TCY B 4 -1.91 -6.56 4.33
H4' TCY B 4 -3.30 -10.42 3.33
H7' TCY B 4 -1.40 -7.08 1.99
H7'A TCY B 4 -0.20 -8.14 2.78
H2' TCY B 4 -2.04 -8.28 0.15
H2'A TCY B 4 -2.63 -9.96 0.20
H1' TCY B 4 -4.70 -8.95 0.25
H2 TCY B 4 -3.67 -5.81 -3.29
HN6 TCY B 4 -4.31 -1.93 -1.10
HN6A TCY B 4 -4.51 -2.34 0.59
H8 TCY B 4 -4.36 -6.52 3.06
C8 F4Q B 5 -0.28 -6.25 -0.62
C2 F4Q B 5 -0.47 -3.37 -3.95
C4 F4Q B 5 -0.34 -5.09 -2.47
C5 F4Q B 5 -0.49 -4.27 -1.36
C6 F4Q B 5 -0.68 -2.86 -1.54
P F4Q B 5 0.03 -10.67 1.17
O1P F4Q B 5 1.11 -11.35 1.92
O2P F4Q B 5 -0.55 -11.33 -0.02
O5' F4Q B 5 0.56 -9.22 0.73
C5' F4Q B 5 1.59 -9.12 -0.23
C4' F4Q B 5 1.23 -9.25 -1.70
O4' F4Q B 5 -0.09 -8.74 -1.93
C1' F4Q B 5 -0.02 -7.60 -2.80
N9 F4Q B 5 -0.20 -6.38 -1.98
N7 F4Q B 5 -0.45 -5.03 -0.20
O6 F4Q B 5 -0.86 -2.01 -0.68
N1 F4Q B 5 -0.64 -2.49 -2.90
N2 F4Q B 5 -0.46 -2.84 -5.18
N3 F4Q B 5 -0.33 -4.72 -3.79
C3' F4Q B 5 2.22 -8.43 -2.51
C2' F4Q B 5 1.35 -7.62 -3.47
C7' F4Q B 5 2.98 -7.54 -1.49
C6' F4Q B 5 2.64 -8.05 -0.10
C8' F4Q B 5 2.98 -9.48 0.17
O3' F4Q B 5 3.10 -9.32 -3.20
H8 F4Q B 5 -0.19 -7.08 0.05
H4' F4Q B 5 1.27 -10.30 -2.00
H1' F4Q B 5 -0.80 -7.66 -3.56
H1 F4Q B 5 -0.74 -1.51 -3.10
H22 F4Q B 5 -0.33 -3.44 -5.99
H21 F4Q B 5 -0.56 -1.85 -5.30
H2' F4Q B 5 1.74 -6.61 -3.62
H2'' F4Q B 5 1.28 -8.14 -4.43
H7' F4Q B 5 2.68 -6.51 -1.57
H7'' F4Q B 5 4.06 -7.63 -1.64
H6' F4Q B 5 2.59 -7.35 0.73
H8' F4Q B 5 3.58 -10.02 -0.56
H8'' F4Q B 5 3.12 -9.79 1.21
P TCJ B 6 4.15 -8.85 -4.33
O1P TCJ B 6 5.43 -9.54 -4.06
O2P TCJ B 6 3.50 -9.00 -5.65
O5' TCJ B 6 4.34 -7.28 -4.05
C5' TCJ B 6 5.07 -6.46 -4.94
C4' TCJ B 6 4.30 -5.58 -5.93
O4' TCJ B 6 3.07 -5.16 -5.34
C1' TCJ B 6 2.94 -3.73 -5.43
N1 TCJ B 6 2.86 -3.13 -4.05
C6 TCJ B 6 3.15 -3.86 -2.90
C5 TCJ B 6 3.04 -3.29 -1.67
C7 TCJ B 6 3.38 -4.08 -0.40
C4 TCJ B 6 2.61 -1.91 -1.59
N4 TCJ B 6 2.46 -1.30 -0.41
N3 TCJ B 6 2.32 -1.22 -2.72
C2 TCJ B 6 2.45 -1.78 -3.97
O2 TCJ B 6 2.21 -1.13 -4.99
C3' TCJ B 6 5.15 -4.36 -6.21
C2' TCJ B 6 4.16 -3.19 -6.18
C7' TCJ B 6 6.20 -4.30 -5.07
C6' TCJ B 6 6.23 -5.67 -4.42
C8' TCJ B 6 6.47 -6.83 -5.32
O3' TCJ B 6 5.78 -4.48 -7.48
H4' TCJ B 6 4.11 -6.13 -6.85
H1' TCJ B 6 2.03 -3.49 -5.98
H6 TCJ B 6 3.48 -4.88 -3.00
H73 TCJ B 6 3.81 -3.41 0.34
H71 TCJ B 6 4.10 -4.87 -0.63
H72 TCJ B 6 2.47 -4.53 0.00
H41 TCJ B 6 2.15 -0.34 -0.38
H42 TCJ B 6 2.67 -1.80 0.45
H2' TCJ B 6 4.57 -2.31 -5.69
H2'' TCJ B 6 3.86 -2.94 -7.19
H7' TCJ B 6 5.93 -3.56 -4.32
H7'' TCJ B 6 7.19 -4.07 -5.46
H6' TCJ B 6 6.49 -5.75 -3.35
H8' TCJ B 6 6.77 -6.63 -6.36
H8'' TCJ B 6 6.87 -7.75 -4.88
P TCJ B 7 6.52 -3.26 -8.24
O1P TCJ B 7 7.72 -3.79 -8.92
O2P TCJ B 7 5.51 -2.52 -9.03
O5' TCJ B 7 7.01 -2.30 -7.05
C5' TCJ B 7 7.74 -1.14 -7.32
C4' TCJ B 7 6.98 0.11 -7.73
O4' TCJ B 7 5.73 0.16 -7.05
C1' TCJ B 7 5.61 1.37 -6.31
N1 TCJ B 7 5.64 1.08 -4.83
C6 TCJ B 7 6.08 -0.12 -4.31
C5 TCJ B 7 6.06 -0.37 -2.98
C7 TCJ B 7 6.55 -1.70 -2.40
C4 TCJ B 7 5.57 0.68 -2.10
N4 TCJ B 7 5.50 0.50 -0.78
N3 TCJ B 7 5.15 1.87 -2.62
C2 TCJ B 7 5.19 2.12 -3.97
O2 TCJ B 7 4.84 3.20 -4.43
C3' TCJ B 7 7.80 1.32 -7.31
C2' TCJ B 7 6.76 2.28 -6.71
C7' TCJ B 7 8.83 0.79 -6.28
C6' TCJ B 7 8.86 -0.73 -6.41
C8' TCJ B 7 9.17 -1.26 -7.77
O3' TCJ B 7 8.45 1.88 -8.45
H4' TCJ B 7 6.83 0.11 -8.81
H1' TCJ B 7 4.67 1.86 -6.57
H6 TCJ B 7 6.43 -0.89 -4.99
H73 TCJ B 7 7.02 -1.52 -1.43
H71 TCJ B 7 7.28 -2.15 -3.07
H72 TCJ B 7 5.70 -2.37 -2.28
H41 TCJ B 7 5.15 1.24 -0.19
H42 TCJ B 7 5.81 -0.37 -0.38
H2' TCJ B 7 7.17 2.82 -5.86
H2'' TCJ B 7 6.43 2.98 -7.47
H7' TCJ B 7 8.55 1.07 -5.26
H7'' TCJ B 7 9.82 1.18 -6.50
H6' TCJ B 7 9.09 -1.33 -5.53
H8' TCJ B 7 9.49 -0.56 -8.54
H8'' TCJ B 7 9.56 -2.27 -7.85
C8 F4Q B 8 8.56 3.64 -3.63
C2 F4Q B 8 7.55 5.89 0.03
C4 F4Q B 8 8.00 5.00 -2.01
C5 F4Q B 8 8.21 3.72 -1.53
C6 F4Q B 8 8.02 3.46 -0.13
P F4Q B 8 9.15 3.34 -8.45
O1P F4Q B 8 10.39 3.24 -9.26
O2P F4Q B 8 8.13 4.34 -8.80
O5' F4Q B 8 9.56 3.56 -6.92
C5' F4Q B 8 10.27 4.71 -6.53
C4' F4Q B 8 9.49 5.97 -6.19
O4' F4Q B 8 8.22 5.61 -5.65
C1' F4Q B 8 8.10 6.08 -4.31
N9 F4Q B 8 8.23 4.95 -3.37
N7 F4Q B 8 8.56 2.87 -2.57
O6 F4Q B 8 8.10 2.38 0.45
N1 F4Q B 8 7.72 4.62 0.59
N2 F4Q B 8 7.28 6.89 0.87
N3 F4Q B 8 7.64 6.12 -1.30
C3' F4Q B 8 10.27 6.74 -5.14
C2' F4Q B 8 9.23 7.09 -4.08
C7' F4Q B 8 11.38 5.78 -4.63
C6' F4Q B 8 11.41 4.58 -5.56
C8' F4Q B 8 11.69 4.89 -7.01
O3' F4Q B 8 10.83 7.92 -5.71
H8 F4Q B 8 8.81 3.28 -4.61
H4' F4Q B 8 9.35 6.58 -7.08
H1' F4Q B 8 7.14 6.58 -4.17
H1 F4Q B 8 7.63 4.53 1.59
H22 F4Q B 8 7.15 7.83 0.51
H21 F4Q B 8 7.22 6.72 1.86
H2' F4Q B 8 9.64 7.01 -3.07
H2'' F4Q B 8 8.84 8.10 -4.24
H7' F4Q B 8 11.17 5.44 -3.62
H7'' F4Q B 8 12.36 6.27 -4.66
H6' F4Q B 8 11.67 3.60 -5.15
H8' F4Q B 8 11.98 5.90 -7.27
H8'' F4Q B 8 12.10 4.09 -7.62
O1P TCY B 9 12.68 9.61 -5.53
P TCY B 9 11.49 9.10 -4.82
O2P TCY B 9 10.41 10.04 -4.43
C8' TCY B 9 14.16 9.36 -2.85
O5' TCY B 9 11.98 8.33 -3.50
C5' TCY B 9 12.74 9.00 -2.53
C6' TCY B 9 13.86 8.28 -1.84
C4' TCY B 9 12.01 9.84 -1.50
C3' TCY B 9 12.84 9.86 -0.23
C7' TCY B 9 13.89 8.73 -0.38
O3' TCY B 9 13.47 11.15 -0.13
C2' TCY B 9 11.83 9.62 0.88
C1' TCY B 9 10.68 8.89 0.18
O4' TCY B 9 10.74 9.25 -1.20
N9 TCY B 9 10.81 7.42 0.29
C4 TCY B 9 10.57 6.66 1.42
N3 TCY B 9 10.18 7.12 2.64
C2 TCY B 9 10.06 6.11 3.52
N1 TCY B 9 10.25 4.80 3.31
C6 TCY B 9 10.59 4.37 2.07
N6 TCY B 9 10.70 3.05 1.85
C5 TCY B 9 10.80 5.35 1.06
N7 TCY B 9 11.19 5.26 -0.27
C8 TCY B 9 11.17 6.50 -0.69
H8' TCY B 9 14.50 10.33 -2.49
H8'A TCY B 9 14.53 9.05 -3.83
H6' TCY B 9 14.07 7.24 -2.08
H4' TCY B 9 11.87 10.85 -1.89
H7' TCY B 9 13.64 7.87 0.25
H7'A TCY B 9 14.89 9.09 -0.14
H2' TCY B 9 12.24 9.00 1.68
H2'A TCY B 9 11.47 10.56 1.27
H1' TCY B 9 9.72 9.21 0.60
H2 TCY B 9 9.75 6.39 4.52
HN6 TCY B 9 10.54 2.39 2.60
HN6A TCY B 9 10.94 2.71 0.93
H8 TCY B 9 11.43 6.79 -1.69
C8 F4Q B 10 13.86 7.41 3.12
C2 F4Q B 10 12.52 4.83 6.43
C4 F4Q B 10 13.11 6.41 4.91
C5 F4Q B 10 13.50 5.49 3.96
C6 F4Q B 10 13.37 4.09 4.22
P F4Q B 10 14.16 11.73 1.21
O1P F4Q B 10 15.24 12.65 0.79
O2P F4Q B 10 13.09 12.22 2.11
O5' F4Q B 10 14.84 10.44 1.89
C5' F4Q B 10 15.39 10.56 3.19
C4' F4Q B 10 14.44 10.70 4.37
O4' F4Q B 10 13.23 10.00 4.09
C1' F4Q B 10 13.05 8.95 5.04
N9 F4Q B 10 13.34 7.65 4.37
N7 F4Q B 10 13.97 6.15 2.82
O6 F4Q B 10 13.63 3.15 3.47
N1 F4Q B 10 12.88 3.84 5.52
N2 F4Q B 10 12.10 4.41 7.62
N3 F4Q B 10 12.59 6.15 6.15
C3' F4Q B 10 15.10 10.08 5.58
C2' F4Q B 10 14.01 9.19 6.18
C7' F4Q B 10 16.33 9.27 5.05
C6' F4Q B 10 16.53 9.68 3.60
C8' F4Q B 10 16.77 11.13 3.34
O3' F4Q B 10 15.51 11.08 6.50
H8 F4Q B 10 14.16 8.20 2.45
H4' F4Q B 10 14.23 11.76 4.54
H1' F4Q B 10 12.02 8.96 5.41
H1 F4Q B 10 12.80 2.87 5.80
H22 F4Q B 10 11.82 5.09 8.32
H21 F4Q B 10 12.04 3.43 7.83
H2' F4Q B 10 14.43 8.25 6.57
H2'' F4Q B 10 13.50 9.72 6.99
H7' F4Q B 10 16.15 8.20 5.10
H7'' F4Q B 10 17.22 9.52 5.63
H6' F4Q B 10 16.93 8.93 2.90
H8' F4Q B 10 16.93 11.79 4.19
H8'' F4Q B 10 17.28 11.41 2.42
H4 F4Q B 10 16.02 10.66 7.21
O5' F7H A 1 13.61 -4.74 8.84
C5' F7H A 1 12.57 -4.09 9.52
C4' F7H A 1 12.90 -2.84 10.32
O4' F7H A 1 13.97 -2.13 9.68
C1' F7H A 1 13.58 -0.77 9.41
N1 F7H A 1 13.50 -0.55 7.93
C6 F7H A 1 13.35 -1.59 7.03
C5 F7H A 1 13.24 -1.36 5.69
C7 F7H A 1 13.08 -2.50 4.70
C4 F7H A 1 13.30 0.02 5.25
N4 F7H A 1 13.20 0.33 3.95
N3 F7H A 1 13.45 1.03 6.14
C2 F7H A 1 13.56 0.79 7.49
O2 F7H A 1 13.70 1.71 8.28
C3' F7H A 1 11.67 -1.94 10.32
C2' F7H A 1 12.22 -0.54 10.07
C7' F7H A 1 10.75 -2.47 9.19
C6' F7H A 1 11.26 -3.85 8.82
C8' F7H A 1 11.35 -4.85 9.93
O3' F7H A 1 11.02 -2.04 11.59
HO5' F7H A 1 14.36 -4.87 9.44
H4' F7H A 1 13.18 -3.10 11.33
H1' F7H A 1 14.31 -0.10 9.84
H6 F7H A 1 13.30 -2.60 7.40
H71 F7H A 1 12.03 -2.62 4.46
H72 F7H A 1 13.47 -3.42 5.11
H73 F7H A 1 13.62 -2.26 3.78
H41 F7H A 1 13.24 1.29 3.66
H42 F7H A 1 13.08 -0.41 3.27
H2' F7H A 1 11.56 0.04 9.42
H2'' F7H A 1 12.37 -0.02 11.02
H7' F7H A 1 10.81 -1.82 8.31
H7'' F7H A 1 9.73 -2.55 9.54
H6' F7H A 1 11.13 -4.21 7.80
H8' F7H A 1 10.90 -4.58 10.90
H8'' F7H A 1 11.33 -5.91 9.68
C7 EAN A 2 9.53 -0.70 5.90
C6 EAN A 2 9.71 1.27 7.42
C5 EAN A 2 9.67 0.79 6.14
C4 EAN A 2 9.75 1.71 5.00
C2 EAN A 2 9.93 3.56 6.64
P EAN A 2 9.89 -0.99 12.09
O1P EAN A 2 10.57 0.17 12.73
O2P EAN A 2 8.87 -1.75 12.87
O5' EAN A 2 9.19 -0.47 10.74
C5' EAN A 2 8.29 0.61 10.79
C4' EAN A 2 8.85 2.02 10.86
O4' EAN A 2 10.03 2.11 10.04
C1' EAN A 2 9.90 3.17 9.09
N1 EAN A 2 9.84 2.63 7.69
O4 EAN A 2 9.73 1.37 3.82
N3 EAN A 2 9.89 3.05 5.35
O2 EAN A 2 10.05 4.77 6.84
C3' EAN A 2 7.81 2.97 10.30
C2' EAN A 2 8.60 3.92 9.42
C7' EAN A 2 6.82 2.08 9.51
C6' EAN A 2 7.07 0.64 9.91
C8' EAN A 2 6.93 0.36 11.38
O3' EAN A 2 7.16 3.65 11.38
H73 EAN A 2 10.50 -1.18 6.02
H71 EAN A 2 9.16 -0.88 4.88
H72 EAN A 2 8.82 -1.13 6.60
H6 EAN A 2 9.64 0.57 8.25
H4' EAN A 2 9.10 2.28 11.89
H1' EAN A 2 10.74 3.84 9.18
H3 EAN A 2 9.95 3.71 4.59
H2' EAN A 2 8.05 4.20 8.51
H2'' EAN A 2 8.85 4.82 9.98
H7' EAN A 2 6.97 2.17 8.43
H7'' EAN A 2 5.78 2.34 9.75
H6' EAN A 2 6.91 -0.17 9.20
H8' EAN A 2 6.53 1.15 12.02
H8'' EAN A 2 6.71 -0.66 11.69
P TCJ A 3 6.22 4.96 11.18
O1P TCJ A 3 7.10 6.15 11.08
O2P TCJ A 3 5.15 4.93 12.21
O5' TCJ A 3 5.55 4.71 9.75
C5' TCJ A 3 4.74 5.70 9.15
C4' TCJ A 3 5.42 6.86 8.43
O4' TCJ A 3 6.66 6.40 7.87
C1' TCJ A 3 6.71 6.70 6.47
N1 TCJ A 3 6.74 5.43 5.67
C6 TCJ A 3 6.33 4.21 6.19
C5 TCJ A 3 6.33 3.08 5.43
C7 TCJ A 3 5.89 1.74 5.98
C4 TCJ A 3 6.79 3.20 4.05
N4 TCJ A 3 6.82 2.13 3.25
N3 TCJ A 3 7.19 4.39 3.56
C2 TCJ A 3 7.19 5.53 4.33
O2 TCJ A 3 7.57 6.61 3.88
C3' TCJ A 3 4.51 7.30 7.29
C2' TCJ A 3 5.47 7.52 6.13
C7' TCJ A 3 3.51 6.14 7.07
C6' TCJ A 3 3.58 5.25 8.31
C8' TCJ A 3 3.34 5.92 9.64
O3' TCJ A 3 3.84 8.51 7.66
H4' TCJ A 3 5.60 7.68 9.13
H1' TCJ A 3 7.60 7.28 6.26
H6 TCJ A 3 5.99 4.16 7.21
H73 TCJ A 3 5.34 1.18 5.21
H71 TCJ A 3 6.76 1.16 6.29
H72 TCJ A 3 5.24 1.89 6.84
H41 TCJ A 3 7.14 2.23 2.29
H42 TCJ A 3 6.53 1.23 3.60
H2' TCJ A 3 5.04 7.21 5.19
H2'' TCJ A 3 5.75 8.58 6.07
H7' TCJ A 3 3.78 5.56 6.19
H7'' TCJ A 3 2.50 6.52 6.98
H6' TCJ A 3 3.36 4.19 8.21
H8' TCJ A 3 3.00 6.95 9.64
H8'' TCJ A 3 3.03 5.31 10.47
C8 F4Q A 4 3.57 6.19 3.14
C2 F4Q A 4 4.65 5.28 -1.03
C4 F4Q A 4 4.13 6.07 1.02
C5 F4Q A 4 4.00 4.81 1.59
C6 F4Q A 4 4.27 3.65 0.78
P F4Q A 4 3.01 9.44 6.59
O1P F4Q A 4 3.99 10.30 5.87
O2P F4Q A 4 1.89 10.07 7.31
O5' F4Q A 4 2.41 8.38 5.53
C5' F4Q A 4 1.63 8.81 4.43
C4' F4Q A 4 2.33 9.52 3.29
O4' F4Q A 4 3.67 9.03 3.17
C1' F4Q A 4 3.85 8.44 1.88
N9 F4Q A 4 3.84 6.96 2.03
N7 F4Q A 4 3.65 4.91 2.93
O6 F4Q A 4 4.24 2.47 1.11
N1 F4Q A 4 4.57 3.99 -0.55
N2 F4Q A 4 4.94 5.43 -2.33
N3 F4Q A 4 4.47 6.39 -0.26
C3' F4Q A 4 1.58 9.22 2.00
C2' F4Q A 4 2.68 8.88 1.00
C7' F4Q A 4 0.66 8.00 2.33
C6' F4Q A 4 0.61 7.87 3.85
C8' F4Q A 4 0.17 9.08 4.62
O3' F4Q A 4 0.81 10.35 1.59
H8 F4Q A 4 3.28 6.61 4.09
H4' F4Q A 4 2.34 10.60 3.47
H1' F4Q A 4 4.79 8.76 1.45
H1 F4Q A 4 4.72 3.23 -1.20
H22 F4Q A 4 5.01 6.36 -2.73
H21 F4Q A 4 5.07 4.62 -2.92
H2' F4Q A 4 2.39 8.09 0.31
H2'' F4Q A 4 2.98 9.77 0.46
H7' F4Q A 4 1.06 7.08 1.91
H7'' F4Q A 4 -0.34 8.18 1.95
H6' F4Q A 4 0.49 6.88 4.29
H8' F4Q A 4 -0.24 9.92 4.06
H8'' F4Q A 4 -0.23 8.93 5.62
C8 F4Q A 5 0.90 5.81 -0.69
C2 F4Q A 5 1.99 2.43 -3.30
C4 F4Q A 5 1.52 4.37 -2.20
C5 F4Q A 5 1.15 3.74 -1.04
C6 F4Q A 5 1.22 2.30 -0.95
P F4Q A 5 0.19 10.54 0.09
O1P F4Q A 5 1.27 10.98 -0.82
O2P F4Q A 5 -1.04 11.36 0.22
O5' F4Q A 5 -0.25 9.05 -0.35
C5' F4Q A 5 -0.75 8.81 -1.65
C4' F4Q A 5 0.24 8.65 -2.80
O4' F4Q A 5 1.44 8.05 -2.32
C1' F4Q A 5 1.66 6.79 -2.96
N9 F4Q A 5 1.37 5.71 -1.99
N7 F4Q A 5 0.76 4.67 -0.09
O6 F4Q A 5 0.95 1.58 0.02
N1 F4Q A 5 1.63 1.71 -2.15
N2 F4Q A 5 2.34 1.70 -4.37
N3 F4Q A 5 1.97 3.77 -3.36
C3' F4Q A 5 -0.39 7.72 -3.83
C2' F4Q A 5 0.72 6.71 -4.15
C7' F4Q A 5 -1.62 7.07 -3.14
C6' F4Q A 5 -1.88 7.85 -1.86
C8' F4Q A 5 -2.11 9.33 -2.01
O3' F4Q A 5 -0.78 8.47 -4.97
H8 F4Q A 5 0.67 6.76 -0.23
H4' F4Q A 5 0.46 9.61 -3.25
H1' F4Q A 5 2.69 6.71 -3.29
H1 F4Q A 5 1.68 0.70 -2.18
H22 F4Q A 5 2.61 2.18 -5.22
H21 F4Q A 5 2.36 0.69 -4.32
H2' F4Q A 5 0.32 5.70 -4.28
H2'' F4Q A 5 1.25 7.01 -5.06
H7' F4Q A 5 -1.44 6.03 -2.88
H7'' F4Q A 5 -2.49 7.14 -3.79
H6' F4Q A 5 -2.30 7.34 -1.00
H8' F4Q A 5 -2.23 9.73 -3.02
H8'' F4Q A 5 -2.66 9.85 -1.22
P TCJ A 6 -1.16 7.81 -6.40
O1P TCJ A 6 0.08 7.66 -7.19
O2P TCJ A 6 -2.28 8.60 -6.96
O5' TCJ A 6 -1.70 6.33 -6.04
C5' TCJ A 6 -2.12 5.46 -7.07
C4' TCJ A 6 -1.11 4.50 -7.68
O4' TCJ A 6 -0.17 4.06 -6.69
C1' TCJ A 6 -0.18 2.63 -6.60
N1 TCJ A 6 -0.74 2.19 -5.27
C6 TCJ A 6 -1.40 3.08 -4.43
C5 TCJ A 6 -1.89 2.67 -3.22
C7 TCJ A 6 -2.61 3.62 -2.29
C4 TCJ A 6 -1.67 1.28 -2.86
N4 TCJ A 6 -2.09 0.81 -1.67
N3 TCJ A 6 -1.03 0.42 -3.69
C2 TCJ A 6 -0.56 0.84 -4.92
O2 TCJ A 6 -0.01 0.05 -5.68
C3' TCJ A 6 -1.86 3.28 -8.22
C2' TCJ A 6 -1.03 2.09 -7.76
C7' TCJ A 6 -3.27 3.34 -7.57
C6' TCJ A 6 -3.44 4.73 -6.97
C8' TCJ A 6 -3.29 5.87 -7.92
O3' TCJ A 6 -1.94 3.35 -9.63
H4' TCJ A 6 -0.58 5.00 -8.51
H1' TCJ A 6 0.84 2.26 -6.70
H6 TCJ A 6 -1.54 4.10 -4.73
H73 TCJ A 6 -3.36 3.08 -1.71
H71 TCJ A 6 -3.11 4.40 -2.88
H72 TCJ A 6 -1.89 4.09 -1.61
H41 TCJ A 6 -1.94 -0.16 -1.43
H42 TCJ A 6 -2.58 1.43 -1.03
H2' TCJ A 6 -1.66 1.26 -7.42
H2'' TCJ A 6 -0.38 1.75 -8.56
H7' TCJ A 6 -3.38 2.60 -6.78
H7'' TCJ A 6 -4.05 3.20 -8.32
H6' TCJ A 6 -4.05 4.85 -6.07
H8' TCJ A 6 -3.21 5.63 -8.99
H8'' TCJ A 6 -3.79 6.80 -7.67
C7 EAN A 7 -5.18 1.43 -4.83
C6 EAN A 7 -3.93 -0.40 -6.01
C5 EAN A 7 -4.60 0.02 -4.89
C4 EAN A 7 -4.77 -0.88 -3.74
C2 EAN A 7 -3.51 -2.59 -5.02
P EAN A 7 -2.46 2.11 -10.54
O1P EAN A 7 -1.28 1.33 -10.98
O2P EAN A 7 -3.39 2.66 -11.56
O5' EAN A 7 -3.30 1.21 -9.52
C5' EAN A 7 -3.78 -0.06 -9.88
C4' EAN A 7 -2.98 -1.29 -9.47
O4' EAN A 7 -2.38 -1.07 -8.19
C1' EAN A 7 -2.66 -2.16 -7.31
N1 EAN A 7 -3.39 -1.69 -6.09
O4 EAN A 7 -5.35 -0.59 -2.69
N3 EAN A 7 -4.19 -2.14 -3.89
O2 EAN A 7 -3.04 -3.74 -5.06
C3' EAN A 7 -3.94 -2.46 -9.34
C2' EAN A 7 -3.51 -3.19 -8.08
C7' EAN A 7 -5.36 -1.83 -9.25
C6' EAN A 7 -5.23 -0.39 -9.71
C8' EAN A 7 -4.68 -0.18 -11.08
O3' EAN A 7 -3.84 -3.30 -10.50
H73 EAN A 7 -6.06 1.43 -4.18
H71 EAN A 7 -5.46 1.75 -5.83
H72 EAN A 7 -4.44 2.10 -4.42
H6 EAN A 7 -3.83 0.27 -6.84
H4' EAN A 7 -2.22 -1.51 -10.22
H1' EAN A 7 -1.73 -2.64 -7.02
H3 EAN A 7 -4.28 -2.78 -3.13
H2' EAN A 7 -4.36 -3.52 -7.48
H2'' EAN A 7 -2.89 -4.05 -8.34
H7' EAN A 7 -5.74 -1.84 -8.22
H7'' EAN A 7 -6.06 -2.34 -9.90
H6' EAN A 7 -5.90 0.36 -9.29
H8' EAN A 7 -4.53 -1.06 -11.71
H8'' EAN A 7 -4.92 0.73 -11.61
C7 EAN A 8 -7.68 -1.85 -6.27
C6 EAN A 8 -6.82 -4.21 -6.08
C5 EAN A 8 -7.36 -3.11 -5.47
C4 EAN A 8 -7.62 -3.11 -4.03
C2 EAN A 8 -6.76 -5.44 -3.98
P EAN A 8 -4.52 -4.77 -10.58
O1P EAN A 8 -3.54 -5.76 -10.04
O2P EAN A 8 -5.08 -4.95 -11.94
O5' EAN A 8 -5.73 -4.67 -9.53
C5' EAN A 8 -6.57 -5.76 -9.33
C4' EAN A 8 -6.14 -6.84 -8.36
O4' EAN A 8 -5.38 -6.24 -7.29
C1' EAN A 8 -5.96 -6.58 -6.02
N1 EAN A 8 -6.52 -5.36 -5.36
O4 EAN A 8 -8.10 -2.17 -3.39
N3 EAN A 8 -7.30 -4.30 -3.38
O2 EAN A 8 -6.50 -6.44 -3.32
C3' EAN A 8 -7.37 -7.49 -7.76
C2' EAN A 8 -7.05 -7.63 -6.28
C7' EAN A 8 -8.54 -6.51 -8.07
C6' EAN A 8 -8.05 -5.54 -9.11
C8' EAN A 8 -7.55 -6.14 -10.39
O3' EAN A 8 -7.59 -8.76 -8.37
H73 EAN A 8 -8.54 -1.36 -5.84
H71 EAN A 8 -7.88 -2.12 -7.31
H72 EAN A 8 -6.82 -1.17 -6.24
H6 EAN A 8 -6.64 -4.18 -7.14
H4' EAN A 8 -5.52 -7.57 -8.87
H1' EAN A 8 -5.19 -7.02 -5.38
H3 EAN A 8 -7.47 -4.34 -2.38
H2' EAN A 8 -7.93 -7.43 -5.66
H2'' EAN A 8 -6.67 -8.62 -6.07
H7' EAN A 8 -8.84 -5.96 -7.18
H7'' EAN A 8 -9.40 -7.06 -8.46
H6' EAN A 8 -8.45 -4.52 -9.13
H8' EAN A 8 -7.71 -7.21 -10.55
H8'' EAN A 8 -7.56 -5.52 -11.29
O1P TCY A 9 -7.94 -10.70 -6.81
P TCY A 9 -8.64 -9.84 -7.81
O2P TCY A 9 -9.33 -10.48 -8.95
C8' TCY A 9 -11.99 -9.82 -7.60
O5' TCY A 9 -9.71 -8.93 -7.01
C5' TCY A 9 -10.94 -9.45 -6.60
C6' TCY A 9 -12.18 -8.61 -6.73
C4' TCY A 9 -11.00 -10.17 -5.26
C3' TCY A 9 -12.37 -9.93 -4.64
C7' TCY A 9 -13.02 -8.80 -5.48
O3' TCY A 9 -13.15 -11.13 -4.73
C2' TCY A 9 -12.07 -9.54 -3.21
C1' TCY A 9 -10.62 -9.09 -3.21
O4' TCY A 9 -10.00 -9.62 -4.39
N9 TCY A 9 -10.54 -7.60 -3.27
C4 TCY A 9 -10.73 -6.75 -2.21
N3 TCY A 9 -11.01 -7.11 -0.92
C2 TCY A 9 -11.14 -6.03 -0.13
N1 TCY A 9 -11.01 -4.75 -0.47
C6 TCY A 9 -10.76 -4.42 -1.76
N6 TCY A 9 -10.68 -3.13 -2.10
C5 TCY A 9 -10.59 -5.47 -2.70
N7 TCY A 9 -10.32 -5.50 -4.06
C8 TCY A 9 -10.29 -6.79 -4.34
H8' TCY A 9 -12.58 -10.71 -7.39
H8'A TCY A 9 -11.72 -9.66 -8.65
H6' TCY A 9 -12.09 -7.62 -7.17
H4' TCY A 9 -10.83 -11.24 -5.39
H7' TCY A 9 -13.04 -7.86 -4.93
H7'A TCY A 9 -14.04 -9.07 -5.78
H2' TCY A 9 -12.73 -8.74 -2.85
H2'A TCY A 9 -12.17 -10.41 -2.55
H1' TCY A 9 -10.10 -9.45 -2.33
H2 TCY A 9 -11.39 -6.23 0.90
HN6 TCY A 9 -10.80 -2.41 -1.40
HN6A TCY A 9 -10.49 -2.86 -3.06
H8 TCY A 9 -10.11 -7.16 -5.34
P TCJ A 10 -14.53 -11.37 -3.91
O1P TCJ A 10 -14.19 -11.85 -2.55
O2P TCJ A 10 -15.42 -12.19 -4.75
O5' TCJ A 10 -15.20 -9.91 -3.76
C5' TCJ A 10 -16.21 -9.69 -2.81
C4' TCJ A 10 -15.82 -9.56 -1.35
O4' TCJ A 10 -14.56 -8.90 -1.25
C1' TCJ A 10 -14.68 -7.73 -0.44
N1 TCJ A 10 -14.52 -6.48 -1.27
C6 TCJ A 10 -14.49 -6.52 -2.67
C5 TCJ A 10 -14.34 -5.38 -3.40
C7 TCJ A 10 -14.31 -5.40 -4.92
C4 TCJ A 10 -14.24 -4.12 -2.68
N4 TCJ A 10 -14.10 -2.97 -3.33
N3 TCJ A 10 -14.28 -4.10 -1.32
C2 TCJ A 10 -14.41 -5.25 -0.58
O2 TCJ A 10 -14.43 -5.22 0.64
C3' TCJ A 10 -16.86 -8.71 -0.65
C2' TCJ A 10 -16.05 -7.75 0.22
C7' TCJ A 10 -17.66 -8.00 -1.77
C6' TCJ A 10 -17.33 -8.72 -3.08
C8' TCJ A 10 -17.59 -10.20 -3.11
O3' TCJ A 10 -17.71 -9.52 0.15
H4' TCJ A 10 -15.76 -10.55 -0.88
H1' TCJ A 10 -13.91 -7.73 0.33
H6 TCJ A 10 -14.58 -7.46 -3.18
H73 TCJ A 10 -14.81 -6.30 -5.29
H71 TCJ A 10 -13.27 -5.41 -5.25
H72 TCJ A 10 -14.81 -4.52 -5.32
H41 TCJ A 10 -14.03 -2.09 -2.82
H42 TCJ A 10 -14.07 -2.96 -4.34
H2' TCJ A 10 -16.51 -6.76 0.25
H2'' TCJ A 10 -15.97 -8.14 1.23
H7' TCJ A 10 -17.37 -6.95 -1.86
H7'' TCJ A 10 -18.74 -8.07 -1.58
H6' TCJ A 10 -17.34 -8.16 -4.01
H8' TCJ A 10 -18.14 -10.64 -2.27
H8'' TCJ A 10 -17.74 -10.67 -4.08
H3T TCJ A 10 -17.85 -9.09 1.00
C8 F7K B 1 -15.60 2.72 1.02
C2 F7K B 1 -15.37 -1.68 1.35
C4 F7K B 1 -15.62 0.57 1.47
C5 F7K B 1 -15.07 0.81 0.23
C6 F7K B 1 -14.60 -0.30 -0.55
O5' F7K B 1 -16.25 6.12 3.47
C5' F7K B 1 -15.72 5.27 4.46
C4' F7K B 1 -16.39 3.92 4.69
O4' F7K B 1 -16.91 3.42 3.45
C1' F7K B 1 -16.59 2.04 3.30
N9 F7K B 1 -15.96 1.81 1.98
N7 F7K B 1 -15.05 2.18 -0.04
O6 F7K B 1 -14.07 -0.28 -1.67
N1 F7K B 1 -14.79 -1.53 0.09
N2 F7K B 1 -15.48 -2.93 1.82
N3 F7K B 1 -15.81 -0.63 2.09
C3' F7K B 1 -15.33 2.94 5.17
C2' F7K B 1 -15.63 1.64 4.43
C7' F7K B 1 -13.97 3.59 4.81
C6' F7K B 1 -14.23 5.06 4.52
C8' F7K B 1 -14.92 5.84 5.60
O3' F7K B 1 -15.45 2.77 6.58
H8 F7K B 1 -15.74 3.78 1.13
HO5' F7K B 1 -16.81 5.62 2.87
H4' F7K B 1 -17.19 4.01 5.42
H1' F7K B 1 -17.50 1.45 3.38
H1 F7K B 1 -14.49 -2.36 -0.39
H21 F7K B 1 -15.16 -3.71 1.28
H22 F7K B 1 -15.89 -3.08 2.73
H2'' F7K B 1 -16.13 0.93 5.08
H2' F7K B 1 -14.71 1.19 4.03
H7'' F7K B 1 -13.27 3.52 5.64
H7' F7K B 1 -13.53 3.13 3.92
H6' F7K B 1 -13.59 5.58 3.81
H8'' F7K B 1 -14.81 6.92 5.60
H8' F7K B 1 -15.06 5.36 6.56
C7 EAN B 2 -11.98 1.05 1.77
C6 EAN B 2 -12.55 -0.83 3.33
C5 EAN B 2 -12.09 -0.43 2.10
C4 EAN B 2 -11.70 -1.41 1.10
C2 EAN B 2 -12.32 -3.18 2.74
P EAN B 2 -14.63 1.62 7.39
O1P EAN B 2 -14.01 2.23 8.58
O2P EAN B 2 -15.54 0.45 7.55
O5' EAN B 2 -13.45 1.19 6.38
C5' EAN B 2 -12.48 0.26 6.79
C4' EAN B 2 -12.87 -1.21 6.86
O4' EAN B 2 -13.72 -1.53 5.74
C1' EAN B 2 -13.16 -2.64 5.01
N1 EAN B 2 -12.67 -2.18 3.66
O4 EAN B 2 -11.28 -1.15 -0.02
N3 EAN B 2 -11.85 -2.75 1.50
O2 EAN B 2 -12.40 -4.38 3.00
C3' EAN B 2 -11.61 -2.04 6.74
C2' EAN B 2 -12.01 -3.19 5.83
C7' EAN B 2 -10.55 -1.10 6.12
C6' EAN B 2 -11.08 0.32 6.28
C8' EAN B 2 -11.38 0.74 7.69
O3' EAN B 2 -11.22 -2.49 8.03
H73 EAN B 2 -12.76 1.61 2.30
H71 EAN B 2 -12.09 1.19 0.69
H72 EAN B 2 -11.00 1.41 2.08
H6 EAN B 2 -12.83 -0.08 4.05
H4' EAN B 2 -13.39 -1.43 7.79
H1' EAN B 2 -13.92 -3.41 4.87
H3 EAN B 2 -11.59 -3.46 0.83
H2' EAN B 2 -11.18 -3.51 5.19
H2'' EAN B 2 -12.36 -4.03 6.42
H7' EAN B 2 -10.40 -1.31 5.05
H7'' EAN B 2 -9.59 -1.19 6.64
H6' EAN B 2 -10.81 1.08 5.55
H8' EAN B 2 -11.09 0.06 8.49
H8'' EAN B 2 -11.38 1.79 7.92
O1P TCY B 3 -9.46 -3.40 9.59
P TCY B 3 -10.14 -3.67 8.29
O2P TCY B 3 -10.81 -4.98 8.09
C8' TCY B 3 -6.80 -4.18 7.91
O5' TCY B 3 -9.06 -3.48 7.12
C5' TCY B 3 -7.99 -4.38 7.01
C6' TCY B 3 -6.67 -3.92 6.44
C4' TCY B 3 -8.27 -5.77 6.51
C3' TCY B 3 -7.02 -6.30 5.83
C7' TCY B 3 -6.09 -5.07 5.63
O3' TCY B 3 -6.41 -7.28 6.69
C2' TCY B 3 -7.52 -6.90 4.53
C1' TCY B 3 -8.85 -6.20 4.28
O4' TCY B 3 -9.32 -5.74 5.55
N9 TCY B 3 -8.66 -5.01 3.40
C4 TCY B 3 -8.33 -5.05 2.07
N3 TCY B 3 -8.11 -6.17 1.31
C2 TCY B 3 -7.79 -5.83 0.05
N1 TCY B 3 -7.70 -4.61 -0.50
C6 TCY B 3 -7.96 -3.53 0.28
N6 TCY B 3 -7.92 -2.31 -0.29
C5 TCY B 3 -8.28 -3.74 1.64
N7 TCY B 3 -8.56 -2.87 2.70
C8 TCY B 3 -8.78 -3.68 3.70
H8' TCY B 3 -6.35 -5.07 8.32
H8'A TCY B 3 -6.84 -3.31 8.57
H6' TCY B 3 -6.57 -2.91 6.07
H4' TCY B 3 -8.55 -6.42 7.35
H7' TCY B 3 -6.06 -4.77 4.58
H7'A TCY B 3 -5.09 -5.27 5.99
H2' TCY B 3 -6.82 -6.74 3.70
H2'A TCY B 3 -7.71 -7.97 4.65
H1' TCY B 3 -9.56 -6.88 3.83
H2 TCY B 3 -7.58 -6.66 -0.60
HN6 TCY B 3 -7.69 -2.21 -1.26
HN6A TCY B 3 -8.10 -1.49 0.27
H8 TCY B 3 -9.02 -3.31 4.69
O1P TCY B 4 -4.49 -8.71 7.43
P TCY B 4 -5.26 -8.33 6.23
O2P TCY B 4 -5.88 -9.39 5.39
C8' TCY B 4 -1.93 -8.26 5.41
O5' TCY B 4 -4.31 -7.46 5.29
C5' TCY B 4 -3.22 -8.05 4.65
C6' TCY B 4 -2.01 -7.22 4.33
C4' TCY B 4 -3.48 -8.98 3.48
C3' TCY B 4 -2.31 -8.88 2.52
C7' TCY B 4 -1.49 -7.64 2.97
O3' TCY B 4 -1.53 -10.08 2.60
C2' TCY B 4 -2.97 -8.73 1.14
C1' TCY B 4 -4.37 -8.21 1.44
O4' TCY B 4 -4.68 -8.58 2.80
N9 TCY B 4 -4.43 -6.73 1.34
C4 TCY B 4 -4.34 -6.01 0.18
N3 TCY B 4 -4.19 -6.50 -1.10
C2 TCY B 4 -4.15 -5.52 -1.99
N1 TCY B 4 -4.23 -4.19 -1.80
C6 TCY B 4 -4.40 -3.73 -0.53
N6 TCY B 4 -4.52 -2.41 -0.33
C5 TCY B 4 -4.45 -4.68 0.53
N7 TCY B 4 -4.59 -4.57 1.90
C8 TCY B 4 -4.57 -5.79 2.33
H8' TCY B 4 -1.40 -9.18 5.21
H8'A TCY B 4 -1.94 -7.91 6.44
H6' TCY B 4 -2.00 -6.16 4.60
H4' TCY B 4 -3.59 -10.01 3.85
H7' TCY B 4 -1.63 -6.81 2.27
H7'A TCY B 4 -0.44 -7.88 3.04
H2' TCY B 4 -2.42 -8.04 0.51
H2'A TCY B 4 -3.04 -9.71 0.66
H1' TCY B 4 -5.09 -8.67 0.77
H2 TCY B 4 -4.02 -5.82 -3.02
HN6 TCY B 4 -4.48 -1.78 -1.11
HN6A TCY B 4 -4.65 -2.05 0.60
H8 TCY B 4 -4.65 -6.06 3.37
C8 F4Q B 5 -0.62 -6.03 -0.35
C2 F4Q B 5 -0.54 -3.23 -3.74
C4 F4Q B 5 -0.57 -4.91 -2.21
C5 F4Q B 5 -0.72 -4.06 -1.13
C6 F4Q B 5 -0.82 -2.65 -1.34
P F4Q B 5 -0.39 -10.48 1.52
O1P F4Q B 5 0.70 -11.19 2.24
O2P F4Q B 5 -1.05 -11.15 0.38
O5' F4Q B 5 0.19 -9.08 1.01
C5' F4Q B 5 1.20 -9.04 0.04
C4' F4Q B 5 0.81 -9.14 -1.43
O4' F4Q B 5 -0.48 -8.55 -1.62
C1' F4Q B 5 -0.39 -7.43 -2.50
N9 F4Q B 5 -0.52 -6.19 -1.70
N7 F4Q B 5 -0.74 -4.80 0.05
O6 F4Q B 5 -1.02 -1.77 -0.51
N1 F4Q B 5 -0.69 -2.31 -2.70
N2 F4Q B 5 -0.40 -2.72 -4.96
N3 F4Q B 5 -0.51 -4.57 -3.54
C3' F4Q B 5 1.83 -8.35 -2.24
C2' F4Q B 5 0.97 -7.51 -3.18
C7' F4Q B 5 2.63 -7.51 -1.22
C6' F4Q B 5 2.31 -8.04 0.16
C8' F4Q B 5 2.58 -9.49 0.40
O3' F4Q B 5 2.66 -9.26 -2.96
H8 F4Q B 5 -0.58 -6.87 0.34
H4' F4Q B 5 0.79 -10.18 -1.74
H1' F4Q B 5 -1.19 -7.48 -3.24
H1 F4Q B 5 -0.72 -1.32 -2.93
H22 F4Q B 5 -0.28 -3.35 -5.75
H21 F4Q B 5 -0.42 -1.73 -5.11
H2' F4Q B 5 1.39 -6.51 -3.33
H2'' F4Q B 5 0.86 -8.01 -4.14
H7' F4Q B 5 2.36 -6.46 -1.26
H7'' F4Q B 5 3.70 -7.61 -1.39
H6' F4Q B 5 2.31 -7.35 1.01
H8' F4Q B 5 3.13 -10.03 -0.36
H8'' F4Q B 5 2.73 -9.82 1.43
P TCJ B 6 3.65 -8.84 -4.18
O1P TCJ B 6 4.77 -9.79 -4.21
O2P TCJ B 6 2.83 -8.64 -5.40
O5' TCJ B 6 4.21 -7.41 -3.73
C5' TCJ B 6 4.93 -6.61 -4.63
C4' TCJ B 6 4.17 -5.65 -5.53
O4' TCJ B 6 3.00 -5.18 -4.85
C1' TCJ B 6 2.91 -3.76 -4.97
N1 TCJ B 6 2.80 -3.13 -3.60
C6 TCJ B 6 3.02 -3.84 -2.44
C5 TCJ B 6 2.88 -3.27 -1.21
C7 TCJ B 6 3.11 -4.05 0.07
C4 TCJ B 6 2.49 -1.87 -1.17
N4 TCJ B 6 2.33 -1.24 0.00
N3 TCJ B 6 2.29 -1.17 -2.31
C2 TCJ B 6 2.44 -1.76 -3.55
O2 TCJ B 6 2.29 -1.11 -4.59
C3' TCJ B 6 5.06 -4.47 -5.82
C2' TCJ B 6 4.14 -3.24 -5.71
C7' TCJ B 6 6.19 -4.51 -4.75
C6' TCJ B 6 6.17 -5.91 -4.14
C8' TCJ B 6 6.29 -7.06 -5.10
O3' TCJ B 6 5.61 -4.60 -7.13
H4' TCJ B 6 3.88 -6.16 -6.46
H1' TCJ B 6 2.01 -3.50 -5.54
H6 TCJ B 6 3.32 -4.88 -2.50
H73 TCJ B 6 2.15 -4.39 0.46
H71 TCJ B 6 3.58 -3.40 0.81
H72 TCJ B 6 3.74 -4.91 -0.12
H41 TCJ B 6 2.07 -0.26 0.01
H42 TCJ B 6 2.47 -1.73 0.87
H2' TCJ B 6 4.62 -2.43 -5.18
H2'' TCJ B 6 3.84 -2.91 -6.70
H7' TCJ B 6 6.02 -3.78 -3.97
H7'' TCJ B 6 7.16 -4.34 -5.21
H6' TCJ B 6 6.50 -6.03 -3.12
H8' TCJ B 6 6.53 -6.84 -6.14
H8'' TCJ B 6 6.64 -8.01 -4.71
P TCJ B 7 6.39 -3.39 -7.89
O1P TCJ B 7 7.55 -3.97 -8.61
O2P TCJ B 7 5.39 -2.59 -8.65
O5' TCJ B 7 6.94 -2.47 -6.69
C5' TCJ B 7 7.65 -1.29 -6.98
C4' TCJ B 7 6.85 -0.07 -7.41
O4' TCJ B 7 5.61 -0.04 -6.70
C1' TCJ B 7 5.49 1.19 -5.97
N1 TCJ B 7 5.58 0.92 -4.49
C6 TCJ B 7 6.02 -0.29 -3.98
C5 TCJ B 7 6.06 -0.51 -2.63
C7 TCJ B 7 6.54 -1.84 -2.06
C4 TCJ B 7 5.61 0.57 -1.76
N4 TCJ B 7 5.60 0.41 -0.43
N3 TCJ B 7 5.20 1.74 -2.28
C2 TCJ B 7 5.18 1.97 -3.63
O2 TCJ B 7 4.84 3.06 -4.09
C3' TCJ B 7 7.65 1.17 -7.03
C2' TCJ B 7 6.61 2.11 -6.44
C7' TCJ B 7 8.73 0.69 -6.02
C6' TCJ B 7 8.76 -0.83 -6.08
C8' TCJ B 7 9.07 -1.41 -7.43
O3' TCJ B 7 8.24 1.71 -8.22
H4' TCJ B 7 6.67 -0.11 -8.48
H1' TCJ B 7 4.53 1.65 -6.20
H6 TCJ B 7 6.36 -1.06 -4.65
H73 TCJ B 7 7.28 -2.27 -2.72
H71 TCJ B 7 5.69 -2.52 -1.96
H72 TCJ B 7 6.99 -1.68 -1.07
H41 TCJ B 7 5.28 1.17 0.16
H42 TCJ B 7 5.90 -0.46 -0.02
H2' TCJ B 7 7.03 2.68 -5.60
H2'' TCJ B 7 6.23 2.78 -7.20
H7' TCJ B 7 8.48 1.00 -5.01
H7'' TCJ B 7 9.71 1.07 -6.29
H6' TCJ B 7 9.00 -1.39 -5.19
H8' TCJ B 7 9.38 -0.73 -8.22
H8'' TCJ B 7 9.49 -2.42 -7.47
C8 F4Q B 8 8.66 3.65 -3.54
C2 F4Q B 8 7.75 5.92 0.15
C4 F4Q B 8 8.18 5.04 -1.92
C5 F4Q B 8 8.33 3.75 -1.44
C6 F4Q B 8 8.16 3.49 -0.04
P F4Q B 8 8.88 3.20 -8.30
O1P F4Q B 8 10.03 3.15 -9.23
O2P F4Q B 8 7.79 4.17 -8.54
O5' F4Q B 8 9.45 3.44 -6.82
C5' F4Q B 8 10.26 4.55 -6.53
C4' F4Q B 8 9.59 5.86 -6.18
O4' F4Q B 8 8.32 5.61 -5.56
C1' F4Q B 8 8.32 6.12 -4.22
N9 F4Q B 8 8.39 4.98 -3.27
N7 F4Q B 8 8.63 2.88 -2.48
O6 F4Q B 8 8.22 2.41 0.54
N1 F4Q B 8 7.87 4.65 0.69
N2 F4Q B 8 7.48 6.92 0.98
N3 F4Q B 8 7.88 6.17 -1.18
C3' F4Q B 8 10.49 6.61 -5.20
C2' F4Q B 8 9.53 7.04 -4.08
C7' F4Q B 8 11.57 5.58 -4.75
C6' F4Q B 8 11.46 4.37 -5.65
C8' F4Q B 8 11.63 4.61 -7.11
O3' F4Q B 8 11.07 7.72 -5.86
H8 F4Q B 8 8.87 3.29 -4.52
H4' F4Q B 8 9.44 6.45 -7.08
H1' F4Q B 8 7.41 6.69 -4.04
H1 F4Q B 8 7.76 4.54 1.69
H22 F4Q B 8 7.38 7.86 0.63
H21 F4Q B 8 7.39 6.74 1.98
H2' F4Q B 8 10.00 6.93 -3.09
H2'' F4Q B 8 9.22 8.07 -4.23
H7' F4Q B 8 11.42 5.28 -3.70
H7'' F4Q B 8 12.57 6.02 -4.86
H6' F4Q B 8 11.68 3.38 -5.23
H8' F4Q B 8 11.98 5.60 -7.43
H8'' F4Q B 8 11.94 3.78 -7.73
O1P TCY B 9 12.99 9.35 -5.95
P TCY B 9 11.85 8.91 -5.10
O2P TCY B 9 10.86 9.91 -4.65
C8' TCY B 9 14.60 9.35 -3.19
O5' TCY B 9 12.47 8.20 -3.79
C5' TCY B 9 13.19 8.94 -2.85
C6' TCY B 9 14.36 8.30 -2.13
C4' TCY B 9 12.44 9.80 -1.86
C3' TCY B 9 13.24 9.88 -0.58
C7' TCY B 9 14.35 8.79 -0.70
O3' TCY B 9 13.82 11.19 -0.46
C2' TCY B 9 12.22 9.62 0.52
C1' TCY B 9 11.09 8.88 -0.19
O4' TCY B 9 11.17 9.20 -1.57
N9 TCY B 9 11.22 7.40 -0.04
C4 TCY B 9 10.95 6.67 1.10
N3 TCY B 9 10.53 7.16 2.30
C2 TCY B 9 10.38 6.17 3.19
N1 TCY B 9 10.57 4.85 3.03
C6 TCY B 9 10.95 4.39 1.80
N6 TCY B 9 11.07 3.07 1.61
C5 TCY B 9 11.20 5.36 0.77
N7 TCY B 9 11.61 5.25 -0.54
C8 TCY B 9 11.62 6.47 -0.97
H8' TCY B 9 14.91 10.35 -2.85
H8'A TCY B 9 14.98 9.03 -4.15
H6' TCY B 9 14.61 7.27 -2.35
H4' TCY B 9 12.28 10.80 -2.28
H7' TCY B 9 14.14 7.94 -0.04
H7'A TCY B 9 15.32 9.21 -0.46
H2' TCY B 9 12.64 9.01 1.33
H2'A TCY B 9 11.86 10.55 0.92
H1' TCY B 9 10.13 9.20 0.22
H2 TCY B 9 10.08 6.48 4.18
HN6 TCY B 9 10.89 2.43 2.36
HN6A TCY B 9 11.34 2.72 0.70
H8 TCY B 9 11.92 6.74 -1.98
C8 F4Q B 10 14.23 7.40 2.83
C2 F4Q B 10 13.11 4.67 6.11
C4 F4Q B 10 13.60 6.31 4.63
C5 F4Q B 10 13.94 5.44 3.61
C6 F4Q B 10 13.85 4.03 3.83
P F4Q B 10 14.51 11.76 0.89
O1P F4Q B 10 15.69 12.56 0.50
O2P F4Q B 10 13.44 12.37 1.71
O5' F4Q B 10 15.03 10.45 1.65
C5' F4Q B 10 15.68 10.54 2.89
C4' F4Q B 10 14.84 10.64 4.15
O4' F4Q B 10 13.61 9.93 3.96
C1' F4Q B 10 13.52 8.84 4.87
N9 F4Q B 10 13.78 7.58 4.13
N7 F4Q B 10 14.35 6.15 2.49
O6 F4Q B 10 14.09 3.12 3.04
N1 F4Q B 10 13.43 3.72 5.14
N2 F4Q B 10 12.75 4.20 7.31
N3 F4Q B 10 13.16 5.99 5.88
C3' F4Q B 10 15.60 9.97 5.28
C2' F4Q B 10 14.58 9.04 5.94
C7' F4Q B 10 16.79 9.21 4.63
C6' F4Q B 10 16.87 9.67 3.18
C8' F4Q B 10 17.06 11.14 2.94
O3' F4Q B 10 16.08 10.93 6.21
H8 F4Q B 10 14.48 8.22 2.19
H4' F4Q B 10 14.63 11.68 4.39
H1' F4Q B 10 12.54 8.80 5.31
H1 F4Q B 10 13.37 2.74 5.37
H22 F4Q B 10 12.51 4.84 8.04
H21 F4Q B 10 12.71 3.20 7.47
H2' F4Q B 10 15.03 8.09 6.25
H2'' F4Q B 10 14.13 9.54 6.81
H7' F4Q B 10 16.63 8.13 4.64
H7'' F4Q B 10 17.72 9.45 5.14
H6' F4Q B 10 17.21 8.97 2.41
H8' F4Q B 10 17.28 11.77 3.81
H8'' F4Q B 10 17.49 11.46 2.00
H4 F4Q B 10 15.32 11.33 6.66
O5' F7H A 1 12.69 -5.24 8.63
C5' F7H A 1 11.72 -4.51 9.34
C4' F7H A 1 12.14 -3.24 10.07
O4' F7H A 1 13.20 -2.59 9.34
C1' F7H A 1 12.87 -1.21 9.13
N1 F7H A 1 12.82 -0.91 7.65
C6 F7H A 1 12.75 -1.93 6.70
C5 F7H A 1 12.71 -1.63 5.37
C7 F7H A 1 12.63 -2.72 4.31
C4 F7H A 1 12.74 -0.23 4.99
N4 F7H A 1 12.70 0.12 3.70
N3 F7H A 1 12.80 0.74 5.93
C2 F7H A 1 12.84 0.44 7.27
O2 F7H A 1 12.88 1.34 8.11
C3' F7H A 1 10.94 -2.30 10.10
C2' F7H A 1 11.52 -0.93 9.79
C7' F7H A 1 9.96 -2.83 9.02
C6' F7H A 1 10.39 -4.25 8.69
C8' F7H A 1 10.48 -5.20 9.84
O3' F7H A 1 10.35 -2.36 11.39
HO5' F7H A 1 13.53 -4.75 8.65
H4' F7H A 1 12.47 -3.48 11.08
H1' F7H A 1 13.64 -0.59 9.60
H6 F7H A 1 12.72 -2.95 7.02
H71 F7H A 1 12.44 -3.69 4.78
H72 F7H A 1 13.57 -2.76 3.76
H73 F7H A 1 11.82 -2.51 3.62
H41 F7H A 1 12.74 1.10 3.44
H42 F7H A 1 12.65 -0.59 2.98
H2' F7H A 1 10.86 -0.35 9.14
H2'' F7H A 1 11.69 -0.37 10.72
H7' F7H A 1 10.01 -2.22 8.12
H7'' F7H A 1 8.94 -2.84 9.40
H6' F7H A 1 10.19 -4.64 7.69
H8' F7H A 1 10.11 -4.87 10.81
H8'' F7H A 1 10.41 -6.26 9.63
C7 EAN A 2 8.94 -0.81 5.80
C6 EAN A 2 9.08 1.14 7.37
C5 EAN A 2 9.13 0.67 6.10
C4 EAN A 2 9.37 1.59 4.98
C2 EAN A 2 9.50 3.42 6.66
P EAN A 2 9.24 -1.29 11.91
O1P EAN A 2 9.95 -0.19 12.60
O2P EAN A 2 8.19 -2.05 12.63
O5' EAN A 2 8.58 -0.71 10.56
C5' EAN A 2 7.66 0.33 10.64
C4' EAN A 2 8.17 1.76 10.77
O4' EAN A 2 9.37 1.92 10.01
C1' EAN A 2 9.23 3.01 9.08
N1 EAN A 2 9.27 2.49 7.68
O4 EAN A 2 9.43 1.27 3.80
N3 EAN A 2 9.54 2.92 5.35
O2 EAN A 2 9.67 4.62 6.87
C3' EAN A 2 7.11 2.69 10.21
C2' EAN A 2 7.89 3.69 9.37
C7' EAN A 2 6.16 1.80 9.36
C6' EAN A 2 6.43 0.35 9.76
C8' EAN A 2 6.30 0.03 11.21
O3' EAN A 2 6.43 3.31 11.29
H73 EAN A 2 8.45 -0.93 4.84
H71 EAN A 2 8.31 -1.26 6.58
H72 EAN A 2 9.90 -1.30 5.78
H6 EAN A 2 8.91 0.44 8.18
H4' EAN A 2 8.36 2.00 11.82
H1' EAN A 2 10.04 3.71 9.23
H3 EAN A 2 9.72 3.59 4.60
H2' EAN A 2 7.37 3.96 8.45
H2'' EAN A 2 8.07 4.60 9.95
H7' EAN A 2 6.35 1.92 8.30
H7'' EAN A 2 5.11 2.04 9.59
H6' EAN A 2 6.30 -0.44 9.02
H8' EAN A 2 5.87 0.80 11.87
H8'' EAN A 2 6.11 -1.00 11.50
P TCJ A 3 5.37 4.52 11.10
O1P TCJ A 3 6.05 5.78 11.46
O2P TCJ A 3 4.12 4.14 11.81
O5' TCJ A 3 5.07 4.54 9.51
C5' TCJ A 3 4.31 5.60 8.95
C4' TCJ A 3 5.04 6.80 8.37
O4' TCJ A 3 6.30 6.38 7.82
C1' TCJ A 3 6.38 6.75 6.43
N1 TCJ A 3 6.36 5.52 5.57
C6 TCJ A 3 5.89 4.30 6.03
C5 TCJ A 3 5.87 3.20 5.22
C7 TCJ A 3 5.37 1.86 5.71
C4 TCJ A 3 6.39 3.36 3.88
N4 TCJ A 3 6.40 2.32 3.02
N3 TCJ A 3 6.84 4.55 3.43
C2 TCJ A 3 6.85 5.65 4.25
O2 TCJ A 3 7.27 6.74 3.84
C3' TCJ A 3 4.19 7.38 7.26
C2' TCJ A 3 5.17 7.65 6.12
C7' TCJ A 3 3.13 6.29 6.92
C6' TCJ A 3 3.16 5.28 8.06
C8' TCJ A 3 2.91 5.83 9.44
O3' TCJ A 3 3.56 8.58 7.70
H4' TCJ A 3 5.22 7.55 9.15
H1' TCJ A 3 7.30 7.31 6.26
H6 TCJ A 3 5.52 4.22 7.04
H73 TCJ A 3 6.21 1.23 5.99
H71 TCJ A 3 4.80 1.37 4.91
H72 TCJ A 3 4.71 2.01 6.58
H41 TCJ A 3 6.76 2.43 2.09
H42 TCJ A 3 6.06 1.42 3.34
H2' TCJ A 3 4.75 7.42 5.16
H2'' TCJ A 3 5.49 8.69 6.14
H7' TCJ A 3 3.37 5.78 5.99
H7'' TCJ A 3 2.13 6.72 6.87
H6' TCJ A 3 2.92 4.24 7.85
H8' TCJ A 3 2.59 6.87 9.53
H8'' TCJ A 3 2.54 5.15 10.19
C8 F4Q A 4 3.32 6.42 3.01
C2 F4Q A 4 4.49 5.44 -1.12
C4 F4Q A 4 3.93 6.25 0.92
C5 F4Q A 4 3.79 5.01 1.50
C6 F4Q A 4 4.06 3.83 0.71
P F4Q A 4 2.71 9.55 6.70
O1P F4Q A 4 3.59 10.66 6.26
O2P F4Q A 4 1.42 9.86 7.37
O5' F4Q A 4 2.40 8.62 5.42
C5' F4Q A 4 1.55 9.04 4.38
C4' F4Q A 4 2.18 9.75 3.18
O4' F4Q A 4 3.51 9.27 3.00
C1' F4Q A 4 3.63 8.63 1.72
N9 F4Q A 4 3.62 7.17 1.89
N7 F4Q A 4 3.42 5.13 2.83
O6 F4Q A 4 4.02 2.66 1.07
N1 F4Q A 4 4.38 4.14 -0.61
N2 F4Q A 4 4.81 5.56 -2.41
N3 F4Q A 4 4.29 6.54 -0.36
C3' F4Q A 4 1.37 9.40 1.94
C2' F4Q A 4 2.42 9.06 0.90
C7' F4Q A 4 0.47 8.20 2.35
C6' F4Q A 4 0.52 8.08 3.86
C8' F4Q A 4 0.10 9.29 4.64
O3' F4Q A 4 0.57 10.52 1.54
H8 F4Q A 4 3.04 6.86 3.95
H4' F4Q A 4 2.18 10.82 3.35
H1' F4Q A 4 4.55 8.95 1.22
H1 F4Q A 4 4.56 3.38 -1.24
H22 F4Q A 4 4.90 6.47 -2.83
H21 F4Q A 4 4.97 4.73 -2.98
H2' F4Q A 4 2.08 8.26 0.23
H2'' F4Q A 4 2.67 9.94 0.31
H7' F4Q A 4 0.84 7.28 1.91
H7'' F4Q A 4 -0.56 8.37 2.04
H6' F4Q A 4 0.43 7.10 4.32
H8' F4Q A 4 -0.36 10.12 4.10
H8'' F4Q A 4 -0.24 9.14 5.67
C8 F4Q A 5 0.83 5.71 -0.68
C2 F4Q A 5 1.91 2.41 -3.40
C4 F4Q A 5 1.44 4.31 -2.25
C5 F4Q A 5 1.09 3.64 -1.09
C6 F4Q A 5 1.17 2.20 -1.04
P F4Q A 5 -0.15 10.61 0.08
O1P F4Q A 5 0.84 11.18 -0.88
O2P F4Q A 5 -1.46 11.28 0.25
O5' F4Q A 5 -0.40 9.07 -0.33
C5' F4Q A 5 -0.91 8.75 -1.61
C4' F4Q A 5 0.06 8.57 -2.76
O4' F4Q A 5 1.28 8.00 -2.28
C1' F4Q A 5 1.53 6.75 -2.94
N9 F4Q A 5 1.27 5.65 -1.98
N7 F4Q A 5 0.71 4.55 -0.10
O6 F4Q A 5 0.94 1.46 -0.10
N1 F4Q A 5 1.59 1.65 -2.27
N2 F4Q A 5 2.26 1.73 -4.50
N3 F4Q A 5 1.87 3.75 -3.42
C3' F4Q A 5 -0.56 7.61 -3.77
C2' F4Q A 5 0.57 6.66 -4.12
C7' F4Q A 5 -1.73 6.92 -3.02
C6' F4Q A 5 -1.99 7.72 -1.76
C8' F4Q A 5 -2.31 9.18 -1.95
O3' F4Q A 5 -1.03 8.34 -4.90
H8 F4Q A 5 0.60 6.64 -0.19
H4' F4Q A 5 0.26 9.54 -3.24
H1' F4Q A 5 2.56 6.70 -3.28
H1 F4Q A 5 1.64 0.66 -2.34
H22 F4Q A 5 2.51 2.22 -5.34
H21 F4Q A 5 2.30 0.71 -4.48
H2' F4Q A 5 0.21 5.63 -4.28
H2'' F4Q A 5 1.10 7.00 -5.02
H7' F4Q A 5 -1.47 5.90 -2.74
H7'' F4Q A 5 -2.64 6.92 -3.63
H6' F4Q A 5 -2.37 7.21 -0.86
H8' F4Q A 5 -2.47 9.52 -2.97
H8'' F4Q A 5 -2.87 9.69 -1.17
P TCJ A 6 -1.44 7.66 -6.32
O1P TCJ A 6 -0.20 7.36 -7.07
O2P TCJ A 6 -2.48 8.50 -6.95
O5' TCJ A 6 -2.11 6.26 -5.91
C5' TCJ A 6 -2.57 5.40 -6.93
C4' TCJ A 6 -1.57 4.52 -7.65
O4' TCJ A 6 -0.56 4.08 -6.75
C1' TCJ A 6 -0.52 2.64 -6.71
N1 TCJ A 6 -1.00 2.16 -5.36
C6 TCJ A 6 -1.67 3.00 -4.47
C5 TCJ A 6 -2.09 2.55 -3.25
C7 TCJ A 6 -2.81 3.45 -2.26
C4 TCJ A 6 -1.81 1.16 -2.92
N4 TCJ A 6 -2.19 0.65 -1.74
N3 TCJ A 6 -1.17 0.35 -3.80
C2 TCJ A 6 -0.76 0.82 -5.03
O2 TCJ A 6 -0.18 0.07 -5.82
C3' TCJ A 6 -2.31 3.30 -8.17
C2' TCJ A 6 -1.42 2.13 -7.83
C7' TCJ A 6 -3.69 3.28 -7.42
C6' TCJ A 6 -3.85 4.63 -6.76
C8' TCJ A 6 -3.81 5.81 -7.67
O3' TCJ A 6 -2.49 3.45 -9.58
H4' TCJ A 6 -1.12 5.07 -8.48
H1' TCJ A 6 0.51 2.30 -6.86
H6 TCJ A 6 -1.86 4.02 -4.74
H73 TCJ A 6 -3.62 2.89 -1.79
H71 TCJ A 6 -3.24 4.31 -2.79
H72 TCJ A 6 -2.11 3.80 -1.51
H41 TCJ A 6 -1.98 -0.31 -1.52
H42 TCJ A 6 -2.67 1.24 -1.08
H2' TCJ A 6 -1.99 1.26 -7.51
H2'' TCJ A 6 -0.79 1.86 -8.69
H7' TCJ A 6 -3.71 2.49 -6.66
H7'' TCJ A 6 -4.50 3.12 -8.13
H6' TCJ A 6 -4.40 4.69 -5.81
H8' TCJ A 6 -3.81 5.63 -8.74
H8'' TCJ A 6 -4.30 6.72 -7.34
C7 EAN A 7 -5.24 1.27 -4.70
C6 EAN A 7 -4.05 -0.49 -6.04
C5 EAN A 7 -4.62 -0.11 -4.85
C4 EAN A 7 -4.65 -1.03 -3.71
C2 EAN A 7 -3.48 -2.69 -5.15
P EAN A 7 -3.11 2.30 -10.53
O1P EAN A 7 -2.00 1.65 -11.25
O2P EAN A 7 -4.22 2.93 -11.29
O5' EAN A 7 -3.73 1.24 -9.49
C5' EAN A 7 -4.17 -0.02 -9.93
C4' EAN A 7 -3.32 -1.24 -9.60
O4' EAN A 7 -2.66 -1.04 -8.35
C1' EAN A 7 -2.85 -2.18 -7.49
N1 EAN A 7 -3.48 -1.75 -6.21
O4 EAN A 7 -5.14 -0.80 -2.61
N3 EAN A 7 -4.06 -2.28 -3.96
O2 EAN A 7 -2.98 -3.81 -5.27
C3' EAN A 7 -4.25 -2.44 -9.48
C2' EAN A 7 -3.76 -3.18 -8.23
C7' EAN A 7 -5.67 -1.84 -9.33
C6' EAN A 7 -5.61 -0.39 -9.74
C8' EAN A 7 -5.09 -0.13 -11.13
O3' EAN A 7 -4.15 -3.25 -10.65
H73 EAN A 7 -5.97 1.26 -3.91
H71 EAN A 7 -5.72 1.56 -5.64
H72 EAN A 7 -4.45 1.99 -4.46
H6 EAN A 7 -4.05 0.20 -6.86
H4' EAN A 7 -2.58 -1.41 -10.39
H1' EAN A 7 -1.89 -2.65 -7.29
H3 EAN A 7 -4.06 -2.94 -3.19
H2' EAN A 7 -4.59 -3.50 -7.61
H2'' EAN A 7 -3.16 -4.03 -8.52
H7' EAN A 7 -6.02 -1.89 -8.29
H7'' EAN A 7 -6.39 -2.36 -9.98
H6' EAN A 7 -6.29 0.33 -9.29
H8' EAN A 7 -4.91 -0.98 -11.79
H8'' EAN A 7 -5.37 0.80 -11.61
C7 EAN A 8 -7.63 -2.10 -5.97
C6 EAN A 8 -6.82 -4.47 -6.05
C5 EAN A 8 -7.26 -3.41 -5.30
C4 EAN A 8 -7.38 -3.53 -3.85
C2 EAN A 8 -6.56 -5.86 -4.08
P EAN A 8 -4.82 -4.73 -10.74
O1P EAN A 8 -3.81 -5.71 -10.30
O2P EAN A 8 -5.46 -4.87 -12.06
O5' EAN A 8 -5.98 -4.66 -9.62
C5' EAN A 8 -6.86 -5.72 -9.43
C4' EAN A 8 -6.40 -6.90 -8.60
O4' EAN A 8 -5.53 -6.43 -7.56
C1' EAN A 8 -6.01 -6.85 -6.28
N1 EAN A 8 -6.47 -5.68 -5.47
O4 EAN A 8 -7.78 -2.65 -3.10
N3 EAN A 8 -7.01 -4.77 -3.34
O2 EAN A 8 -6.26 -6.92 -3.53
C3' EAN A 8 -7.62 -7.53 -7.95
C2' EAN A 8 -7.17 -7.82 -6.52
C7' EAN A 8 -8.74 -6.46 -8.06
C6' EAN A 8 -8.28 -5.42 -9.07
C8' EAN A 8 -7.95 -5.95 -10.44
O3' EAN A 8 -7.98 -8.72 -8.65
H73 EAN A 8 -6.76 -1.43 -5.96
H71 EAN A 8 -8.44 -1.63 -5.41
H72 EAN A 8 -7.94 -2.27 -6.99
H6 EAN A 8 -6.73 -4.35 -7.13
H4' EAN A 8 -5.88 -7.62 -9.22
H1' EAN A 8 -5.21 -7.38 -5.75
H3 EAN A 8 -7.08 -4.89 -2.34
H2' EAN A 8 -7.98 -7.66 -5.81
H2'' EAN A 8 -6.80 -8.84 -6.45
H7' EAN A 8 -8.90 -5.97 -7.10
H7'' EAN A 8 -9.67 -6.90 -8.41
H6' EAN A 8 -8.59 -4.39 -8.96
H8' EAN A 8 -8.19 -6.99 -10.66
H8'' EAN A 8 -7.99 -5.26 -11.28
O1P TCY A 9 -8.34 -10.72 -7.15
P TCY A 9 -9.06 -9.78 -8.04
O2P TCY A 9 -9.88 -10.29 -9.16
C8' TCY A 9 -12.37 -9.56 -7.36
O5' TCY A 9 -9.98 -8.84 -7.12
C5' TCY A 9 -11.15 -9.31 -6.52
C6' TCY A 9 -12.34 -8.39 -6.43
C4' TCY A 9 -11.02 -10.05 -5.21
C3' TCY A 9 -12.30 -9.82 -4.41
C7' TCY A 9 -12.97 -8.58 -5.06
O3' TCY A 9 -13.12 -10.99 -4.50
C2' TCY A 9 -11.79 -9.57 -3.00
C1' TCY A 9 -10.39 -9.03 -3.20
O4' TCY A 9 -9.93 -9.51 -4.46
N9 TCY A 9 -10.39 -7.54 -3.21
C4 TCY A 9 -10.58 -6.73 -2.12
N3 TCY A 9 -10.82 -7.14 -0.83
C2 TCY A 9 -10.98 -6.09 -0.01
N1 TCY A 9 -10.92 -4.78 -0.31
C6 TCY A 9 -10.68 -4.41 -1.60
N6 TCY A 9 -10.61 -3.10 -1.90
C5 TCY A 9 -10.51 -5.43 -2.58
N7 TCY A 9 -10.26 -5.42 -3.94
C8 TCY A 9 -10.20 -6.68 -4.27
H8' TCY A 9 -12.98 -10.43 -7.08
H8'A TCY A 9 -12.28 -9.37 -8.43
H6' TCY A 9 -12.26 -7.38 -6.83
H4' TCY A 9 -10.87 -11.11 -5.39
H7' TCY A 9 -12.80 -7.69 -4.45
H7'A TCY A 9 -14.03 -8.74 -5.19
H2' TCY A 9 -12.42 -8.85 -2.47
H2'A TCY A 9 -11.74 -10.50 -2.44
H1' TCY A 9 -9.73 -9.40 -2.41
H2 TCY A 9 -11.19 -6.33 1.02
HN6 TCY A 9 -10.74 -2.42 -1.16
HN6A TCY A 9 -10.42 -2.82 -2.84
H8 TCY A 9 -10.03 -7.02 -5.28
P TCJ A 10 -14.41 -11.28 -3.54
O1P TCJ A 10 -13.95 -11.39 -2.13
O2P TCJ A 10 -15.17 -12.41 -4.13
O5' TCJ A 10 -15.32 -9.97 -3.66
C5' TCJ A 10 -16.26 -9.66 -2.66
C4' TCJ A 10 -15.76 -9.15 -1.31
O4' TCJ A 10 -14.63 -8.30 -1.50
C1' TCJ A 10 -14.72 -7.16 -0.63
N1 TCJ A 10 -14.42 -5.89 -1.37
C6 TCJ A 10 -14.35 -5.84 -2.76
C5 TCJ A 10 -14.07 -4.68 -3.42
C7 TCJ A 10 -13.97 -4.61 -4.93
C4 TCJ A 10 -13.86 -3.49 -2.60
N4 TCJ A 10 -13.60 -2.31 -3.18
N3 TCJ A 10 -13.94 -3.55 -1.25
C2 TCJ A 10 -14.20 -4.73 -0.60
O2 TCJ A 10 -14.26 -4.77 0.62
C3' TCJ A 10 -16.87 -8.31 -0.69
C2' TCJ A 10 -16.14 -7.13 -0.05
C7' TCJ A 10 -17.80 -7.91 -1.87
C6' TCJ A 10 -17.50 -8.89 -3.01
C8' TCJ A 10 -17.59 -10.35 -2.68
O3' TCJ A 10 -17.58 -9.06 0.27
H4' TCJ A 10 -15.50 -9.98 -0.66
H1' TCJ A 10 -14.00 -7.28 0.19
H6 TCJ A 10 -14.52 -6.74 -3.33
H73 TCJ A 10 -14.40 -3.67 -5.29
H71 TCJ A 10 -14.53 -5.44 -5.37
H72 TCJ A 10 -12.93 -4.66 -5.23
H41 TCJ A 10 -13.46 -1.49 -2.60
H42 TCJ A 10 -13.53 -2.24 -4.18
H2' TCJ A 10 -16.64 -6.18 -0.28
H2'' TCJ A 10 -16.10 -7.26 1.03
H7' TCJ A 10 -17.58 -6.90 -2.21
H7'' TCJ A 10 -18.85 -7.99 -1.57
H6' TCJ A 10 -17.66 -8.57 -4.04
H8' TCJ A 10 -18.00 -10.64 -1.72
H8'' TCJ A 10 -17.75 -11.06 -3.50
H3T TCJ A 10 -18.43 -9.28 -0.08
C8 F7K B 1 -14.40 3.20 1.50
C2 F7K B 1 -14.75 -1.21 1.59
C4 F7K B 1 -14.70 1.05 1.84
C5 F7K B 1 -14.12 1.28 0.60
C6 F7K B 1 -13.80 0.17 -0.25
O5' F7K B 1 -14.37 6.28 3.09
C5' F7K B 1 -13.79 5.50 4.12
C4' F7K B 1 -14.67 4.47 4.82
O4' F7K B 1 -15.64 3.96 3.91
C1' F7K B 1 -15.48 2.54 3.75
N9 F7K B 1 -14.88 2.29 2.42
N7 F7K B 1 -13.93 2.65 0.41
O6 F7K B 1 -13.28 0.19 -1.36
N1 F7K B 1 -14.15 -1.06 0.33
N2 F7K B 1 -15.01 -2.46 1.98
N3 F7K B 1 -15.04 -0.16 2.38
C3' F7K B 1 -13.78 3.31 5.27
C2' F7K B 1 -14.54 2.06 4.86
C7' F7K B 1 -12.43 3.49 4.52
C6' F7K B 1 -12.43 4.90 3.92
C8' F7K B 1 -12.61 6.03 4.89
O3' F7K B 1 -13.59 3.40 6.68
H8 F7K B 1 -14.40 4.25 1.66
HO5' F7K B 1 -15.02 6.87 3.47
H4' F7K B 1 -15.16 4.92 5.67
H1' F7K B 1 -16.44 2.04 3.83
H1 F7K B 1 -13.97 -1.89 -0.21
H21 F7K B 1 -14.80 -3.23 1.38
H22 F7K B 1 -15.45 -2.61 2.88
H2'' F7K B 1 -15.14 1.69 5.69
H2' F7K B 1 -13.87 1.27 4.50
H7'' F7K B 1 -11.59 3.39 5.21
H7' F7K B 1 -12.34 2.77 3.70
H6' F7K B 1 -11.89 5.08 3.00
H8'' F7K B 1 -12.26 7.02 4.61
H8' F7K B 1 -12.59 5.80 5.95
C7 EAN B 2 -10.71 0.94 2.24
C6 EAN B 2 -11.60 -0.80 3.79
C5 EAN B 2 -11.10 -0.48 2.55
C4 EAN B 2 -10.94 -1.52 1.53
C2 EAN B 2 -11.84 -3.16 3.17
P EAN B 2 -13.00 2.18 7.58
O1P EAN B 2 -12.12 2.76 8.62
O2P EAN B 2 -14.14 1.31 7.97
O5' EAN B 2 -12.08 1.36 6.55
C5' EAN B 2 -11.26 0.32 7.04
C4' EAN B 2 -11.88 -1.06 7.24
O4' EAN B 2 -12.84 -1.31 6.21
C1' EAN B 2 -12.48 -2.48 5.47
N1 EAN B 2 -11.97 -2.11 4.11
O4 EAN B 2 -10.48 -1.33 0.40
N3 EAN B 2 -11.33 -2.80 1.92
O2 EAN B 2 -12.15 -4.32 3.42
C3' EAN B 2 -10.78 -2.09 7.12
C2' EAN B 2 -11.39 -3.19 6.28
C7' EAN B 2 -9.59 -1.36 6.44
C6' EAN B 2 -9.88 0.13 6.51
C8' EAN B 2 -10.08 0.68 7.88
O3' EAN B 2 -10.43 -2.56 8.42
H73 EAN B 2 -10.44 1.47 3.15
H71 EAN B 2 -11.56 1.45 1.77
H72 EAN B 2 -9.87 0.94 1.55
H6 EAN B 2 -11.72 -0.03 4.52
H4' EAN B 2 -12.37 -1.12 8.22
H1' EAN B 2 -13.35 -3.13 5.37
H3 EAN B 2 -11.24 -3.53 1.24
H2' EAN B 2 -10.66 -3.66 5.62
H2'' EAN B 2 -11.85 -3.95 6.91
H7' EAN B 2 -9.50 -1.66 5.40
H7'' EAN B 2 -8.66 -1.57 6.96
H6' EAN B 2 -9.51 0.78 5.71
H8' EAN B 2 -9.87 0.03 8.73
H8'' EAN B 2 -9.90 1.74 8.04
O1P TCY B 3 -8.55 -3.54 9.77
P TCY B 3 -9.47 -3.85 8.66
O2P TCY B 3 -10.33 -5.05 8.73
C8' TCY B 3 -6.37 -4.79 8.03
O5' TCY B 3 -8.62 -3.94 7.30
C5' TCY B 3 -7.60 -4.89 7.16
C6' TCY B 3 -6.27 -4.49 6.56
C4' TCY B 3 -7.96 -6.26 6.62
C3' TCY B 3 -6.75 -6.83 5.89
C7' TCY B 3 -5.77 -5.63 5.70
O3' TCY B 3 -6.16 -7.86 6.68
C2' TCY B 3 -7.32 -7.35 4.58
C1' TCY B 3 -8.61 -6.58 4.39
O4' TCY B 3 -9.04 -6.13 5.68
N9 TCY B 3 -8.40 -5.39 3.53
C4 TCY B 3 -8.13 -5.42 2.18
N3 TCY B 3 -8.01 -6.53 1.39
C2 TCY B 3 -7.72 -6.20 0.12
N1 TCY B 3 -7.58 -4.97 -0.40
C6 TCY B 3 -7.74 -3.88 0.40
N6 TCY B 3 -7.66 -2.66 -0.14
C5 TCY B 3 -8.01 -4.10 1.78
N7 TCY B 3 -8.19 -3.25 2.86
C8 TCY B 3 -8.42 -4.06 3.85
H8' TCY B 3 -5.96 -5.72 8.39
H8'A TCY B 3 -6.34 -3.94 8.72
H6' TCY B 3 -6.13 -3.47 6.23
H4' TCY B 3 -8.26 -6.92 7.44
H7' TCY B 3 -5.75 -5.30 4.66
H7'A TCY B 3 -4.77 -5.90 6.02
H2' TCY B 3 -6.64 -7.21 3.74
H2'A TCY B 3 -7.55 -8.42 4.67
H1' TCY B 3 -9.38 -7.23 3.95
H2 TCY B 3 -7.58 -7.02 -0.55
HN6 TCY B 3 -7.47 -2.55 -1.13
HN6A TCY B 3 -7.78 -1.84 0.44
H8 TCY B 3 -8.59 -3.71 4.86
O1P TCY B 4 -4.11 -9.21 7.20
P TCY B 4 -5.05 -8.89 6.10
O2P TCY B 4 -5.75 -9.98 5.41
C8' TCY B 4 -1.89 -8.70 5.13
O5' TCY B 4 -4.29 -8.01 5.01
C5' TCY B 4 -3.17 -8.52 4.35
C6' TCY B 4 -1.99 -7.62 4.10
C4' TCY B 4 -3.38 -9.40 3.14
C3' TCY B 4 -2.18 -9.22 2.22
C7' TCY B 4 -1.42 -7.96 2.73
O3' TCY B 4 -1.37 -10.39 2.29
C2' TCY B 4 -2.81 -9.03 0.84
C1' TCY B 4 -4.22 -8.55 1.13
O4' TCY B 4 -4.56 -8.98 2.44
N9 TCY B 4 -4.28 -7.06 1.09
C4 TCY B 4 -4.18 -6.27 -0.03
N3 TCY B 4 -3.98 -6.70 -1.31
C2 TCY B 4 -3.90 -5.67 -2.16
N1 TCY B 4 -4.01 -4.36 -1.89
C6 TCY B 4 -4.21 -3.97 -0.60
N6 TCY B 4 -4.33 -2.66 -0.34
C5 TCY B 4 -4.29 -4.97 0.40
N7 TCY B 4 -4.48 -4.93 1.77
C8 TCY B 4 -4.47 -6.18 2.13
H8' TCY B 4 -1.31 -9.59 4.89
H8'A TCY B 4 -1.91 -8.41 6.18
H6' TCY B 4 -2.03 -6.58 4.41
H4' TCY B 4 -3.47 -10.44 3.45
H7' TCY B 4 -1.58 -7.11 2.07
H7'A TCY B 4 -0.36 -8.16 2.83
H2' TCY B 4 -2.24 -8.31 0.24
H2'A TCY B 4 -2.85 -9.98 0.31
H1' TCY B 4 -4.92 -8.97 0.40
H2 TCY B 4 -3.74 -5.92 -3.20
HN6 TCY B 4 -4.27 -1.98 -1.09
HN6A TCY B 4 -4.49 -2.35 0.61
H8 TCY B 4 -4.58 -6.50 3.16
C8 F4Q B 5 -0.48 -6.17 -0.54
C2 F4Q B 5 -0.47 -3.26 -3.84
C4 F4Q B 5 -0.42 -4.98 -2.37
C5 F4Q B 5 -0.66 -4.19 -1.27
C6 F4Q B 5 -0.83 -2.77 -1.45
P F4Q B 5 -0.19 -10.70 1.23
O1P F4Q B 5 0.92 -11.35 1.97
O2P F4Q B 5 -0.78 -11.38 0.06
O5' F4Q B 5 0.30 -9.24 0.78
C5' F4Q B 5 1.37 -9.10 -0.10
C4' F4Q B 5 1.11 -9.17 -1.59
O4' F4Q B 5 -0.19 -8.64 -1.88
C1' F4Q B 5 -0.07 -7.49 -2.71
N9 F4Q B 5 -0.31 -6.27 -1.90
N7 F4Q B 5 -0.69 -4.96 -0.11
O6 F4Q B 5 -1.07 -1.93 -0.58
N1 F4Q B 5 -0.71 -2.39 -2.79
N2 F4Q B 5 -0.36 -2.71 -5.06
N3 F4Q B 5 -0.33 -4.59 -3.68
C3' F4Q B 5 2.15 -8.32 -2.29
C2' F4Q B 5 1.35 -7.48 -3.29
C7' F4Q B 5 2.84 -7.47 -1.20
C6' F4Q B 5 2.42 -8.04 0.14
C8' F4Q B 5 2.75 -9.49 0.37
O3' F4Q B 5 3.08 -9.18 -2.94
H8 F4Q B 5 -0.43 -7.03 0.12
H4' F4Q B 5 1.16 -10.21 -1.93
H1' F4Q B 5 -0.80 -7.54 -3.53
H1 F4Q B 5 -0.80 -1.40 -2.99
H22 F4Q B 5 -0.19 -3.31 -5.86
H21 F4Q B 5 -0.47 -1.71 -5.18
H2' F4Q B 5 1.74 -6.47 -3.37
H2'' F4Q B 5 1.35 -7.97 -4.26
H7' F4Q B 5 2.52 -6.43 -1.24
H7'' F4Q B 5 3.93 -7.53 -1.28
H6' F4Q B 5 2.30 -7.37 1.00
H8' F4Q B 5 3.39 -9.98 -0.35
H8'' F4Q B 5 2.83 -9.84 1.40
P TCJ B 6 4.15 -8.69 -4.05
O1P TCJ B 6 5.39 -9.48 -3.86
O2P TCJ B 6 3.48 -8.68 -5.36
O5' TCJ B 6 4.45 -7.17 -3.62
C5' TCJ B 6 5.19 -6.35 -4.47
C4' TCJ B 6 4.47 -5.56 -5.54
O4' TCJ B 6 3.18 -5.15 -5.05
C1' TCJ B 6 3.03 -3.73 -5.17
N1 TCJ B 6 2.89 -3.11 -3.80
C6 TCJ B 6 3.14 -3.81 -2.63
C5 TCJ B 6 2.99 -3.23 -1.41
C7 TCJ B 6 3.25 -4.00 -0.12
C4 TCJ B 6 2.55 -1.85 -1.37
N4 TCJ B 6 2.35 -1.22 -0.21
N3 TCJ B 6 2.32 -1.17 -2.53
C2 TCJ B 6 2.49 -1.75 -3.76
O2 TCJ B 6 2.30 -1.11 -4.79
C3' TCJ B 6 5.29 -4.31 -5.85
C2' TCJ B 6 4.26 -3.19 -5.90
C7' TCJ B 6 6.31 -4.19 -4.68
C6' TCJ B 6 6.29 -5.50 -3.92
C8' TCJ B 6 6.63 -6.72 -4.73
O3' TCJ B 6 5.96 -4.50 -7.09
H4' TCJ B 6 4.34 -6.16 -6.44
H1' TCJ B 6 2.14 -3.51 -5.75
H6 TCJ B 6 3.47 -4.85 -2.69
H73 TCJ B 6 3.97 -4.81 -0.32
H71 TCJ B 6 2.32 -4.42 0.25
H72 TCJ B 6 3.68 -3.32 0.62
H41 TCJ B 6 2.05 -0.26 -0.20
H42 TCJ B 6 2.52 -1.72 0.65
H2' TCJ B 6 4.65 -2.28 -5.42
H2'' TCJ B 6 4.00 -2.97 -6.94
H7' TCJ B 6 6.02 -3.39 -4.00
H7'' TCJ B 6 7.31 -4.01 -5.05
H6' TCJ B 6 6.48 -5.50 -2.85
H8' TCJ B 6 6.99 -6.57 -5.75
H8'' TCJ B 6 7.01 -7.59 -4.20
P TCJ B 7 6.70 -3.28 -7.87
O1P TCJ B 7 7.95 -3.81 -8.45
O2P TCJ B 7 5.71 -2.61 -8.74
O5' TCJ B 7 7.09 -2.27 -6.68
C5' TCJ B 7 7.74 -1.07 -6.97
C4' TCJ B 7 6.90 0.11 -7.43
O4' TCJ B 7 5.65 0.09 -6.73
C1' TCJ B 7 5.45 1.32 -6.03
N1 TCJ B 7 5.52 1.09 -4.55
C6 TCJ B 7 5.99 -0.10 -3.99
C5 TCJ B 7 6.00 -0.29 -2.64
C7 TCJ B 7 6.51 -1.58 -2.03
C4 TCJ B 7 5.50 0.79 -1.81
N4 TCJ B 7 5.45 0.67 -0.47
N3 TCJ B 7 5.06 1.95 -2.36
C2 TCJ B 7 5.08 2.14 -3.71
O2 TCJ B 7 4.72 3.22 -4.20
C3' TCJ B 7 7.64 1.38 -7.05
C2' TCJ B 7 6.55 2.28 -6.48
C7' TCJ B 7 8.70 0.97 -6.01
C6' TCJ B 7 8.82 -0.55 -6.07
C8' TCJ B 7 9.18 -1.12 -7.40
O3' TCJ B 7 8.24 1.94 -8.22
H4' TCJ B 7 6.73 0.06 -8.50
H1' TCJ B 7 4.47 1.74 -6.29
H6 TCJ B 7 6.34 -0.88 -4.63
H73 TCJ B 7 5.69 -2.30 -1.94
H71 TCJ B 7 6.92 -1.38 -1.03
H72 TCJ B 7 7.30 -2.00 -2.65
H41 TCJ B 7 5.10 1.42 0.10
H42 TCJ B 7 5.78 -0.19 -0.03
H2' TCJ B 7 6.91 2.89 -5.66
H2'' TCJ B 7 6.16 2.93 -7.27
H7' TCJ B 7 8.40 1.27 -5.00
H7'' TCJ B 7 9.68 1.40 -6.25
H6' TCJ B 7 9.07 -1.11 -5.16
H8' TCJ B 7 9.47 -0.43 -8.19
H8'' TCJ B 7 9.63 -2.11 -7.43
C8 F4Q B 8 8.43 3.86 -3.56
C2 F4Q B 8 7.56 6.08 0.14
C4 F4Q B 8 7.95 5.23 -1.93
C5 F4Q B 8 8.12 3.93 -1.47
C6 F4Q B 8 7.96 3.65 -0.07
P F4Q B 8 8.85 3.44 -8.29
O1P F4Q B 8 10.04 3.41 -9.16
O2P F4Q B 8 7.74 4.37 -8.59
O5' F4Q B 8 9.32 3.70 -6.79
C5' F4Q B 8 10.09 4.83 -6.46
C4' F4Q B 8 9.39 6.13 -6.13
O4' F4Q B 8 8.10 5.84 -5.56
C1' F4Q B 8 8.04 6.33 -4.22
N9 F4Q B 8 8.14 5.18 -3.29
N7 F4Q B 8 8.43 3.09 -2.52
O6 F4Q B 8 8.04 2.57 0.50
N1 F4Q B 8 7.70 4.82 0.68
N2 F4Q B 8 7.32 7.09 1.00
N3 F4Q B 8 7.64 6.35 -1.19
C3' F4Q B 8 10.22 6.89 -5.11
C2' F4Q B 8 9.20 7.29 -4.03
C7' F4Q B 8 11.30 5.90 -4.61
C6' F4Q B 8 11.25 4.68 -5.51
C8' F4Q B 8 11.51 4.92 -6.96
O3' F4Q B 8 10.80 8.03 -5.74
H8 F4Q B 8 8.65 3.51 -4.55
H4' F4Q B 8 9.26 6.72 -7.04
H1' F4Q B 8 7.09 6.85 -4.06
H1 F4Q B 8 7.62 4.71 1.68
H22 F4Q B 8 7.21 8.03 0.66
H21 F4Q B 8 7.26 6.90 1.99
H2' F4Q B 8 9.64 7.22 -3.03
H2'' F4Q B 8 8.86 8.31 -4.20
H7' F4Q B 8 11.11 5.59 -3.58
H7'' F4Q B 8 12.30 6.35 -4.68
H6' F4Q B 8 11.47 3.69 -5.08
H8' F4Q B 8 11.85 5.91 -7.27
H8'' F4Q B 8 11.85 4.09 -7.56
O1P TCY B 9 12.68 9.70 -5.70
P TCY B 9 11.50 9.24 -4.92
O2P TCY B 9 10.46 10.20 -4.52
C8' TCY B 9 14.18 9.69 -3.03
O5' TCY B 9 12.05 8.51 -3.59
C5' TCY B 9 12.81 9.21 -2.65
C6' TCY B 9 14.02 8.58 -2.06
C4' TCY B 9 12.09 9.99 -1.56
C3' TCY B 9 12.98 10.02 -0.32
C7' TCY B 9 14.09 8.95 -0.60
O3' TCY B 9 13.53 11.32 -0.17
C2' TCY B 9 12.04 9.64 0.82
C1' TCY B 9 10.85 8.96 0.15
O4' TCY B 9 10.86 9.33 -1.23
N9 TCY B 9 10.96 7.48 0.24
C4 TCY B 9 10.74 6.72 1.36
N3 TCY B 9 10.40 7.19 2.61
C2 TCY B 9 10.28 6.18 3.48
N1 TCY B 9 10.45 4.86 3.27
C6 TCY B 9 10.74 4.43 2.01
N6 TCY B 9 10.84 3.11 1.79
C5 TCY B 9 10.93 5.41 0.99
N7 TCY B 9 11.27 5.33 -0.35
C8 TCY B 9 11.27 6.57 -0.75
H8' TCY B 9 14.48 10.66 -2.66
H8'A TCY B 9 14.51 9.44 -4.04
H6' TCY B 9 14.29 7.56 -2.35
H4' TCY B 9 11.88 11.00 -1.90
H7' TCY B 9 13.93 8.06 0.01
H7'A TCY B 9 15.08 9.36 -0.38
H2' TCY B 9 12.53 8.98 1.55
H2'A TCY B 9 11.69 10.54 1.32
H1' TCY B 9 9.92 9.29 0.61
H2 TCY B 9 10.02 6.46 4.49
HN6 TCY B 9 10.70 2.46 2.54
HN6A TCY B 9 11.05 2.78 0.85
H8 TCY B 9 11.50 6.86 -1.76
C8 F4Q B 10 14.24 7.20 2.78
C2 F4Q B 10 13.02 4.40 5.96
C4 F4Q B 10 13.58 6.08 4.54
C5 F4Q B 10 13.88 5.23 3.49
C6 F4Q B 10 13.71 3.81 3.66
P F4Q B 10 14.28 11.84 1.17
O1P F4Q B 10 15.30 12.83 0.76
O2P F4Q B 10 13.26 12.23 2.17
O5' F4Q B 10 15.04 10.54 1.71
C5' F4Q B 10 15.72 10.56 2.95
C4' F4Q B 10 14.89 10.48 4.22
O4' F4Q B 10 13.71 9.71 3.98
C1' F4Q B 10 13.65 8.59 4.87
N9 F4Q B 10 13.82 7.35 4.08
N7 F4Q B 10 14.29 5.96 2.37
O6 F4Q B 10 13.92 2.92 2.84
N1 F4Q B 10 13.28 3.48 4.96
N2 F4Q B 10 12.61 3.92 7.14
N3 F4Q B 10 13.15 5.74 5.79
C3' F4Q B 10 15.72 9.77 5.27
C2' F4Q B 10 14.77 8.74 5.89
C7' F4Q B 10 16.93 9.13 4.52
C6' F4Q B 10 16.96 9.74 3.13
C8' F4Q B 10 17.06 11.23 3.05
O3' F4Q B 10 16.18 10.69 6.25
H8 F4Q B 10 14.52 8.03 2.16
H4' F4Q B 10 14.62 11.49 4.56
H1' F4Q B 10 12.69 8.57 5.37
H1 F4Q B 10 13.16 2.50 5.16
H22 F4Q B 10 12.41 4.55 7.90
H21 F4Q B 10 12.51 2.93 7.28
H2' F4Q B 10 15.27 7.79 6.08
H2'' F4Q B 10 14.36 9.14 6.83
H7' F4Q B 10 16.80 8.04 4.43
H7'' F4Q B 10 17.87 9.34 5.04
H6' F4Q B 10 17.32 9.14 2.29
H8' F4Q B 10 17.25 11.79 3.97
H8'' F4Q B 10 17.44 11.67 2.13
H4 F4Q B 10 16.84 10.25 6.80
O5' F7H A 1 13.50 -4.69 9.46
C5' F7H A 1 12.45 -3.96 10.07
C4' F7H A 1 12.75 -2.57 10.60
O4' F7H A 1 13.67 -1.90 9.73
C1' F7H A 1 13.25 -0.55 9.49
N1 F7H A 1 13.15 -0.29 8.01
C6 F7H A 1 13.13 -1.31 7.07
C5 F7H A 1 13.03 -1.04 5.74
C7 F7H A 1 13.00 -2.14 4.69
C4 F7H A 1 12.95 0.36 5.35
N4 F7H A 1 12.85 0.70 4.05
N3 F7H A 1 12.96 1.34 6.27
C2 F7H A 1 13.06 1.06 7.61
O2 F7H A 1 13.06 1.96 8.45
C3' F7H A 1 11.46 -1.77 10.58
C2' F7H A 1 11.88 -0.37 10.16
C7' F7H A 1 10.56 -2.49 9.55
C6' F7H A 1 11.10 -3.91 9.38
C8' F7H A 1 11.27 -4.70 10.65
O3' F7H A 1 10.86 -1.77 11.87
HO5' F7H A 1 14.29 -4.59 10.00
H4' F7H A 1 13.15 -2.62 11.61
H1' F7H A 1 13.96 0.13 9.93
H6 F7H A 1 13.19 -2.34 7.40
H71 F7H A 1 12.07 -2.09 4.13
H72 F7H A 1 13.07 -3.12 5.17
H73 F7H A 1 13.85 -2.02 4.01
H41 F7H A 1 12.80 1.67 3.78
H42 F7H A 1 12.84 -0.02 3.34
H2' F7H A 1 11.16 0.07 9.48
H2'' F7H A 1 11.99 0.27 11.04
H7' F7H A 1 10.58 -1.99 8.58
H7'' F7H A 1 9.53 -2.55 9.91
H6' F7H A 1 10.96 -4.43 8.45
H8' F7H A 1 10.85 -4.29 11.57
H8'' F7H A 1 11.29 -5.79 10.58
C7 EAN A 2 9.29 -0.77 5.91
C6 EAN A 2 9.50 1.27 7.33
C5 EAN A 2 9.46 0.74 6.08
C4 EAN A 2 9.59 1.59 4.91
C2 EAN A 2 9.78 3.52 6.46
P EAN A 2 9.54 -0.90 12.23
O1P EAN A 2 9.96 0.25 13.05
O2P EAN A 2 8.50 -1.83 12.73
O5' EAN A 2 9.05 -0.33 10.80
C5' EAN A 2 8.14 0.73 10.75
C4' EAN A 2 8.69 2.15 10.74
O4' EAN A 2 9.86 2.21 9.91
C1' EAN A 2 9.71 3.24 8.92
N1 EAN A 2 9.66 2.64 7.54
O4 EAN A 2 9.58 1.20 3.74
N3 EAN A 2 9.74 2.95 5.19
O2 EAN A 2 9.92 4.74 6.61
C3' EAN A 2 7.64 3.06 10.13
C2' EAN A 2 8.43 4.01 9.24
C7' EAN A 2 6.69 2.11 9.35
C6' EAN A 2 6.95 0.71 9.85
C8' EAN A 2 6.77 0.50 11.32
O3' EAN A 2 6.95 3.74 11.19
H73 EAN A 2 8.34 -1.08 6.35
H71 EAN A 2 10.11 -1.28 6.40
H72 EAN A 2 9.29 -1.02 4.84
H6 EAN A 2 9.39 0.62 8.19
H4' EAN A 2 8.94 2.47 11.75
H1' EAN A 2 10.56 3.92 8.98
H3 EAN A 2 9.83 3.58 4.40
H2' EAN A 2 7.87 4.25 8.33
H2'' EAN A 2 8.68 4.92 9.78
H7' EAN A 2 6.89 2.16 8.28
H7'' EAN A 2 5.65 2.37 9.54
H6' EAN A 2 6.81 -0.15 9.17
H8' EAN A 2 6.34 1.32 11.91
H8'' EAN A 2 6.55 -0.50 11.68
P TCJ A 3 6.01 5.03 10.99
O1P TCJ A 3 6.86 6.22 10.79
O2P TCJ A 3 5.00 5.04 12.05
O5' TCJ A 3 5.26 4.72 9.60
C5' TCJ A 3 4.44 5.69 9.01
C4' TCJ A 3 5.11 6.87 8.32
O4' TCJ A 3 6.36 6.45 7.75
C1' TCJ A 3 6.40 6.76 6.36
N1 TCJ A 3 6.42 5.49 5.55
C6 TCJ A 3 5.99 4.27 6.06
C5 TCJ A 3 6.01 3.14 5.31
C7 TCJ A 3 5.53 1.80 5.85
C4 TCJ A 3 6.51 3.25 3.95
N4 TCJ A 3 6.56 2.18 3.15
N3 TCJ A 3 6.93 4.44 3.46
C2 TCJ A 3 6.91 5.58 4.22
O2 TCJ A 3 7.30 6.66 3.77
C3' TCJ A 3 4.20 7.34 7.19
C2' TCJ A 3 5.16 7.58 6.02
C7' TCJ A 3 3.20 6.18 6.96
C6' TCJ A 3 3.28 5.25 8.16
C8' TCJ A 3 3.05 5.89 9.50
O3' TCJ A 3 3.53 8.53 7.59
H4' TCJ A 3 5.28 7.68 9.03
H1' TCJ A 3 7.29 7.35 6.14
H6 TCJ A 3 5.62 4.24 7.08
H73 TCJ A 3 4.84 1.35 5.14
H71 TCJ A 3 5.03 1.94 6.81
H72 TCJ A 3 6.39 1.14 5.98
H41 TCJ A 3 6.90 2.25 2.21
H42 TCJ A 3 6.24 1.28 3.50
H2' TCJ A 3 4.71 7.27 5.08
H2'' TCJ A 3 5.43 8.63 5.98
H7' TCJ A 3 3.44 5.61 6.06
H7'' TCJ A 3 2.18 6.55 6.89
H6' TCJ A 3 3.09 4.19 8.04
H8' TCJ A 3 2.69 6.92 9.53
H8'' TCJ A 3 2.74 5.25 10.33
C8 F4Q A 4 3.31 6.09 3.07
C2 F4Q A 4 4.55 5.12 -1.05
C4 F4Q A 4 3.96 5.93 0.99
C5 F4Q A 4 3.80 4.69 1.55
C6 F4Q A 4 4.07 3.51 0.77
P F4Q A 4 2.70 9.47 6.54
O1P F4Q A 4 3.65 10.38 5.87
O2P F4Q A 4 1.54 10.04 7.26
O5' F4Q A 4 2.15 8.43 5.45
C5' F4Q A 4 1.43 8.87 4.32
C4' F4Q A 4 2.20 9.50 3.18
O4' F4Q A 4 3.50 8.92 3.10
C1' F4Q A 4 3.69 8.32 1.81
N9 F4Q A 4 3.64 6.84 1.97
N7 F4Q A 4 3.38 4.80 2.87
O6 F4Q A 4 4.02 2.33 1.12
N1 F4Q A 4 4.43 3.83 -0.55
N2 F4Q A 4 4.89 5.25 -2.34
N3 F4Q A 4 4.36 6.22 -0.30
C3' F4Q A 4 1.45 9.20 1.89
C2' F4Q A 4 2.56 8.79 0.92
C7' F4Q A 4 0.45 8.07 2.23
C6' F4Q A 4 0.37 7.98 3.74
C8' F4Q A 4 -0.02 9.23 4.46
O3' F4Q A 4 0.78 10.38 1.45
H8 F4Q A 4 2.99 6.52 4.00
H4' F4Q A 4 2.28 10.58 3.34
H1' F4Q A 4 4.65 8.62 1.40
H1 F4Q A 4 4.59 3.06 -1.18
H22 F4Q A 4 4.99 6.16 -2.74
H21 F4Q A 4 5.04 4.42 -2.91
H2' F4Q A 4 2.23 8.01 0.24
H2'' F4Q A 4 2.89 9.66 0.35
H7' F4Q A 4 0.81 7.11 1.84
H7'' F4Q A 4 -0.53 8.29 1.82
H6' F4Q A 4 0.16 7.02 4.20
H8' F4Q A 4 -0.36 10.09 3.88
H8'' F4Q A 4 -0.44 9.14 5.46
C8 F4Q A 5 0.96 5.60 -0.81
C2 F4Q A 5 1.94 2.24 -3.50
C4 F4Q A 5 1.53 4.17 -2.36
C5 F4Q A 5 1.18 3.52 -1.19
C6 F4Q A 5 1.24 2.09 -1.13
P F4Q A 5 0.12 10.52 -0.04
O1P F4Q A 5 1.14 11.09 -0.93
O2P F4Q A 5 -1.19 11.20 0.11
O5' F4Q A 5 -0.15 8.99 -0.49
C5' F4Q A 5 -0.69 8.71 -1.76
C4' F4Q A 5 0.26 8.47 -2.93
O4' F4Q A 5 1.47 7.86 -2.45
C1' F4Q A 5 1.66 6.60 -3.09
N9 F4Q A 5 1.39 5.51 -2.11
N7 F4Q A 5 0.83 4.45 -0.21
O6 F4Q A 5 1.00 1.37 -0.17
N1 F4Q A 5 1.62 1.52 -2.36
N2 F4Q A 5 2.27 1.55 -4.59
N3 F4Q A 5 1.94 3.61 -3.54
C3' F4Q A 5 -0.41 7.52 -3.90
C2' F4Q A 5 0.69 6.51 -4.26
C7' F4Q A 5 -1.60 6.89 -3.14
C6' F4Q A 5 -1.82 7.72 -1.88
C8' F4Q A 5 -2.07 9.18 -2.09
O3' F4Q A 5 -0.86 8.24 -5.04
H8 F4Q A 5 0.75 6.53 -0.33
H4' F4Q A 5 0.49 9.42 -3.41
H1' F4Q A 5 2.69 6.52 -3.45
H1 F4Q A 5 1.65 0.51 -2.41
H22 F4Q A 5 2.50 2.02 -5.45
H21 F4Q A 5 2.27 0.54 -4.56
H2' F4Q A 5 0.29 5.51 -4.38
H2'' F4Q A 5 1.20 6.83 -5.17
H7' F4Q A 5 -1.37 5.86 -2.84
H7'' F4Q A 5 -2.50 6.91 -3.74
H6' F4Q A 5 -2.21 7.24 -0.98
H8' F4Q A 5 -2.23 9.53 -3.11
H8'' F4Q A 5 -2.60 9.72 -1.31
P TCJ A 6 -1.31 7.51 -6.42
O1P TCJ A 6 -0.11 7.30 -7.26
O2P TCJ A 6 -2.45 8.28 -6.99
O5' TCJ A 6 -1.86 6.07 -5.95
C5' TCJ A 6 -2.41 5.19 -6.90
C4' TCJ A 6 -1.48 4.28 -7.68
O4' TCJ A 6 -0.42 3.81 -6.83
C1' TCJ A 6 -0.43 2.38 -6.77
N1 TCJ A 6 -0.90 1.92 -5.41
C6 TCJ A 6 -1.41 2.81 -4.46
C5 TCJ A 6 -1.81 2.38 -3.24
C7 TCJ A 6 -2.38 3.34 -2.21
C4 TCJ A 6 -1.67 0.95 -2.95
N4 TCJ A 6 -2.03 0.46 -1.75
N3 TCJ A 6 -1.18 0.11 -3.88
C2 TCJ A 6 -0.80 0.54 -5.13
O2 TCJ A 6 -0.39 -0.25 -5.97
C3' TCJ A 6 -2.28 3.06 -8.14
C2' TCJ A 6 -1.37 1.89 -7.86
C7' TCJ A 6 -3.56 3.06 -7.26
C6' TCJ A 6 -3.67 4.42 -6.60
C8' TCJ A 6 -3.72 5.58 -7.54
O3' TCJ A 6 -2.58 3.22 -9.53
H4' TCJ A 6 -1.06 4.81 -8.53
H1' TCJ A 6 0.57 2.01 -6.95
H6 TCJ A 6 -1.50 3.85 -4.71
H73 TCJ A 6 -3.04 2.82 -1.52
H71 TCJ A 6 -2.94 4.13 -2.71
H72 TCJ A 6 -1.55 3.79 -1.64
H41 TCJ A 6 -1.93 -0.52 -1.56
H42 TCJ A 6 -2.40 1.08 -1.04
H2' TCJ A 6 -1.92 1.00 -7.55
H2'' TCJ A 6 -0.78 1.65 -8.76
H7' TCJ A 6 -3.51 2.29 -6.49
H7'' TCJ A 6 -4.45 2.89 -7.89
H6' TCJ A 6 -4.13 4.50 -5.62
H8' TCJ A 6 -3.81 5.38 -8.60
H8'' TCJ A 6 -4.18 6.50 -7.18
C7 EAN A 7 -5.09 1.12 -4.63
C6 EAN A 7 -4.05 -0.63 -6.06
C5 EAN A 7 -4.58 -0.28 -4.85
C4 EAN A 7 -4.64 -1.25 -3.76
C2 EAN A 7 -3.59 -2.90 -5.29
P EAN A 7 -3.08 2.02 -10.49
O1P EAN A 7 -1.91 1.23 -10.91
O2P EAN A 7 -3.97 2.60 -11.52
O5' EAN A 7 -3.97 1.11 -9.53
C5' EAN A 7 -4.41 -0.15 -9.95
C4' EAN A 7 -3.52 -1.36 -9.69
O4' EAN A 7 -2.79 -1.17 -8.47
C1' EAN A 7 -2.94 -2.31 -7.62
N1 EAN A 7 -3.55 -1.91 -6.29
O4 EAN A 7 -5.09 -1.02 -2.64
N3 EAN A 7 -4.14 -2.51 -4.07
O2 EAN A 7 -3.17 -4.04 -5.47
C3' EAN A 7 -4.41 -2.57 -9.54
C2' EAN A 7 -3.83 -3.33 -8.34
C7' EAN A 7 -5.84 -2.01 -9.28
C6' EAN A 7 -5.83 -0.55 -9.70
C8' EAN A 7 -5.38 -0.25 -11.09
O3' EAN A 7 -4.38 -3.36 -10.73
H73 EAN A 7 -5.86 1.11 -3.84
H71 EAN A 7 -5.53 1.51 -5.55
H72 EAN A 7 -4.27 1.77 -4.32
H6 EAN A 7 -4.01 0.10 -6.85
H4' EAN A 7 -2.83 -1.49 -10.52
H1' EAN A 7 -1.97 -2.76 -7.44
H3 EAN A 7 -4.17 -3.22 -3.34
H2' EAN A 7 -4.62 -3.71 -7.69
H2'' EAN A 7 -3.22 -4.16 -8.69
H7' EAN A 7 -6.11 -2.09 -8.24
H7'' EAN A 7 -6.58 -2.54 -9.89
H6' EAN A 7 -6.51 0.15 -9.19
H8' EAN A 7 -5.24 -1.08 -11.77
H8'' EAN A 7 -5.69 0.69 -11.54
C7 EAN A 8 -7.82 -1.90 -6.15
C6 EAN A 8 -6.98 -4.27 -6.03
C5 EAN A 8 -7.47 -3.16 -5.38
C4 EAN A 8 -7.65 -3.17 -3.93
C2 EAN A 8 -6.80 -5.51 -3.95
P EAN A 8 -5.01 -4.84 -10.81
O1P EAN A 8 -3.95 -5.82 -10.49
O2P EAN A 8 -5.76 -4.96 -12.09
O5' EAN A 8 -6.08 -4.84 -9.60
C5' EAN A 8 -6.89 -5.95 -9.33
C4' EAN A 8 -6.40 -6.98 -8.34
O4' EAN A 8 -5.63 -6.32 -7.33
C1' EAN A 8 -6.12 -6.65 -6.03
N1 EAN A 8 -6.65 -5.43 -5.34
O4 EAN A 8 -8.06 -2.22 -3.26
N3 EAN A 8 -7.29 -4.37 -3.31
O2 EAN A 8 -6.52 -6.52 -3.30
C3' EAN A 8 -7.62 -7.61 -7.68
C2' EAN A 8 -7.23 -7.70 -6.20
C7' EAN A 8 -8.80 -6.65 -7.97
C6' EAN A 8 -8.35 -5.71 -9.07
C8' EAN A 8 -7.91 -6.37 -10.35
O3' EAN A 8 -7.84 -8.91 -8.24
H73 EAN A 8 -8.64 -1.38 -5.64
H71 EAN A 8 -8.16 -2.17 -7.16
H72 EAN A 8 -6.96 -1.25 -6.21
H6 EAN A 8 -6.86 -4.24 -7.10
H4' EAN A 8 -5.80 -7.73 -8.84
H1' EAN A 8 -5.32 -7.08 -5.43
H3 EAN A 8 -7.40 -4.41 -2.31
H2' EAN A 8 -8.09 -7.49 -5.56
H2'' EAN A 8 -6.84 -8.69 -5.98
H7' EAN A 8 -9.05 -6.06 -7.09
H7'' EAN A 8 -9.67 -7.20 -8.30
H6' EAN A 8 -8.75 -4.70 -9.11
H8' EAN A 8 -8.06 -7.45 -10.46
H8'' EAN A 8 -7.95 -5.79 -11.26
O1P TCY A 9 -8.24 -10.82 -6.66
P TCY A 9 -8.94 -9.95 -7.63
O2P TCY A 9 -9.68 -10.54 -8.75
C8' TCY A 9 -12.28 -9.68 -7.45
O5' TCY A 9 -9.93 -8.99 -6.81
C5' TCY A 9 -11.22 -9.41 -6.42
C6' TCY A 9 -12.36 -8.44 -6.60
C4' TCY A 9 -11.38 -10.09 -5.08
C3' TCY A 9 -12.74 -9.71 -4.50
C7' TCY A 9 -13.24 -8.52 -5.36
O3' TCY A 9 -13.64 -10.81 -4.58
C2' TCY A 9 -12.41 -9.34 -3.05
C1' TCY A 9 -10.93 -9.01 -3.06
O4' TCY A 9 -10.35 -9.64 -4.20
N9 TCY A 9 -10.74 -7.54 -3.18
C4 TCY A 9 -10.90 -6.65 -2.15
N3 TCY A 9 -11.23 -6.94 -0.86
C2 TCY A 9 -11.30 -5.84 -0.12
N1 TCY A 9 -11.08 -4.57 -0.49
C6 TCY A 9 -10.77 -4.31 -1.79
N6 TCY A 9 -10.62 -3.03 -2.17
C5 TCY A 9 -10.66 -5.39 -2.68
N7 TCY A 9 -10.35 -5.50 -4.03
C8 TCY A 9 -10.42 -6.78 -4.28
H8' TCY A 9 -12.96 -10.49 -7.25
H8'A TCY A 9 -11.98 -9.55 -8.49
H6' TCY A 9 -12.17 -7.47 -7.05
H4' TCY A 9 -11.31 -11.18 -5.21
H7' TCY A 9 -13.16 -7.58 -4.81
H7'A TCY A 9 -14.27 -8.68 -5.66
H2' TCY A 9 -13.01 -8.49 -2.72
H2'A TCY A 9 -12.59 -10.19 -2.40
H1' TCY A 9 -10.45 -9.37 -2.16
H2 TCY A 9 -11.59 -5.97 0.91
HN6 TCY A 9 -10.71 -2.28 -1.49
HN6A TCY A 9 -10.39 -2.81 -3.13
H8 TCY A 9 -10.24 -7.21 -5.25
P TCJ A 10 -15.05 -10.86 -3.76
O1P TCJ A 10 -14.77 -11.39 -2.40
O2P TCJ A 10 -16.03 -11.56 -4.62
O5' TCJ A 10 -15.51 -9.33 -3.62
C5' TCJ A 10 -16.53 -8.98 -2.71
C4' TCJ A 10 -16.17 -8.83 -1.23
O4' TCJ A 10 -14.87 -8.28 -1.09
C1' TCJ A 10 -14.91 -7.06 -0.33
N1 TCJ A 10 -14.64 -5.87 -1.22
C6 TCJ A 10 -14.59 -5.98 -2.61
C5 TCJ A 10 -14.36 -4.88 -3.39
C7 TCJ A 10 -14.29 -4.98 -4.90
C4 TCJ A 10 -14.19 -3.60 -2.71
N4 TCJ A 10 -13.99 -2.48 -3.42
N3 TCJ A 10 -14.25 -3.52 -1.36
C2 TCJ A 10 -14.47 -4.62 -0.58
O2 TCJ A 10 -14.50 -4.54 0.65
C3' TCJ A 10 -17.17 -7.86 -0.61
C2' TCJ A 10 -16.31 -6.96 0.27
C7' TCJ A 10 -17.84 -7.12 -1.78
C6' TCJ A 10 -17.53 -7.91 -3.05
C8' TCJ A 10 -17.95 -9.35 -3.04
O3' TCJ A 10 -18.12 -8.56 0.17
H4' TCJ A 10 -16.23 -9.80 -0.74
H1' TCJ A 10 -14.18 -7.10 0.46
H6 TCJ A 10 -14.71 -6.94 -3.08
H73 TCJ A 10 -13.24 -4.98 -5.21
H71 TCJ A 10 -14.79 -4.11 -5.34
H72 TCJ A 10 -14.78 -5.88 -5.25
H41 TCJ A 10 -13.86 -1.61 -2.94
H42 TCJ A 10 -13.94 -2.52 -4.43
H2' TCJ A 10 -16.68 -5.93 0.27
H2'' TCJ A 10 -16.29 -7.34 1.30
H7' TCJ A 10 -17.46 -6.11 -1.89
H7'' TCJ A 10 -18.93 -7.08 -1.63
H6' TCJ A 10 -17.45 -7.39 -4.00
H8' TCJ A 10 -18.56 -9.71 -2.22
H8'' TCJ A 10 -18.10 -9.85 -4.00
H3T TCJ A 10 -17.66 -9.05 0.87
C8 F7K B 1 -14.02 3.36 0.94
C2 F7K B 1 -14.61 -0.97 1.51
C4 F7K B 1 -14.40 1.29 1.52
C5 F7K B 1 -14.00 1.37 0.20
C6 F7K B 1 -13.89 0.15 -0.57
O5' F7K B 1 -13.57 6.94 3.97
C5' F7K B 1 -13.32 5.89 4.87
C4' F7K B 1 -14.23 4.67 4.85
O4' F7K B 1 -14.67 4.39 3.52
C1' F7K B 1 -14.78 2.97 3.38
N9 F7K B 1 -14.41 2.57 2.00
N7 F7K B 1 -13.76 2.69 -0.15
O6 F7K B 1 -13.56 0.03 -1.75
N1 F7K B 1 -14.22 -0.99 0.18
N2 F7K B 1 -14.88 -2.16 2.07
N3 F7K B 1 -14.72 0.16 2.23
C3' F7K B 1 -13.43 3.47 5.33
C2' F7K B 1 -13.87 2.32 4.42
C7' F7K B 1 -11.94 3.89 5.17
C6' F7K B 1 -11.90 5.41 5.08
C8' F7K B 1 -12.61 6.17 6.17
O3' F7K B 1 -13.75 3.22 6.68
H8 F7K B 1 -13.93 4.44 1.00
HO5' F7K B 1 -13.95 6.59 3.17
H4' F7K B 1 -15.09 4.83 5.50
H1' F7K B 1 -15.82 2.67 3.57
H1 F7K B 1 -14.16 -1.88 -0.30
H21 F7K B 1 -14.80 -3.01 1.54
H22 F7K B 1 -15.17 -2.19 3.04
H2'' F7K B 1 -14.43 1.58 4.99
H2' F7K B 1 -13.01 1.84 3.94
H7'' F7K B 1 -11.36 3.56 6.04
H7' F7K B 1 -11.50 3.47 4.26
H6' F7K B 1 -11.09 5.90 4.53
H8'' F7K B 1 -12.31 7.20 6.34
H8' F7K B 1 -12.95 5.61 7.04
C7 EAN B 2 -10.80 1.12 2.18
C6 EAN B 2 -11.71 -0.75 3.59
C5 EAN B 2 -11.21 -0.34 2.39
C4 EAN B 2 -11.05 -1.28 1.28
C2 EAN B 2 -11.96 -3.03 2.80
P EAN B 2 -13.16 1.97 7.53
O1P EAN B 2 -12.34 2.51 8.64
O2P EAN B 2 -14.27 1.05 7.83
O5' EAN B 2 -12.16 1.22 6.51
C5' EAN B 2 -11.42 0.10 6.97
C4' EAN B 2 -12.10 -1.26 7.03
O4' EAN B 2 -13.01 -1.40 5.93
C1' EAN B 2 -12.65 -2.53 5.13
N1 EAN B 2 -12.09 -2.07 3.81
O4 EAN B 2 -10.61 -1.00 0.17
N3 EAN B 2 -11.45 -2.59 1.58
O2 EAN B 2 -12.28 -4.21 2.96
C3' EAN B 2 -11.03 -2.33 6.90
C2' EAN B 2 -11.61 -3.33 5.91
C7' EAN B 2 -9.76 -1.61 6.38
C6' EAN B 2 -10.00 -0.11 6.55
C8' EAN B 2 -10.30 0.35 7.94
O3' EAN B 2 -10.80 -2.92 8.19
H73 EAN B 2 -10.59 1.59 3.14
H71 EAN B 2 -11.62 1.65 1.68
H72 EAN B 2 -9.91 1.16 1.56
H6 EAN B 2 -11.80 -0.03 4.39
H4' EAN B 2 -12.64 -1.37 7.97
H1' EAN B 2 -13.53 -3.15 4.95
H3 EAN B 2 -11.35 -3.26 0.85
H2' EAN B 2 -10.85 -3.75 5.25
H2'' EAN B 2 -12.11 -4.15 6.45
H7' EAN B 2 -9.58 -1.82 5.33
H7'' EAN B 2 -8.89 -1.89 6.96
H6' EAN B 2 -9.54 0.58 5.85
H8' EAN B 2 -10.20 -0.37 8.75
H8'' EAN B 2 -10.10 1.39 8.19
O1P TCY B 3 -9.21 -4.16 9.68
P TCY B 3 -9.98 -4.29 8.42
O2P TCY B 3 -10.91 -5.43 8.24
C8' TCY B 3 -6.80 -5.28 8.11
O5' TCY B 3 -8.93 -4.30 7.20
C5' TCY B 3 -7.92 -5.28 7.12
C6' TCY B 3 -6.55 -4.85 6.69
C4' TCY B 3 -8.24 -6.61 6.45
C3' TCY B 3 -6.98 -7.10 5.75
C7' TCY B 3 -5.99 -5.89 5.75
O3' TCY B 3 -6.43 -8.21 6.46
C2' TCY B 3 -7.46 -7.51 4.36
C1' TCY B 3 -8.77 -6.76 4.17
O4' TCY B 3 -9.26 -6.40 5.46
N9 TCY B 3 -8.55 -5.52 3.39
C4 TCY B 3 -8.32 -5.47 2.04
N3 TCY B 3 -8.23 -6.54 1.19
C2 TCY B 3 -7.96 -6.14 -0.06
N1 TCY B 3 -7.81 -4.89 -0.53
C6 TCY B 3 -7.93 -3.84 0.34
N6 TCY B 3 -7.82 -2.60 -0.13
C5 TCY B 3 -8.18 -4.14 1.71
N7 TCY B 3 -8.33 -3.35 2.84
C8 TCY B 3 -8.55 -4.21 3.80
H8' TCY B 3 -6.42 -6.26 8.43
H8'A TCY B 3 -6.83 -4.51 8.88
H6' TCY B 3 -6.35 -3.79 6.49
H4' TCY B 3 -8.57 -7.33 7.19
H7' TCY B 3 -5.90 -5.47 4.75
H7'A TCY B 3 -5.01 -6.20 6.11
H2' TCY B 3 -6.73 -7.25 3.58
H2'A TCY B 3 -7.65 -8.58 4.33
H1' TCY B 3 -9.50 -7.39 3.67
H2 TCY B 3 -7.84 -6.92 -0.79
HN6 TCY B 3 -7.64 -2.45 -1.11
HN6A TCY B 3 -7.91 -1.81 0.50
H8 TCY B 3 -8.69 -3.91 4.82
O1P TCY B 4 -4.40 -9.62 6.99
P TCY B 4 -5.26 -9.18 5.87
O2P TCY B 4 -5.89 -10.19 4.98
C8' TCY B 4 -1.94 -8.82 5.03
O5' TCY B 4 -4.37 -8.19 4.94
C5' TCY B 4 -3.24 -8.67 4.27
C6' TCY B 4 -2.08 -7.75 3.98
C4' TCY B 4 -3.44 -9.56 3.05
C3' TCY B 4 -2.26 -9.36 2.11
C7' TCY B 4 -1.53 -8.09 2.62
O3' TCY B 4 -1.41 -10.52 2.16
C2' TCY B 4 -2.90 -9.18 0.73
C1' TCY B 4 -4.32 -8.70 1.05
O4' TCY B 4 -4.63 -9.17 2.37
N9 TCY B 4 -4.39 -7.22 1.05
C4 TCY B 4 -4.30 -6.42 -0.06
N3 TCY B 4 -4.10 -6.82 -1.36
C2 TCY B 4 -4.03 -5.78 -2.19
N1 TCY B 4 -4.15 -4.47 -1.90
C6 TCY B 4 -4.39 -4.10 -0.61
N6 TCY B 4 -4.57 -2.81 -0.33
C5 TCY B 4 -4.44 -5.12 0.38
N7 TCY B 4 -4.62 -5.09 1.75
C8 TCY B 4 -4.58 -6.35 2.10
H8' TCY B 4 -1.35 -9.70 4.78
H8'A TCY B 4 -1.97 -8.52 6.07
H6' TCY B 4 -2.15 -6.71 4.29
H4' TCY B 4 -3.50 -10.60 3.35
H7' TCY B 4 -1.69 -7.24 1.95
H7'A TCY B 4 -0.45 -8.27 2.70
H2' TCY B 4 -2.37 -8.45 0.13
H2'A TCY B 4 -2.96 -10.13 0.22
H1' TCY B 4 -5.03 -9.12 0.33
H2 TCY B 4 -3.85 -6.01 -3.22
HN6 TCY B 4 -4.53 -2.12 -1.07
HN6A TCY B 4 -4.75 -2.51 0.63
H8 TCY B 4 -4.68 -6.68 3.11
C8 F4Q B 5 -0.51 -6.46 -0.61
C2 F4Q B 5 -0.54 -3.64 -4.01
C4 F4Q B 5 -0.49 -5.33 -2.49
C5 F4Q B 5 -0.68 -4.50 -1.40
C6 F4Q B 5 -0.84 -3.08 -1.61
P F4Q B 5 -0.25 -10.85 1.07
O1P F4Q B 5 0.77 -11.69 1.73
O2P F4Q B 5 -0.88 -11.33 -0.18
O5' F4Q B 5 0.42 -9.42 0.77
C5' F4Q B 5 1.46 -9.32 -0.18
C4' F4Q B 5 1.12 -9.45 -1.66
O4' F4Q B 5 -0.21 -8.96 -1.89
C1' F4Q B 5 -0.16 -7.83 -2.77
N9 F4Q B 5 -0.37 -6.60 -1.98
N7 F4Q B 5 -0.70 -5.23 -0.23
O6 F4Q B 5 -1.04 -2.20 -0.78
N1 F4Q B 5 -0.74 -2.73 -2.98
N2 F4Q B 5 -0.46 -3.13 -5.25
N3 F4Q B 5 -0.41 -4.97 -3.81
C3' F4Q B 5 2.10 -8.60 -2.45
C2' F4Q B 5 1.22 -7.82 -3.43
C7' F4Q B 5 2.83 -7.70 -1.41
C6' F4Q B 5 2.50 -8.24 -0.03
C8' F4Q B 5 2.86 -9.66 0.23
O3' F4Q B 5 3.02 -9.46 -3.13
H8 F4Q B 5 -0.46 -7.29 0.06
H4' F4Q B 5 1.18 -10.49 -1.96
H1' F4Q B 5 -0.93 -7.93 -3.54
H1 F4Q B 5 -0.83 -1.75 -3.21
H22 F4Q B 5 -0.31 -3.75 -6.03
H21 F4Q B 5 -0.54 -2.14 -5.40
H2' F4Q B 5 1.58 -6.80 -3.57
H2'' F4Q B 5 1.17 -8.34 -4.38
H7' F4Q B 5 2.49 -6.67 -1.48
H7'' F4Q B 5 3.90 -7.75 -1.56
H6' F4Q B 5 2.42 -7.54 0.81
H8' F4Q B 5 3.47 -10.19 -0.52
H8'' F4Q B 5 3.00 -9.98 1.26
P TCJ B 6 4.01 -8.95 -4.31
O1P TCJ B 6 5.26 -9.73 -4.21
O2P TCJ B 6 3.27 -8.93 -5.58
O5' TCJ B 6 4.33 -7.44 -3.89
C5' TCJ B 6 5.11 -6.61 -4.71
C4' TCJ B 6 4.42 -5.73 -5.75
O4' TCJ B 6 3.15 -5.31 -5.24
C1' TCJ B 6 3.02 -3.87 -5.36
N1 TCJ B 6 2.85 -3.25 -4.00
C6 TCJ B 6 3.01 -3.98 -2.83
C5 TCJ B 6 2.83 -3.40 -1.61
C7 TCJ B 6 3.01 -4.19 -0.32
C4 TCJ B 6 2.45 -2.00 -1.58
N4 TCJ B 6 2.23 -1.37 -0.42
N3 TCJ B 6 2.30 -1.30 -2.73
C2 TCJ B 6 2.50 -1.88 -3.96
O2 TCJ B 6 2.39 -1.24 -5.00
C3' TCJ B 6 5.28 -4.51 -5.98
C2' TCJ B 6 4.28 -3.35 -6.05
C7' TCJ B 6 6.24 -4.43 -4.77
C6' TCJ B 6 6.23 -5.81 -4.10
C8' TCJ B 6 6.54 -6.98 -4.98
O3' TCJ B 6 6.01 -4.68 -7.21
H4' TCJ B 6 4.27 -6.29 -6.67
H1' TCJ B 6 2.15 -3.64 -5.97
H6 TCJ B 6 3.30 -5.02 -2.88
H73 TCJ B 6 3.74 -4.98 -0.46
H71 TCJ B 6 2.05 -4.63 -0.02
H72 TCJ B 6 3.35 -3.52 0.48
H41 TCJ B 6 1.96 -0.39 -0.42
H42 TCJ B 6 2.32 -1.86 0.45
H2' TCJ B 6 4.68 -2.46 -5.55
H2'' TCJ B 6 4.06 -3.12 -7.09
H7' TCJ B 6 5.90 -3.69 -4.05
H7'' TCJ B 6 7.26 -4.20 -5.09
H6' TCJ B 6 6.41 -5.87 -3.03
H8' TCJ B 6 6.91 -6.78 -5.99
H8'' TCJ B 6 6.91 -7.88 -4.50
P TCJ B 7 6.78 -3.48 -7.97
O1P TCJ B 7 8.02 -4.04 -8.55
O2P TCJ B 7 5.81 -2.78 -8.84
O5' TCJ B 7 7.20 -2.48 -6.79
C5' TCJ B 7 7.85 -1.26 -7.10
C4' TCJ B 7 7.00 -0.08 -7.52
O4' TCJ B 7 5.76 -0.11 -6.81
C1' TCJ B 7 5.56 1.11 -6.10
N1 TCJ B 7 5.59 0.85 -4.62
C6 TCJ B 7 6.03 -0.35 -4.07
C5 TCJ B 7 6.00 -0.57 -2.72
C7 TCJ B 7 6.48 -1.87 -2.11
C4 TCJ B 7 5.48 0.50 -1.89
N4 TCJ B 7 5.39 0.34 -0.55
N3 TCJ B 7 5.06 1.67 -2.43
C2 TCJ B 7 5.13 1.90 -3.77
O2 TCJ B 7 4.80 2.99 -4.26
C3' TCJ B 7 7.74 1.19 -7.13
C2' TCJ B 7 6.66 2.08 -6.51
C7' TCJ B 7 8.84 0.75 -6.13
C6' TCJ B 7 8.97 -0.76 -6.23
C8' TCJ B 7 9.27 -1.30 -7.59
O3' TCJ B 7 8.31 1.79 -8.31
H4' TCJ B 7 6.83 -0.10 -8.59
H1' TCJ B 7 4.59 1.53 -6.37
H6 TCJ B 7 6.39 -1.12 -4.72
H73 TCJ B 7 6.93 -1.68 -1.14
H71 TCJ B 7 7.25 -2.32 -2.76
H72 TCJ B 7 5.64 -2.56 -2.00
H41 TCJ B 7 5.02 1.09 0.02
H42 TCJ B 7 5.70 -0.52 -0.13
H2' TCJ B 7 7.03 2.63 -5.66
H2'' TCJ B 7 6.27 2.77 -7.27
H7' TCJ B 7 8.58 1.02 -5.11
H7'' TCJ B 7 9.80 1.19 -6.40
H6' TCJ B 7 9.25 -1.33 -5.35
H8' TCJ B 7 9.52 -0.60 -8.39
H8'' TCJ B 7 9.73 -2.29 -7.66
C8 F4Q B 8 8.45 3.77 -3.55
C2 F4Q B 8 7.64 6.12 0.09
C4 F4Q B 8 8.01 5.19 -1.95
C5 F4Q B 8 8.15 3.91 -1.46
C6 F4Q B 8 7.98 3.67 -0.05
P F4Q B 8 8.92 3.30 -8.33
O1P F4Q B 8 10.12 3.31 -9.19
O2P F4Q B 8 7.80 4.24 -8.61
O5' F4Q B 8 9.40 3.54 -6.81
C5' F4Q B 8 10.18 4.65 -6.47
C4' F4Q B 8 9.49 5.97 -6.16
O4' F4Q B 8 8.21 5.71 -5.60
C1' F4Q B 8 8.13 6.23 -4.27
N9 F4Q B 8 8.20 5.10 -3.31
N7 F4Q B 8 8.44 3.03 -2.49
O6 F4Q B 8 8.01 2.59 0.54
N1 F4Q B 8 7.75 4.86 0.66
N2 F4Q B 8 7.44 7.15 0.92
N3 F4Q B 8 7.72 6.33 -1.25
C3' F4Q B 8 10.33 6.71 -5.13
C2' F4Q B 8 9.30 7.18 -4.09
C7' F4Q B 8 11.35 5.69 -4.58
C6' F4Q B 8 11.31 4.47 -5.49
C8' F4Q B 8 11.60 4.71 -6.94
O3' F4Q B 8 10.99 7.82 -5.76
H8 F4Q B 8 8.67 3.39 -4.53
H4' F4Q B 8 9.40 6.55 -7.07
H1' F4Q B 8 7.19 6.77 -4.14
H1 F4Q B 8 7.67 4.78 1.67
H22 F4Q B 8 7.37 8.09 0.55
H21 F4Q B 8 7.39 6.99 1.92
H2' F4Q B 8 9.71 7.13 -3.08
H2'' F4Q B 8 8.99 8.19 -4.31
H7' F4Q B 8 11.09 5.38 -3.56
H7'' F4Q B 8 12.35 6.10 -4.59
H6' F4Q B 8 11.50 3.49 -5.06
H8' F4Q B 8 11.98 5.71 -7.23
H8'' F4Q B 8 11.96 3.88 -7.53
O1P TCY B 9 12.85 9.50 -5.77
P TCY B 9 11.70 9.03 -4.96
O2P TCY B 9 10.66 9.99 -4.54
C8' TCY B 9 14.33 9.61 -2.94
O5' TCY B 9 12.29 8.33 -3.63
C5' TCY B 9 12.94 9.10 -2.66
C6' TCY B 9 14.11 8.56 -1.89
C4' TCY B 9 12.10 9.93 -1.70
C3' TCY B 9 12.85 10.08 -0.39
C7' TCY B 9 14.02 9.05 -0.46
O3' TCY B 9 13.33 11.41 -0.28
C2' TCY B 9 11.81 9.74 0.68
C1' TCY B 9 10.74 8.94 -0.07
O4' TCY B 9 10.85 9.28 -1.46
N9 TCY B 9 10.94 7.48 0.07
C4 TCY B 9 10.74 6.73 1.21
N3 TCY B 9 10.34 7.20 2.44
C2 TCY B 9 10.27 6.21 3.34
N1 TCY B 9 10.51 4.90 3.17
C6 TCY B 9 10.84 4.46 1.91
N6 TCY B 9 10.97 3.13 1.72
C5 TCY B 9 11.02 5.43 0.89
N7 TCY B 9 11.38 5.33 -0.45
C8 TCY B 9 11.33 6.56 -0.88
H8' TCY B 9 14.56 10.62 -2.61
H8'A TCY B 9 14.77 9.29 -3.89
H6' TCY B 9 14.43 7.53 -2.08
H4' TCY B 9 11.90 10.92 -2.14
H7' TCY B 9 13.85 8.21 0.21
H7'A TCY B 9 14.96 9.55 -0.19
H2' TCY B 9 12.22 9.15 1.49
H2'A TCY B 9 11.37 10.66 1.07
H1' TCY B 9 9.75 9.22 0.30
H2 TCY B 9 9.98 6.50 4.34
HN6 TCY B 9 10.84 2.49 2.48
HN6A TCY B 9 11.21 2.79 0.80
H8 TCY B 9 11.57 6.83 -1.88
C8 F4Q B 10 13.87 7.75 3.15
C2 F4Q B 10 13.01 5.09 6.56
C4 F4Q B 10 13.33 6.70 5.00
C5 F4Q B 10 13.74 5.82 4.01
C6 F4Q B 10 13.75 4.41 4.28
P F4Q B 10 13.91 12.08 1.08
O1P F4Q B 10 15.02 12.97 0.70
O2P F4Q B 10 12.78 12.60 1.87
O5' F4Q B 10 14.54 10.83 1.89
C5' F4Q B 10 15.13 11.05 3.15
C4' F4Q B 10 14.24 11.10 4.38
O4' F4Q B 10 13.09 10.28 4.16
C1' F4Q B 10 13.06 9.23 5.13
N9 F4Q B 10 13.41 7.96 4.43
N7 F4Q B 10 14.08 6.50 2.85
O6 F4Q B 10 14.02 3.49 3.53
N1 F4Q B 10 13.39 4.13 5.62
N2 F4Q B 10 12.72 4.65 7.78
N3 F4Q B 10 12.93 6.40 6.26
C3' F4Q B 10 15.02 10.55 5.56
C2' F4Q B 10 14.06 9.55 6.22
C7' F4Q B 10 16.29 9.89 4.98
C6' F4Q B 10 16.40 10.31 3.51
C8' F4Q B 10 16.44 11.79 3.23
O3' F4Q B 10 15.36 11.60 6.46
H8 F4Q B 10 14.05 8.56 2.47
H4' F4Q B 10 13.93 12.13 4.56
H1' F4Q B 10 12.06 9.14 5.55
H1 F4Q B 10 13.42 3.16 5.90
H22 F4Q B 10 12.44 5.30 8.50
H21 F4Q B 10 12.77 3.66 8.00
H2' F4Q B 10 14.59 8.65 6.56
H2'' F4Q B 10 13.55 10.02 7.06
H7' F4Q B 10 16.24 8.81 5.02
H7'' F4Q B 10 17.19 10.23 5.52
H6' F4Q B 10 16.84 9.63 2.79
H8' F4Q B 10 16.56 12.46 4.09
H8'' F4Q B 10 16.86 12.12 2.29
H4 F4Q B 10 15.74 11.20 7.25
#